data_8C2R
#
_entry.id   8C2R
#
_cell.length_a   1.00
_cell.length_b   1.00
_cell.length_c   1.00
_cell.angle_alpha   90.00
_cell.angle_beta   90.00
_cell.angle_gamma   90.00
#
_symmetry.space_group_name_H-M   'P 1'
#
loop_
_entity.id
_entity.type
_entity.pdbx_description
1 polymer 'Spike glycoprotein'
2 polymer 'CAB-A17 antibody (LC)'
3 polymer 'CAB-A17 antibody (HC)'
4 branched 2-acetamido-2-deoxy-beta-D-glucopyranose-(1-4)-2-acetamido-2-deoxy-beta-D-glucopyranose
5 non-polymer 2-acetamido-2-deoxy-beta-D-glucopyranose
#
loop_
_entity_poly.entity_id
_entity_poly.type
_entity_poly.pdbx_seq_one_letter_code
_entity_poly.pdbx_strand_id
1 'polypeptide(L)'
;PAYTNSFTRGVYYPDKVFRSSVLHSTQDLFLPFFSNVTWFHVIHVSGTNGTKRFDNPVLPFNDGVYFASIEKSNIIRGWI
FGTTLDSKTQSLLIVNNATNVVIKVCEFQFCNDPFLDVYYHKNNKSWMESEFRVYSSANNCTFEYVSQPFLMDLEGKQGN
FKNLREFVFKNIDGYFKIYSKHTPINLVRDLPQGFSALEPLVDLPIGINITRFQTLLALHRSYLTPGDSSSGWTAGAAAY
YVGYLQPRTFLLKYNENGTITDAVDCALDPLSETKCTLKSFTVEKGIYQTSNFRVQPTESIVRFPNITNLCPFDEVFNAT
RFASVYAWNRKRISNCVADYSVLYNLAPFFTFKCYGVSPTKLNDLCFTNVYADSFVIRGDEVRQIAPGQTGNIADYNYKL
PDDFTGCVIAWNSNKLDSKVSGNYNYLYRLFRKSNLKPFERDISTEIYQAGNKPCNGVAGFNCYFPLRSYSFRPTYGVGH
QPYRVVVLSFELLHAPATVCGPKKSTNLVKNKCVNFNFNGLKGTGVLTESNKKFLPFQQFGRDIADTTDAVRDPQTLEIL
DITPCSFGGVSVITPGTNTSNQVAVLYQGVNCTEVPVAIHADQLTPTWRVYSTGSNVFQTRAGCLIGAEYVNNSYECDIP
IGAGICASYQTQTNSPRRARSVASQSIIAYTMSLGAENSVAYSNNSIAIPTNFTISVTTEILPVSMTKTSVDCTMYICGD
STECSNLLLQYGSFCTQLKRALTGIAVEQDKNTQEVFAQVKQIYKTPPIKYFGGFNFSQILPDPSKPSKRSPIEDLLFNK
VTLADAGFIKQYGDCLGDIAARDLICAQKFKGLTVLPPLLTDEMIAQYTSALLAGTITSGWTFGAGPALQIPFPMQMAYR
FNGIGVTQNVLYENQKLIANQFNSAIGKIQDSLSSTPSALGKLQDVVNHNAQALNTLVKQLSSKFGAISSVLNDIFSRLD
PPEAEVQIDRLITGRLQSLQTYVTQQLIRAAEIRASANLAATKMSECVLGQSKRVDFCGKGYHLMSFPQSAPHGVVFLHV
TYVPAQEKNFTTAPAICHDGKAHFPREGVFVSNGTHWFVTQRNFYEPQIITTDNTFVSGNCDVVIGIVNNTVYDPLQPEL
DS
;
A,B,C
2 'polypeptide(L)'
;EIVLTQSPGTLSLSPGERASLSCRASQSLSTYLAWYQQKPGQAPRLLIFGASSRASGIPDRFSGGGSGTDFTLTISRLEP
EDFAVYYCQQYGSSPRTFGQGTKVEIKRTVAAPSVFIFPPSDEQLKSGTASVVCLLNNFYPREAKVQWKVDNALQSGNSQ
ESVTEQDSKDSTYSLSSTLTLSKADYEKHKVYACEVTHQGLSSPVTKSFNRGEC
;
E,L
3 'polypeptide(L)'
;DVHLVESGGGLIQPGGSLRLSCAASEFIVSANYMSWVRQAPGEGLQWVSVIYPGGSTFYAESVKGRFTISRDNSRNTLYL
QMNSLRAEDTGVYYCARDYGDFYFDYWGQGTLVTVSSASTKGPSVFPLAPSSTAALGCLVKDYFPEPVTVSWNSGALTSG
VHTFPAVLQSSGLYSLSSVVTVPSSSLGTQTYICNVNHKPSNTKVDKRVEPKS
;
F,R
#
loop_
_chem_comp.id
_chem_comp.type
_chem_comp.name
_chem_comp.formula
NAG D-saccharide, beta linking 2-acetamido-2-deoxy-beta-D-glucopyranose 'C8 H15 N O6'
#
# COMPACT_ATOMS: atom_id res chain seq x y z
N ALA A 2 10.10 22.28 -49.43
CA ALA A 2 10.54 23.51 -48.80
C ALA A 2 10.31 23.47 -47.30
N TYR A 3 11.25 24.02 -46.54
CA TYR A 3 11.15 24.08 -45.10
C TYR A 3 11.22 25.52 -44.61
N THR A 4 10.33 25.89 -43.69
CA THR A 4 10.29 27.24 -43.14
C THR A 4 10.18 27.20 -41.60
N ASN A 5 10.63 28.26 -40.94
CA ASN A 5 10.56 28.34 -39.49
C ASN A 5 9.13 28.55 -39.01
N SER A 6 8.83 27.99 -37.84
CA SER A 6 7.48 28.07 -37.28
C SER A 6 7.26 29.30 -36.39
N PHE A 7 8.30 30.05 -36.08
CA PHE A 7 8.23 31.23 -35.19
C PHE A 7 7.66 30.79 -33.85
N THR A 8 6.67 31.48 -33.29
CA THR A 8 6.07 31.17 -32.01
C THR A 8 4.72 30.48 -32.16
N ARG A 9 4.38 30.05 -33.37
CA ARG A 9 3.12 29.36 -33.61
C ARG A 9 3.18 27.93 -33.11
N GLY A 10 2.00 27.33 -32.95
CA GLY A 10 1.89 25.97 -32.47
C GLY A 10 1.49 25.78 -31.01
N VAL A 11 1.06 26.84 -30.34
CA VAL A 11 0.63 26.75 -28.94
C VAL A 11 -0.89 26.74 -28.88
N TYR A 12 -1.43 25.86 -28.03
CA TYR A 12 -2.86 25.69 -27.86
C TYR A 12 -3.21 25.77 -26.37
N TYR A 13 -4.45 26.11 -26.07
CA TYR A 13 -4.88 26.13 -24.68
C TYR A 13 -4.85 24.72 -24.12
N PRO A 14 -4.11 24.47 -23.04
CA PRO A 14 -4.03 23.11 -22.50
C PRO A 14 -5.31 22.57 -21.86
N ASP A 15 -6.05 23.39 -21.13
CA ASP A 15 -7.20 22.92 -20.38
C ASP A 15 -8.32 23.95 -20.39
N LYS A 16 -9.51 23.51 -19.99
CA LYS A 16 -10.69 24.38 -19.99
C LYS A 16 -10.64 25.43 -18.88
N VAL A 17 -9.76 25.29 -17.90
CA VAL A 17 -9.72 26.21 -16.77
C VAL A 17 -9.39 27.62 -17.22
N PHE A 18 -10.01 28.61 -16.57
CA PHE A 18 -9.78 30.02 -16.86
C PHE A 18 -8.72 30.54 -15.91
N ARG A 19 -7.67 31.15 -16.46
CA ARG A 19 -6.61 31.78 -15.67
C ARG A 19 -6.44 33.22 -16.10
N SER A 20 -6.37 34.13 -15.14
CA SER A 20 -6.16 35.55 -15.42
C SER A 20 -4.95 36.08 -14.64
N SER A 21 -4.10 36.85 -15.33
CA SER A 21 -2.91 37.48 -14.72
C SER A 21 -2.00 36.46 -14.05
N VAL A 22 -1.84 35.31 -14.69
CA VAL A 22 -1.02 34.22 -14.16
C VAL A 22 -0.14 33.66 -15.27
N LEU A 23 1.07 33.25 -14.90
CA LEU A 23 1.97 32.58 -15.82
C LEU A 23 1.96 31.11 -15.43
N HIS A 24 1.61 30.22 -16.36
CA HIS A 24 1.44 28.81 -16.04
C HIS A 24 2.34 27.93 -16.89
N SER A 25 3.03 26.99 -16.27
CA SER A 25 3.93 26.07 -16.97
C SER A 25 3.21 24.78 -17.34
N THR A 26 3.24 24.42 -18.61
CA THR A 26 2.53 23.25 -19.12
C THR A 26 3.48 22.28 -19.82
N GLN A 27 3.44 21.01 -19.42
CA GLN A 27 4.20 19.96 -20.09
C GLN A 27 3.24 19.16 -20.96
N ASP A 28 3.37 19.30 -22.27
CA ASP A 28 2.46 18.63 -23.20
C ASP A 28 3.16 18.56 -24.56
N LEU A 29 2.60 17.74 -25.45
CA LEU A 29 3.13 17.71 -26.80
C LEU A 29 2.89 19.07 -27.43
N PHE A 30 3.95 19.69 -27.93
CA PHE A 30 3.83 21.03 -28.50
C PHE A 30 4.78 21.16 -29.66
N LEU A 31 4.44 22.01 -30.61
CA LEU A 31 5.36 22.29 -31.70
C LEU A 31 6.52 23.09 -31.15
N PRO A 32 7.77 22.69 -31.40
CA PRO A 32 8.90 23.50 -30.94
C PRO A 32 8.88 24.88 -31.59
N PHE A 33 9.22 25.89 -30.83
CA PHE A 33 9.30 27.23 -31.40
C PHE A 33 10.44 27.31 -32.40
N PHE A 34 10.20 28.00 -33.51
CA PHE A 34 11.20 28.18 -34.56
C PHE A 34 11.64 26.84 -35.13
N SER A 35 10.72 25.88 -35.18
CA SER A 35 11.00 24.58 -35.76
C SER A 35 10.89 24.64 -37.26
N ASN A 36 11.45 23.63 -37.93
CA ASN A 36 11.37 23.56 -39.37
C ASN A 36 10.07 22.88 -39.76
N VAL A 37 9.21 23.57 -40.51
CA VAL A 37 7.92 23.03 -40.95
C VAL A 37 7.88 22.94 -42.46
N THR A 38 7.50 21.77 -42.98
CA THR A 38 7.40 21.59 -44.42
C THR A 38 6.30 22.46 -45.00
N TRP A 39 6.60 23.11 -46.12
CA TRP A 39 5.65 23.99 -46.80
C TRP A 39 5.34 23.47 -48.20
N PHE A 40 4.05 23.26 -48.47
CA PHE A 40 3.60 22.71 -49.75
C PHE A 40 2.73 23.75 -50.45
N HIS A 41 3.04 24.02 -51.71
CA HIS A 41 2.33 25.05 -52.46
C HIS A 41 1.46 24.40 -53.52
N VAL A 42 0.17 24.76 -53.55
CA VAL A 42 -0.77 24.19 -54.49
C VAL A 42 -1.49 25.34 -55.19
N ILE A 43 -0.78 26.05 -56.06
CA ILE A 43 -1.38 27.14 -56.81
C ILE A 43 -1.59 26.71 -58.27
N ARG A 53 0.11 23.14 -60.31
CA ARG A 53 0.85 22.89 -59.08
C ARG A 53 -0.05 22.21 -58.06
N PHE A 54 0.14 20.90 -57.86
CA PHE A 54 -0.62 20.16 -56.86
C PHE A 54 0.37 19.37 -56.00
N ASP A 55 0.34 19.59 -54.69
CA ASP A 55 1.14 18.83 -53.75
C ASP A 55 0.19 18.18 -52.74
N ASN A 56 0.14 16.86 -52.71
CA ASN A 56 -0.65 16.17 -51.69
C ASN A 56 0.03 14.89 -51.21
N PRO A 57 1.22 14.99 -50.63
CA PRO A 57 1.95 13.80 -50.22
C PRO A 57 1.44 13.19 -48.91
N VAL A 58 1.69 11.90 -48.74
CA VAL A 58 1.37 11.24 -47.48
C VAL A 58 2.48 11.57 -46.49
N LEU A 59 2.11 12.09 -45.32
CA LEU A 59 3.07 12.55 -44.33
C LEU A 59 2.93 11.78 -43.02
N PRO A 60 4.02 11.30 -42.42
CA PRO A 60 3.91 10.51 -41.20
C PRO A 60 3.33 11.35 -40.06
N PHE A 61 2.36 10.78 -39.35
CA PHE A 61 1.71 11.52 -38.27
C PHE A 61 2.68 11.83 -37.12
N ASN A 62 3.53 10.88 -36.76
CA ASN A 62 4.48 11.02 -35.65
C ASN A 62 3.67 11.20 -34.37
N ASP A 63 4.21 11.94 -33.40
CA ASP A 63 3.48 12.19 -32.16
C ASP A 63 2.23 13.03 -32.41
N GLY A 64 2.36 14.09 -33.20
CA GLY A 64 1.24 14.97 -33.47
C GLY A 64 1.58 15.86 -34.65
N VAL A 65 0.56 16.51 -35.19
CA VAL A 65 0.70 17.36 -36.37
C VAL A 65 0.04 18.71 -36.17
N TYR A 66 0.71 19.77 -36.59
CA TYR A 66 0.15 21.13 -36.63
C TYR A 66 -0.04 21.50 -38.08
N PHE A 67 -1.25 21.91 -38.45
CA PHE A 67 -1.58 22.21 -39.84
C PHE A 67 -2.00 23.66 -39.95
N ALA A 68 -1.36 24.42 -40.83
CA ALA A 68 -1.74 25.81 -41.09
C ALA A 68 -2.04 25.96 -42.57
N SER A 69 -3.18 26.55 -42.90
CA SER A 69 -3.61 26.69 -44.28
C SER A 69 -3.85 28.15 -44.66
N ILE A 70 -3.13 28.63 -45.67
CA ILE A 70 -3.38 29.95 -46.23
C ILE A 70 -4.16 29.69 -47.52
N GLU A 71 -5.40 30.18 -47.60
CA GLU A 71 -6.16 29.75 -48.75
C GLU A 71 -7.20 30.79 -49.13
N LYS A 72 -7.59 30.77 -50.40
CA LYS A 72 -8.70 31.57 -50.89
C LYS A 72 -9.68 30.61 -51.55
N SER A 73 -10.96 30.75 -51.23
CA SER A 73 -12.05 29.92 -51.74
C SER A 73 -12.04 28.52 -51.15
N ASN A 74 -11.33 28.31 -50.05
CA ASN A 74 -11.31 27.06 -49.27
C ASN A 74 -11.09 25.83 -50.16
N ILE A 75 -10.00 25.86 -50.93
CA ILE A 75 -9.68 24.73 -51.81
C ILE A 75 -9.41 23.47 -51.00
N ILE A 76 -8.72 23.60 -49.86
CA ILE A 76 -8.45 22.41 -49.04
C ILE A 76 -9.78 21.90 -48.49
N ARG A 77 -9.98 20.59 -48.60
CA ARG A 77 -11.25 20.00 -48.19
C ARG A 77 -11.20 19.30 -46.83
N GLY A 78 -10.08 18.68 -46.46
CA GLY A 78 -10.04 17.93 -45.23
C GLY A 78 -8.79 17.08 -45.13
N TRP A 79 -8.80 16.16 -44.18
CA TRP A 79 -7.65 15.32 -43.88
C TRP A 79 -8.05 13.87 -43.68
N ILE A 80 -7.14 12.97 -44.03
CA ILE A 80 -7.30 11.53 -43.84
C ILE A 80 -6.19 11.05 -42.91
N PHE A 81 -6.54 10.33 -41.85
CA PHE A 81 -5.56 9.78 -40.91
C PHE A 81 -5.69 8.27 -40.85
N GLY A 82 -4.61 7.54 -41.15
CA GLY A 82 -4.65 6.09 -41.05
C GLY A 82 -3.28 5.47 -40.93
N THR A 83 -3.24 4.25 -40.38
CA THR A 83 -1.97 3.54 -40.27
C THR A 83 -1.40 3.18 -41.63
N THR A 84 -2.21 2.60 -42.51
CA THR A 84 -1.77 2.20 -43.84
C THR A 84 -2.67 2.70 -44.97
N LEU A 85 -3.69 3.50 -44.66
CA LEU A 85 -4.54 4.14 -45.65
C LEU A 85 -5.18 3.17 -46.64
N ASP A 86 -5.68 2.04 -46.14
CA ASP A 86 -6.25 1.02 -47.01
C ASP A 86 -7.48 0.44 -46.32
N SER A 87 -8.24 -0.35 -47.08
CA SER A 87 -9.41 -1.01 -46.50
C SER A 87 -9.02 -1.99 -45.39
N LYS A 88 -7.81 -2.53 -45.45
CA LYS A 88 -7.42 -3.55 -44.47
C LYS A 88 -7.49 -3.02 -43.05
N THR A 89 -7.06 -1.79 -42.81
CA THR A 89 -7.03 -1.22 -41.48
C THR A 89 -7.94 0.01 -41.43
N GLN A 90 -8.57 0.23 -40.28
CA GLN A 90 -9.51 1.33 -40.14
C GLN A 90 -8.82 2.68 -40.29
N SER A 91 -9.51 3.61 -40.95
CA SER A 91 -8.98 4.93 -41.21
C SER A 91 -9.99 6.00 -40.82
N LEU A 92 -9.48 7.19 -40.53
CA LEU A 92 -10.29 8.33 -40.10
C LEU A 92 -10.38 9.36 -41.21
N LEU A 93 -11.59 9.74 -41.57
CA LEU A 93 -11.86 10.73 -42.61
C LEU A 93 -12.55 11.96 -42.06
N ILE A 94 -11.98 13.13 -42.31
CA ILE A 94 -12.61 14.40 -41.96
C ILE A 94 -12.76 15.23 -43.22
N VAL A 95 -13.99 15.55 -43.61
CA VAL A 95 -14.24 16.38 -44.77
C VAL A 95 -15.02 17.62 -44.36
N ASN A 96 -14.50 18.78 -44.69
CA ASN A 96 -15.16 20.04 -44.34
C ASN A 96 -15.57 20.77 -45.61
N ASN A 97 -16.85 21.13 -45.69
CA ASN A 97 -17.41 21.86 -46.82
C ASN A 97 -18.43 22.83 -46.24
N ALA A 98 -19.00 23.69 -47.10
CA ALA A 98 -19.88 24.74 -46.61
C ALA A 98 -21.07 24.17 -45.84
N THR A 99 -21.66 23.08 -46.32
CA THR A 99 -22.86 22.57 -45.66
C THR A 99 -22.56 22.05 -44.24
N ASN A 100 -21.49 21.26 -44.07
CA ASN A 100 -21.21 20.63 -42.77
C ASN A 100 -19.84 19.97 -42.80
N VAL A 101 -19.43 19.41 -41.66
CA VAL A 101 -18.22 18.62 -41.54
C VAL A 101 -18.57 17.18 -41.22
N VAL A 102 -18.08 16.25 -42.04
CA VAL A 102 -18.38 14.83 -41.90
C VAL A 102 -17.14 14.10 -41.41
N ILE A 103 -17.25 13.44 -40.26
CA ILE A 103 -16.13 12.69 -39.68
C ILE A 103 -16.54 11.23 -39.58
N LYS A 104 -15.84 10.36 -40.31
CA LYS A 104 -16.16 8.94 -40.34
C LYS A 104 -14.93 8.12 -40.02
N VAL A 105 -15.02 7.24 -39.02
CA VAL A 105 -13.94 6.32 -38.71
C VAL A 105 -14.37 4.97 -39.27
N CYS A 106 -13.86 4.62 -40.45
CA CYS A 106 -14.29 3.39 -41.11
C CYS A 106 -13.16 2.86 -41.97
N GLU A 107 -13.24 1.58 -42.32
CA GLU A 107 -12.29 1.04 -43.29
C GLU A 107 -12.69 1.58 -44.65
N PHE A 108 -11.79 2.28 -45.32
CA PHE A 108 -12.14 2.96 -46.56
C PHE A 108 -11.20 2.56 -47.68
N GLN A 109 -11.75 2.30 -48.86
CA GLN A 109 -10.91 2.07 -50.03
C GLN A 109 -10.77 3.42 -50.70
N PHE A 110 -9.67 4.11 -50.44
CA PHE A 110 -9.49 5.45 -50.97
C PHE A 110 -9.20 5.41 -52.47
N CYS A 111 -9.69 6.42 -53.18
CA CYS A 111 -9.44 6.52 -54.61
C CYS A 111 -8.53 7.70 -54.92
N GLU A 131 -18.49 18.01 -55.27
CA GLU A 131 -18.35 16.62 -55.66
C GLU A 131 -17.23 15.98 -54.85
N PHE A 132 -17.51 14.80 -54.30
CA PHE A 132 -16.55 14.08 -53.48
C PHE A 132 -16.37 12.63 -53.88
N ARG A 133 -15.12 12.20 -54.11
CA ARG A 133 -14.80 10.81 -54.46
C ARG A 133 -13.73 10.20 -53.56
N VAL A 134 -13.62 10.62 -52.30
CA VAL A 134 -12.47 10.13 -51.52
C VAL A 134 -12.50 8.62 -51.34
N TYR A 135 -13.66 8.04 -51.01
CA TYR A 135 -13.68 6.62 -50.71
C TYR A 135 -14.76 5.91 -51.52
N SER A 136 -14.39 4.76 -52.10
CA SER A 136 -15.36 3.95 -52.85
C SER A 136 -16.43 3.38 -51.93
N SER A 137 -16.04 2.83 -50.78
CA SER A 137 -16.99 2.20 -49.88
C SER A 137 -16.40 2.09 -48.48
N ALA A 138 -17.28 1.94 -47.49
CA ALA A 138 -16.89 1.71 -46.09
C ALA A 138 -17.49 0.40 -45.61
N ASN A 139 -16.67 -0.65 -45.50
CA ASN A 139 -17.19 -1.96 -45.11
C ASN A 139 -17.71 -1.96 -43.68
N ASN A 140 -16.93 -1.42 -42.74
CA ASN A 140 -17.30 -1.37 -41.34
C ASN A 140 -17.06 0.04 -40.83
N CYS A 141 -18.08 0.64 -40.22
CA CYS A 141 -17.97 1.99 -39.67
C CYS A 141 -18.10 1.98 -38.15
N THR A 142 -16.99 2.18 -37.45
CA THR A 142 -17.05 2.25 -35.99
C THR A 142 -17.76 3.53 -35.54
N PHE A 143 -17.45 4.67 -36.14
CA PHE A 143 -18.00 5.93 -35.67
C PHE A 143 -18.25 6.89 -36.84
N GLU A 144 -19.32 7.68 -36.73
CA GLU A 144 -19.66 8.73 -37.69
C GLU A 144 -20.10 9.97 -36.93
N TYR A 145 -19.75 11.14 -37.45
CA TYR A 145 -20.09 12.40 -36.80
C TYR A 145 -20.33 13.47 -37.86
N VAL A 146 -21.32 14.33 -37.63
CA VAL A 146 -21.60 15.48 -38.50
C VAL A 146 -21.81 16.68 -37.61
N SER A 147 -21.33 17.85 -38.04
CA SER A 147 -21.40 19.05 -37.22
C SER A 147 -21.33 20.28 -38.11
N GLN A 148 -21.50 21.45 -37.49
CA GLN A 148 -21.38 22.70 -38.22
C GLN A 148 -19.96 22.85 -38.80
N PRO A 149 -19.83 23.36 -40.02
CA PRO A 149 -18.52 23.44 -40.68
C PRO A 149 -17.54 24.37 -39.96
N PHE A 150 -16.26 23.99 -40.04
CA PHE A 150 -15.20 24.83 -39.47
C PHE A 150 -15.13 26.18 -40.16
N LEU A 151 -15.37 26.20 -41.46
CA LEU A 151 -15.33 27.41 -42.27
C LEU A 151 -16.54 28.30 -41.95
N ASN A 160 -4.17 37.00 -53.59
CA ASN A 160 -4.08 37.37 -52.19
C ASN A 160 -4.85 36.35 -51.33
N PHE A 161 -4.23 35.91 -50.24
CA PHE A 161 -4.85 34.99 -49.30
C PHE A 161 -5.15 35.72 -47.99
N LYS A 162 -6.42 35.78 -47.61
CA LYS A 162 -6.84 36.50 -46.41
C LYS A 162 -7.19 35.60 -45.24
N ASN A 163 -7.06 34.28 -45.37
CA ASN A 163 -7.47 33.35 -44.34
C ASN A 163 -6.33 32.44 -43.92
N LEU A 164 -6.06 32.37 -42.62
CA LEU A 164 -5.09 31.42 -42.08
C LEU A 164 -5.83 30.50 -41.13
N ARG A 165 -5.77 29.20 -41.37
CA ARG A 165 -6.45 28.21 -40.54
C ARG A 165 -5.42 27.38 -39.80
N GLU A 166 -5.45 27.42 -38.46
CA GLU A 166 -4.48 26.71 -37.65
C GLU A 166 -5.16 25.55 -36.94
N PHE A 167 -4.64 24.33 -37.13
CA PHE A 167 -5.22 23.13 -36.56
C PHE A 167 -4.15 22.30 -35.88
N VAL A 168 -4.45 21.75 -34.71
CA VAL A 168 -3.54 20.84 -34.02
C VAL A 168 -4.24 19.50 -33.86
N PHE A 169 -3.57 18.43 -34.30
CA PHE A 169 -4.12 17.08 -34.24
C PHE A 169 -3.28 16.24 -33.29
N LYS A 170 -3.91 15.67 -32.27
CA LYS A 170 -3.21 14.81 -31.32
C LYS A 170 -4.03 13.55 -31.07
N ASN A 171 -3.35 12.41 -30.99
CA ASN A 171 -4.00 11.16 -30.63
C ASN A 171 -3.42 10.65 -29.31
N ILE A 172 -4.20 10.71 -28.24
CA ILE A 172 -3.76 10.27 -26.92
C ILE A 172 -4.86 9.43 -26.28
N ASP A 173 -4.49 8.24 -25.79
CA ASP A 173 -5.41 7.35 -25.08
C ASP A 173 -6.65 7.05 -25.92
N GLY A 174 -6.47 6.87 -27.22
CA GLY A 174 -7.57 6.52 -28.09
C GLY A 174 -8.57 7.64 -28.25
N TYR A 175 -8.16 8.87 -27.95
CA TYR A 175 -9.02 10.03 -28.04
C TYR A 175 -8.30 11.00 -28.97
N PHE A 176 -9.01 11.54 -29.96
CA PHE A 176 -8.43 12.44 -30.97
C PHE A 176 -8.77 13.89 -30.67
N LYS A 177 -7.75 14.74 -30.57
CA LYS A 177 -7.92 16.13 -30.22
C LYS A 177 -7.65 17.05 -31.40
N ILE A 178 -8.62 17.91 -31.70
CA ILE A 178 -8.48 18.94 -32.72
C ILE A 178 -8.58 20.31 -32.05
N TYR A 179 -7.55 21.14 -32.20
CA TYR A 179 -7.53 22.49 -31.64
C TYR A 179 -7.44 23.46 -32.80
N SER A 180 -8.32 24.45 -32.86
CA SER A 180 -8.31 25.33 -34.03
C SER A 180 -8.55 26.79 -33.71
N LYS A 181 -7.88 27.65 -34.47
CA LYS A 181 -8.08 29.08 -34.44
C LYS A 181 -7.96 29.58 -35.89
N HIS A 182 -8.80 30.52 -36.29
CA HIS A 182 -8.74 31.10 -37.63
C HIS A 182 -8.29 32.55 -37.55
N THR A 183 -7.24 32.90 -38.29
CA THR A 183 -6.66 34.22 -38.26
C THR A 183 -6.73 34.91 -39.62
N PRO A 184 -7.25 36.12 -39.69
CA PRO A 184 -7.22 36.87 -40.95
C PRO A 184 -5.79 37.28 -41.28
N ILE A 185 -5.37 37.05 -42.52
CA ILE A 185 -4.04 37.48 -42.94
C ILE A 185 -4.15 38.50 -44.05
N ASP A 190 5.42 32.14 -46.37
CA ASP A 190 5.97 32.11 -45.02
C ASP A 190 4.89 32.45 -43.99
N LEU A 191 4.84 31.67 -42.91
CA LEU A 191 3.87 31.93 -41.86
C LEU A 191 4.15 33.29 -41.22
N PRO A 192 3.13 34.05 -40.86
CA PRO A 192 3.37 35.32 -40.16
C PRO A 192 3.98 35.08 -38.79
N GLN A 193 4.84 36.00 -38.36
CA GLN A 193 5.44 35.90 -37.03
C GLN A 193 4.48 36.49 -36.02
N GLY A 194 3.77 35.64 -35.29
CA GLY A 194 2.79 36.08 -34.32
C GLY A 194 2.48 34.99 -33.32
N PHE A 195 1.85 35.38 -32.22
CA PHE A 195 1.45 34.42 -31.19
C PHE A 195 -0.05 34.17 -31.26
N SER A 196 -0.43 32.91 -31.49
CA SER A 196 -1.83 32.51 -31.49
C SER A 196 -2.00 31.25 -30.63
N ALA A 197 -3.02 31.25 -29.76
CA ALA A 197 -3.33 30.08 -28.95
C ALA A 197 -4.57 29.41 -29.54
N LEU A 198 -4.52 28.10 -29.72
CA LEU A 198 -5.59 27.39 -30.42
C LEU A 198 -6.60 26.82 -29.43
N GLU A 199 -7.85 27.26 -29.56
CA GLU A 199 -8.92 26.80 -28.69
C GLU A 199 -9.32 25.38 -29.06
N PRO A 200 -9.71 24.56 -28.08
CA PRO A 200 -10.18 23.21 -28.40
C PRO A 200 -11.45 23.24 -29.23
N LEU A 201 -11.50 22.43 -30.29
CA LEU A 201 -12.66 22.42 -31.17
C LEU A 201 -13.54 21.20 -30.94
N VAL A 202 -12.98 19.99 -30.98
CA VAL A 202 -13.74 18.78 -30.69
C VAL A 202 -12.75 17.69 -30.30
N ASP A 203 -13.23 16.70 -29.55
CA ASP A 203 -12.46 15.53 -29.18
C ASP A 203 -13.27 14.30 -29.57
N LEU A 204 -12.66 13.37 -30.29
CA LEU A 204 -13.39 12.23 -30.83
C LEU A 204 -12.83 10.91 -30.34
N PRO A 205 -13.66 9.96 -29.90
CA PRO A 205 -13.16 8.65 -29.49
C PRO A 205 -12.94 7.71 -30.68
N ILE A 206 -12.00 8.06 -31.55
CA ILE A 206 -11.76 7.26 -32.74
C ILE A 206 -11.25 5.87 -32.39
N GLY A 207 -10.35 5.78 -31.41
CA GLY A 207 -9.77 4.51 -31.02
C GLY A 207 -9.07 3.74 -32.12
N ILE A 208 -8.35 4.44 -33.01
CA ILE A 208 -7.60 3.79 -34.08
C ILE A 208 -6.16 4.27 -34.08
N ASN A 209 -5.25 3.37 -34.43
CA ASN A 209 -3.85 3.75 -34.56
C ASN A 209 -3.70 4.64 -35.79
N ILE A 210 -3.02 5.77 -35.62
CA ILE A 210 -2.73 6.66 -36.73
C ILE A 210 -1.22 6.78 -36.89
N THR A 211 -0.72 6.36 -38.05
CA THR A 211 0.70 6.45 -38.34
C THR A 211 0.99 7.36 -39.52
N ARG A 212 0.01 7.62 -40.38
CA ARG A 212 0.17 8.43 -41.57
C ARG A 212 -1.05 9.33 -41.73
N PHE A 213 -0.88 10.47 -42.38
CA PHE A 213 -2.00 11.36 -42.64
C PHE A 213 -1.84 11.96 -44.04
N GLN A 214 -2.96 12.30 -44.67
CA GLN A 214 -2.96 12.93 -45.97
C GLN A 214 -3.97 14.07 -45.96
N THR A 215 -3.79 15.02 -46.87
CA THR A 215 -4.65 16.19 -46.98
C THR A 215 -5.49 16.14 -48.25
N LEU A 216 -6.78 16.40 -48.13
CA LEU A 216 -7.67 16.40 -49.29
C LEU A 216 -7.72 17.81 -49.86
N LEU A 217 -7.47 17.93 -51.17
CA LEU A 217 -7.56 19.21 -51.85
C LEU A 217 -8.51 19.12 -53.03
N ALA A 218 -9.42 20.10 -53.12
CA ALA A 218 -10.37 20.14 -54.22
C ALA A 218 -9.67 20.35 -55.55
N ALA A 238 -2.73 28.42 -53.55
CA ALA A 238 -2.71 28.47 -52.09
C ALA A 238 -1.70 27.47 -51.53
N ALA A 239 -1.56 27.41 -50.20
CA ALA A 239 -0.54 26.56 -49.61
C ALA A 239 -0.93 26.09 -48.21
N TYR A 240 -0.32 24.99 -47.77
CA TYR A 240 -0.52 24.46 -46.43
C TYR A 240 0.83 24.13 -45.78
N TYR A 241 0.87 24.20 -44.45
CA TYR A 241 2.07 23.98 -43.65
C TYR A 241 1.87 22.82 -42.68
N VAL A 242 2.83 21.89 -42.63
CA VAL A 242 2.79 20.74 -41.73
C VAL A 242 3.98 20.73 -40.79
N GLY A 243 3.72 20.62 -39.49
CA GLY A 243 4.79 20.54 -38.50
C GLY A 243 4.47 19.43 -37.52
N TYR A 244 5.50 18.86 -36.93
CA TYR A 244 5.33 17.71 -36.03
C TYR A 244 5.57 18.11 -34.58
N LEU A 245 4.56 17.90 -33.74
CA LEU A 245 4.65 18.22 -32.32
C LEU A 245 5.58 17.26 -31.60
N GLN A 246 6.28 17.77 -30.59
CA GLN A 246 7.18 16.98 -29.79
C GLN A 246 6.95 17.26 -28.31
N PRO A 247 7.28 16.32 -27.43
CA PRO A 247 7.15 16.59 -25.98
C PRO A 247 8.00 17.78 -25.58
N ARG A 248 7.39 18.71 -24.85
CA ARG A 248 8.06 19.95 -24.47
C ARG A 248 7.34 20.56 -23.28
N THR A 249 8.02 21.49 -22.62
CA THR A 249 7.46 22.26 -21.51
C THR A 249 7.44 23.73 -21.94
N PHE A 250 6.28 24.37 -21.82
CA PHE A 250 6.10 25.75 -22.24
C PHE A 250 5.53 26.57 -21.09
N LEU A 251 5.97 27.80 -20.94
CA LEU A 251 5.43 28.71 -19.94
C LEU A 251 4.51 29.69 -20.64
N LEU A 252 3.24 29.73 -20.24
CA LEU A 252 2.24 30.54 -20.91
C LEU A 252 1.80 31.71 -20.04
N LYS A 253 1.71 32.89 -20.63
CA LYS A 253 1.26 34.08 -19.92
C LYS A 253 -0.21 34.34 -20.21
N TYR A 254 -1.02 34.43 -19.17
CA TYR A 254 -2.46 34.70 -19.31
C TYR A 254 -2.72 36.15 -18.91
N ASN A 255 -3.39 36.90 -19.77
CA ASN A 255 -3.65 38.31 -19.49
C ASN A 255 -4.86 38.46 -18.57
N GLU A 256 -5.18 39.69 -18.19
CA GLU A 256 -6.33 39.91 -17.31
C GLU A 256 -7.61 39.43 -17.95
N ASN A 257 -7.75 39.62 -19.27
CA ASN A 257 -8.94 39.22 -20.00
C ASN A 257 -9.01 37.71 -20.19
N GLY A 258 -7.92 36.99 -19.89
CA GLY A 258 -7.89 35.54 -19.96
C GLY A 258 -7.39 34.92 -21.24
N THR A 259 -6.85 35.72 -22.16
CA THR A 259 -6.30 35.22 -23.40
C THR A 259 -4.78 35.13 -23.28
N ILE A 260 -4.21 33.98 -23.66
CA ILE A 260 -2.76 33.83 -23.63
C ILE A 260 -2.12 34.84 -24.57
N THR A 261 -1.13 35.57 -24.07
CA THR A 261 -0.45 36.58 -24.87
C THR A 261 0.98 36.17 -25.27
N ASP A 262 1.78 35.60 -24.36
CA ASP A 262 3.16 35.27 -24.66
C ASP A 262 3.49 33.87 -24.14
N ALA A 263 4.48 33.23 -24.77
CA ALA A 263 4.96 31.92 -24.32
C ALA A 263 6.47 31.81 -24.53
N VAL A 264 7.12 31.01 -23.69
CA VAL A 264 8.54 30.71 -23.83
C VAL A 264 8.74 29.20 -23.85
N ASP A 265 9.50 28.72 -24.83
CA ASP A 265 9.84 27.30 -24.92
C ASP A 265 11.13 27.08 -24.15
N CYS A 266 11.07 26.24 -23.12
CA CYS A 266 12.22 26.05 -22.25
C CYS A 266 13.41 25.49 -23.00
N ALA A 267 13.18 24.56 -23.91
CA ALA A 267 14.26 23.90 -24.62
C ALA A 267 14.84 24.73 -25.76
N LEU A 268 14.21 25.86 -26.10
CA LEU A 268 14.64 26.62 -27.26
C LEU A 268 16.07 27.13 -27.12
N ASP A 269 16.40 27.72 -25.98
CA ASP A 269 17.70 28.35 -25.79
C ASP A 269 17.97 28.45 -24.30
N PRO A 270 19.21 28.79 -23.90
CA PRO A 270 19.48 29.00 -22.47
C PRO A 270 18.68 30.11 -21.83
N LEU A 271 18.45 31.23 -22.53
CA LEU A 271 17.73 32.32 -21.90
C LEU A 271 16.31 31.89 -21.57
N SER A 272 15.68 31.14 -22.47
CA SER A 272 14.33 30.69 -22.24
C SER A 272 14.25 29.77 -21.04
N GLU A 273 15.25 28.88 -20.89
CA GLU A 273 15.26 28.00 -19.73
C GLU A 273 15.38 28.83 -18.45
N THR A 274 16.15 29.92 -18.51
CA THR A 274 16.25 30.80 -17.34
C THR A 274 14.88 31.37 -17.02
N LYS A 275 14.14 31.80 -18.03
CA LYS A 275 12.80 32.34 -17.80
C LYS A 275 11.88 31.26 -17.22
N CYS A 276 12.00 30.03 -17.71
CA CYS A 276 11.16 28.94 -17.21
C CYS A 276 11.45 28.67 -15.74
N THR A 277 12.73 28.63 -15.37
CA THR A 277 13.09 28.40 -13.98
C THR A 277 12.63 29.55 -13.09
N LEU A 278 12.85 30.78 -13.54
CA LEU A 278 12.43 31.94 -12.76
C LEU A 278 10.92 32.04 -12.67
N LYS A 279 10.20 31.64 -13.72
CA LYS A 279 8.75 31.76 -13.87
C LYS A 279 8.33 33.19 -14.17
N SER A 280 9.28 34.02 -14.60
CA SER A 280 9.02 35.40 -15.00
C SER A 280 9.65 35.65 -16.36
N PHE A 281 8.93 36.34 -17.24
CA PHE A 281 9.45 36.63 -18.57
C PHE A 281 10.68 37.53 -18.52
N THR A 282 10.68 38.54 -17.65
CA THR A 282 11.83 39.44 -17.53
C THR A 282 12.88 38.83 -16.62
N VAL A 283 14.14 38.84 -17.04
CA VAL A 283 15.26 38.36 -16.24
C VAL A 283 16.21 39.52 -15.96
N GLU A 284 16.49 39.75 -14.68
CA GLU A 284 17.40 40.81 -14.25
C GLU A 284 18.85 40.37 -14.41
N LYS A 285 19.77 41.33 -14.33
CA LYS A 285 21.18 41.03 -14.51
C LYS A 285 21.66 40.08 -13.42
N GLY A 286 22.45 39.08 -13.80
CA GLY A 286 23.01 38.17 -12.84
C GLY A 286 23.25 36.81 -13.46
N ILE A 287 23.71 35.88 -12.62
CA ILE A 287 23.96 34.50 -12.99
C ILE A 287 22.91 33.63 -12.32
N TYR A 288 22.23 32.80 -13.11
CA TYR A 288 21.12 31.99 -12.61
C TYR A 288 21.33 30.51 -12.93
N GLN A 289 21.24 29.66 -11.91
CA GLN A 289 21.31 28.22 -12.13
C GLN A 289 19.94 27.78 -12.63
N THR A 290 19.90 27.05 -13.75
CA THR A 290 18.60 26.75 -14.35
C THR A 290 18.29 25.26 -14.46
N SER A 291 19.09 24.49 -15.19
CA SER A 291 18.77 23.10 -15.46
C SER A 291 20.01 22.24 -15.28
N ASN A 292 19.80 20.94 -15.19
CA ASN A 292 20.90 19.99 -15.07
C ASN A 292 21.17 19.37 -16.43
N PHE A 293 22.35 19.60 -16.99
CA PHE A 293 22.72 18.96 -18.25
C PHE A 293 22.92 17.47 -18.00
N ARG A 294 22.43 16.63 -18.93
CA ARG A 294 22.66 15.20 -18.81
C ARG A 294 22.71 14.63 -20.23
N VAL A 295 23.40 13.50 -20.38
CA VAL A 295 23.50 12.81 -21.67
C VAL A 295 22.65 11.55 -21.61
N GLN A 296 21.72 11.40 -22.55
CA GLN A 296 20.85 10.24 -22.55
C GLN A 296 21.63 8.97 -22.92
N PRO A 297 21.27 7.81 -22.35
CA PRO A 297 21.93 6.56 -22.73
C PRO A 297 21.70 6.26 -24.21
N THR A 298 22.78 6.00 -24.93
CA THR A 298 22.66 5.79 -26.37
C THR A 298 21.93 4.49 -26.72
N GLU A 299 22.26 3.38 -26.07
CA GLU A 299 21.69 2.09 -26.46
C GLU A 299 21.54 1.19 -25.23
N SER A 300 20.74 0.13 -25.37
CA SER A 300 20.53 -0.83 -24.28
C SER A 300 21.34 -2.10 -24.48
N ILE A 301 22.20 -2.43 -23.51
CA ILE A 301 23.04 -3.63 -23.56
C ILE A 301 22.74 -4.52 -22.36
N VAL A 302 22.45 -5.80 -22.60
CA VAL A 302 22.27 -6.79 -21.53
C VAL A 302 23.39 -7.80 -21.65
N ARG A 303 24.12 -8.03 -20.56
CA ARG A 303 25.21 -8.99 -20.53
C ARG A 303 24.88 -10.06 -19.50
N PHE A 304 24.93 -11.32 -19.91
CA PHE A 304 24.63 -12.45 -19.07
C PHE A 304 25.70 -13.51 -19.24
N PRO A 305 25.91 -14.38 -18.25
CA PRO A 305 26.82 -15.51 -18.46
C PRO A 305 26.19 -16.36 -19.54
N ASN A 306 27.00 -16.97 -20.39
CA ASN A 306 26.41 -17.71 -21.51
C ASN A 306 25.42 -18.73 -20.98
N ILE A 307 24.22 -18.73 -21.53
CA ILE A 307 23.21 -19.66 -21.03
C ILE A 307 23.66 -21.08 -21.36
N THR A 308 23.83 -21.91 -20.33
CA THR A 308 24.36 -23.26 -20.52
C THR A 308 23.36 -24.28 -19.98
N ASN A 309 23.06 -25.29 -20.81
CA ASN A 309 22.20 -26.43 -20.48
C ASN A 309 20.73 -26.11 -20.73
N LEU A 310 19.92 -27.13 -21.01
CA LEU A 310 18.49 -26.95 -21.22
C LEU A 310 17.78 -28.21 -20.71
N CYS A 311 16.48 -28.08 -20.47
CA CYS A 311 15.71 -29.24 -20.08
C CYS A 311 15.74 -30.27 -21.21
N PRO A 312 15.80 -31.57 -20.90
CA PRO A 312 15.94 -32.56 -21.99
C PRO A 312 14.64 -32.85 -22.73
N PHE A 313 14.08 -31.82 -23.35
CA PHE A 313 12.93 -32.03 -24.20
C PHE A 313 13.34 -32.85 -25.41
N ASP A 314 14.58 -32.67 -25.85
CA ASP A 314 15.07 -33.36 -27.04
C ASP A 314 14.97 -34.86 -26.89
N GLU A 315 15.27 -35.39 -25.70
CA GLU A 315 15.27 -36.84 -25.52
C GLU A 315 13.90 -37.41 -25.80
N VAL A 316 12.84 -36.77 -25.28
CA VAL A 316 11.49 -37.24 -25.58
C VAL A 316 11.18 -37.02 -27.06
N PHE A 317 11.53 -35.84 -27.58
CA PHE A 317 11.20 -35.53 -28.98
C PHE A 317 11.96 -36.42 -29.96
N ASN A 318 13.23 -36.70 -29.69
CA ASN A 318 14.07 -37.45 -30.64
C ASN A 318 14.30 -38.89 -30.21
N ALA A 319 13.47 -39.43 -29.32
CA ALA A 319 13.66 -40.78 -28.80
C ALA A 319 13.66 -41.78 -29.95
N THR A 320 14.60 -42.73 -29.91
CA THR A 320 14.67 -43.71 -31.00
C THR A 320 13.41 -44.56 -31.07
N ARG A 321 12.88 -44.98 -29.92
CA ARG A 321 11.70 -45.83 -29.89
C ARG A 321 10.55 -45.12 -29.20
N PHE A 322 9.38 -45.15 -29.81
CA PHE A 322 8.17 -44.53 -29.29
C PHE A 322 7.13 -45.58 -28.93
N ALA A 323 6.38 -45.31 -27.87
CA ALA A 323 5.38 -46.24 -27.37
C ALA A 323 4.21 -46.34 -28.33
N SER A 324 3.52 -47.48 -28.27
CA SER A 324 2.32 -47.69 -29.08
C SER A 324 1.22 -46.77 -28.58
N VAL A 325 0.28 -46.46 -29.48
CA VAL A 325 -0.77 -45.49 -29.14
C VAL A 325 -1.61 -45.96 -27.97
N TYR A 326 -1.90 -47.26 -27.89
CA TYR A 326 -2.79 -47.74 -26.83
C TYR A 326 -2.22 -47.47 -25.45
N ALA A 327 -0.91 -47.71 -25.25
CA ALA A 327 -0.25 -47.39 -23.99
C ALA A 327 0.74 -46.26 -24.23
N TRP A 328 0.47 -45.09 -23.68
CA TRP A 328 1.27 -43.90 -23.94
C TRP A 328 2.12 -43.54 -22.73
N ASN A 329 3.43 -43.38 -22.95
CA ASN A 329 4.35 -43.00 -21.88
C ASN A 329 4.09 -41.57 -21.43
N ARG A 330 4.23 -41.32 -20.14
CA ARG A 330 4.09 -39.99 -19.57
C ARG A 330 5.42 -39.52 -19.01
N LYS A 331 5.85 -38.32 -19.41
CA LYS A 331 7.10 -37.75 -18.95
C LYS A 331 6.81 -36.47 -18.17
N ARG A 332 7.40 -36.35 -16.98
CA ARG A 332 7.19 -35.18 -16.12
C ARG A 332 8.37 -34.23 -16.27
N ILE A 333 8.08 -32.96 -16.56
CA ILE A 333 9.09 -31.92 -16.65
C ILE A 333 8.91 -30.94 -15.50
N SER A 334 9.94 -30.77 -14.67
CA SER A 334 9.93 -29.83 -13.56
C SER A 334 11.35 -29.36 -13.29
N ASN A 335 11.48 -28.19 -12.67
CA ASN A 335 12.79 -27.61 -12.34
C ASN A 335 13.66 -27.53 -13.59
N CYS A 336 13.06 -27.05 -14.68
CA CYS A 336 13.71 -27.05 -15.98
C CYS A 336 13.58 -25.71 -16.67
N VAL A 337 14.54 -25.41 -17.55
CA VAL A 337 14.47 -24.26 -18.42
C VAL A 337 14.17 -24.82 -19.81
N ALA A 338 13.09 -24.37 -20.43
CA ALA A 338 12.63 -24.96 -21.69
C ALA A 338 12.69 -23.95 -22.83
N ASP A 339 13.34 -24.33 -23.93
CA ASP A 339 13.36 -23.52 -25.13
C ASP A 339 12.66 -24.29 -26.23
N TYR A 340 11.57 -23.74 -26.76
CA TYR A 340 10.81 -24.42 -27.80
C TYR A 340 11.23 -23.97 -29.19
N SER A 341 12.17 -23.03 -29.26
CA SER A 341 12.61 -22.51 -30.55
C SER A 341 13.20 -23.61 -31.40
N VAL A 342 14.01 -24.48 -30.78
CA VAL A 342 14.66 -25.55 -31.51
C VAL A 342 13.62 -26.49 -32.09
N LEU A 343 12.55 -26.76 -31.34
CA LEU A 343 11.53 -27.70 -31.81
C LEU A 343 10.89 -27.17 -33.09
N TYR A 344 10.57 -25.88 -33.12
CA TYR A 344 10.05 -25.29 -34.34
C TYR A 344 11.08 -25.33 -35.45
N ASN A 345 12.35 -25.06 -35.12
CA ASN A 345 13.36 -24.96 -36.17
C ASN A 345 13.49 -26.26 -36.96
N LEU A 346 13.40 -27.41 -36.29
CA LEU A 346 13.57 -28.68 -37.00
C LEU A 346 12.50 -28.84 -38.08
N ALA A 347 12.93 -29.22 -39.27
CA ALA A 347 12.01 -29.42 -40.38
C ALA A 347 11.00 -30.54 -40.13
N PRO A 348 11.36 -31.69 -39.53
CA PRO A 348 10.37 -32.78 -39.41
C PRO A 348 9.10 -32.41 -38.67
N PHE A 349 9.16 -31.55 -37.65
CA PHE A 349 7.99 -31.25 -36.82
C PHE A 349 7.12 -30.24 -37.58
N PHE A 350 6.48 -30.71 -38.65
CA PHE A 350 5.64 -29.83 -39.46
C PHE A 350 4.43 -29.33 -38.66
N THR A 351 3.78 -30.21 -37.91
CA THR A 351 2.54 -29.87 -37.21
C THR A 351 2.85 -29.46 -35.78
N PHE A 352 2.52 -28.23 -35.43
CA PHE A 352 2.71 -27.75 -34.06
C PHE A 352 1.46 -26.97 -33.62
N LYS A 353 0.36 -27.72 -33.43
CA LYS A 353 -0.93 -27.12 -33.07
C LYS A 353 -1.02 -26.90 -31.57
N CYS A 354 -1.37 -25.67 -31.17
CA CYS A 354 -1.48 -25.31 -29.76
C CYS A 354 -2.91 -24.91 -29.44
N TYR A 355 -3.49 -25.51 -28.41
CA TYR A 355 -4.87 -25.24 -28.02
C TYR A 355 -4.88 -24.47 -26.70
N GLY A 356 -5.42 -23.25 -26.74
CA GLY A 356 -5.53 -22.43 -25.55
C GLY A 356 -4.24 -21.78 -25.15
N VAL A 357 -3.17 -21.97 -25.92
CA VAL A 357 -1.85 -21.43 -25.62
C VAL A 357 -1.31 -20.85 -26.90
N SER A 358 -0.39 -19.90 -26.78
CA SER A 358 0.24 -19.35 -27.96
C SER A 358 1.65 -19.90 -28.08
N PRO A 359 2.02 -20.45 -29.24
CA PRO A 359 3.40 -20.92 -29.43
C PRO A 359 4.42 -19.80 -29.30
N THR A 360 4.06 -18.61 -29.77
CA THR A 360 4.99 -17.48 -29.74
C THR A 360 5.40 -17.17 -28.31
N LYS A 361 4.45 -17.26 -27.38
CA LYS A 361 4.74 -16.91 -25.99
C LYS A 361 5.09 -18.11 -25.14
N LEU A 362 5.30 -19.29 -25.73
CA LEU A 362 5.57 -20.47 -24.92
C LEU A 362 6.82 -20.28 -24.07
N ASN A 363 7.88 -19.76 -24.67
CA ASN A 363 9.07 -19.48 -23.87
C ASN A 363 8.77 -18.41 -22.85
N ASP A 364 8.03 -17.36 -23.26
CA ASP A 364 7.76 -16.26 -22.35
C ASP A 364 6.93 -16.72 -21.16
N LEU A 365 5.91 -17.54 -21.41
CA LEU A 365 5.03 -17.98 -20.33
C LEU A 365 5.75 -19.04 -19.48
N CYS A 366 5.41 -19.09 -18.19
CA CYS A 366 6.03 -20.03 -17.28
C CYS A 366 4.97 -21.00 -16.75
N PHE A 367 5.27 -22.30 -16.78
CA PHE A 367 4.29 -23.30 -16.40
C PHE A 367 4.84 -24.16 -15.27
N THR A 368 4.00 -24.58 -14.33
CA THR A 368 4.52 -25.35 -13.20
C THR A 368 5.09 -26.69 -13.65
N ASN A 369 4.35 -27.42 -14.49
CA ASN A 369 4.76 -28.75 -14.95
C ASN A 369 4.40 -28.93 -16.40
N VAL A 370 5.22 -29.68 -17.13
CA VAL A 370 4.96 -30.02 -18.52
C VAL A 370 4.92 -31.55 -18.63
N TYR A 371 3.87 -32.08 -19.26
CA TYR A 371 3.69 -33.51 -19.39
C TYR A 371 3.77 -33.91 -20.86
N ALA A 372 4.64 -34.87 -21.18
CA ALA A 372 4.85 -35.30 -22.56
C ALA A 372 4.32 -36.72 -22.75
N ASP A 373 3.42 -36.90 -23.71
CA ASP A 373 2.88 -38.21 -24.05
C ASP A 373 3.33 -38.60 -25.45
N SER A 374 3.97 -39.76 -25.58
CA SER A 374 4.53 -40.21 -26.85
C SER A 374 3.77 -41.40 -27.41
N PHE A 375 3.27 -41.28 -28.64
CA PHE A 375 2.56 -42.35 -29.32
C PHE A 375 2.73 -42.21 -30.83
N VAL A 376 2.52 -43.31 -31.55
CA VAL A 376 2.59 -43.32 -33.01
C VAL A 376 1.22 -43.63 -33.58
N ILE A 377 0.74 -42.77 -34.49
CA ILE A 377 -0.55 -42.94 -35.15
C ILE A 377 -0.38 -42.66 -36.65
N ARG A 378 -1.32 -43.18 -37.45
CA ARG A 378 -1.28 -42.88 -38.88
C ARG A 378 -1.70 -41.44 -39.13
N GLY A 379 -1.31 -40.92 -40.29
CA GLY A 379 -1.62 -39.54 -40.64
C GLY A 379 -3.12 -39.25 -40.68
N ASP A 380 -3.91 -40.21 -41.15
CA ASP A 380 -5.35 -40.00 -41.25
C ASP A 380 -5.96 -39.76 -39.86
N GLU A 381 -5.46 -40.46 -38.86
CA GLU A 381 -6.02 -40.39 -37.51
C GLU A 381 -5.34 -39.35 -36.63
N VAL A 382 -4.43 -38.55 -37.18
CA VAL A 382 -3.80 -37.48 -36.40
C VAL A 382 -4.86 -36.48 -35.94
N ARG A 383 -5.84 -36.19 -36.79
CA ARG A 383 -6.86 -35.22 -36.43
C ARG A 383 -7.63 -35.66 -35.19
N GLN A 384 -7.77 -36.97 -35.01
CA GLN A 384 -8.56 -37.49 -33.89
C GLN A 384 -7.99 -37.00 -32.55
N ILE A 385 -6.67 -36.86 -32.46
CA ILE A 385 -6.05 -36.43 -31.20
C ILE A 385 -6.16 -34.92 -31.10
N ALA A 386 -7.34 -34.44 -30.75
CA ALA A 386 -7.63 -33.02 -30.56
C ALA A 386 -8.72 -32.91 -29.50
N PRO A 387 -8.82 -31.77 -28.82
CA PRO A 387 -9.90 -31.61 -27.85
C PRO A 387 -11.26 -31.68 -28.50
N GLY A 388 -12.18 -32.39 -27.85
CA GLY A 388 -13.55 -32.51 -28.34
C GLY A 388 -13.64 -33.10 -29.73
N GLN A 389 -12.79 -34.07 -30.04
CA GLN A 389 -12.79 -34.76 -31.32
C GLN A 389 -13.01 -36.24 -31.08
N THR A 390 -13.93 -36.85 -31.84
CA THR A 390 -14.27 -38.26 -31.67
C THR A 390 -13.67 -39.12 -32.78
N GLY A 391 -12.90 -40.12 -32.39
CA GLY A 391 -12.28 -41.05 -33.32
C GLY A 391 -11.96 -42.33 -32.59
N ASN A 392 -11.72 -43.40 -33.36
CA ASN A 392 -11.49 -44.69 -32.73
C ASN A 392 -10.26 -44.64 -31.83
N ILE A 393 -9.19 -44.01 -32.34
CA ILE A 393 -7.98 -43.85 -31.55
C ILE A 393 -8.28 -42.99 -30.34
N ALA A 394 -9.00 -41.88 -30.56
CA ALA A 394 -9.31 -40.97 -29.47
C ALA A 394 -10.19 -41.65 -28.43
N ASP A 395 -11.21 -42.39 -28.90
CA ASP A 395 -12.17 -42.98 -27.97
C ASP A 395 -11.52 -44.06 -27.10
N TYR A 396 -10.69 -44.93 -27.69
CA TYR A 396 -10.20 -46.05 -26.90
C TYR A 396 -8.70 -46.09 -26.66
N ASN A 397 -7.92 -45.14 -27.17
CA ASN A 397 -6.47 -45.20 -26.98
C ASN A 397 -5.98 -44.00 -26.19
N TYR A 398 -6.08 -42.79 -26.71
CA TYR A 398 -5.65 -41.58 -26.02
C TYR A 398 -6.78 -40.57 -26.06
N LYS A 399 -7.16 -40.04 -24.91
CA LYS A 399 -8.30 -39.12 -24.81
C LYS A 399 -7.85 -37.75 -24.34
N LEU A 400 -8.29 -36.71 -25.03
CA LEU A 400 -7.98 -35.34 -24.66
C LEU A 400 -9.22 -34.63 -24.13
N PRO A 401 -9.12 -33.95 -22.99
CA PRO A 401 -10.29 -33.28 -22.42
C PRO A 401 -10.75 -32.11 -23.29
N ASP A 402 -12.04 -31.79 -23.21
CA ASP A 402 -12.56 -30.72 -24.05
C ASP A 402 -11.86 -29.40 -23.76
N ASP A 403 -11.64 -29.09 -22.48
CA ASP A 403 -10.85 -27.92 -22.10
C ASP A 403 -9.45 -28.43 -21.84
N PHE A 404 -8.57 -28.30 -22.82
CA PHE A 404 -7.20 -28.78 -22.72
C PHE A 404 -6.23 -27.65 -23.03
N THR A 405 -5.25 -27.44 -22.17
CA THR A 405 -4.21 -26.46 -22.42
C THR A 405 -2.91 -27.18 -22.74
N GLY A 406 -2.42 -27.03 -23.97
CA GLY A 406 -1.18 -27.65 -24.36
C GLY A 406 -0.97 -27.52 -25.86
N CYS A 407 0.13 -28.13 -26.32
CA CYS A 407 0.49 -28.15 -27.73
C CYS A 407 0.76 -29.58 -28.17
N VAL A 408 0.22 -29.97 -29.32
CA VAL A 408 0.46 -31.29 -29.90
C VAL A 408 1.46 -31.16 -31.04
N ILE A 409 2.50 -32.00 -31.03
CA ILE A 409 3.55 -31.96 -32.05
C ILE A 409 3.52 -33.28 -32.82
N ALA A 410 3.35 -33.20 -34.15
CA ALA A 410 3.30 -34.38 -34.98
C ALA A 410 4.31 -34.28 -36.10
N TRP A 411 5.10 -35.32 -36.32
CA TRP A 411 6.04 -35.35 -37.43
C TRP A 411 5.95 -36.69 -38.15
N ASN A 412 6.16 -36.67 -39.46
CA ASN A 412 6.16 -37.90 -40.24
C ASN A 412 7.31 -38.80 -39.79
N SER A 413 7.01 -40.08 -39.57
CA SER A 413 7.99 -41.04 -39.11
C SER A 413 8.19 -42.15 -40.13
N ASN A 414 7.96 -41.86 -41.41
CA ASN A 414 8.00 -42.91 -42.43
C ASN A 414 9.37 -43.57 -42.47
N LYS A 415 10.44 -42.78 -42.45
CA LYS A 415 11.77 -43.37 -42.56
C LYS A 415 12.07 -44.25 -41.35
N LEU A 416 11.77 -43.75 -40.16
CA LEU A 416 12.08 -44.47 -38.92
C LEU A 416 11.23 -45.72 -38.72
N ASP A 417 9.92 -45.64 -38.97
CA ASP A 417 9.02 -46.74 -38.63
C ASP A 417 8.63 -47.66 -39.78
N SER A 418 9.12 -47.45 -41.00
CA SER A 418 8.70 -48.24 -42.15
C SER A 418 9.88 -49.09 -42.62
N LYS A 419 9.63 -50.38 -42.82
CA LYS A 419 10.66 -51.31 -43.24
C LYS A 419 10.15 -52.07 -44.46
N VAL A 420 11.07 -52.63 -45.25
CA VAL A 420 10.64 -53.43 -46.38
C VAL A 420 9.82 -54.62 -45.90
N SER A 421 10.26 -55.26 -44.82
CA SER A 421 9.46 -56.31 -44.21
C SER A 421 8.17 -55.74 -43.64
N GLY A 422 8.24 -54.55 -43.08
CA GLY A 422 7.14 -53.87 -42.44
C GLY A 422 7.20 -54.05 -40.93
N ASN A 423 6.61 -53.11 -40.21
CA ASN A 423 6.65 -53.13 -38.75
C ASN A 423 5.25 -53.38 -38.21
N TYR A 424 5.11 -54.46 -37.43
CA TYR A 424 3.85 -54.85 -36.85
C TYR A 424 3.87 -54.75 -35.33
N ASN A 425 4.96 -54.23 -34.77
CA ASN A 425 5.08 -54.13 -33.31
C ASN A 425 4.02 -53.19 -32.75
N TYR A 426 3.76 -52.07 -33.42
CA TYR A 426 2.81 -51.09 -32.91
C TYR A 426 1.41 -51.69 -32.87
N LEU A 427 0.66 -51.34 -31.82
CA LEU A 427 -0.67 -51.87 -31.61
C LEU A 427 -1.66 -50.76 -31.27
N TYR A 428 -2.92 -50.95 -31.67
CA TYR A 428 -3.99 -50.02 -31.33
C TYR A 428 -5.18 -50.81 -30.78
N ARG A 429 -5.89 -50.20 -29.82
CA ARG A 429 -7.01 -50.86 -29.14
C ARG A 429 -8.30 -50.65 -29.94
N LEU A 430 -8.58 -51.59 -30.84
CA LEU A 430 -9.79 -51.47 -31.67
C LEU A 430 -11.07 -51.60 -30.85
N PHE A 431 -11.13 -52.52 -29.90
CA PHE A 431 -12.36 -52.81 -29.17
C PHE A 431 -12.21 -52.45 -27.69
N ARG A 432 -13.14 -51.65 -27.17
CA ARG A 432 -13.19 -51.36 -25.75
C ARG A 432 -14.66 -51.21 -25.36
N LYS A 433 -14.99 -51.62 -24.13
CA LYS A 433 -16.39 -51.60 -23.71
C LYS A 433 -16.96 -50.19 -23.66
N SER A 434 -16.20 -49.22 -23.15
CA SER A 434 -16.71 -47.87 -22.98
C SER A 434 -15.67 -46.86 -23.43
N ASN A 435 -16.12 -45.65 -23.73
CA ASN A 435 -15.21 -44.59 -24.13
C ASN A 435 -14.28 -44.25 -22.96
N LEU A 436 -13.00 -44.07 -23.27
CA LEU A 436 -12.02 -43.75 -22.23
C LEU A 436 -12.24 -42.35 -21.68
N LYS A 437 -12.02 -42.19 -20.38
CA LYS A 437 -12.09 -40.87 -19.77
C LYS A 437 -10.83 -40.10 -20.16
N PRO A 438 -10.86 -38.77 -20.09
CA PRO A 438 -9.69 -38.00 -20.54
C PRO A 438 -8.44 -38.36 -19.77
N PHE A 439 -7.31 -38.47 -20.48
CA PHE A 439 -6.02 -38.80 -19.89
C PHE A 439 -6.06 -40.11 -19.11
N GLU A 440 -6.73 -41.12 -19.65
CA GLU A 440 -6.77 -42.44 -19.03
C GLU A 440 -6.08 -43.45 -19.95
N ARG A 441 -5.21 -44.28 -19.37
CA ARG A 441 -4.44 -45.25 -20.11
C ARG A 441 -4.91 -46.66 -19.76
N ASP A 442 -5.24 -47.45 -20.78
CA ASP A 442 -5.72 -48.82 -20.62
C ASP A 442 -4.73 -49.80 -21.23
N ILE A 443 -4.24 -50.75 -20.43
CA ILE A 443 -3.31 -51.75 -20.91
C ILE A 443 -3.90 -53.16 -20.86
N SER A 444 -5.21 -53.27 -20.65
CA SER A 444 -5.85 -54.57 -20.48
C SER A 444 -5.73 -55.42 -21.74
N THR A 445 -5.41 -56.70 -21.57
CA THR A 445 -5.31 -57.63 -22.68
C THR A 445 -6.42 -58.67 -22.67
N GLU A 446 -7.41 -58.50 -21.80
CA GLU A 446 -8.49 -59.48 -21.67
C GLU A 446 -9.29 -59.56 -22.98
N ILE A 447 -9.65 -60.77 -23.38
CA ILE A 447 -10.33 -60.94 -24.65
C ILE A 447 -11.69 -60.27 -24.61
N TYR A 448 -11.97 -59.44 -25.61
CA TYR A 448 -13.23 -58.73 -25.67
C TYR A 448 -14.37 -59.69 -25.98
N GLN A 449 -15.51 -59.49 -25.33
CA GLN A 449 -16.67 -60.36 -25.52
C GLN A 449 -17.76 -59.61 -26.27
N ALA A 450 -18.14 -60.14 -27.43
CA ALA A 450 -19.20 -59.55 -28.24
C ALA A 450 -20.43 -60.44 -28.31
N GLY A 451 -20.48 -61.51 -27.52
CA GLY A 451 -21.55 -62.47 -27.61
C GLY A 451 -22.09 -62.83 -26.24
N ASN A 452 -23.34 -63.32 -26.23
CA ASN A 452 -23.96 -63.75 -24.99
C ASN A 452 -23.20 -64.94 -24.39
N LYS A 453 -22.74 -65.86 -25.24
CA LYS A 453 -22.03 -67.03 -24.77
C LYS A 453 -20.73 -66.61 -24.08
N PRO A 454 -20.34 -67.29 -23.00
CA PRO A 454 -19.15 -66.86 -22.24
C PRO A 454 -17.88 -66.92 -23.07
N CYS A 455 -17.07 -65.86 -22.97
CA CYS A 455 -15.83 -65.82 -23.73
C CYS A 455 -14.87 -66.91 -23.30
N ASN A 456 -14.76 -67.16 -21.99
CA ASN A 456 -13.90 -68.19 -21.42
C ASN A 456 -12.43 -67.89 -21.65
N GLY A 457 -12.10 -66.63 -21.92
CA GLY A 457 -10.73 -66.26 -22.21
C GLY A 457 -10.20 -66.90 -23.46
N VAL A 458 -11.09 -67.24 -24.40
CA VAL A 458 -10.72 -67.89 -25.65
C VAL A 458 -11.22 -67.02 -26.78
N ALA A 459 -10.38 -66.78 -27.79
CA ALA A 459 -10.73 -65.93 -28.92
C ALA A 459 -11.53 -66.71 -29.96
N GLY A 460 -12.75 -67.08 -29.58
CA GLY A 460 -13.65 -67.80 -30.46
C GLY A 460 -14.54 -66.85 -31.23
N PHE A 461 -15.61 -67.39 -31.79
CA PHE A 461 -16.58 -66.54 -32.46
C PHE A 461 -17.13 -65.56 -31.44
N ASN A 462 -17.17 -64.28 -31.80
CA ASN A 462 -17.64 -63.18 -30.96
C ASN A 462 -16.65 -62.83 -29.85
N CYS A 463 -15.45 -63.39 -29.88
CA CYS A 463 -14.39 -63.04 -28.93
C CYS A 463 -13.15 -62.67 -29.72
N TYR A 464 -12.69 -61.43 -29.56
CA TYR A 464 -11.56 -60.91 -30.31
C TYR A 464 -10.57 -60.22 -29.40
N PHE A 465 -9.29 -60.39 -29.68
CA PHE A 465 -8.27 -59.70 -28.90
C PHE A 465 -8.42 -58.19 -29.11
N PRO A 466 -8.43 -57.38 -28.04
CA PRO A 466 -8.69 -55.94 -28.24
C PRO A 466 -7.64 -55.23 -29.07
N LEU A 467 -6.37 -55.50 -28.82
CA LEU A 467 -5.30 -54.83 -29.55
C LEU A 467 -5.21 -55.38 -30.96
N ARG A 468 -5.00 -54.50 -31.93
CA ARG A 468 -4.89 -54.92 -33.32
C ARG A 468 -3.56 -54.43 -33.88
N SER A 469 -2.89 -55.30 -34.63
CA SER A 469 -1.57 -54.95 -35.16
C SER A 469 -1.67 -53.79 -36.12
N TYR A 470 -0.70 -52.88 -36.04
CA TYR A 470 -0.64 -51.77 -36.98
C TYR A 470 0.51 -52.00 -37.95
N SER A 471 0.23 -51.95 -39.25
CA SER A 471 1.21 -52.24 -40.28
C SER A 471 1.68 -50.95 -40.97
N PHE A 472 3.00 -50.73 -40.99
CA PHE A 472 3.66 -49.60 -41.63
C PHE A 472 4.68 -50.09 -42.64
N ARG A 473 4.56 -49.63 -43.88
CA ARG A 473 5.45 -50.02 -44.95
C ARG A 473 5.81 -48.79 -45.78
N PRO A 474 6.97 -48.82 -46.47
CA PRO A 474 7.31 -47.67 -47.33
C PRO A 474 6.33 -47.47 -48.47
N THR A 475 5.84 -48.57 -49.04
CA THR A 475 4.89 -48.47 -50.15
C THR A 475 3.59 -47.79 -49.73
N TYR A 476 3.24 -47.88 -48.44
CA TYR A 476 1.98 -47.34 -47.98
C TYR A 476 1.92 -45.83 -48.20
N GLY A 477 0.71 -45.33 -48.44
CA GLY A 477 0.52 -43.92 -48.72
C GLY A 477 0.73 -43.05 -47.51
N VAL A 478 0.86 -41.74 -47.76
CA VAL A 478 1.16 -40.79 -46.69
C VAL A 478 0.10 -40.83 -45.60
N GLY A 479 -1.16 -41.02 -45.99
CA GLY A 479 -2.21 -41.10 -44.98
C GLY A 479 -2.00 -42.26 -44.02
N HIS A 480 -1.57 -43.40 -44.56
CA HIS A 480 -1.29 -44.57 -43.74
C HIS A 480 0.12 -44.55 -43.18
N GLN A 481 0.97 -43.65 -43.65
CA GLN A 481 2.35 -43.62 -43.22
C GLN A 481 2.45 -43.28 -41.73
N PRO A 482 3.38 -43.88 -41.00
CA PRO A 482 3.47 -43.63 -39.55
C PRO A 482 3.84 -42.19 -39.23
N TYR A 483 3.18 -41.63 -38.22
CA TYR A 483 3.48 -40.31 -37.73
C TYR A 483 3.78 -40.41 -36.24
N ARG A 484 4.96 -39.92 -35.83
CA ARG A 484 5.31 -39.88 -34.43
C ARG A 484 4.72 -38.61 -33.81
N VAL A 485 3.90 -38.76 -32.78
CA VAL A 485 3.21 -37.63 -32.17
C VAL A 485 3.54 -37.54 -30.68
N VAL A 486 4.03 -36.38 -30.24
CA VAL A 486 4.26 -36.12 -28.82
C VAL A 486 3.43 -34.89 -28.44
N VAL A 487 2.68 -34.98 -27.35
CA VAL A 487 1.81 -33.91 -26.90
C VAL A 487 2.33 -33.33 -25.59
N LEU A 488 2.52 -32.01 -25.56
CA LEU A 488 2.97 -31.33 -24.36
C LEU A 488 1.76 -30.72 -23.67
N SER A 489 1.54 -31.08 -22.42
CA SER A 489 0.45 -30.52 -21.62
C SER A 489 1.03 -29.56 -20.58
N PHE A 490 0.57 -28.32 -20.61
CA PHE A 490 1.09 -27.30 -19.70
C PHE A 490 0.06 -27.03 -18.60
N GLU A 491 0.49 -27.13 -17.35
CA GLU A 491 -0.43 -26.99 -16.23
C GLU A 491 0.17 -26.08 -15.17
N LEU A 492 -0.71 -25.48 -14.36
CA LEU A 492 -0.32 -24.62 -13.25
C LEU A 492 -0.79 -25.21 -11.93
N LEU A 493 0.08 -25.17 -10.93
CA LEU A 493 -0.18 -25.75 -9.61
C LEU A 493 0.07 -24.71 -8.52
N HIS A 494 -0.36 -25.06 -7.30
CA HIS A 494 -0.13 -24.19 -6.16
C HIS A 494 1.37 -23.96 -5.95
N ALA A 495 2.17 -25.00 -6.16
CA ALA A 495 3.61 -24.86 -6.07
C ALA A 495 4.07 -23.89 -7.17
N PRO A 496 5.08 -23.06 -6.89
CA PRO A 496 5.48 -22.04 -7.87
C PRO A 496 5.91 -22.64 -9.20
N ALA A 497 5.54 -21.97 -10.28
CA ALA A 497 5.86 -22.46 -11.62
C ALA A 497 7.37 -22.56 -11.74
N THR A 498 7.85 -23.70 -12.24
CA THR A 498 9.28 -23.97 -12.27
C THR A 498 9.85 -24.21 -13.67
N VAL A 499 9.06 -24.07 -14.72
CA VAL A 499 9.54 -24.20 -16.10
C VAL A 499 9.27 -22.86 -16.79
N CYS A 500 10.35 -22.16 -17.20
CA CYS A 500 10.22 -20.89 -17.88
C CYS A 500 11.33 -20.74 -18.92
N GLY A 501 11.09 -19.85 -19.91
CA GLY A 501 12.03 -19.62 -20.99
C GLY A 501 13.25 -18.78 -20.66
N PRO A 502 14.34 -18.92 -21.41
CA PRO A 502 15.55 -18.15 -21.13
C PRO A 502 15.48 -16.68 -21.54
N LYS A 503 16.28 -15.85 -20.88
CA LYS A 503 16.41 -14.42 -21.19
C LYS A 503 17.35 -14.22 -22.38
N LYS A 504 17.34 -13.01 -22.95
CA LYS A 504 18.17 -12.69 -24.12
C LYS A 504 19.31 -11.76 -23.74
N SER A 505 20.39 -11.78 -24.54
CA SER A 505 21.59 -11.00 -24.28
C SER A 505 22.05 -10.20 -25.51
N THR A 506 22.77 -9.10 -25.26
CA THR A 506 23.28 -8.22 -26.32
C THR A 506 24.78 -7.99 -26.13
N ASN A 507 25.48 -7.71 -27.24
CA ASN A 507 26.92 -7.52 -27.20
C ASN A 507 27.33 -6.28 -26.39
N LEU A 508 28.44 -6.38 -25.67
CA LEU A 508 28.90 -5.31 -24.80
C LEU A 508 29.26 -4.05 -25.59
N VAL A 509 28.83 -2.90 -25.08
CA VAL A 509 29.17 -1.59 -25.67
C VAL A 509 29.79 -0.72 -24.58
N LYS A 510 30.91 -0.08 -24.91
CA LYS A 510 31.63 0.77 -23.96
C LYS A 510 31.88 2.13 -24.59
N ASN A 511 32.09 3.13 -23.74
CA ASN A 511 32.43 4.51 -24.11
C ASN A 511 31.22 5.37 -24.47
N LYS A 512 30.01 4.89 -24.31
CA LYS A 512 28.82 5.69 -24.52
C LYS A 512 27.91 5.44 -23.35
N CYS A 513 27.17 6.47 -22.91
CA CYS A 513 26.25 6.18 -21.82
C CYS A 513 25.22 5.20 -22.39
N VAL A 514 24.94 4.14 -21.65
CA VAL A 514 24.04 3.09 -22.10
C VAL A 514 23.11 2.68 -20.96
N ASN A 515 21.86 2.40 -21.28
CA ASN A 515 20.94 1.88 -20.27
C ASN A 515 21.08 0.35 -20.27
N PHE A 516 21.63 -0.20 -19.20
CA PHE A 516 21.95 -1.61 -19.13
C PHE A 516 21.30 -2.30 -17.94
N ASN A 517 20.78 -3.50 -18.16
CA ASN A 517 20.25 -4.36 -17.11
C ASN A 517 21.13 -5.60 -17.05
N PHE A 518 21.71 -5.87 -15.88
CA PHE A 518 22.56 -7.03 -15.68
C PHE A 518 22.00 -7.86 -14.53
N ASN A 519 21.44 -9.03 -14.83
CA ASN A 519 20.95 -9.97 -13.81
C ASN A 519 19.99 -9.28 -12.84
N GLY A 520 19.09 -8.48 -13.39
CA GLY A 520 18.08 -7.83 -12.58
C GLY A 520 18.50 -6.52 -11.93
N LEU A 521 19.71 -6.04 -12.22
CA LEU A 521 20.19 -4.74 -11.76
C LEU A 521 20.32 -3.85 -12.99
N LYS A 522 19.69 -2.69 -12.96
CA LYS A 522 19.65 -1.80 -14.12
C LYS A 522 20.39 -0.50 -13.81
N GLY A 523 21.27 -0.09 -14.70
CA GLY A 523 21.99 1.17 -14.55
C GLY A 523 22.13 1.89 -15.87
N THR A 524 22.23 3.22 -15.77
CA THR A 524 22.48 4.09 -16.92
C THR A 524 23.85 4.73 -16.77
N GLY A 525 24.78 4.40 -17.67
CA GLY A 525 26.13 4.90 -17.49
C GLY A 525 27.05 4.57 -18.65
N VAL A 526 28.29 5.05 -18.54
CA VAL A 526 29.34 4.80 -19.52
C VAL A 526 30.23 3.69 -19.00
N LEU A 527 30.41 2.63 -19.79
CA LEU A 527 31.20 1.48 -19.36
C LEU A 527 32.66 1.67 -19.73
N THR A 528 33.56 1.46 -18.77
CA THR A 528 34.99 1.60 -18.99
C THR A 528 35.74 0.48 -18.28
N GLU A 529 36.93 0.19 -18.78
CA GLU A 529 37.81 -0.78 -18.13
C GLU A 529 38.23 -0.25 -16.75
N SER A 530 38.36 -1.15 -15.79
CA SER A 530 38.63 -0.77 -14.41
C SER A 530 40.00 -1.20 -13.94
N ASN A 531 40.79 -0.26 -13.42
CA ASN A 531 42.05 -0.63 -12.82
C ASN A 531 41.80 -1.50 -11.59
N LYS A 532 40.78 -1.15 -10.81
CA LYS A 532 40.41 -1.92 -9.63
C LYS A 532 39.98 -3.32 -10.04
N LYS A 533 40.34 -4.31 -9.24
CA LYS A 533 40.06 -5.70 -9.57
C LYS A 533 38.94 -6.23 -8.68
N PHE A 534 37.84 -6.69 -9.29
CA PHE A 534 36.80 -7.31 -8.49
C PHE A 534 37.30 -8.67 -8.01
N LEU A 535 36.81 -9.10 -6.85
CA LEU A 535 37.12 -10.46 -6.45
C LEU A 535 36.30 -11.38 -7.34
N PRO A 536 36.71 -12.64 -7.51
CA PRO A 536 35.99 -13.49 -8.48
C PRO A 536 34.50 -13.66 -8.17
N PHE A 537 34.14 -13.87 -6.92
CA PHE A 537 32.73 -14.02 -6.57
C PHE A 537 31.94 -12.73 -6.80
N GLN A 538 32.55 -11.58 -6.56
CA GLN A 538 31.85 -10.30 -6.59
C GLN A 538 31.20 -10.02 -7.95
N GLN A 539 29.94 -9.58 -7.91
CA GLN A 539 29.18 -9.30 -9.11
C GLN A 539 28.74 -7.85 -9.27
N PHE A 540 28.65 -7.08 -8.18
CA PHE A 540 28.19 -5.70 -8.22
C PHE A 540 29.18 -4.82 -7.48
N GLY A 541 29.25 -3.55 -7.85
CA GLY A 541 30.16 -2.64 -7.18
C GLY A 541 29.48 -1.43 -6.59
N ARG A 542 29.74 -1.12 -5.32
CA ARG A 542 29.19 0.05 -4.67
C ARG A 542 30.32 0.90 -4.09
N ASP A 543 30.26 2.21 -4.31
CA ASP A 543 31.30 3.13 -3.87
C ASP A 543 31.02 3.61 -2.45
N ILE A 544 31.77 4.63 -2.01
CA ILE A 544 31.56 5.19 -0.67
C ILE A 544 30.15 5.74 -0.54
N ALA A 545 29.64 6.38 -1.60
CA ALA A 545 28.29 6.90 -1.62
C ALA A 545 27.26 5.79 -1.54
N ASP A 546 27.63 4.56 -1.93
CA ASP A 546 26.80 3.35 -1.98
C ASP A 546 26.05 3.26 -3.30
N THR A 547 26.35 4.13 -4.25
CA THR A 547 25.78 4.01 -5.57
C THR A 547 26.44 2.84 -6.29
N THR A 548 25.73 2.27 -7.28
CA THR A 548 26.32 1.21 -8.08
C THR A 548 27.20 1.81 -9.17
N ASP A 549 28.52 1.77 -8.97
CA ASP A 549 29.44 2.39 -9.90
C ASP A 549 30.27 1.40 -10.70
N ALA A 550 30.04 0.10 -10.55
CA ALA A 550 30.90 -0.87 -11.23
C ALA A 550 30.17 -2.19 -11.37
N VAL A 551 30.66 -3.01 -12.30
CA VAL A 551 30.14 -4.37 -12.50
C VAL A 551 31.27 -5.23 -13.06
N ARG A 552 31.14 -6.54 -12.87
CA ARG A 552 32.07 -7.51 -13.43
C ARG A 552 31.45 -8.07 -14.69
N ASP A 553 32.25 -8.19 -15.76
CA ASP A 553 31.70 -8.61 -17.03
C ASP A 553 31.44 -10.11 -16.97
N PRO A 554 30.18 -10.54 -17.04
CA PRO A 554 29.92 -11.98 -16.91
C PRO A 554 30.47 -12.76 -18.08
N GLN A 555 30.30 -12.24 -19.29
CA GLN A 555 30.72 -12.93 -20.49
C GLN A 555 32.24 -13.13 -20.53
N THR A 556 33.00 -12.12 -20.14
CA THR A 556 34.46 -12.20 -20.15
C THR A 556 34.98 -11.80 -18.78
N LEU A 557 36.15 -12.34 -18.41
CA LEU A 557 36.72 -12.09 -17.09
C LEU A 557 37.51 -10.76 -17.06
N GLU A 558 36.75 -9.67 -17.08
CA GLU A 558 37.33 -8.33 -17.02
C GLU A 558 36.48 -7.45 -16.09
N ILE A 559 37.11 -6.40 -15.55
CA ILE A 559 36.43 -5.51 -14.59
C ILE A 559 35.98 -4.26 -15.31
N LEU A 560 34.71 -3.89 -15.16
CA LEU A 560 34.13 -2.75 -15.85
C LEU A 560 33.80 -1.60 -14.89
N ASP A 561 34.22 -0.38 -15.23
CA ASP A 561 33.87 0.82 -14.47
C ASP A 561 32.70 1.55 -15.10
N ILE A 562 31.69 1.85 -14.27
CA ILE A 562 30.47 2.50 -14.71
C ILE A 562 30.48 3.93 -14.19
N THR A 563 30.31 4.89 -15.09
CA THR A 563 30.20 6.29 -14.70
C THR A 563 28.84 6.82 -15.14
N PRO A 564 28.07 7.46 -14.28
CA PRO A 564 26.75 7.92 -14.69
C PRO A 564 26.90 8.99 -15.75
N CYS A 565 25.83 9.18 -16.51
CA CYS A 565 25.91 10.11 -17.63
C CYS A 565 26.36 11.47 -17.11
N SER A 566 27.25 12.13 -17.85
CA SER A 566 27.83 13.39 -17.38
C SER A 566 26.74 14.40 -17.07
N PHE A 567 26.81 15.02 -15.88
CA PHE A 567 25.79 15.93 -15.43
C PHE A 567 26.41 17.24 -14.97
N GLY A 568 25.78 18.34 -15.32
CA GLY A 568 26.22 19.65 -14.85
C GLY A 568 25.02 20.56 -14.65
N GLY A 569 25.15 21.46 -13.69
CA GLY A 569 24.11 22.45 -13.52
C GLY A 569 24.37 23.68 -14.36
N VAL A 570 23.69 23.81 -15.49
CA VAL A 570 23.97 24.92 -16.40
C VAL A 570 23.56 26.23 -15.73
N SER A 571 24.43 27.22 -15.80
CA SER A 571 24.17 28.55 -15.27
C SER A 571 24.28 29.55 -16.39
N VAL A 572 23.26 30.39 -16.54
CA VAL A 572 23.19 31.37 -17.62
C VAL A 572 23.54 32.74 -17.06
N ILE A 573 24.60 33.35 -17.59
CA ILE A 573 25.01 34.70 -17.19
C ILE A 573 24.29 35.68 -18.10
N THR A 574 23.43 36.49 -17.54
CA THR A 574 22.63 37.34 -18.39
C THR A 574 22.78 38.82 -18.04
N PRO A 575 23.03 39.68 -19.01
CA PRO A 575 22.93 41.10 -18.74
C PRO A 575 21.45 41.38 -18.63
N GLY A 576 21.07 42.55 -18.11
CA GLY A 576 19.65 42.72 -17.92
C GLY A 576 18.88 42.48 -19.20
N THR A 577 17.74 41.77 -19.11
CA THR A 577 17.00 41.43 -20.32
C THR A 577 16.58 42.67 -21.08
N ASN A 578 16.29 43.76 -20.38
CA ASN A 578 16.01 45.01 -21.06
C ASN A 578 17.20 45.44 -21.90
N THR A 579 18.41 45.29 -21.35
CA THR A 579 19.61 45.67 -22.07
C THR A 579 19.85 44.79 -23.30
N SER A 580 19.75 43.47 -23.14
CA SER A 580 20.06 42.58 -24.25
C SER A 580 19.50 41.19 -24.00
N ASN A 581 19.37 40.43 -25.08
CA ASN A 581 18.97 39.04 -24.99
C ASN A 581 20.15 38.10 -25.12
N GLN A 582 21.36 38.63 -25.28
CA GLN A 582 22.56 37.83 -25.36
C GLN A 582 22.82 37.16 -24.02
N VAL A 583 23.29 35.91 -24.04
CA VAL A 583 23.52 35.17 -22.81
C VAL A 583 24.82 34.39 -22.91
N ALA A 584 25.43 34.13 -21.75
CA ALA A 584 26.63 33.32 -21.64
C ALA A 584 26.32 32.14 -20.75
N VAL A 585 26.73 30.95 -21.15
CA VAL A 585 26.40 29.72 -20.44
C VAL A 585 27.64 29.16 -19.76
N LEU A 586 27.53 28.86 -18.48
CA LEU A 586 28.62 28.27 -17.71
C LEU A 586 28.24 26.85 -17.33
N TYR A 587 29.09 25.88 -17.67
CA TYR A 587 28.87 24.49 -17.29
C TYR A 587 29.78 24.17 -16.12
N GLN A 588 29.20 23.81 -14.98
CA GLN A 588 29.99 23.62 -13.78
C GLN A 588 30.68 22.27 -13.75
N GLY A 589 31.99 22.27 -13.51
CA GLY A 589 32.74 21.04 -13.35
C GLY A 589 32.98 20.25 -14.61
N VAL A 590 32.81 20.86 -15.78
CA VAL A 590 32.93 20.17 -17.05
C VAL A 590 34.05 20.82 -17.86
N ASN A 591 34.96 20.00 -18.37
CA ASN A 591 36.02 20.49 -19.23
C ASN A 591 35.41 20.93 -20.55
N CYS A 592 36.00 21.96 -21.17
CA CYS A 592 35.44 22.50 -22.40
C CYS A 592 35.40 21.48 -23.52
N THR A 593 36.44 20.67 -23.64
CA THR A 593 36.47 19.62 -24.66
C THR A 593 35.37 18.60 -24.43
N GLU A 594 35.08 18.29 -23.16
CA GLU A 594 34.13 17.24 -22.84
C GLU A 594 32.72 17.52 -23.37
N VAL A 595 32.27 18.76 -23.31
CA VAL A 595 30.89 19.04 -23.70
C VAL A 595 30.80 19.40 -25.17
N ASN A 616 34.62 31.53 -28.71
CA ASN A 616 34.14 32.08 -27.46
C ASN A 616 34.05 31.02 -26.37
N VAL A 617 35.15 30.31 -26.15
CA VAL A 617 35.21 29.24 -25.17
C VAL A 617 36.37 29.52 -24.23
N PHE A 618 36.10 29.53 -22.93
CA PHE A 618 37.12 29.76 -21.92
C PHE A 618 36.96 28.71 -20.84
N GLN A 619 38.08 28.25 -20.30
CA GLN A 619 38.08 27.30 -19.20
C GLN A 619 38.42 27.99 -17.90
N THR A 620 37.55 27.84 -16.89
CA THR A 620 37.74 28.42 -15.57
C THR A 620 37.63 27.31 -14.54
N ARG A 621 38.10 27.59 -13.33
CA ARG A 621 38.06 26.56 -12.30
C ARG A 621 36.61 26.16 -12.04
N ALA A 622 35.70 27.12 -12.11
CA ALA A 622 34.28 26.82 -11.95
C ALA A 622 33.80 25.89 -13.06
N GLY A 623 34.21 26.15 -14.29
CA GLY A 623 33.85 25.30 -15.41
C GLY A 623 34.01 26.03 -16.73
N CYS A 624 33.52 25.40 -17.79
CA CYS A 624 33.59 25.98 -19.12
C CYS A 624 32.61 27.14 -19.26
N LEU A 625 33.05 28.22 -19.90
CA LEU A 625 32.20 29.36 -20.19
C LEU A 625 32.12 29.59 -21.69
N ILE A 626 30.91 29.63 -22.22
CA ILE A 626 30.68 29.81 -23.66
C ILE A 626 29.81 31.03 -23.87
N GLY A 627 30.12 31.81 -24.90
CA GLY A 627 29.39 33.01 -25.20
C GLY A 627 29.97 34.28 -24.61
N ALA A 628 31.05 34.18 -23.85
CA ALA A 628 31.75 35.33 -23.29
C ALA A 628 33.21 35.24 -23.71
N GLU A 629 33.76 36.37 -24.16
CA GLU A 629 35.14 36.41 -24.64
C GLU A 629 36.05 36.92 -23.54
N TYR A 630 37.06 36.12 -23.19
CA TYR A 630 37.97 36.50 -22.13
C TYR A 630 38.79 37.71 -22.55
N VAL A 631 38.92 38.68 -21.65
CA VAL A 631 39.68 39.89 -21.89
C VAL A 631 40.76 40.01 -20.83
N ASN A 632 42.00 40.28 -21.25
CA ASN A 632 43.09 40.40 -20.29
C ASN A 632 42.88 41.56 -19.33
N ASN A 633 42.34 42.66 -19.82
CA ASN A 633 42.15 43.84 -18.97
C ASN A 633 41.19 43.51 -17.83
N SER A 634 41.47 44.06 -16.65
CA SER A 634 40.72 43.77 -15.43
C SER A 634 39.87 44.95 -15.00
N TYR A 635 38.63 44.67 -14.59
CA TYR A 635 37.67 45.67 -14.16
C TYR A 635 37.02 45.20 -12.86
N GLU A 636 36.32 46.11 -12.20
CA GLU A 636 35.58 45.75 -11.00
C GLU A 636 34.48 44.75 -11.37
N CYS A 637 34.24 43.80 -10.47
CA CYS A 637 33.30 42.72 -10.78
C CYS A 637 31.88 43.24 -10.99
N ASP A 638 31.23 42.75 -12.04
CA ASP A 638 29.83 43.06 -12.31
C ASP A 638 28.94 41.85 -12.05
N ILE A 639 29.25 40.70 -12.64
CA ILE A 639 28.52 39.46 -12.39
C ILE A 639 29.56 38.44 -11.97
N PRO A 640 29.41 37.77 -10.83
CA PRO A 640 30.46 36.85 -10.37
C PRO A 640 30.34 35.42 -10.87
N ILE A 641 31.12 35.06 -11.89
CA ILE A 641 31.16 33.68 -12.36
C ILE A 641 31.79 32.77 -11.32
N GLY A 642 32.85 33.24 -10.68
CA GLY A 642 33.55 32.50 -9.65
C GLY A 642 35.00 32.27 -10.01
N ALA A 643 35.77 31.88 -9.00
CA ALA A 643 37.20 31.59 -9.15
C ALA A 643 37.97 32.79 -9.69
N GLY A 644 37.56 33.98 -9.26
CA GLY A 644 38.24 35.19 -9.68
C GLY A 644 37.84 35.72 -11.03
N ILE A 645 36.84 35.11 -11.67
CA ILE A 645 36.41 35.48 -13.02
C ILE A 645 35.05 36.14 -12.92
N CYS A 646 34.91 37.31 -13.54
CA CYS A 646 33.67 38.08 -13.52
C CYS A 646 33.29 38.46 -14.94
N ALA A 647 31.99 38.70 -15.16
CA ALA A 647 31.49 39.02 -16.48
C ALA A 647 30.72 40.33 -16.50
N SER A 648 30.82 41.05 -17.60
CA SER A 648 30.13 42.32 -17.78
C SER A 648 29.71 42.49 -19.23
N TYR A 649 28.77 43.39 -19.47
CA TYR A 649 28.31 43.73 -20.81
C TYR A 649 29.07 44.95 -21.31
N GLN A 650 29.91 44.76 -22.32
CA GLN A 650 30.64 45.87 -22.91
C GLN A 650 30.14 46.17 -24.32
N SER A 666 28.51 43.35 -25.99
CA SER A 666 29.00 41.97 -25.91
C SER A 666 29.09 41.53 -24.45
N ILE A 667 29.49 40.28 -24.21
CA ILE A 667 29.71 39.77 -22.86
C ILE A 667 31.17 39.36 -22.75
N ILE A 668 31.84 39.84 -21.71
CA ILE A 668 33.27 39.62 -21.53
C ILE A 668 33.53 39.02 -20.16
N ALA A 669 34.48 38.11 -20.08
CA ALA A 669 34.92 37.50 -18.83
C ALA A 669 36.32 38.00 -18.51
N TYR A 670 36.52 38.50 -17.30
CA TYR A 670 37.79 39.08 -16.91
C TYR A 670 38.13 38.69 -15.48
N THR A 671 39.42 38.66 -15.16
CA THR A 671 39.82 38.46 -13.78
C THR A 671 39.59 39.76 -13.05
N MET A 672 38.87 39.72 -11.93
CA MET A 672 38.52 40.94 -11.25
C MET A 672 39.76 41.64 -10.71
N SER A 673 39.75 42.96 -10.75
CA SER A 673 40.85 43.76 -10.21
C SER A 673 40.49 44.13 -8.78
N LEU A 674 41.33 43.70 -7.84
CA LEU A 674 41.03 43.96 -6.44
C LEU A 674 41.05 45.46 -6.16
N GLY A 675 42.07 46.15 -6.67
CA GLY A 675 42.17 47.59 -6.53
C GLY A 675 43.28 48.09 -7.44
N ALA A 676 43.31 49.40 -7.63
CA ALA A 676 44.43 49.99 -8.35
C ALA A 676 45.68 49.92 -7.49
N GLU A 677 46.78 49.46 -8.08
CA GLU A 677 48.00 49.29 -7.29
C GLU A 677 48.58 50.63 -6.89
N ASN A 678 49.00 50.72 -5.63
CA ASN A 678 49.62 51.93 -5.10
C ASN A 678 50.88 51.52 -4.35
N SER A 679 51.90 52.36 -4.37
CA SER A 679 53.12 52.10 -3.62
C SER A 679 53.24 53.09 -2.47
N VAL A 680 53.26 52.57 -1.24
CA VAL A 680 53.45 53.42 -0.08
C VAL A 680 54.91 53.84 0.01
N ALA A 681 55.16 55.01 0.58
CA ALA A 681 56.52 55.51 0.76
C ALA A 681 56.89 55.42 2.23
N TYR A 682 58.00 54.75 2.54
CA TYR A 682 58.48 54.66 3.90
C TYR A 682 59.88 55.23 4.00
N SER A 683 60.07 56.16 4.94
CA SER A 683 61.39 56.68 5.26
C SER A 683 61.45 56.82 6.76
N ASN A 684 62.61 56.53 7.35
CA ASN A 684 62.73 56.66 8.79
C ASN A 684 62.58 58.10 9.26
N ASN A 685 62.97 59.07 8.46
CA ASN A 685 62.93 60.47 8.88
C ASN A 685 61.80 61.28 8.24
N SER A 686 60.81 60.66 7.61
CA SER A 686 59.77 61.40 6.90
C SER A 686 58.38 61.07 7.44
N ILE A 687 57.56 62.11 7.64
CA ILE A 687 56.19 61.96 8.11
C ILE A 687 55.27 62.81 7.24
N ALA A 688 54.01 62.39 7.12
CA ALA A 688 53.00 63.13 6.38
C ALA A 688 51.95 63.65 7.35
N ILE A 689 51.75 64.97 7.38
CA ILE A 689 50.79 65.62 8.27
C ILE A 689 49.73 66.30 7.42
N PRO A 690 48.45 66.01 7.66
CA PRO A 690 47.36 66.64 6.88
C PRO A 690 47.30 68.14 7.11
N THR A 691 47.21 68.89 6.01
CA THR A 691 47.16 70.34 6.14
C THR A 691 45.75 70.89 5.93
N ASN A 692 44.78 70.04 5.61
CA ASN A 692 43.40 70.47 5.38
C ASN A 692 42.48 69.36 5.88
N PHE A 693 41.20 69.66 6.06
CA PHE A 693 40.23 68.69 6.54
C PHE A 693 39.00 68.68 5.64
N THR A 694 38.35 67.52 5.56
CA THR A 694 37.09 67.39 4.83
C THR A 694 36.03 66.79 5.76
N ILE A 695 34.87 67.42 5.84
CA ILE A 695 33.75 66.89 6.61
C ILE A 695 32.90 66.02 5.70
N SER A 696 32.70 64.76 6.06
CA SER A 696 32.00 63.81 5.22
C SER A 696 30.80 63.22 5.95
N VAL A 697 29.64 63.19 5.29
CA VAL A 697 28.45 62.55 5.82
C VAL A 697 28.20 61.26 5.06
N THR A 698 28.09 60.15 5.77
CA THR A 698 27.91 58.82 5.18
C THR A 698 26.66 58.17 5.76
N THR A 699 25.92 57.46 4.91
CA THR A 699 24.65 56.86 5.31
C THR A 699 24.82 55.37 5.58
N GLU A 700 24.39 54.92 6.75
CA GLU A 700 24.36 53.50 7.09
C GLU A 700 22.90 53.08 7.31
N ILE A 701 22.45 52.08 6.55
CA ILE A 701 21.07 51.62 6.60
C ILE A 701 21.05 50.26 7.28
N LEU A 702 20.32 50.15 8.39
CA LEU A 702 20.20 48.90 9.11
C LEU A 702 18.74 48.49 9.29
N PRO A 703 18.36 47.28 8.90
CA PRO A 703 17.00 46.82 9.18
C PRO A 703 16.77 46.61 10.66
N VAL A 704 15.61 47.06 11.14
CA VAL A 704 15.29 46.94 12.56
C VAL A 704 14.11 46.02 12.82
N SER A 705 13.13 46.01 11.92
CA SER A 705 11.90 45.24 12.13
C SER A 705 11.52 44.50 10.87
N MET A 706 10.69 43.48 11.05
CA MET A 706 10.21 42.62 9.99
C MET A 706 8.71 42.54 10.06
N THR A 707 8.08 42.23 8.93
CA THR A 707 6.62 42.18 8.89
C THR A 707 6.09 41.12 9.83
N LYS A 708 5.04 41.47 10.58
CA LYS A 708 4.43 40.55 11.53
C LYS A 708 3.32 39.79 10.85
N THR A 709 3.36 38.47 10.91
CA THR A 709 2.40 37.64 10.19
C THR A 709 1.73 36.65 11.12
N SER A 710 0.44 36.42 10.90
CA SER A 710 -0.35 35.44 11.62
C SER A 710 -0.96 34.48 10.62
N VAL A 711 -0.87 33.18 10.90
CA VAL A 711 -1.39 32.15 10.01
C VAL A 711 -2.51 31.40 10.70
N ASP A 712 -3.66 31.27 10.03
CA ASP A 712 -4.76 30.46 10.53
C ASP A 712 -4.49 29.03 10.06
N CYS A 713 -4.19 28.14 11.01
CA CYS A 713 -3.82 26.78 10.65
C CYS A 713 -4.97 26.06 9.96
N THR A 714 -6.17 26.18 10.50
CA THR A 714 -7.32 25.46 9.96
C THR A 714 -7.66 25.96 8.56
N MET A 715 -7.64 27.26 8.35
CA MET A 715 -8.02 27.80 7.05
C MET A 715 -7.04 27.34 5.98
N TYR A 716 -5.74 27.41 6.28
CA TYR A 716 -4.74 27.05 5.29
C TYR A 716 -4.81 25.57 4.98
N ILE A 717 -4.80 24.73 6.01
CA ILE A 717 -4.76 23.29 5.77
C ILE A 717 -6.09 22.76 5.25
N CYS A 718 -7.20 23.18 5.82
CA CYS A 718 -8.49 22.58 5.53
C CYS A 718 -9.50 23.48 4.82
N GLY A 719 -9.16 24.71 4.48
CA GLY A 719 -10.09 25.53 3.73
C GLY A 719 -11.44 25.64 4.43
N ASP A 720 -12.51 25.37 3.70
CA ASP A 720 -13.86 25.46 4.23
C ASP A 720 -14.44 24.10 4.62
N SER A 721 -13.64 23.03 4.56
CA SER A 721 -14.15 21.69 4.81
C SER A 721 -14.15 21.38 6.30
N THR A 722 -15.34 21.14 6.85
CA THR A 722 -15.47 20.77 8.26
C THR A 722 -14.83 19.42 8.55
N GLU A 723 -14.96 18.47 7.61
CA GLU A 723 -14.44 17.14 7.84
C GLU A 723 -12.93 17.18 8.03
N CYS A 724 -12.25 17.98 7.22
CA CYS A 724 -10.81 18.11 7.39
C CYS A 724 -10.50 18.68 8.76
N SER A 725 -11.31 19.64 9.23
CA SER A 725 -11.00 20.25 10.51
C SER A 725 -11.05 19.20 11.61
N ASN A 726 -12.05 18.33 11.54
CA ASN A 726 -12.15 17.28 12.54
C ASN A 726 -10.94 16.36 12.47
N LEU A 727 -10.52 16.00 11.26
CA LEU A 727 -9.35 15.16 11.10
C LEU A 727 -8.10 15.87 11.65
N LEU A 728 -8.03 17.17 11.43
CA LEU A 728 -6.88 17.97 11.86
C LEU A 728 -6.72 17.93 13.37
N LEU A 729 -7.84 17.94 14.09
CA LEU A 729 -7.74 17.96 15.55
C LEU A 729 -6.98 16.75 16.06
N GLN A 730 -7.23 15.60 15.45
CA GLN A 730 -6.54 14.36 15.82
C GLN A 730 -5.05 14.43 15.54
N TYR A 731 -4.65 15.13 14.48
CA TYR A 731 -3.26 15.10 14.04
C TYR A 731 -2.29 15.59 15.12
N GLY A 732 -2.61 16.66 15.82
CA GLY A 732 -1.69 17.04 16.90
C GLY A 732 -1.93 18.47 17.35
N SER A 733 -0.94 18.98 18.07
CA SER A 733 -0.94 20.34 18.60
C SER A 733 -0.06 21.26 17.79
N PHE A 734 0.26 20.88 16.54
CA PHE A 734 1.17 21.65 15.71
C PHE A 734 0.66 23.07 15.50
N CYS A 735 -0.65 23.22 15.31
CA CYS A 735 -1.20 24.54 15.03
C CYS A 735 -0.97 25.50 16.20
N THR A 736 -1.16 25.03 17.42
CA THR A 736 -0.93 25.88 18.59
C THR A 736 0.54 26.27 18.71
N GLN A 737 1.44 25.32 18.46
CA GLN A 737 2.86 25.61 18.53
C GLN A 737 3.23 26.65 17.48
N LEU A 738 2.66 26.52 16.29
CA LEU A 738 2.92 27.46 15.21
C LEU A 738 2.43 28.84 15.56
N LYS A 739 1.23 28.92 16.16
CA LYS A 739 0.68 30.22 16.53
C LYS A 739 1.58 30.86 17.57
N ARG A 740 2.06 30.07 18.52
CA ARG A 740 2.93 30.58 19.58
C ARG A 740 4.22 31.13 18.99
N ALA A 741 4.82 30.39 18.04
CA ALA A 741 6.08 30.82 17.45
C ALA A 741 5.91 32.13 16.70
N LEU A 742 4.84 32.23 15.91
CA LEU A 742 4.62 33.45 15.14
C LEU A 742 4.36 34.63 16.08
N THR A 743 3.62 34.40 17.16
CA THR A 743 3.34 35.48 18.10
C THR A 743 4.64 35.96 18.74
N GLY A 744 5.54 35.03 19.04
CA GLY A 744 6.82 35.42 19.61
C GLY A 744 7.60 36.30 18.65
N ILE A 745 7.56 35.97 17.36
CA ILE A 745 8.23 36.83 16.39
C ILE A 745 7.62 38.22 16.40
N ALA A 746 6.28 38.31 16.47
CA ALA A 746 5.62 39.61 16.43
C ALA A 746 5.99 40.49 17.63
N VAL A 747 5.97 39.90 18.82
CA VAL A 747 6.32 40.68 20.00
C VAL A 747 7.79 41.09 19.92
N GLU A 748 8.63 40.21 19.38
CA GLU A 748 10.04 40.55 19.23
C GLU A 748 10.20 41.75 18.32
N GLN A 749 9.41 41.82 17.24
CA GLN A 749 9.56 42.93 16.31
C GLN A 749 9.22 44.25 17.00
N ASP A 750 8.17 44.23 17.81
CA ASP A 750 7.84 45.44 18.57
C ASP A 750 8.96 45.80 19.53
N LYS A 751 9.55 44.80 20.16
CA LYS A 751 10.66 45.04 21.09
C LYS A 751 11.85 45.65 20.35
N ASN A 752 12.12 45.17 19.14
CA ASN A 752 13.27 45.67 18.39
C ASN A 752 13.10 47.15 18.10
N THR A 753 11.89 47.54 17.69
CA THR A 753 11.65 48.96 17.43
C THR A 753 11.79 49.77 18.71
N GLN A 754 11.26 49.25 19.82
CA GLN A 754 11.32 50.01 21.06
C GLN A 754 12.77 50.22 21.48
N GLU A 755 13.59 49.18 21.35
CA GLU A 755 14.98 49.28 21.76
C GLU A 755 15.73 50.30 20.93
N VAL A 756 15.53 50.28 19.61
CA VAL A 756 16.27 51.22 18.76
C VAL A 756 15.79 52.65 18.94
N PHE A 757 14.47 52.89 18.98
CA PHE A 757 13.99 54.26 18.97
C PHE A 757 13.54 54.81 20.32
N ALA A 758 12.87 54.02 21.15
CA ALA A 758 12.33 54.55 22.40
C ALA A 758 13.38 54.56 23.50
N GLN A 759 14.45 55.32 23.26
CA GLN A 759 15.51 55.51 24.22
C GLN A 759 15.42 56.85 24.94
N VAL A 760 14.40 57.64 24.64
CA VAL A 760 14.24 58.99 25.18
C VAL A 760 13.10 58.98 26.18
N LYS A 761 13.38 59.43 27.39
CA LYS A 761 12.33 59.50 28.41
C LYS A 761 11.26 60.51 28.01
N GLN A 762 11.66 61.64 27.43
CA GLN A 762 10.75 62.71 27.08
C GLN A 762 10.94 63.05 25.61
N ILE A 763 9.89 63.59 24.98
CA ILE A 763 9.97 63.99 23.60
C ILE A 763 10.52 65.41 23.55
N TYR A 764 11.82 65.52 23.29
CA TYR A 764 12.44 66.84 23.22
C TYR A 764 12.06 67.50 21.91
N LYS A 765 11.80 68.79 21.97
CA LYS A 765 11.39 69.55 20.81
C LYS A 765 12.42 70.63 20.49
N THR A 766 12.80 70.74 19.22
CA THR A 766 13.82 71.68 18.80
C THR A 766 13.40 73.13 19.02
N PRO A 767 14.34 74.03 19.31
CA PRO A 767 13.97 75.40 19.60
C PRO A 767 13.38 76.09 18.38
N PRO A 768 12.49 77.06 18.59
CA PRO A 768 11.83 77.71 17.45
C PRO A 768 12.76 78.42 16.48
N ILE A 769 13.79 79.11 16.97
CA ILE A 769 14.77 79.76 16.11
C ILE A 769 15.86 78.77 15.79
N LYS A 770 15.93 78.34 14.53
CA LYS A 770 16.91 77.35 14.09
C LYS A 770 18.20 77.99 13.59
N TYR A 771 18.97 78.58 14.51
CA TYR A 771 20.29 79.07 14.16
C TYR A 771 21.32 78.29 14.98
N PHE A 772 22.22 77.58 14.29
CA PHE A 772 23.22 76.74 14.96
C PHE A 772 24.61 76.98 14.34
N GLY A 773 25.12 78.20 14.48
CA GLY A 773 26.46 78.49 14.00
C GLY A 773 26.63 78.26 12.52
N GLY A 774 25.57 78.47 11.74
CA GLY A 774 25.63 78.32 10.32
C GLY A 774 25.44 76.91 9.83
N PHE A 775 25.22 75.96 10.72
CA PHE A 775 24.94 74.59 10.33
C PHE A 775 23.46 74.49 10.05
N ASN A 776 23.11 74.02 8.88
CA ASN A 776 21.72 73.93 8.47
C ASN A 776 21.27 72.48 8.62
N PHE A 777 20.27 72.26 9.48
CA PHE A 777 19.77 70.94 9.76
C PHE A 777 18.39 70.74 9.18
N SER A 778 18.01 71.55 8.20
CA SER A 778 16.65 71.53 7.68
C SER A 778 16.30 70.15 7.13
N GLN A 779 17.23 69.53 6.41
CA GLN A 779 16.94 68.24 5.80
C GLN A 779 16.69 67.17 6.85
N ILE A 780 17.52 67.12 7.89
CA ILE A 780 17.33 66.13 8.95
C ILE A 780 16.15 66.48 9.85
N LEU A 781 15.92 67.76 10.14
CA LEU A 781 14.87 68.15 11.08
C LEU A 781 13.47 68.05 10.47
N PRO A 782 12.44 67.90 11.31
CA PRO A 782 11.07 67.75 10.82
C PRO A 782 10.55 68.95 10.06
N ASP A 783 9.71 68.68 9.05
CA ASP A 783 9.13 69.73 8.23
C ASP A 783 7.69 69.97 8.65
N PRO A 784 7.35 71.18 9.09
CA PRO A 784 5.96 71.45 9.52
C PRO A 784 4.91 71.31 8.42
N SER A 785 5.23 71.70 7.20
CA SER A 785 4.24 71.69 6.12
C SER A 785 3.69 70.29 5.86
N LYS A 786 4.55 69.28 5.89
CA LYS A 786 4.11 67.93 5.62
C LYS A 786 3.14 67.46 6.70
N PRO A 787 2.05 66.79 6.34
CA PRO A 787 1.16 66.21 7.36
C PRO A 787 1.85 65.17 8.21
N SER A 788 2.70 64.35 7.58
CA SER A 788 3.44 63.31 8.28
C SER A 788 4.37 63.90 9.34
N LYS A 789 4.95 65.07 9.05
CA LYS A 789 5.91 65.78 9.89
C LYS A 789 7.28 65.15 9.75
N ARG A 790 7.48 64.30 8.75
CA ARG A 790 8.76 63.68 8.50
C ARG A 790 9.73 64.69 7.88
N SER A 791 11.02 64.43 8.07
CA SER A 791 12.05 65.27 7.50
C SER A 791 12.11 65.04 5.99
N PRO A 792 12.68 65.98 5.24
CA PRO A 792 12.81 65.75 3.79
C PRO A 792 13.56 64.47 3.43
N ILE A 793 14.65 64.17 4.14
CA ILE A 793 15.36 62.92 3.89
C ILE A 793 14.46 61.73 4.23
N GLU A 794 13.75 61.82 5.35
CA GLU A 794 12.87 60.73 5.74
C GLU A 794 11.76 60.52 4.71
N ASP A 795 11.24 61.62 4.17
CA ASP A 795 10.21 61.49 3.13
C ASP A 795 10.75 60.77 1.92
N LEU A 796 12.00 61.09 1.53
CA LEU A 796 12.60 60.40 0.41
C LEU A 796 12.73 58.91 0.70
N LEU A 797 13.15 58.57 1.91
CA LEU A 797 13.30 57.16 2.26
C LEU A 797 11.94 56.46 2.19
N PHE A 798 10.90 57.13 2.67
CA PHE A 798 9.57 56.53 2.69
C PHE A 798 9.11 56.22 1.28
N ASN A 799 9.32 57.16 0.36
CA ASN A 799 8.94 56.93 -1.03
C ASN A 799 9.75 55.79 -1.66
N LYS A 800 11.05 55.74 -1.40
CA LYS A 800 11.90 54.74 -2.06
C LYS A 800 11.53 53.31 -1.66
N VAL A 801 11.24 53.06 -0.39
CA VAL A 801 10.97 51.70 0.08
C VAL A 801 9.47 51.44 0.00
N THR A 802 9.10 50.41 -0.76
CA THR A 802 7.69 50.08 -0.98
C THR A 802 7.44 48.59 -0.84
N LYS A 831 -6.73 32.90 2.55
CA LYS A 831 -5.95 31.69 2.63
C LYS A 831 -5.42 31.54 4.05
N GLY A 832 -5.86 32.45 4.91
CA GLY A 832 -5.51 32.43 6.31
C GLY A 832 -4.22 33.14 6.65
N LEU A 833 -3.56 33.73 5.67
CA LEU A 833 -2.28 34.39 5.87
C LEU A 833 -2.53 35.88 6.01
N THR A 834 -2.17 36.45 7.15
CA THR A 834 -2.47 37.85 7.44
C THR A 834 -1.24 38.57 8.00
N VAL A 835 -1.24 39.89 7.85
CA VAL A 835 -0.19 40.76 8.36
C VAL A 835 -0.75 41.58 9.50
N LEU A 836 -0.05 41.63 10.63
CA LEU A 836 -0.50 42.34 11.83
C LEU A 836 0.17 43.71 11.90
N PRO A 837 -0.58 44.78 12.16
CA PRO A 837 0.00 46.13 12.20
C PRO A 837 1.00 46.32 13.32
N PRO A 838 2.08 47.05 13.05
CA PRO A 838 3.06 47.36 14.10
C PRO A 838 2.48 48.29 15.16
N LEU A 839 2.94 48.09 16.41
CA LEU A 839 2.42 48.90 17.51
C LEU A 839 2.74 50.37 17.33
N LEU A 840 3.95 50.70 16.92
CA LEU A 840 4.37 52.08 16.77
C LEU A 840 4.16 52.50 15.32
N THR A 841 3.33 53.51 15.10
CA THR A 841 3.09 54.00 13.75
C THR A 841 4.31 54.75 13.27
N ASP A 842 4.40 54.91 11.95
CA ASP A 842 5.58 55.57 11.38
C ASP A 842 5.73 56.98 11.89
N GLU A 843 4.61 57.70 12.07
CA GLU A 843 4.66 59.03 12.64
C GLU A 843 5.21 59.01 14.07
N MET A 844 4.85 58.01 14.87
CA MET A 844 5.39 57.90 16.21
C MET A 844 6.90 57.66 16.18
N ILE A 845 7.37 56.80 15.27
CA ILE A 845 8.79 56.55 15.15
C ILE A 845 9.50 57.84 14.74
N ALA A 846 8.88 58.59 13.83
CA ALA A 846 9.46 59.85 13.41
C ALA A 846 9.55 60.83 14.57
N GLN A 847 8.53 60.84 15.43
CA GLN A 847 8.55 61.72 16.59
C GLN A 847 9.68 61.35 17.54
N TYR A 848 9.91 60.05 17.74
CA TYR A 848 11.03 59.62 18.57
C TYR A 848 12.36 60.05 17.95
N THR A 849 12.47 59.91 16.63
CA THR A 849 13.68 60.31 15.94
C THR A 849 13.91 61.81 16.10
N SER A 850 12.84 62.59 16.00
CA SER A 850 12.94 64.04 16.17
C SER A 850 13.44 64.36 17.57
N ALA A 851 12.97 63.62 18.56
CA ALA A 851 13.42 63.86 19.93
C ALA A 851 14.92 63.64 20.04
N LEU A 852 15.41 62.57 19.41
CA LEU A 852 16.85 62.31 19.43
C LEU A 852 17.62 63.42 18.73
N LEU A 853 17.13 63.90 17.57
CA LEU A 853 17.84 64.95 16.86
C LEU A 853 17.88 66.23 17.69
N ALA A 854 16.75 66.59 18.30
CA ALA A 854 16.69 67.81 19.09
C ALA A 854 17.66 67.72 20.25
N GLY A 855 17.69 66.56 20.91
CA GLY A 855 18.63 66.39 22.00
C GLY A 855 20.07 66.49 21.52
N THR A 856 20.38 65.88 20.38
CA THR A 856 21.75 65.88 19.91
C THR A 856 22.22 67.29 19.60
N ILE A 857 21.40 68.06 18.89
CA ILE A 857 21.82 69.40 18.47
C ILE A 857 21.91 70.34 19.68
N THR A 858 20.86 70.37 20.50
CA THR A 858 20.85 71.30 21.63
C THR A 858 21.73 70.86 22.79
N SER A 859 21.71 69.58 23.17
CA SER A 859 22.38 69.09 24.37
C SER A 859 23.61 68.24 24.09
N GLY A 860 24.03 68.12 22.84
CA GLY A 860 25.17 67.26 22.52
C GLY A 860 24.96 65.83 22.92
N TRP A 861 25.93 65.25 23.61
CA TRP A 861 25.84 63.85 24.01
C TRP A 861 25.35 63.68 25.44
N THR A 862 25.00 64.78 26.11
CA THR A 862 24.60 64.69 27.50
C THR A 862 23.36 63.84 27.69
N PHE A 863 22.41 63.95 26.76
CA PHE A 863 21.13 63.24 26.93
C PHE A 863 21.37 61.75 26.98
N GLY A 864 22.35 61.26 26.21
CA GLY A 864 22.71 59.85 26.25
C GLY A 864 23.25 59.41 27.60
N ALA A 865 24.04 60.26 28.26
CA ALA A 865 24.68 59.89 29.51
C ALA A 865 23.97 60.45 30.73
N GLY A 866 22.80 61.04 30.57
CA GLY A 866 22.09 61.65 31.66
C GLY A 866 21.01 62.60 31.18
N PRO A 867 20.54 63.49 32.05
CA PRO A 867 19.55 64.48 31.62
C PRO A 867 20.15 65.44 30.62
N ALA A 868 19.31 65.95 29.71
CA ALA A 868 19.82 66.82 28.67
C ALA A 868 20.40 68.09 29.25
N LEU A 869 21.61 68.44 28.84
CA LEU A 869 22.28 69.65 29.30
C LEU A 869 22.59 70.56 28.11
N GLN A 870 22.13 71.81 28.17
CA GLN A 870 22.27 72.70 27.04
C GLN A 870 23.73 73.04 26.76
N ILE A 871 24.09 73.05 25.48
CA ILE A 871 25.43 73.46 25.06
C ILE A 871 25.28 74.10 23.68
N PRO A 872 26.00 75.19 23.37
CA PRO A 872 25.94 75.73 22.02
C PRO A 872 26.52 74.73 21.03
N PHE A 873 25.93 74.65 19.84
CA PHE A 873 26.37 73.65 18.88
C PHE A 873 27.82 73.83 18.44
N PRO A 874 28.33 75.03 18.18
CA PRO A 874 29.76 75.16 17.84
C PRO A 874 30.65 74.62 18.94
N MET A 875 30.31 74.90 20.20
CA MET A 875 31.10 74.38 21.31
C MET A 875 31.06 72.86 21.34
N GLN A 876 29.89 72.27 21.05
CA GLN A 876 29.79 70.82 21.01
C GLN A 876 30.70 70.26 19.93
N MET A 877 30.71 70.92 18.78
CA MET A 877 31.57 70.47 17.69
C MET A 877 33.04 70.57 18.09
N ALA A 878 33.40 71.61 18.83
CA ALA A 878 34.79 71.78 19.27
C ALA A 878 35.19 70.64 20.21
N TYR A 879 34.28 70.26 21.10
CA TYR A 879 34.55 69.13 21.99
C TYR A 879 34.72 67.85 21.19
N ARG A 880 33.89 67.65 20.17
CA ARG A 880 34.04 66.45 19.34
C ARG A 880 35.38 66.48 18.61
N PHE A 881 35.81 67.66 18.17
CA PHE A 881 37.11 67.77 17.52
C PHE A 881 38.21 67.37 18.48
N ASN A 882 38.10 67.78 19.74
CA ASN A 882 39.10 67.37 20.71
C ASN A 882 39.12 65.86 20.84
N GLY A 883 37.95 65.25 20.78
CA GLY A 883 37.88 63.80 20.87
C GLY A 883 38.63 63.12 19.75
N ILE A 884 38.52 63.66 18.54
CA ILE A 884 39.25 63.08 17.41
C ILE A 884 40.73 63.41 17.46
N GLY A 885 41.13 64.32 18.34
CA GLY A 885 42.50 64.73 18.52
C GLY A 885 42.92 66.03 17.86
N VAL A 886 41.99 66.75 17.27
CA VAL A 886 42.24 68.06 16.68
C VAL A 886 41.88 69.12 17.71
N THR A 887 42.68 70.17 17.81
CA THR A 887 42.46 71.18 18.83
C THR A 887 41.19 72.00 18.55
N GLN A 888 40.66 72.60 19.62
CA GLN A 888 39.44 73.41 19.55
C GLN A 888 39.62 74.62 18.64
N ASN A 889 40.83 75.17 18.62
CA ASN A 889 41.07 76.38 17.86
C ASN A 889 40.74 76.14 16.41
N VAL A 890 41.02 74.94 15.90
CA VAL A 890 40.82 74.70 14.48
C VAL A 890 39.35 74.91 14.13
N LEU A 891 38.45 74.40 14.95
CA LEU A 891 37.04 74.56 14.66
C LEU A 891 36.65 76.02 14.69
N TYR A 892 37.07 76.73 15.74
CA TYR A 892 36.65 78.13 15.85
C TYR A 892 37.23 78.97 14.73
N GLU A 893 38.49 78.73 14.38
CA GLU A 893 39.16 79.49 13.33
C GLU A 893 38.50 79.23 11.97
N ASN A 894 38.06 78.00 11.72
CA ASN A 894 37.52 77.60 10.43
C ASN A 894 36.04 77.25 10.51
N GLN A 895 35.29 77.89 11.40
CA GLN A 895 33.89 77.52 11.62
C GLN A 895 33.06 77.66 10.35
N LYS A 896 33.24 78.75 9.61
CA LYS A 896 32.41 78.98 8.44
C LYS A 896 32.64 77.91 7.39
N LEU A 897 33.90 77.54 7.16
CA LEU A 897 34.23 76.51 6.18
C LEU A 897 33.64 75.17 6.59
N ILE A 898 33.77 74.82 7.87
CA ILE A 898 33.26 73.53 8.35
C ILE A 898 31.75 73.48 8.20
N ALA A 899 31.08 74.59 8.52
CA ALA A 899 29.64 74.65 8.38
C ALA A 899 29.23 74.47 6.92
N ASN A 900 29.93 75.15 6.01
CA ASN A 900 29.58 75.03 4.60
C ASN A 900 29.80 73.61 4.10
N GLN A 901 30.88 72.97 4.54
CA GLN A 901 31.15 71.60 4.13
C GLN A 901 30.06 70.68 4.63
N PHE A 902 29.63 70.87 5.88
CA PHE A 902 28.56 70.05 6.43
C PHE A 902 27.27 70.23 5.64
N ASN A 903 26.95 71.49 5.32
CA ASN A 903 25.70 71.75 4.60
C ASN A 903 25.74 71.10 3.23
N SER A 904 26.88 71.21 2.54
CA SER A 904 27.01 70.61 1.22
C SER A 904 26.87 69.09 1.30
N ALA A 905 27.49 68.48 2.30
CA ALA A 905 27.43 67.02 2.43
C ALA A 905 25.99 66.57 2.68
N ILE A 906 25.27 67.28 3.55
CA ILE A 906 23.90 66.90 3.84
C ILE A 906 23.05 67.03 2.59
N GLY A 907 23.28 68.09 1.82
CA GLY A 907 22.52 68.26 0.59
C GLY A 907 22.77 67.13 -0.39
N LYS A 908 24.04 66.71 -0.49
CA LYS A 908 24.39 65.59 -1.37
C LYS A 908 23.74 64.29 -0.93
N ILE A 909 23.51 64.10 0.37
CA ILE A 909 22.99 62.82 0.86
C ILE A 909 21.63 62.47 0.24
N GLN A 910 20.74 63.45 0.13
CA GLN A 910 19.44 63.17 -0.48
C GLN A 910 19.60 62.74 -1.94
N ASP A 911 20.49 63.42 -2.67
CA ASP A 911 20.71 63.07 -4.06
C ASP A 911 21.31 61.67 -4.17
N SER A 912 22.26 61.34 -3.30
CA SER A 912 22.91 60.04 -3.39
C SER A 912 21.91 58.93 -3.13
N LEU A 913 21.05 59.09 -2.13
CA LEU A 913 20.07 58.06 -1.83
C LEU A 913 19.10 57.89 -3.00
N SER A 914 18.63 59.00 -3.57
CA SER A 914 17.72 58.91 -4.71
C SER A 914 18.39 58.29 -5.93
N SER A 915 19.65 58.65 -6.18
CA SER A 915 20.35 58.18 -7.37
C SER A 915 20.55 56.67 -7.37
N THR A 916 20.86 56.09 -6.21
CA THR A 916 21.17 54.67 -6.18
C THR A 916 20.03 53.89 -5.54
N PRO A 917 19.38 53.00 -6.30
CA PRO A 917 18.33 52.14 -5.71
C PRO A 917 18.86 51.17 -4.67
N SER A 918 20.08 50.64 -4.89
CA SER A 918 20.66 49.65 -4.01
C SER A 918 20.88 50.18 -2.59
N ALA A 919 20.92 51.50 -2.42
CA ALA A 919 21.22 52.07 -1.12
C ALA A 919 20.21 51.62 -0.06
N LEU A 920 18.93 51.54 -0.44
CA LEU A 920 17.85 51.10 0.43
C LEU A 920 17.53 49.63 0.19
N GLY A 921 18.45 48.95 -0.48
CA GLY A 921 18.24 47.57 -0.82
C GLY A 921 18.06 46.67 0.37
N LYS A 922 18.78 46.92 1.46
CA LYS A 922 18.67 46.02 2.61
C LYS A 922 17.24 45.98 3.15
N LEU A 923 16.63 47.16 3.29
CA LEU A 923 15.24 47.26 3.72
C LEU A 923 14.31 46.63 2.71
N GLN A 924 14.56 46.90 1.42
CA GLN A 924 13.69 46.34 0.40
C GLN A 924 13.80 44.82 0.41
N ASP A 925 15.00 44.30 0.65
CA ASP A 925 15.23 42.87 0.68
C ASP A 925 14.41 42.22 1.77
N VAL A 926 14.29 42.89 2.92
CA VAL A 926 13.47 42.34 3.99
C VAL A 926 12.02 42.24 3.52
N VAL A 927 11.53 43.30 2.87
CA VAL A 927 10.15 43.29 2.39
C VAL A 927 9.95 42.20 1.35
N ASN A 928 10.91 42.05 0.43
CA ASN A 928 10.80 41.07 -0.62
C ASN A 928 10.79 39.66 -0.06
N HIS A 929 11.63 39.39 0.93
CA HIS A 929 11.70 38.04 1.48
C HIS A 929 10.38 37.66 2.12
N ASN A 930 9.76 38.59 2.85
CA ASN A 930 8.48 38.27 3.47
C ASN A 930 7.43 37.98 2.40
N ALA A 931 7.41 38.80 1.34
CA ALA A 931 6.42 38.59 0.29
C ALA A 931 6.63 37.26 -0.40
N GLN A 932 7.89 36.91 -0.66
CA GLN A 932 8.19 35.67 -1.36
C GLN A 932 7.77 34.48 -0.53
N ALA A 933 8.01 34.51 0.79
CA ALA A 933 7.65 33.37 1.62
C ALA A 933 6.16 33.15 1.63
N LEU A 934 5.37 34.23 1.76
CA LEU A 934 3.93 34.07 1.76
C LEU A 934 3.42 33.55 0.41
N ASN A 935 4.01 34.06 -0.67
CA ASN A 935 3.61 33.60 -2.00
C ASN A 935 3.90 32.12 -2.14
N THR A 936 5.04 31.68 -1.60
CA THR A 936 5.39 30.26 -1.68
C THR A 936 4.34 29.41 -0.99
N LEU A 937 3.87 29.84 0.19
CA LEU A 937 2.87 29.03 0.89
C LEU A 937 1.59 28.91 0.07
N VAL A 938 1.17 30.02 -0.54
CA VAL A 938 -0.03 29.99 -1.36
C VAL A 938 0.17 29.06 -2.54
N LYS A 939 1.36 29.09 -3.13
CA LYS A 939 1.68 28.21 -4.24
C LYS A 939 1.63 26.75 -3.81
N GLN A 940 2.11 26.48 -2.59
CA GLN A 940 2.20 25.13 -2.04
C GLN A 940 0.84 24.50 -1.92
N LEU A 941 -0.20 25.32 -1.76
CA LEU A 941 -1.54 24.76 -1.65
C LEU A 941 -1.91 23.94 -2.88
N SER A 942 -1.45 24.35 -4.06
CA SER A 942 -1.73 23.62 -5.30
C SER A 942 -1.20 22.19 -5.29
N SER A 943 -0.07 21.94 -4.64
CA SER A 943 0.57 20.63 -4.68
C SER A 943 -0.34 19.51 -4.18
N LYS A 944 -0.40 18.43 -4.96
CA LYS A 944 -1.22 17.27 -4.61
C LYS A 944 -0.69 16.50 -3.42
N PHE A 945 0.63 16.36 -3.30
CA PHE A 945 1.25 15.56 -2.25
C PHE A 945 0.87 14.09 -2.37
N GLY A 946 0.67 13.62 -3.59
CA GLY A 946 0.31 12.24 -3.83
C GLY A 946 -1.17 11.94 -3.77
N ALA A 947 -2.00 12.93 -3.45
CA ALA A 947 -3.44 12.79 -3.42
C ALA A 947 -4.02 12.91 -4.83
N ILE A 948 -5.26 12.47 -4.99
CA ILE A 948 -5.92 12.56 -6.28
C ILE A 948 -6.07 14.01 -6.71
N SER A 949 -6.43 14.90 -5.79
CA SER A 949 -6.65 16.30 -6.10
C SER A 949 -6.22 17.17 -4.94
N SER A 950 -5.82 18.40 -5.25
CA SER A 950 -5.50 19.36 -4.21
C SER A 950 -6.74 19.73 -3.40
N VAL A 951 -7.88 19.87 -4.07
CA VAL A 951 -9.11 20.30 -3.41
C VAL A 951 -9.63 19.20 -2.50
N LEU A 952 -9.83 19.51 -1.22
CA LEU A 952 -10.33 18.53 -0.28
C LEU A 952 -11.77 18.14 -0.58
N ASN A 953 -12.60 19.11 -0.96
CA ASN A 953 -14.00 18.82 -1.19
C ASN A 953 -14.16 17.81 -2.32
N ASP A 954 -13.33 17.92 -3.35
CA ASP A 954 -13.39 16.95 -4.44
C ASP A 954 -13.08 15.56 -3.91
N ILE A 955 -12.08 15.43 -3.03
CA ILE A 955 -11.74 14.12 -2.47
C ILE A 955 -12.91 13.56 -1.68
N PHE A 956 -13.53 14.39 -0.86
CA PHE A 956 -14.66 13.92 -0.05
C PHE A 956 -15.84 13.54 -0.94
N SER A 957 -16.12 14.34 -1.97
CA SER A 957 -17.24 14.08 -2.86
C SER A 957 -17.04 12.80 -3.65
N ARG A 958 -15.82 12.52 -4.10
CA ARG A 958 -15.59 11.39 -4.97
C ARG A 958 -15.21 10.08 -4.27
N LEU A 959 -14.89 10.11 -2.98
CA LEU A 959 -14.39 8.90 -2.34
C LEU A 959 -15.10 8.60 -1.03
N ASP A 960 -15.15 7.32 -0.69
CA ASP A 960 -15.76 6.87 0.55
C ASP A 960 -14.83 7.21 1.71
N PRO A 961 -15.33 7.20 2.94
CA PRO A 961 -14.52 7.66 4.08
C PRO A 961 -13.19 6.93 4.26
N PRO A 962 -13.12 5.60 4.09
CA PRO A 962 -11.79 4.96 4.25
C PRO A 962 -10.73 5.41 3.25
N GLU A 963 -11.04 5.44 1.96
CA GLU A 963 -10.06 5.88 0.96
C GLU A 963 -9.76 7.36 1.14
N ALA A 964 -10.81 8.13 1.42
CA ALA A 964 -10.68 9.56 1.58
C ALA A 964 -9.72 9.86 2.72
N GLU A 965 -9.80 9.08 3.80
CA GLU A 965 -8.94 9.38 4.94
C GLU A 965 -7.48 9.31 4.54
N VAL A 966 -7.10 8.30 3.75
CA VAL A 966 -5.71 8.15 3.32
C VAL A 966 -5.28 9.33 2.47
N GLN A 967 -6.13 9.71 1.51
CA GLN A 967 -5.76 10.82 0.63
C GLN A 967 -5.67 12.12 1.41
N ILE A 968 -6.63 12.35 2.30
CA ILE A 968 -6.64 13.57 3.09
C ILE A 968 -5.42 13.61 3.99
N ASP A 969 -5.02 12.46 4.52
CA ASP A 969 -3.88 12.43 5.41
C ASP A 969 -2.65 12.92 4.67
N ARG A 970 -2.51 12.50 3.41
CA ARG A 970 -1.35 12.95 2.65
C ARG A 970 -1.38 14.46 2.46
N LEU A 971 -2.54 15.01 2.13
CA LEU A 971 -2.64 16.45 1.98
C LEU A 971 -2.34 17.18 3.29
N ILE A 972 -2.89 16.69 4.40
CA ILE A 972 -2.72 17.36 5.69
C ILE A 972 -1.26 17.36 6.07
N THR A 973 -0.58 16.23 5.88
CA THR A 973 0.82 16.14 6.27
C THR A 973 1.64 17.11 5.43
N GLY A 974 1.39 17.17 4.13
CA GLY A 974 2.17 18.07 3.29
C GLY A 974 1.95 19.53 3.65
N ARG A 975 0.70 19.92 3.88
CA ARG A 975 0.40 21.29 4.25
C ARG A 975 1.00 21.65 5.60
N LEU A 976 0.95 20.73 6.55
CA LEU A 976 1.57 20.99 7.83
C LEU A 976 3.07 21.15 7.67
N GLN A 977 3.69 20.33 6.83
CA GLN A 977 5.13 20.44 6.61
C GLN A 977 5.48 21.77 5.97
N SER A 978 4.69 22.23 4.98
CA SER A 978 4.97 23.50 4.33
C SER A 978 4.86 24.65 5.31
N LEU A 979 3.82 24.62 6.12
CA LEU A 979 3.61 25.66 7.11
C LEU A 979 4.73 25.65 8.15
N GLN A 980 5.16 24.44 8.56
CA GLN A 980 6.23 24.27 9.53
C GLN A 980 7.54 24.83 8.97
N THR A 981 7.79 24.61 7.68
CA THR A 981 8.95 25.18 7.03
C THR A 981 8.90 26.70 7.10
N TYR A 982 7.71 27.26 6.88
CA TYR A 982 7.58 28.70 6.89
C TYR A 982 7.95 29.24 8.27
N VAL A 983 7.48 28.57 9.32
CA VAL A 983 7.77 29.03 10.67
C VAL A 983 9.26 28.96 10.96
N THR A 984 9.91 27.86 10.55
CA THR A 984 11.34 27.73 10.82
C THR A 984 12.12 28.82 10.11
N GLN A 985 11.79 29.07 8.85
CA GLN A 985 12.50 30.10 8.08
C GLN A 985 12.27 31.46 8.70
N GLN A 986 11.05 31.74 9.15
CA GLN A 986 10.76 33.02 9.77
C GLN A 986 11.54 33.19 11.07
N LEU A 987 11.68 32.12 11.85
CA LEU A 987 12.47 32.22 13.08
C LEU A 987 13.93 32.53 12.79
N ILE A 988 14.50 31.90 11.76
CA ILE A 988 15.89 32.21 11.40
C ILE A 988 16.00 33.66 10.93
N ARG A 989 15.05 34.12 10.13
CA ARG A 989 15.07 35.49 9.65
C ARG A 989 14.93 36.46 10.82
N ALA A 990 14.07 36.11 11.78
CA ALA A 990 13.87 36.95 12.94
C ALA A 990 15.17 37.09 13.71
N ALA A 991 15.94 36.01 13.79
CA ALA A 991 17.21 36.08 14.49
C ALA A 991 18.15 37.06 13.81
N GLU A 992 18.18 37.03 12.47
CA GLU A 992 19.03 37.97 11.74
C GLU A 992 18.57 39.40 11.98
N ILE A 993 17.26 39.63 11.97
CA ILE A 993 16.72 40.98 12.22
C ILE A 993 17.06 41.42 13.63
N ARG A 994 16.97 40.52 14.60
CA ARG A 994 17.28 40.89 15.98
C ARG A 994 18.73 41.30 16.10
N ALA A 995 19.63 40.58 15.43
CA ALA A 995 21.03 40.97 15.48
C ALA A 995 21.24 42.34 14.87
N SER A 996 20.58 42.62 13.75
CA SER A 996 20.69 43.92 13.12
C SER A 996 20.11 45.01 14.02
N ALA A 997 18.99 44.74 14.67
CA ALA A 997 18.37 45.69 15.58
C ALA A 997 19.28 45.99 16.75
N ASN A 998 19.93 44.96 17.29
CA ASN A 998 20.86 45.16 18.39
C ASN A 998 22.04 46.02 17.94
N LEU A 999 22.52 45.79 16.72
CA LEU A 999 23.58 46.63 16.19
C LEU A 999 23.08 48.07 16.05
N ALA A 1000 21.84 48.24 15.60
CA ALA A 1000 21.27 49.58 15.46
C ALA A 1000 21.14 50.28 16.81
N ALA A 1001 20.72 49.55 17.84
CA ALA A 1001 20.63 50.13 19.18
C ALA A 1001 22.00 50.51 19.70
N THR A 1002 23.00 49.66 19.44
CA THR A 1002 24.36 49.96 19.85
C THR A 1002 24.86 51.20 19.13
N LYS A 1003 24.57 51.32 17.84
CA LYS A 1003 24.99 52.49 17.08
C LYS A 1003 24.30 53.74 17.63
N MET A 1004 23.03 53.62 17.98
CA MET A 1004 22.29 54.76 18.47
C MET A 1004 22.92 55.29 19.75
N SER A 1005 23.25 54.39 20.67
CA SER A 1005 23.89 54.84 21.90
C SER A 1005 25.31 55.34 21.66
N GLU A 1006 26.11 54.56 20.93
CA GLU A 1006 27.52 54.88 20.72
C GLU A 1006 27.73 56.05 19.77
N CYS A 1007 26.97 56.14 18.68
CA CYS A 1007 27.23 57.18 17.69
C CYS A 1007 26.30 58.38 17.85
N VAL A 1008 24.99 58.15 17.97
CA VAL A 1008 24.05 59.26 18.11
C VAL A 1008 24.18 59.91 19.48
N LEU A 1009 24.31 59.12 20.54
CA LEU A 1009 24.31 59.66 21.89
C LEU A 1009 25.69 59.88 22.48
N GLY A 1010 26.75 59.62 21.71
CA GLY A 1010 28.10 59.82 22.18
C GLY A 1010 29.02 59.86 21.00
N GLN A 1011 30.27 60.23 21.24
CA GLN A 1011 31.28 60.19 20.21
C GLN A 1011 32.05 58.88 20.38
N SER A 1012 32.16 58.12 19.31
CA SER A 1012 32.76 56.80 19.35
C SER A 1012 34.21 56.85 18.88
N LYS A 1013 35.11 56.28 19.68
CA LYS A 1013 36.51 56.19 19.26
C LYS A 1013 36.78 54.90 18.52
N ARG A 1014 35.79 54.03 18.42
CA ARG A 1014 35.94 52.79 17.64
C ARG A 1014 36.10 53.14 16.18
N VAL A 1015 36.94 52.39 15.47
CA VAL A 1015 37.28 52.71 14.09
C VAL A 1015 36.32 52.00 13.15
N ASP A 1016 35.63 52.79 12.33
CA ASP A 1016 34.70 52.37 11.27
C ASP A 1016 33.37 51.92 11.84
N PHE A 1017 33.16 52.00 13.15
CA PHE A 1017 31.87 51.68 13.72
C PHE A 1017 30.81 52.68 13.29
N CYS A 1018 31.17 53.95 13.20
CA CYS A 1018 30.24 55.01 12.83
C CYS A 1018 30.84 55.77 11.65
N GLY A 1019 30.99 55.09 10.51
CA GLY A 1019 31.46 55.72 9.31
C GLY A 1019 32.97 55.69 9.16
N LYS A 1020 33.42 55.78 7.91
CA LYS A 1020 34.85 55.86 7.64
C LYS A 1020 35.33 57.26 8.01
N GLY A 1021 36.51 57.34 8.60
CA GLY A 1021 37.01 58.61 9.06
C GLY A 1021 36.71 58.82 10.54
N TYR A 1022 37.41 59.77 11.15
CA TYR A 1022 37.23 59.98 12.58
C TYR A 1022 35.81 60.45 12.83
N HIS A 1023 35.12 59.80 13.76
CA HIS A 1023 33.71 60.10 14.00
C HIS A 1023 33.54 61.41 14.75
N LEU A 1024 32.65 62.26 14.26
CA LEU A 1024 32.32 63.50 14.96
C LEU A 1024 30.93 63.40 15.60
N MET A 1025 29.88 63.18 14.81
CA MET A 1025 28.54 63.04 15.35
C MET A 1025 27.71 62.25 14.35
N SER A 1026 26.61 61.67 14.83
CA SER A 1026 25.70 60.93 13.97
C SER A 1026 24.25 61.32 14.24
N PHE A 1027 23.43 61.25 13.19
CA PHE A 1027 22.04 61.62 13.27
C PHE A 1027 21.14 60.47 12.83
N PRO A 1028 20.13 60.10 13.62
CA PRO A 1028 19.21 59.05 13.23
C PRO A 1028 18.11 59.52 12.29
N GLN A 1029 17.81 58.73 11.26
CA GLN A 1029 16.67 59.04 10.40
C GLN A 1029 15.80 57.80 10.28
N SER A 1030 14.51 57.94 10.51
CA SER A 1030 13.59 56.82 10.41
C SER A 1030 13.36 56.43 8.96
N ALA A 1031 13.27 55.14 8.71
CA ALA A 1031 13.00 54.57 7.40
C ALA A 1031 12.09 53.39 7.60
N PRO A 1032 11.36 52.98 6.56
CA PRO A 1032 10.43 51.85 6.75
C PRO A 1032 11.18 50.59 7.16
N HIS A 1033 10.72 49.99 8.25
CA HIS A 1033 11.28 48.75 8.79
C HIS A 1033 12.77 48.86 9.11
N GLY A 1034 13.21 50.03 9.59
CA GLY A 1034 14.63 50.21 9.83
C GLY A 1034 14.99 51.64 10.18
N VAL A 1035 16.30 51.88 10.29
CA VAL A 1035 16.86 53.18 10.60
C VAL A 1035 18.03 53.49 9.67
N VAL A 1036 18.18 54.77 9.34
CA VAL A 1036 19.32 55.25 8.56
C VAL A 1036 20.11 56.20 9.45
N PHE A 1037 21.41 55.94 9.61
CA PHE A 1037 22.29 56.79 10.39
C PHE A 1037 23.14 57.64 9.46
N LEU A 1038 23.06 58.96 9.60
CA LEU A 1038 23.92 59.85 8.85
C LEU A 1038 25.14 60.14 9.72
N HIS A 1039 26.31 59.73 9.28
CA HIS A 1039 27.52 59.84 10.08
C HIS A 1039 28.36 61.02 9.63
N VAL A 1040 28.59 61.97 10.51
CA VAL A 1040 29.48 63.10 10.20
C VAL A 1040 30.88 62.71 10.66
N THR A 1041 31.84 62.78 9.75
CA THR A 1041 33.20 62.34 10.02
C THR A 1041 34.22 63.36 9.55
N TYR A 1042 35.39 63.34 10.18
CA TYR A 1042 36.52 64.19 9.83
C TYR A 1042 37.47 63.37 8.97
N VAL A 1043 37.74 63.83 7.74
CA VAL A 1043 38.68 63.14 6.88
C VAL A 1043 39.88 64.05 6.64
N PRO A 1044 41.10 63.61 6.97
CA PRO A 1044 42.29 64.41 6.69
C PRO A 1044 42.53 64.58 5.19
N ALA A 1045 43.01 65.76 4.80
CA ALA A 1045 43.21 66.03 3.38
C ALA A 1045 44.43 66.92 3.19
N GLN A 1046 44.90 66.99 1.95
CA GLN A 1046 46.03 67.84 1.54
C GLN A 1046 47.30 67.58 2.36
N GLU A 1047 47.66 66.31 2.50
CA GLU A 1047 48.83 65.93 3.27
C GLU A 1047 50.11 66.45 2.65
N LYS A 1048 51.05 66.91 3.49
CA LYS A 1048 52.34 67.40 3.06
C LYS A 1048 53.47 66.68 3.79
N ASN A 1049 54.48 66.22 3.03
CA ASN A 1049 55.61 65.50 3.62
C ASN A 1049 56.53 66.44 4.39
N PHE A 1050 56.98 66.00 5.56
CA PHE A 1050 57.91 66.75 6.37
C PHE A 1050 58.94 65.81 6.99
N THR A 1051 60.13 66.32 7.22
CA THR A 1051 61.14 65.54 7.94
C THR A 1051 60.78 65.47 9.41
N THR A 1052 61.05 64.34 10.05
CA THR A 1052 60.68 64.13 11.44
C THR A 1052 61.85 63.61 12.27
N ALA A 1053 61.85 63.97 13.54
CA ALA A 1053 62.85 63.51 14.50
C ALA A 1053 62.16 62.96 15.75
N PRO A 1054 62.65 61.85 16.30
CA PRO A 1054 62.08 61.35 17.55
C PRO A 1054 62.23 62.29 18.73
N ALA A 1055 63.38 62.94 18.89
CA ALA A 1055 63.62 63.82 20.02
C ALA A 1055 64.57 64.94 19.61
N ILE A 1056 64.61 66.00 20.41
CA ILE A 1056 65.50 67.13 20.21
C ILE A 1056 66.51 67.16 21.36
N CYS A 1057 67.80 67.27 21.02
CA CYS A 1057 68.87 67.32 22.02
C CYS A 1057 69.25 68.76 22.32
N HIS A 1058 68.91 69.24 23.51
CA HIS A 1058 69.30 70.58 23.95
C HIS A 1058 69.90 70.47 25.33
N ASP A 1059 71.06 71.10 25.54
CA ASP A 1059 71.73 71.10 26.84
C ASP A 1059 72.03 69.68 27.29
N GLY A 1060 72.39 68.83 26.34
CA GLY A 1060 72.73 67.45 26.66
C GLY A 1060 71.59 66.70 27.30
N LYS A 1061 70.36 67.01 26.92
CA LYS A 1061 69.16 66.37 27.44
C LYS A 1061 68.25 66.07 26.27
N ALA A 1062 67.43 65.04 26.41
CA ALA A 1062 66.53 64.61 25.34
C ALA A 1062 65.13 65.15 25.62
N HIS A 1063 64.59 65.90 24.67
CA HIS A 1063 63.28 66.50 24.79
C HIS A 1063 62.31 65.80 23.85
N PHE A 1064 61.15 65.39 24.39
CA PHE A 1064 60.17 64.65 23.63
C PHE A 1064 58.87 65.45 23.57
N PRO A 1065 58.13 65.37 22.46
CA PRO A 1065 56.91 66.18 22.32
C PRO A 1065 55.82 65.70 23.25
N ARG A 1066 55.21 66.62 24.00
CA ARG A 1066 54.19 66.22 24.95
C ARG A 1066 52.95 65.67 24.24
N GLU A 1067 52.46 66.38 23.23
CA GLU A 1067 51.24 65.96 22.54
C GLU A 1067 51.36 65.97 21.02
N GLY A 1068 52.48 66.42 20.47
CA GLY A 1068 52.60 66.56 19.04
C GLY A 1068 53.74 65.77 18.45
N VAL A 1069 54.10 66.07 17.21
CA VAL A 1069 55.22 65.45 16.52
C VAL A 1069 56.19 66.53 16.05
N PHE A 1070 57.48 66.29 16.25
CA PHE A 1070 58.48 67.22 15.73
C PHE A 1070 58.56 67.13 14.21
N VAL A 1071 58.57 68.29 13.54
CA VAL A 1071 58.61 68.35 12.08
C VAL A 1071 59.62 69.42 11.66
N SER A 1072 60.15 69.27 10.45
CA SER A 1072 61.06 70.26 9.90
C SER A 1072 60.60 70.72 8.53
N ASN A 1073 60.46 72.03 8.38
CA ASN A 1073 60.17 72.63 7.08
C ASN A 1073 61.37 72.52 6.14
N GLY A 1074 62.56 72.40 6.71
CA GLY A 1074 63.80 72.26 5.98
C GLY A 1074 64.95 72.93 6.68
N THR A 1075 64.70 74.08 7.29
CA THR A 1075 65.72 74.76 8.06
C THR A 1075 65.36 74.94 9.52
N HIS A 1076 64.11 74.71 9.90
CA HIS A 1076 63.64 74.95 11.26
C HIS A 1076 62.83 73.77 11.74
N TRP A 1077 62.84 73.54 13.05
CA TRP A 1077 62.13 72.43 13.66
C TRP A 1077 60.96 72.97 14.48
N PHE A 1078 59.79 72.38 14.30
CA PHE A 1078 58.57 72.80 14.95
C PHE A 1078 57.85 71.59 15.51
N VAL A 1079 56.96 71.82 16.48
CA VAL A 1079 56.11 70.77 17.02
C VAL A 1079 54.69 71.02 16.54
N THR A 1080 54.06 70.00 15.96
CA THR A 1080 52.74 70.14 15.38
C THR A 1080 51.82 69.02 15.84
N GLN A 1081 50.53 69.30 15.83
CA GLN A 1081 49.53 68.29 16.12
C GLN A 1081 49.53 67.27 14.99
N ARG A 1082 49.34 66.00 15.32
CA ARG A 1082 49.43 64.97 14.29
C ARG A 1082 48.34 65.08 13.24
N ASN A 1083 47.09 65.28 13.65
CA ASN A 1083 45.98 65.30 12.70
C ASN A 1083 45.99 66.52 11.79
N PHE A 1084 46.34 67.69 12.29
CA PHE A 1084 46.28 68.91 11.50
C PHE A 1084 47.62 69.63 11.64
N TYR A 1085 48.07 70.26 10.56
CA TYR A 1085 49.38 70.92 10.58
C TYR A 1085 49.27 72.32 11.16
N GLU A 1086 49.72 72.50 12.40
CA GLU A 1086 49.74 73.79 13.07
C GLU A 1086 51.12 73.98 13.71
N PRO A 1087 52.13 74.37 12.93
CA PRO A 1087 53.49 74.46 13.45
C PRO A 1087 53.63 75.47 14.60
N GLN A 1088 54.31 75.05 15.66
CA GLN A 1088 54.56 75.88 16.83
C GLN A 1088 56.01 75.76 17.27
N ILE A 1089 56.55 76.85 17.82
CA ILE A 1089 57.94 76.86 18.24
C ILE A 1089 58.15 75.84 19.34
N ILE A 1090 59.27 75.11 19.28
CA ILE A 1090 59.57 74.16 20.34
C ILE A 1090 59.95 74.91 21.60
N THR A 1091 59.27 74.60 22.70
CA THR A 1091 59.47 75.30 23.95
C THR A 1091 59.41 74.31 25.09
N THR A 1092 59.86 74.76 26.27
CA THR A 1092 59.82 73.91 27.44
C THR A 1092 58.38 73.51 27.76
N ASP A 1093 57.44 74.42 27.51
CA ASP A 1093 56.03 74.13 27.80
C ASP A 1093 55.52 72.98 26.95
N ASN A 1094 55.90 72.91 25.68
CA ASN A 1094 55.35 71.88 24.82
C ASN A 1094 56.21 70.61 24.75
N THR A 1095 57.36 70.56 25.43
CA THR A 1095 58.24 69.40 25.38
C THR A 1095 58.58 68.94 26.79
N PHE A 1096 58.68 67.64 27.00
CA PHE A 1096 59.08 67.08 28.29
C PHE A 1096 60.46 66.45 28.16
N VAL A 1097 61.34 66.75 29.11
CA VAL A 1097 62.73 66.31 29.08
C VAL A 1097 62.94 65.06 29.90
N SER A 1098 63.34 63.97 29.24
CA SER A 1098 63.68 62.73 29.92
C SER A 1098 64.95 62.13 29.32
N GLY A 1099 65.91 61.77 30.18
CA GLY A 1099 67.11 61.07 29.76
C GLY A 1099 68.19 61.95 29.16
N ASN A 1100 69.15 61.29 28.51
CA ASN A 1100 70.28 61.96 27.87
C ASN A 1100 70.25 61.66 26.38
N CYS A 1101 70.96 62.48 25.61
CA CYS A 1101 70.91 62.40 24.16
C CYS A 1101 71.42 61.08 23.58
N ASP A 1102 72.45 60.49 24.18
CA ASP A 1102 73.09 59.32 23.57
C ASP A 1102 72.15 58.12 23.38
N VAL A 1103 71.29 57.83 24.36
CA VAL A 1103 70.47 56.63 24.28
C VAL A 1103 69.51 56.66 23.09
N VAL A 1104 68.88 57.81 22.83
CA VAL A 1104 67.88 57.90 21.78
C VAL A 1104 68.52 57.76 20.41
N ILE A 1105 67.80 57.16 19.47
CA ILE A 1105 68.27 56.94 18.10
C ILE A 1105 67.50 57.87 17.18
N GLY A 1106 68.22 58.62 16.36
CA GLY A 1106 67.63 59.59 15.46
C GLY A 1106 67.48 60.97 16.03
N ILE A 1107 67.98 61.22 17.24
CA ILE A 1107 67.86 62.51 17.89
C ILE A 1107 68.58 63.59 17.09
N VAL A 1108 67.96 64.77 16.98
CA VAL A 1108 68.51 65.89 16.22
C VAL A 1108 68.73 67.05 17.17
N ASN A 1109 69.80 67.81 16.94
CA ASN A 1109 70.15 68.93 17.81
C ASN A 1109 69.40 70.18 17.37
N ASN A 1110 68.69 70.80 18.31
CA ASN A 1110 67.97 72.04 18.03
C ASN A 1110 67.77 72.77 19.35
N THR A 1111 67.49 74.06 19.26
CA THR A 1111 67.28 74.89 20.44
C THR A 1111 65.84 74.77 20.95
N VAL A 1112 65.70 74.61 22.27
CA VAL A 1112 64.41 74.61 22.91
C VAL A 1112 64.27 75.93 23.68
N TYR A 1113 63.33 76.76 23.25
CA TYR A 1113 63.16 78.09 23.83
C TYR A 1113 62.55 77.97 25.22
N ASP A 1114 62.93 78.88 26.11
CA ASP A 1114 62.35 78.93 27.44
C ASP A 1114 61.48 80.18 27.56
N PRO A 1115 60.20 80.06 27.90
CA PRO A 1115 59.37 81.26 28.07
C PRO A 1115 59.84 82.20 29.16
N LEU A 1116 60.34 81.65 30.27
CA LEU A 1116 60.78 82.45 31.40
C LEU A 1116 61.96 83.35 31.05
N GLN A 1117 62.89 82.87 30.22
CA GLN A 1117 64.13 83.62 29.97
C GLN A 1117 63.92 85.01 29.39
N PRO A 1118 63.06 85.22 28.38
CA PRO A 1118 62.87 86.60 27.90
C PRO A 1118 62.33 87.54 28.96
N GLU A 1119 61.35 87.09 29.76
CA GLU A 1119 60.83 87.92 30.84
C GLU A 1119 61.92 88.22 31.86
N LEU A 1120 62.73 87.21 32.19
CA LEU A 1120 63.82 87.40 33.14
C LEU A 1120 64.84 88.40 32.60
N ASP A 1121 65.13 88.33 31.30
CA ASP A 1121 66.11 89.23 30.70
C ASP A 1121 65.64 90.68 30.79
N SER A 1122 64.35 90.92 30.56
CA SER A 1122 63.79 92.27 30.65
C SER A 1122 63.90 92.80 32.06
N PRO B 1 34.36 -32.45 26.15
CA PRO B 1 34.21 -31.34 25.20
C PRO B 1 35.17 -30.19 25.47
N ALA B 2 36.34 -30.20 24.83
CA ALA B 2 37.27 -29.10 25.01
C ALA B 2 36.70 -27.82 24.41
N TYR B 3 37.01 -26.70 25.05
CA TYR B 3 36.55 -25.40 24.61
C TYR B 3 37.73 -24.49 24.32
N THR B 4 37.68 -23.78 23.19
CA THR B 4 38.75 -22.90 22.76
C THR B 4 38.17 -21.53 22.42
N ASN B 5 38.97 -20.48 22.66
CA ASN B 5 38.54 -19.13 22.29
C ASN B 5 38.54 -18.98 20.78
N SER B 6 37.48 -18.34 20.27
CA SER B 6 37.33 -18.16 18.82
C SER B 6 38.41 -17.27 18.21
N PHE B 7 38.79 -16.20 18.90
CA PHE B 7 39.72 -15.20 18.37
C PHE B 7 39.03 -14.39 17.28
N THR B 8 39.79 -13.85 16.34
CA THR B 8 39.22 -13.03 15.29
C THR B 8 38.76 -13.85 14.08
N ARG B 9 38.93 -15.17 14.13
CA ARG B 9 38.58 -16.03 13.01
C ARG B 9 37.06 -16.18 12.88
N GLY B 10 36.62 -16.60 11.70
CA GLY B 10 35.21 -16.85 11.47
C GLY B 10 34.44 -15.80 10.70
N VAL B 11 35.11 -14.82 10.11
CA VAL B 11 34.46 -13.72 9.41
C VAL B 11 34.44 -14.01 7.91
N TYR B 12 33.28 -13.85 7.30
CA TYR B 12 33.07 -14.15 5.89
C TYR B 12 32.49 -12.95 5.17
N TYR B 13 32.59 -12.96 3.84
CA TYR B 13 32.00 -11.90 3.04
C TYR B 13 30.48 -12.03 3.03
N PRO B 14 29.74 -11.03 3.52
CA PRO B 14 28.28 -11.16 3.58
C PRO B 14 27.58 -11.21 2.24
N ASP B 15 28.02 -10.40 1.28
CA ASP B 15 27.33 -10.28 -0.01
C ASP B 15 28.34 -10.15 -1.14
N LYS B 16 27.84 -10.27 -2.36
CA LYS B 16 28.68 -10.18 -3.55
C LYS B 16 29.16 -8.76 -3.85
N VAL B 17 28.62 -7.75 -3.19
CA VAL B 17 28.97 -6.36 -3.50
C VAL B 17 30.45 -6.14 -3.25
N PHE B 18 31.10 -5.39 -4.13
CA PHE B 18 32.52 -5.06 -4.01
C PHE B 18 32.64 -3.68 -3.39
N ARG B 19 33.39 -3.59 -2.30
CA ARG B 19 33.62 -2.33 -1.61
C ARG B 19 35.12 -2.09 -1.52
N SER B 20 35.58 -0.89 -1.88
CA SER B 20 36.99 -0.59 -1.92
C SER B 20 37.35 0.54 -0.95
N SER B 21 38.33 0.30 -0.09
CA SER B 21 38.86 1.29 0.86
C SER B 21 37.77 1.94 1.70
N VAL B 22 36.81 1.14 2.17
CA VAL B 22 35.67 1.65 2.93
C VAL B 22 35.39 0.72 4.11
N LEU B 23 34.71 1.28 5.11
CA LEU B 23 34.29 0.53 6.28
C LEU B 23 32.78 0.39 6.25
N HIS B 24 32.28 -0.84 6.32
CA HIS B 24 30.85 -1.09 6.23
C HIS B 24 30.37 -1.93 7.40
N SER B 25 29.24 -1.55 7.99
CA SER B 25 28.65 -2.29 9.09
C SER B 25 27.47 -3.11 8.61
N THR B 26 27.48 -4.40 8.87
CA THR B 26 26.44 -5.32 8.42
C THR B 26 25.87 -6.12 9.58
N GLN B 27 24.55 -6.23 9.64
CA GLN B 27 23.88 -7.08 10.62
C GLN B 27 23.67 -8.43 9.95
N ASP B 28 24.41 -9.44 10.38
CA ASP B 28 24.36 -10.74 9.76
C ASP B 28 24.77 -11.80 10.77
N LEU B 29 24.41 -13.05 10.50
CA LEU B 29 24.86 -14.12 11.37
C LEU B 29 26.38 -14.19 11.28
N PHE B 30 27.04 -14.13 12.43
CA PHE B 30 28.49 -14.18 12.47
C PHE B 30 28.92 -14.90 13.73
N LEU B 31 30.11 -15.48 13.70
CA LEU B 31 30.62 -16.07 14.92
C LEU B 31 30.99 -14.94 15.87
N PRO B 32 30.53 -14.96 17.12
CA PRO B 32 30.96 -13.92 18.06
C PRO B 32 32.45 -14.00 18.32
N PHE B 33 33.11 -12.85 18.34
CA PHE B 33 34.55 -12.87 18.54
C PHE B 33 34.88 -13.29 19.97
N PHE B 34 35.98 -14.03 20.10
CA PHE B 34 36.50 -14.50 21.39
C PHE B 34 35.45 -15.28 22.20
N SER B 35 34.78 -16.22 21.53
CA SER B 35 33.76 -17.05 22.17
C SER B 35 34.15 -18.52 22.16
N ASN B 36 33.62 -19.30 23.12
CA ASN B 36 33.95 -20.73 23.14
C ASN B 36 33.46 -21.48 21.93
N VAL B 37 34.33 -22.32 21.39
CA VAL B 37 33.99 -23.22 20.30
C VAL B 37 34.30 -24.63 20.79
N THR B 38 33.35 -25.55 20.60
CA THR B 38 33.58 -26.93 20.98
C THR B 38 34.69 -27.53 20.13
N TRP B 39 35.63 -28.21 20.77
CA TRP B 39 36.73 -28.86 20.08
C TRP B 39 36.68 -30.36 20.33
N PHE B 40 36.69 -31.15 19.25
CA PHE B 40 36.64 -32.59 19.32
C PHE B 40 37.91 -33.17 18.71
N HIS B 41 38.55 -34.09 19.41
CA HIS B 41 39.80 -34.71 18.97
C HIS B 41 39.58 -36.19 18.69
N VAL B 42 40.03 -36.63 17.52
CA VAL B 42 39.89 -38.02 17.11
C VAL B 42 41.26 -38.70 17.10
N ASP B 55 36.18 -38.31 18.08
CA ASP B 55 34.79 -38.25 18.51
C ASP B 55 33.98 -37.98 17.27
N ASN B 56 32.73 -38.45 17.17
CA ASN B 56 31.90 -38.12 16.01
C ASN B 56 30.43 -37.95 16.42
N PRO B 57 30.13 -36.95 17.25
CA PRO B 57 28.76 -36.77 17.76
C PRO B 57 27.86 -36.00 16.81
N VAL B 58 26.55 -36.13 17.03
CA VAL B 58 25.58 -35.33 16.30
C VAL B 58 25.45 -33.98 17.01
N LEU B 59 25.67 -32.89 16.27
CA LEU B 59 25.66 -31.55 16.83
C LEU B 59 24.57 -30.70 16.20
N PRO B 60 23.76 -29.99 16.98
CA PRO B 60 22.65 -29.23 16.40
C PRO B 60 23.14 -28.12 15.48
N PHE B 61 22.47 -27.97 14.34
CA PHE B 61 22.88 -26.97 13.35
C PHE B 61 22.74 -25.55 13.91
N ASN B 62 21.66 -25.28 14.64
CA ASN B 62 21.37 -23.97 15.22
C ASN B 62 21.17 -22.99 14.06
N ASP B 63 21.43 -21.70 14.31
CA ASP B 63 21.35 -20.72 13.23
C ASP B 63 22.40 -20.99 12.16
N GLY B 64 23.62 -21.29 12.57
CA GLY B 64 24.71 -21.54 11.65
C GLY B 64 25.82 -22.26 12.36
N VAL B 65 26.72 -22.86 11.57
CA VAL B 65 27.81 -23.64 12.10
C VAL B 65 29.12 -23.19 11.48
N TYR B 66 30.13 -22.97 12.30
CA TYR B 66 31.48 -22.70 11.81
C TYR B 66 32.32 -23.93 12.08
N PHE B 67 32.85 -24.54 11.03
CA PHE B 67 33.67 -25.74 11.15
C PHE B 67 35.09 -25.44 10.72
N ALA B 68 36.05 -25.61 11.62
CA ALA B 68 37.46 -25.43 11.31
C ALA B 68 38.20 -26.73 11.64
N SER B 69 38.95 -27.26 10.67
CA SER B 69 39.61 -28.54 10.85
C SER B 69 41.11 -28.39 10.70
N ILE B 70 41.85 -28.74 11.76
CA ILE B 70 43.31 -28.81 11.69
C ILE B 70 43.58 -30.28 11.39
N GLU B 71 43.86 -30.60 10.13
CA GLU B 71 43.94 -32.01 9.77
C GLU B 71 45.13 -32.29 8.86
N LYS B 72 45.70 -33.48 9.03
CA LYS B 72 46.76 -34.00 8.17
C LYS B 72 46.29 -35.35 7.68
N SER B 73 46.41 -35.60 6.37
CA SER B 73 45.98 -36.80 5.65
C SER B 73 44.50 -36.73 5.27
N ASN B 74 43.82 -35.63 5.55
CA ASN B 74 42.44 -35.39 5.15
C ASN B 74 41.49 -36.50 5.58
N ILE B 75 41.55 -36.89 6.86
CA ILE B 75 40.61 -37.90 7.35
C ILE B 75 39.18 -37.40 7.29
N ILE B 76 38.96 -36.11 7.55
CA ILE B 76 37.61 -35.56 7.58
C ILE B 76 37.26 -35.19 6.16
N ARG B 77 36.21 -35.83 5.64
CA ARG B 77 35.84 -35.64 4.25
C ARG B 77 34.39 -35.22 4.02
N GLY B 78 33.53 -35.22 5.05
CA GLY B 78 32.14 -34.93 4.76
C GLY B 78 31.32 -34.44 5.94
N TRP B 79 30.13 -33.96 5.62
CA TRP B 79 29.15 -33.52 6.61
C TRP B 79 27.77 -33.99 6.19
N ILE B 80 26.91 -34.27 7.16
CA ILE B 80 25.52 -34.64 6.89
C ILE B 80 24.62 -33.65 7.61
N PHE B 81 23.62 -33.12 6.92
CA PHE B 81 22.68 -32.17 7.50
C PHE B 81 21.25 -32.67 7.32
N GLY B 82 20.50 -32.77 8.42
CA GLY B 82 19.13 -33.22 8.35
C GLY B 82 18.34 -32.80 9.57
N THR B 83 17.01 -32.79 9.42
CA THR B 83 16.14 -32.49 10.57
C THR B 83 16.29 -33.55 11.65
N THR B 84 16.26 -34.83 11.25
CA THR B 84 16.42 -35.94 12.18
C THR B 84 17.50 -36.91 11.73
N LEU B 85 18.17 -36.64 10.62
CA LEU B 85 19.23 -37.48 10.08
C LEU B 85 18.78 -38.94 9.92
N ASP B 86 17.58 -39.13 9.38
CA ASP B 86 17.01 -40.45 9.20
C ASP B 86 16.41 -40.58 7.81
N SER B 87 16.07 -41.82 7.46
CA SER B 87 15.51 -42.09 6.13
C SER B 87 14.19 -41.35 5.92
N LYS B 88 13.38 -41.21 6.97
CA LYS B 88 12.07 -40.59 6.83
C LYS B 88 12.16 -39.16 6.34
N THR B 89 13.12 -38.40 6.83
CA THR B 89 13.27 -36.99 6.49
C THR B 89 14.45 -36.79 5.55
N GLN B 90 14.27 -35.94 4.54
CA GLN B 90 15.32 -35.70 3.57
C GLN B 90 16.55 -35.06 4.20
N SER B 91 17.73 -35.48 3.77
CA SER B 91 18.99 -35.03 4.33
C SER B 91 19.93 -34.56 3.22
N LEU B 92 20.85 -33.67 3.59
CA LEU B 92 21.85 -33.13 2.67
C LEU B 92 23.22 -33.69 3.03
N LEU B 93 23.88 -34.28 2.05
CA LEU B 93 25.18 -34.93 2.26
C LEU B 93 26.25 -34.35 1.36
N ILE B 94 27.36 -33.93 1.94
CA ILE B 94 28.53 -33.48 1.20
C ILE B 94 29.67 -34.44 1.46
N VAL B 95 30.18 -35.09 0.42
CA VAL B 95 31.29 -36.03 0.54
C VAL B 95 32.41 -35.62 -0.39
N ASN B 96 33.65 -35.67 0.09
CA ASN B 96 34.80 -35.29 -0.72
C ASN B 96 35.62 -36.51 -1.07
N ASN B 97 35.88 -36.71 -2.36
CA ASN B 97 36.75 -37.75 -2.85
C ASN B 97 37.84 -37.05 -3.66
N ALA B 98 38.94 -37.74 -3.92
CA ALA B 98 40.08 -37.06 -4.54
C ALA B 98 39.70 -36.40 -5.85
N THR B 99 38.94 -37.09 -6.71
CA THR B 99 38.62 -36.50 -8.00
C THR B 99 37.71 -35.27 -7.86
N ASN B 100 36.67 -35.36 -7.03
CA ASN B 100 35.70 -34.27 -6.94
C ASN B 100 34.86 -34.41 -5.68
N VAL B 101 34.23 -33.30 -5.26
CA VAL B 101 33.26 -33.33 -4.18
C VAL B 101 31.89 -33.68 -4.75
N VAL B 102 31.15 -34.53 -4.03
CA VAL B 102 29.80 -34.88 -4.41
C VAL B 102 28.85 -34.31 -3.38
N ILE B 103 27.92 -33.46 -3.83
CA ILE B 103 26.92 -32.88 -2.96
C ILE B 103 25.55 -33.39 -3.40
N LYS B 104 24.91 -34.18 -2.55
CA LYS B 104 23.63 -34.79 -2.88
C LYS B 104 22.63 -34.56 -1.76
N VAL B 105 21.45 -34.05 -2.09
CA VAL B 105 20.37 -33.94 -1.11
C VAL B 105 19.32 -34.98 -1.45
N CYS B 106 19.27 -36.05 -0.66
CA CYS B 106 18.36 -37.15 -0.93
C CYS B 106 17.95 -37.77 0.40
N GLU B 107 16.80 -38.43 0.42
CA GLU B 107 16.46 -39.19 1.62
C GLU B 107 17.51 -40.29 1.73
N PHE B 108 18.13 -40.43 2.89
CA PHE B 108 19.24 -41.35 3.02
C PHE B 108 19.14 -42.21 4.27
N GLN B 109 19.61 -43.44 4.15
CA GLN B 109 19.73 -44.34 5.29
C GLN B 109 21.23 -44.51 5.53
N PHE B 110 21.67 -44.36 6.77
CA PHE B 110 23.08 -44.38 7.06
C PHE B 110 23.44 -45.56 7.93
N CYS B 111 24.69 -46.01 7.82
CA CYS B 111 25.17 -47.07 8.69
C CYS B 111 25.26 -46.54 10.11
N ASN B 112 25.16 -47.43 11.09
CA ASN B 112 25.18 -46.97 12.48
C ASN B 112 26.47 -46.22 12.77
N ASP B 113 27.59 -46.73 12.27
CA ASP B 113 28.86 -46.02 12.34
C ASP B 113 29.20 -45.52 10.95
N PRO B 114 29.24 -44.21 10.71
CA PRO B 114 29.52 -43.69 9.37
C PRO B 114 31.00 -43.41 9.15
N PHE B 115 31.63 -44.12 8.22
CA PHE B 115 33.06 -43.95 7.97
C PHE B 115 33.38 -44.32 6.53
N LEU B 116 34.54 -43.86 6.05
CA LEU B 116 35.05 -44.20 4.73
C LEU B 116 36.35 -44.99 4.89
N ASP B 117 36.43 -46.13 4.23
CA ASP B 117 37.59 -47.00 4.35
C ASP B 117 38.36 -47.08 3.04
N MET B 128 44.80 -46.51 -1.99
CA MET B 128 43.75 -45.52 -2.21
C MET B 128 42.39 -46.10 -1.89
N GLU B 129 41.67 -45.47 -0.97
CA GLU B 129 40.39 -45.99 -0.53
C GLU B 129 39.36 -45.99 -1.66
N SER B 130 38.62 -47.08 -1.78
CA SER B 130 37.54 -47.18 -2.76
C SER B 130 36.20 -47.53 -2.10
N GLU B 131 36.16 -47.59 -0.78
CA GLU B 131 34.97 -48.02 -0.04
C GLU B 131 34.39 -46.84 0.72
N PHE B 132 33.10 -46.57 0.50
CA PHE B 132 32.38 -45.52 1.22
C PHE B 132 31.14 -46.13 1.85
N ARG B 133 31.00 -45.97 3.17
CA ARG B 133 29.87 -46.53 3.90
C ARG B 133 28.90 -45.47 4.39
N VAL B 134 29.00 -44.23 3.89
CA VAL B 134 28.19 -43.14 4.43
C VAL B 134 26.69 -43.39 4.25
N TYR B 135 26.27 -43.84 3.06
CA TYR B 135 24.85 -43.99 2.81
C TYR B 135 24.55 -45.35 2.19
N SER B 136 23.72 -46.13 2.86
CA SER B 136 23.29 -47.41 2.30
C SER B 136 22.41 -47.23 1.08
N SER B 137 21.46 -46.31 1.13
CA SER B 137 20.50 -46.15 0.04
C SER B 137 19.90 -44.75 0.06
N ALA B 138 19.37 -44.33 -1.10
CA ALA B 138 18.66 -43.06 -1.24
C ALA B 138 17.27 -43.30 -1.80
N ASN B 139 16.22 -43.00 -1.01
CA ASN B 139 14.86 -43.25 -1.46
C ASN B 139 14.49 -42.37 -2.65
N ASN B 140 14.78 -41.07 -2.56
CA ASN B 140 14.50 -40.12 -3.64
C ASN B 140 15.58 -39.06 -3.59
N CYS B 141 15.94 -38.52 -4.74
CA CYS B 141 16.89 -37.41 -4.77
C CYS B 141 16.25 -36.12 -5.26
N THR B 142 16.10 -35.13 -4.37
CA THR B 142 15.60 -33.84 -4.81
C THR B 142 16.60 -33.13 -5.71
N PHE B 143 17.88 -33.17 -5.35
CA PHE B 143 18.89 -32.46 -6.13
C PHE B 143 20.24 -33.13 -5.90
N GLU B 144 21.13 -32.97 -6.88
CA GLU B 144 22.50 -33.46 -6.81
C GLU B 144 23.43 -32.47 -7.50
N TYR B 145 24.65 -32.34 -6.97
CA TYR B 145 25.64 -31.43 -7.55
C TYR B 145 27.02 -32.06 -7.40
N VAL B 146 27.91 -31.74 -8.36
CA VAL B 146 29.30 -32.19 -8.32
C VAL B 146 30.20 -31.01 -8.65
N SER B 147 31.37 -30.94 -8.02
CA SER B 147 32.28 -29.82 -8.19
C SER B 147 33.70 -30.28 -7.87
N GLN B 148 34.66 -29.41 -8.19
CA GLN B 148 36.05 -29.70 -7.86
C GLN B 148 36.22 -29.81 -6.35
N PRO B 149 37.11 -30.69 -5.87
CA PRO B 149 37.20 -30.94 -4.42
C PRO B 149 37.53 -29.71 -3.59
N PHE B 150 36.82 -29.56 -2.46
CA PHE B 150 37.05 -28.42 -1.57
C PHE B 150 38.45 -28.45 -0.97
N LEU B 151 38.92 -29.62 -0.56
CA LEU B 151 40.21 -29.75 0.08
C LEU B 151 41.33 -29.85 -0.95
N ASN B 160 52.78 -33.27 12.13
CA ASN B 160 52.72 -31.85 11.81
C ASN B 160 51.49 -31.58 10.94
N PHE B 161 50.73 -30.54 11.27
CA PHE B 161 49.58 -30.12 10.48
C PHE B 161 49.89 -28.85 9.70
N LYS B 162 49.83 -28.94 8.37
CA LYS B 162 50.12 -27.80 7.52
C LYS B 162 48.88 -27.22 6.84
N ASN B 163 47.71 -27.83 7.04
CA ASN B 163 46.49 -27.41 6.35
C ASN B 163 45.40 -27.05 7.35
N LEU B 164 44.84 -25.86 7.23
CA LEU B 164 43.69 -25.44 8.04
C LEU B 164 42.57 -25.04 7.10
N ARG B 165 41.41 -25.68 7.27
CA ARG B 165 40.25 -25.43 6.41
C ARG B 165 39.10 -24.88 7.23
N GLU B 166 38.56 -23.73 6.83
CA GLU B 166 37.49 -23.08 7.58
C GLU B 166 36.22 -23.06 6.74
N PHE B 167 35.12 -23.56 7.30
CA PHE B 167 33.85 -23.66 6.60
C PHE B 167 32.75 -23.03 7.44
N VAL B 168 31.89 -22.24 6.81
CA VAL B 168 30.72 -21.66 7.46
C VAL B 168 29.47 -22.16 6.74
N PHE B 169 28.55 -22.74 7.48
CA PHE B 169 27.34 -23.30 6.89
C PHE B 169 26.12 -22.52 7.36
N LYS B 170 25.38 -21.95 6.42
CA LYS B 170 24.17 -21.20 6.73
C LYS B 170 23.04 -21.62 5.81
N ASN B 171 21.86 -21.86 6.37
CA ASN B 171 20.68 -22.13 5.56
C ASN B 171 19.72 -20.95 5.69
N ILE B 172 19.63 -20.14 4.65
CA ILE B 172 18.79 -18.94 4.67
C ILE B 172 17.88 -18.97 3.45
N ASP B 173 16.57 -18.82 3.68
CA ASP B 173 15.60 -18.71 2.58
C ASP B 173 15.70 -19.92 1.64
N GLY B 174 15.91 -21.09 2.22
CA GLY B 174 15.91 -22.30 1.41
C GLY B 174 17.16 -22.48 0.58
N TYR B 175 18.20 -21.68 0.82
CA TYR B 175 19.48 -21.82 0.14
C TYR B 175 20.53 -22.15 1.18
N PHE B 176 21.30 -23.20 0.94
CA PHE B 176 22.40 -23.58 1.82
C PHE B 176 23.66 -22.91 1.31
N LYS B 177 24.26 -22.05 2.12
CA LYS B 177 25.43 -21.28 1.70
C LYS B 177 26.66 -21.79 2.42
N ILE B 178 27.70 -22.11 1.67
CA ILE B 178 28.97 -22.58 2.21
C ILE B 178 30.06 -21.57 1.88
N TYR B 179 30.76 -21.08 2.89
CA TYR B 179 31.89 -20.19 2.70
C TYR B 179 33.14 -20.89 3.21
N SER B 180 34.15 -21.04 2.37
CA SER B 180 35.33 -21.79 2.75
C SER B 180 36.62 -21.04 2.43
N LYS B 181 37.55 -21.05 3.37
CA LYS B 181 38.90 -20.50 3.19
C LYS B 181 39.91 -21.54 3.66
N HIS B 182 40.94 -21.80 2.86
CA HIS B 182 42.01 -22.71 3.28
C HIS B 182 43.27 -21.90 3.54
N THR B 183 43.82 -22.02 4.75
CA THR B 183 45.02 -21.28 5.12
C THR B 183 46.13 -22.22 5.56
N PRO B 184 47.34 -22.10 5.01
CA PRO B 184 48.46 -22.91 5.50
C PRO B 184 48.81 -22.56 6.93
N ILE B 185 49.11 -23.58 7.73
CA ILE B 185 49.45 -23.34 9.13
C ILE B 185 50.92 -22.99 9.26
N ASP B 190 45.96 -24.55 19.08
CA ASP B 190 44.58 -24.21 18.77
C ASP B 190 44.51 -23.28 17.56
N LEU B 191 43.39 -22.55 17.42
CA LEU B 191 43.22 -21.69 16.25
C LEU B 191 44.28 -20.59 16.23
N PRO B 192 44.87 -20.31 15.07
CA PRO B 192 45.90 -19.28 15.01
C PRO B 192 45.32 -17.89 15.21
N GLN B 193 46.13 -17.00 15.76
CA GLN B 193 45.71 -15.61 15.97
C GLN B 193 45.96 -14.84 14.67
N GLY B 194 44.95 -14.79 13.81
CA GLY B 194 45.04 -14.10 12.55
C GLY B 194 43.65 -13.77 12.05
N PHE B 195 43.59 -12.87 11.07
CA PHE B 195 42.31 -12.53 10.43
C PHE B 195 42.21 -13.24 9.09
N SER B 196 41.17 -14.06 8.92
CA SER B 196 40.92 -14.75 7.67
C SER B 196 39.49 -14.45 7.21
N ALA B 197 39.35 -14.11 5.93
CA ALA B 197 38.04 -13.83 5.34
C ALA B 197 37.65 -15.00 4.45
N LEU B 198 36.46 -15.52 4.65
CA LEU B 198 35.99 -16.71 3.96
C LEU B 198 35.14 -16.34 2.75
N GLU B 199 35.65 -16.65 1.55
CA GLU B 199 34.93 -16.38 0.32
C GLU B 199 33.80 -17.39 0.12
N PRO B 200 32.64 -16.96 -0.38
CA PRO B 200 31.57 -17.93 -0.67
C PRO B 200 32.02 -18.93 -1.72
N LEU B 201 31.81 -20.21 -1.44
CA LEU B 201 32.24 -21.22 -2.40
C LEU B 201 31.06 -21.70 -3.27
N VAL B 202 29.97 -22.12 -2.64
CA VAL B 202 28.79 -22.63 -3.34
C VAL B 202 27.54 -22.23 -2.57
N ASP B 203 26.50 -21.88 -3.31
CA ASP B 203 25.19 -21.61 -2.74
C ASP B 203 24.20 -22.55 -3.43
N LEU B 204 23.47 -23.32 -2.64
CA LEU B 204 22.62 -24.34 -3.22
C LEU B 204 21.17 -24.17 -2.81
N PRO B 205 20.21 -24.33 -3.72
CA PRO B 205 18.79 -24.28 -3.34
C PRO B 205 18.28 -25.62 -2.83
N ILE B 206 18.86 -26.07 -1.71
CA ILE B 206 18.47 -27.36 -1.15
C ILE B 206 17.02 -27.35 -0.71
N GLY B 207 16.60 -26.26 -0.07
CA GLY B 207 15.24 -26.12 0.41
C GLY B 207 14.77 -27.19 1.36
N ILE B 208 15.65 -27.68 2.24
CA ILE B 208 15.28 -28.66 3.25
C ILE B 208 15.50 -28.06 4.63
N ASN B 209 14.55 -28.32 5.54
CA ASN B 209 14.71 -27.88 6.91
C ASN B 209 15.87 -28.64 7.53
N ILE B 210 16.78 -27.93 8.19
CA ILE B 210 17.91 -28.55 8.86
C ILE B 210 17.92 -28.15 10.32
N THR B 211 17.86 -29.14 11.21
CA THR B 211 17.96 -28.90 12.64
C THR B 211 19.14 -29.61 13.28
N ARG B 212 19.75 -30.57 12.61
CA ARG B 212 20.82 -31.37 13.16
C ARG B 212 21.95 -31.52 12.15
N PHE B 213 23.17 -31.72 12.64
CA PHE B 213 24.34 -31.90 11.81
C PHE B 213 25.28 -32.95 12.37
N GLN B 214 26.00 -33.63 11.47
CA GLN B 214 26.98 -34.62 11.83
C GLN B 214 28.19 -34.50 10.91
N THR B 215 29.34 -34.95 11.37
CA THR B 215 30.56 -34.92 10.57
C THR B 215 30.97 -36.33 10.17
N LEU B 216 31.56 -36.46 8.98
CA LEU B 216 32.00 -37.75 8.47
C LEU B 216 33.52 -37.82 8.51
N LEU B 217 34.04 -38.85 9.18
CA LEU B 217 35.47 -39.07 9.31
C LEU B 217 35.86 -40.37 8.63
N ALA B 218 36.96 -40.36 7.89
CA ALA B 218 37.42 -41.54 7.17
C ALA B 218 38.54 -42.23 7.94
N LEU B 219 38.31 -43.50 8.30
CA LEU B 219 39.33 -44.28 9.00
C LEU B 219 40.46 -44.67 8.06
N HIS B 220 41.69 -44.71 8.58
CA HIS B 220 42.83 -45.16 7.80
C HIS B 220 43.30 -46.53 8.26
N ALA B 237 46.78 -37.85 14.49
CA ALA B 237 45.94 -37.01 15.32
C ALA B 237 44.94 -36.22 14.46
N ALA B 238 43.71 -36.08 14.95
CA ALA B 238 42.67 -35.34 14.24
C ALA B 238 42.06 -34.26 15.12
N ALA B 239 42.00 -33.03 14.61
CA ALA B 239 41.35 -31.95 15.33
C ALA B 239 40.31 -31.29 14.44
N TYR B 240 39.06 -31.24 14.90
CA TYR B 240 38.02 -30.49 14.21
C TYR B 240 37.31 -29.61 15.23
N TYR B 241 37.06 -28.35 14.86
CA TYR B 241 36.46 -27.36 15.75
C TYR B 241 35.09 -26.93 15.25
N VAL B 242 34.10 -26.93 16.14
CA VAL B 242 32.74 -26.55 15.79
C VAL B 242 32.32 -25.31 16.57
N GLY B 243 31.80 -24.31 15.85
CA GLY B 243 31.32 -23.09 16.47
C GLY B 243 29.96 -22.75 15.90
N TYR B 244 29.18 -21.96 16.65
CA TYR B 244 27.82 -21.65 16.26
C TYR B 244 27.63 -20.15 16.02
N LEU B 245 27.09 -19.82 14.85
CA LEU B 245 26.86 -18.43 14.45
C LEU B 245 25.70 -17.80 15.21
N GLN B 246 25.84 -16.52 15.54
CA GLN B 246 24.80 -15.77 16.24
C GLN B 246 24.55 -14.46 15.52
N PRO B 247 23.32 -13.92 15.58
CA PRO B 247 23.08 -12.60 14.96
C PRO B 247 23.83 -11.49 15.68
N ARG B 248 24.59 -10.72 14.92
CA ARG B 248 25.38 -9.62 15.45
C ARG B 248 25.76 -8.64 14.35
N THR B 249 26.18 -7.45 14.76
CA THR B 249 26.60 -6.38 13.86
C THR B 249 28.11 -6.28 13.89
N PHE B 250 28.73 -6.30 12.71
CA PHE B 250 30.17 -6.28 12.56
C PHE B 250 30.61 -5.13 11.66
N LEU B 251 31.63 -4.39 12.06
CA LEU B 251 32.20 -3.35 11.21
C LEU B 251 33.35 -4.00 10.44
N LEU B 252 33.25 -4.04 9.12
CA LEU B 252 34.24 -4.71 8.30
C LEU B 252 35.08 -3.70 7.53
N LYS B 253 36.41 -3.84 7.62
CA LYS B 253 37.31 -2.99 6.87
C LYS B 253 37.61 -3.64 5.52
N TYR B 254 37.38 -2.89 4.44
CA TYR B 254 37.64 -3.38 3.08
C TYR B 254 38.82 -2.61 2.50
N ASN B 255 39.82 -3.32 1.98
CA ASN B 255 40.96 -2.65 1.34
C ASN B 255 40.60 -2.25 -0.09
N GLU B 256 41.51 -1.55 -0.77
CA GLU B 256 41.23 -1.12 -2.14
C GLU B 256 40.98 -2.31 -3.05
N ASN B 257 41.71 -3.39 -2.85
CA ASN B 257 41.50 -4.61 -3.62
C ASN B 257 40.10 -5.15 -3.36
N GLY B 258 39.60 -4.99 -2.15
CA GLY B 258 38.29 -5.46 -1.75
C GLY B 258 38.30 -6.58 -0.73
N THR B 259 39.47 -7.01 -0.27
CA THR B 259 39.54 -8.01 0.78
C THR B 259 39.17 -7.37 2.11
N ILE B 260 38.62 -8.18 3.02
CA ILE B 260 38.29 -7.71 4.36
C ILE B 260 39.51 -7.89 5.23
N THR B 261 40.30 -6.83 5.37
CA THR B 261 41.50 -6.90 6.20
C THR B 261 41.19 -7.06 7.69
N ASP B 262 40.18 -6.35 8.21
CA ASP B 262 39.91 -6.37 9.65
C ASP B 262 38.42 -6.19 9.92
N ALA B 263 37.99 -6.65 11.11
CA ALA B 263 36.60 -6.51 11.54
C ALA B 263 36.51 -6.20 13.03
N VAL B 264 35.45 -5.51 13.42
CA VAL B 264 35.15 -5.19 14.82
C VAL B 264 33.77 -5.72 15.18
N ASP B 265 33.68 -6.45 16.29
CA ASP B 265 32.40 -6.91 16.81
C ASP B 265 31.85 -5.83 17.73
N CYS B 266 30.72 -5.24 17.38
CA CYS B 266 30.21 -4.10 18.13
C CYS B 266 29.86 -4.46 19.57
N ALA B 267 29.31 -5.65 19.80
CA ALA B 267 28.84 -6.03 21.13
C ALA B 267 29.92 -6.67 22.00
N LEU B 268 31.12 -6.88 21.48
CA LEU B 268 32.14 -7.59 22.26
C LEU B 268 32.55 -6.82 23.50
N ASP B 269 32.78 -5.51 23.38
CA ASP B 269 33.29 -4.73 24.49
C ASP B 269 32.88 -3.27 24.28
N PRO B 270 32.99 -2.44 25.33
CA PRO B 270 32.57 -1.04 25.19
C PRO B 270 33.35 -0.26 24.14
N LEU B 271 34.66 -0.47 24.05
CA LEU B 271 35.45 0.24 23.06
C LEU B 271 34.97 -0.13 21.66
N SER B 272 34.67 -1.40 21.44
CA SER B 272 34.19 -1.83 20.14
C SER B 272 32.88 -1.15 19.80
N GLU B 273 32.00 -0.97 20.78
CA GLU B 273 30.74 -0.28 20.55
C GLU B 273 31.02 1.17 20.16
N THR B 274 32.00 1.80 20.80
CA THR B 274 32.36 3.16 20.44
C THR B 274 32.85 3.21 19.00
N LYS B 275 33.68 2.26 18.61
CA LYS B 275 34.20 2.20 17.25
C LYS B 275 33.05 2.02 16.27
N CYS B 276 32.09 1.18 16.63
CA CYS B 276 30.94 0.91 15.78
C CYS B 276 30.13 2.20 15.58
N THR B 277 29.93 2.96 16.66
CA THR B 277 29.19 4.23 16.56
C THR B 277 29.94 5.24 15.71
N LEU B 278 31.25 5.33 15.88
CA LEU B 278 32.05 6.32 15.16
C LEU B 278 32.40 5.87 13.75
N LYS B 279 32.17 4.60 13.43
CA LYS B 279 32.51 4.02 12.13
C LYS B 279 33.99 4.17 11.83
N SER B 280 34.83 4.07 12.86
CA SER B 280 36.26 4.15 12.70
C SER B 280 36.94 3.14 13.60
N PHE B 281 38.08 2.64 13.16
CA PHE B 281 38.85 1.70 13.97
C PHE B 281 39.70 2.41 15.01
N THR B 282 39.83 3.72 14.92
CA THR B 282 40.60 4.53 15.86
C THR B 282 39.65 5.50 16.56
N VAL B 283 39.72 5.55 17.89
CA VAL B 283 38.87 6.44 18.67
C VAL B 283 39.74 7.46 19.39
N GLU B 284 39.43 8.74 19.17
CA GLU B 284 40.14 9.84 19.83
C GLU B 284 39.66 9.99 21.27
N LYS B 285 40.46 10.64 22.09
CA LYS B 285 40.11 10.80 23.50
C LYS B 285 38.83 11.60 23.65
N GLY B 286 37.93 11.12 24.50
CA GLY B 286 36.71 11.85 24.78
C GLY B 286 35.70 10.94 25.46
N ILE B 287 34.49 11.47 25.62
CA ILE B 287 33.37 10.72 26.15
C ILE B 287 32.33 10.60 25.04
N TYR B 288 31.94 9.38 24.70
CA TYR B 288 31.03 9.13 23.59
C TYR B 288 29.81 8.36 24.07
N GLN B 289 28.62 8.84 23.73
CA GLN B 289 27.39 8.11 24.04
C GLN B 289 27.18 7.05 22.96
N THR B 290 27.23 5.78 23.34
CA THR B 290 27.18 4.74 22.34
C THR B 290 25.92 3.89 22.35
N SER B 291 25.20 3.81 23.46
CA SER B 291 24.06 2.91 23.53
C SER B 291 23.15 3.35 24.68
N ASN B 292 21.97 2.73 24.74
CA ASN B 292 21.04 2.97 25.82
C ASN B 292 20.74 1.65 26.52
N PHE B 293 20.79 1.65 27.85
CA PHE B 293 20.53 0.46 28.65
C PHE B 293 19.10 0.50 29.19
N ARG B 294 18.41 -0.62 29.11
CA ARG B 294 17.07 -0.74 29.64
C ARG B 294 16.98 -2.05 30.43
N VAL B 295 16.22 -2.04 31.51
CA VAL B 295 15.99 -3.25 32.30
C VAL B 295 14.74 -3.93 31.80
N GLN B 296 14.91 -5.14 31.26
CA GLN B 296 13.79 -5.88 30.71
C GLN B 296 12.92 -6.46 31.82
N PRO B 297 11.62 -6.59 31.59
CA PRO B 297 10.72 -7.08 32.65
C PRO B 297 10.99 -8.52 33.03
N THR B 298 11.18 -8.76 34.33
CA THR B 298 11.45 -10.11 34.81
C THR B 298 10.24 -11.03 34.68
N GLU B 299 9.05 -10.56 35.03
CA GLU B 299 7.86 -11.42 35.08
C GLU B 299 6.63 -10.70 34.55
N SER B 300 5.58 -11.47 34.24
CA SER B 300 4.29 -10.94 33.81
C SER B 300 3.20 -11.29 34.81
N ILE B 301 2.46 -10.29 35.28
CA ILE B 301 1.39 -10.48 36.26
C ILE B 301 0.08 -9.94 35.69
N VAL B 302 -0.99 -10.71 35.81
CA VAL B 302 -2.32 -10.28 35.37
C VAL B 302 -3.24 -10.23 36.58
N ARG B 303 -3.86 -9.07 36.82
CA ARG B 303 -4.78 -8.88 37.95
C ARG B 303 -6.16 -8.54 37.43
N PHE B 304 -7.17 -9.28 37.88
CA PHE B 304 -8.55 -9.06 37.45
C PHE B 304 -9.46 -9.18 38.67
N PRO B 305 -10.66 -8.61 38.61
CA PRO B 305 -11.55 -8.60 39.78
C PRO B 305 -12.00 -9.99 40.20
N ASN B 306 -12.32 -10.14 41.49
CA ASN B 306 -12.75 -11.44 42.01
C ASN B 306 -13.93 -11.96 41.21
N ILE B 307 -13.87 -13.22 40.79
CA ILE B 307 -14.94 -13.76 39.97
C ILE B 307 -16.23 -13.81 40.78
N THR B 308 -17.31 -13.28 40.20
CA THR B 308 -18.58 -13.21 40.90
C THR B 308 -19.68 -13.13 39.84
N ASN B 309 -20.93 -13.34 40.28
CA ASN B 309 -22.14 -13.06 39.52
C ASN B 309 -22.39 -14.07 38.41
N LEU B 310 -21.74 -15.23 38.48
CA LEU B 310 -21.91 -16.24 37.45
C LEU B 310 -23.36 -16.72 37.40
N CYS B 311 -23.85 -16.95 36.18
CA CYS B 311 -25.23 -17.39 36.02
C CYS B 311 -25.38 -18.84 36.49
N PRO B 312 -26.60 -19.24 36.84
CA PRO B 312 -26.78 -20.57 37.45
C PRO B 312 -26.80 -21.72 36.46
N PHE B 313 -25.64 -21.93 35.80
CA PHE B 313 -25.51 -23.08 34.93
C PHE B 313 -25.64 -24.35 35.76
N ASP B 314 -25.08 -24.31 36.97
CA ASP B 314 -25.13 -25.48 37.85
C ASP B 314 -26.57 -25.84 38.16
N GLU B 315 -27.39 -24.83 38.47
CA GLU B 315 -28.77 -25.10 38.84
C GLU B 315 -29.54 -25.73 37.69
N VAL B 316 -29.39 -25.19 36.47
CA VAL B 316 -30.11 -25.74 35.33
C VAL B 316 -29.62 -27.15 35.02
N PHE B 317 -28.31 -27.38 35.11
CA PHE B 317 -27.78 -28.72 34.88
C PHE B 317 -28.29 -29.71 35.92
N ASN B 318 -28.40 -29.28 37.18
CA ASN B 318 -28.77 -30.17 38.27
C ASN B 318 -30.24 -30.07 38.63
N ALA B 319 -31.05 -29.44 37.79
CA ALA B 319 -32.46 -29.25 38.12
C ALA B 319 -33.11 -30.60 38.34
N THR B 320 -33.92 -30.70 39.39
CA THR B 320 -34.52 -32.00 39.72
C THR B 320 -35.43 -32.49 38.60
N ARG B 321 -36.22 -31.60 38.00
CA ARG B 321 -37.14 -32.00 36.95
C ARG B 321 -36.81 -31.30 35.63
N PHE B 322 -36.76 -32.06 34.55
CA PHE B 322 -36.53 -31.54 33.21
C PHE B 322 -37.80 -31.61 32.38
N ALA B 323 -38.04 -30.58 31.59
CA ALA B 323 -39.25 -30.49 30.81
C ALA B 323 -39.24 -31.52 29.67
N SER B 324 -40.43 -31.86 29.21
CA SER B 324 -40.58 -32.78 28.09
C SER B 324 -40.01 -32.13 26.83
N VAL B 325 -39.57 -32.97 25.90
CA VAL B 325 -38.88 -32.45 24.72
C VAL B 325 -39.77 -31.49 23.93
N TYR B 326 -41.06 -31.82 23.78
CA TYR B 326 -41.90 -30.95 22.96
C TYR B 326 -42.00 -29.56 23.56
N ALA B 327 -42.21 -29.47 24.88
CA ALA B 327 -42.23 -28.19 25.57
C ALA B 327 -40.86 -27.85 26.15
N TRP B 328 -39.88 -27.64 25.28
CA TRP B 328 -38.52 -27.43 25.76
C TRP B 328 -38.40 -26.07 26.46
N ASN B 329 -37.78 -26.06 27.63
CA ASN B 329 -37.59 -24.84 28.40
C ASN B 329 -36.53 -23.95 27.76
N ARG B 330 -36.64 -22.65 27.99
CA ARG B 330 -35.66 -21.68 27.51
C ARG B 330 -35.07 -20.92 28.68
N LYS B 331 -33.75 -20.82 28.73
CA LYS B 331 -33.04 -20.08 29.77
C LYS B 331 -32.24 -18.95 29.12
N ARG B 332 -32.35 -17.75 29.68
CA ARG B 332 -31.63 -16.57 29.19
C ARG B 332 -30.46 -16.33 30.12
N ILE B 333 -29.25 -16.25 29.55
CA ILE B 333 -28.06 -16.01 30.34
C ILE B 333 -27.50 -14.64 29.93
N SER B 334 -27.35 -13.73 30.90
CA SER B 334 -26.80 -12.41 30.62
C SER B 334 -26.19 -11.83 31.89
N ASN B 335 -25.26 -10.88 31.70
CA ASN B 335 -24.57 -10.19 32.81
C ASN B 335 -23.94 -11.18 33.77
N CYS B 336 -23.28 -12.19 33.22
CA CYS B 336 -22.68 -13.26 34.00
C CYS B 336 -21.35 -13.71 33.43
N VAL B 337 -20.54 -14.34 34.27
CA VAL B 337 -19.30 -14.96 33.84
C VAL B 337 -19.55 -16.45 33.80
N ALA B 338 -19.21 -17.10 32.68
CA ALA B 338 -19.52 -18.51 32.48
C ALA B 338 -18.26 -19.35 32.55
N ASP B 339 -18.22 -20.29 33.50
CA ASP B 339 -17.13 -21.25 33.61
C ASP B 339 -17.63 -22.63 33.24
N TYR B 340 -17.06 -23.21 32.20
CA TYR B 340 -17.50 -24.50 31.70
C TYR B 340 -16.64 -25.63 32.23
N SER B 341 -15.64 -25.31 33.07
CA SER B 341 -14.74 -26.32 33.59
C SER B 341 -15.50 -27.35 34.41
N VAL B 342 -16.46 -26.88 35.21
CA VAL B 342 -17.21 -27.78 36.09
C VAL B 342 -17.98 -28.79 35.26
N LEU B 343 -18.60 -28.35 34.15
CA LEU B 343 -19.39 -29.26 33.34
C LEU B 343 -18.52 -30.36 32.76
N TYR B 344 -17.36 -29.97 32.22
CA TYR B 344 -16.44 -30.95 31.64
C TYR B 344 -15.90 -31.89 32.70
N ASN B 345 -15.57 -31.37 33.89
CA ASN B 345 -14.96 -32.18 34.93
C ASN B 345 -15.87 -33.32 35.38
N LEU B 346 -17.16 -33.05 35.52
CA LEU B 346 -18.06 -34.07 36.05
C LEU B 346 -18.12 -35.28 35.13
N ALA B 347 -18.03 -36.47 35.73
CA ALA B 347 -18.12 -37.71 34.96
C ALA B 347 -19.45 -37.91 34.28
N PRO B 348 -20.62 -37.61 34.88
CA PRO B 348 -21.89 -37.93 34.21
C PRO B 348 -22.08 -37.31 32.84
N PHE B 349 -21.59 -36.10 32.60
CA PHE B 349 -21.81 -35.42 31.33
C PHE B 349 -20.81 -35.94 30.29
N PHE B 350 -21.04 -37.18 29.86
CA PHE B 350 -20.12 -37.81 28.92
C PHE B 350 -20.10 -37.11 27.57
N THR B 351 -21.26 -36.70 27.05
CA THR B 351 -21.34 -36.15 25.70
C THR B 351 -21.24 -34.62 25.74
N PHE B 352 -20.22 -34.07 25.11
CA PHE B 352 -20.06 -32.62 25.01
C PHE B 352 -19.65 -32.25 23.57
N LYS B 353 -20.61 -32.37 22.64
CA LYS B 353 -20.38 -32.12 21.22
C LYS B 353 -20.64 -30.65 20.94
N CYS B 354 -19.62 -29.94 20.45
CA CYS B 354 -19.75 -28.51 20.19
C CYS B 354 -19.52 -28.23 18.72
N TYR B 355 -20.42 -27.47 18.10
CA TYR B 355 -20.38 -27.20 16.67
C TYR B 355 -20.22 -25.70 16.45
N GLY B 356 -19.24 -25.33 15.63
CA GLY B 356 -19.01 -23.95 15.26
C GLY B 356 -18.12 -23.17 16.20
N VAL B 357 -17.76 -23.75 17.34
CA VAL B 357 -16.83 -23.14 18.28
C VAL B 357 -16.14 -24.24 19.05
N SER B 358 -14.90 -24.01 19.42
CA SER B 358 -14.21 -25.01 20.22
C SER B 358 -14.66 -24.92 21.68
N PRO B 359 -15.00 -26.05 22.30
CA PRO B 359 -15.36 -26.00 23.73
C PRO B 359 -14.23 -25.56 24.63
N THR B 360 -12.99 -25.94 24.31
CA THR B 360 -11.86 -25.58 25.16
C THR B 360 -11.69 -24.07 25.24
N LYS B 361 -11.91 -23.38 24.15
CA LYS B 361 -11.71 -21.94 24.10
C LYS B 361 -13.01 -21.22 24.39
N LEU B 362 -14.01 -21.95 24.85
CA LEU B 362 -15.31 -21.37 25.10
C LEU B 362 -15.19 -20.27 26.14
N ASN B 363 -14.40 -20.50 27.20
CA ASN B 363 -14.18 -19.48 28.21
C ASN B 363 -13.49 -18.27 27.60
N ASP B 364 -12.50 -18.50 26.73
CA ASP B 364 -11.79 -17.40 26.11
C ASP B 364 -12.72 -16.56 25.25
N LEU B 365 -13.59 -17.21 24.48
CA LEU B 365 -14.46 -16.47 23.58
C LEU B 365 -15.55 -15.78 24.40
N CYS B 366 -16.02 -14.64 23.90
CA CYS B 366 -17.03 -13.87 24.61
C CYS B 366 -18.30 -13.82 23.77
N PHE B 367 -19.45 -14.13 24.39
CA PHE B 367 -20.74 -14.14 23.70
C PHE B 367 -21.76 -13.24 24.40
N THR B 368 -22.47 -12.41 23.61
CA THR B 368 -23.39 -11.46 24.21
C THR B 368 -24.51 -12.15 24.98
N ASN B 369 -25.13 -13.17 24.38
CA ASN B 369 -26.22 -13.88 25.03
C ASN B 369 -26.03 -15.39 24.90
N VAL B 370 -26.28 -16.11 25.98
CA VAL B 370 -26.22 -17.57 25.99
C VAL B 370 -27.61 -18.10 26.32
N TYR B 371 -28.12 -19.01 25.49
CA TYR B 371 -29.46 -19.54 25.70
C TYR B 371 -29.39 -21.03 26.01
N ALA B 372 -29.98 -21.44 27.14
CA ALA B 372 -29.95 -22.84 27.54
C ALA B 372 -31.37 -23.42 27.50
N ASP B 373 -31.52 -24.51 26.76
CA ASP B 373 -32.78 -25.24 26.64
C ASP B 373 -32.63 -26.66 27.21
N SER B 374 -33.49 -27.04 28.14
CA SER B 374 -33.37 -28.32 28.81
C SER B 374 -34.53 -29.25 28.45
N PHE B 375 -34.20 -30.45 27.96
CA PHE B 375 -35.19 -31.46 27.63
C PHE B 375 -34.54 -32.83 27.80
N VAL B 376 -35.38 -33.85 27.99
CA VAL B 376 -34.92 -35.23 28.13
C VAL B 376 -35.37 -36.07 26.95
N ILE B 377 -34.44 -36.79 26.33
CA ILE B 377 -34.74 -37.61 25.18
C ILE B 377 -34.00 -38.95 25.28
N ARG B 378 -34.49 -39.94 24.54
CA ARG B 378 -33.89 -41.28 24.53
C ARG B 378 -32.53 -41.27 23.84
N GLY B 379 -31.72 -42.27 24.19
CA GLY B 379 -30.37 -42.33 23.64
C GLY B 379 -30.35 -42.47 22.13
N ASP B 380 -31.30 -43.22 21.57
CA ASP B 380 -31.31 -43.42 20.13
C ASP B 380 -31.48 -42.11 19.39
N GLU B 381 -32.32 -41.21 19.92
CA GLU B 381 -32.64 -39.96 19.26
C GLU B 381 -31.76 -38.80 19.72
N VAL B 382 -30.74 -39.06 20.55
CA VAL B 382 -29.82 -38.00 20.95
C VAL B 382 -29.07 -37.48 19.73
N ARG B 383 -28.74 -38.38 18.79
CA ARG B 383 -28.03 -37.99 17.59
C ARG B 383 -28.84 -36.97 16.80
N GLN B 384 -30.17 -37.11 16.80
CA GLN B 384 -31.02 -36.24 16.00
C GLN B 384 -30.87 -34.78 16.38
N ILE B 385 -30.54 -34.49 17.64
CA ILE B 385 -30.32 -33.11 18.06
C ILE B 385 -28.93 -32.67 17.67
N ALA B 386 -28.74 -32.38 16.39
CA ALA B 386 -27.49 -31.89 15.82
C ALA B 386 -27.83 -31.04 14.62
N PRO B 387 -26.95 -30.12 14.22
CA PRO B 387 -27.23 -29.33 13.01
C PRO B 387 -27.31 -30.22 11.78
N GLY B 388 -28.29 -29.93 10.92
CA GLY B 388 -28.48 -30.69 9.70
C GLY B 388 -28.70 -32.17 9.93
N GLN B 389 -29.45 -32.50 10.97
CA GLN B 389 -29.78 -33.88 11.29
C GLN B 389 -31.30 -34.05 11.25
N THR B 390 -31.77 -35.10 10.57
CA THR B 390 -33.20 -35.35 10.41
C THR B 390 -33.66 -36.49 11.32
N GLY B 391 -34.67 -36.21 12.15
CA GLY B 391 -35.20 -37.19 13.08
C GLY B 391 -36.62 -36.83 13.48
N ASN B 392 -37.31 -37.80 14.09
CA ASN B 392 -38.66 -37.52 14.60
C ASN B 392 -38.61 -36.44 15.68
N ILE B 393 -37.66 -36.57 16.61
CA ILE B 393 -37.51 -35.54 17.63
C ILE B 393 -37.11 -34.23 16.97
N ALA B 394 -36.17 -34.29 16.04
CA ALA B 394 -35.67 -33.07 15.42
C ALA B 394 -36.77 -32.39 14.61
N ASP B 395 -37.49 -33.16 13.78
CA ASP B 395 -38.47 -32.53 12.91
C ASP B 395 -39.69 -32.02 13.69
N TYR B 396 -40.18 -32.77 14.69
CA TYR B 396 -41.43 -32.35 15.33
C TYR B 396 -41.28 -31.81 16.75
N ASN B 397 -40.09 -31.83 17.35
CA ASN B 397 -39.97 -31.39 18.74
C ASN B 397 -38.98 -30.23 18.87
N TYR B 398 -37.69 -30.46 18.64
CA TYR B 398 -36.67 -29.44 18.74
C TYR B 398 -35.88 -29.40 17.45
N LYS B 399 -35.76 -28.21 16.84
CA LYS B 399 -35.09 -28.07 15.55
C LYS B 399 -33.86 -27.20 15.69
N LEU B 400 -32.73 -27.68 15.13
CA LEU B 400 -31.49 -26.93 15.14
C LEU B 400 -31.13 -26.48 13.73
N PRO B 401 -30.83 -25.20 13.52
CA PRO B 401 -30.41 -24.74 12.19
C PRO B 401 -29.05 -25.31 11.82
N ASP B 402 -28.81 -25.45 10.51
CA ASP B 402 -27.51 -25.95 10.08
C ASP B 402 -26.38 -25.02 10.52
N ASP B 403 -26.59 -23.71 10.37
CA ASP B 403 -25.60 -22.73 10.85
C ASP B 403 -25.94 -22.40 12.30
N PHE B 404 -25.54 -23.29 13.20
CA PHE B 404 -25.74 -23.11 14.63
C PHE B 404 -24.40 -23.14 15.34
N THR B 405 -24.09 -22.10 16.10
CA THR B 405 -22.87 -22.06 16.90
C THR B 405 -23.22 -22.35 18.35
N GLY B 406 -23.03 -23.60 18.77
CA GLY B 406 -23.35 -24.00 20.13
C GLY B 406 -22.79 -25.37 20.46
N CYS B 407 -22.78 -25.69 21.75
CA CYS B 407 -22.38 -27.00 22.25
C CYS B 407 -23.58 -27.70 22.86
N VAL B 408 -23.80 -28.97 22.48
CA VAL B 408 -24.90 -29.78 23.02
C VAL B 408 -24.33 -30.70 24.10
N ILE B 409 -24.96 -30.70 25.28
CA ILE B 409 -24.50 -31.53 26.38
C ILE B 409 -25.58 -32.55 26.71
N ALA B 410 -25.22 -33.85 26.68
CA ALA B 410 -26.16 -34.90 27.00
C ALA B 410 -25.56 -35.84 28.04
N TRP B 411 -26.30 -36.13 29.11
CA TRP B 411 -25.84 -37.11 30.10
C TRP B 411 -26.94 -38.13 30.35
N ASN B 412 -26.58 -39.43 30.34
CA ASN B 412 -27.54 -40.46 30.67
C ASN B 412 -27.95 -40.29 32.13
N SER B 413 -29.26 -40.31 32.39
CA SER B 413 -29.79 -40.20 33.75
C SER B 413 -30.87 -41.26 33.98
N ASN B 414 -30.47 -42.53 33.95
CA ASN B 414 -31.44 -43.60 34.09
C ASN B 414 -32.09 -43.57 35.47
N LYS B 415 -31.29 -43.36 36.52
CA LYS B 415 -31.82 -43.44 37.88
C LYS B 415 -32.87 -42.36 38.13
N LEU B 416 -32.57 -41.12 37.74
CA LEU B 416 -33.48 -40.01 38.02
C LEU B 416 -34.77 -40.09 37.22
N ASP B 417 -34.70 -40.46 35.94
CA ASP B 417 -35.87 -40.40 35.08
C ASP B 417 -36.63 -41.72 34.97
N SER B 418 -36.20 -42.79 35.65
CA SER B 418 -36.83 -44.09 35.53
C SER B 418 -37.25 -44.59 36.89
N LYS B 419 -38.40 -45.27 36.94
CA LYS B 419 -38.95 -45.81 38.16
C LYS B 419 -39.28 -47.28 37.95
N VAL B 420 -39.41 -48.02 39.05
CA VAL B 420 -39.82 -49.42 38.93
C VAL B 420 -41.19 -49.49 38.27
N SER B 421 -42.11 -48.62 38.68
CA SER B 421 -43.40 -48.53 38.01
C SER B 421 -43.21 -48.00 36.59
N GLY B 422 -42.29 -47.08 36.42
CA GLY B 422 -41.99 -46.42 35.16
C GLY B 422 -42.50 -44.99 35.17
N ASN B 423 -41.87 -44.14 34.36
CA ASN B 423 -42.21 -42.72 34.34
C ASN B 423 -42.88 -42.40 33.01
N TYR B 424 -44.12 -41.92 33.09
CA TYR B 424 -44.90 -41.53 31.92
C TYR B 424 -45.09 -40.03 31.85
N ASN B 425 -44.43 -39.29 32.75
CA ASN B 425 -44.56 -37.83 32.76
C ASN B 425 -44.03 -37.22 31.47
N TYR B 426 -42.91 -37.72 30.97
CA TYR B 426 -42.30 -37.18 29.77
C TYR B 426 -43.12 -37.54 28.54
N LEU B 427 -43.25 -36.58 27.62
CA LEU B 427 -44.03 -36.76 26.40
C LEU B 427 -43.28 -36.20 25.21
N TYR B 428 -43.53 -36.79 24.02
CA TYR B 428 -42.93 -36.30 22.79
C TYR B 428 -44.00 -36.17 21.72
N ARG B 429 -43.91 -35.11 20.91
CA ARG B 429 -44.84 -34.93 19.81
C ARG B 429 -44.56 -35.94 18.70
N LEU B 430 -45.61 -36.63 18.23
CA LEU B 430 -45.45 -37.64 17.20
C LEU B 430 -46.10 -37.27 15.89
N PHE B 431 -47.11 -36.40 15.90
CA PHE B 431 -47.86 -36.05 14.70
C PHE B 431 -47.84 -34.54 14.54
N ARG B 432 -47.35 -34.06 13.39
CA ARG B 432 -47.40 -32.63 13.10
C ARG B 432 -47.53 -32.47 11.58
N LYS B 433 -48.27 -31.44 11.16
CA LYS B 433 -48.49 -31.25 9.74
C LYS B 433 -47.20 -30.95 8.98
N SER B 434 -46.34 -30.10 9.55
CA SER B 434 -45.12 -29.68 8.85
C SER B 434 -43.94 -29.71 9.81
N ASN B 435 -42.74 -29.81 9.25
CA ASN B 435 -41.53 -29.79 10.06
C ASN B 435 -41.37 -28.44 10.75
N LEU B 436 -40.96 -28.48 12.01
CA LEU B 436 -40.80 -27.26 12.80
C LEU B 436 -39.66 -26.42 12.27
N LYS B 437 -39.82 -25.10 12.31
CA LYS B 437 -38.74 -24.20 11.94
C LYS B 437 -37.70 -24.21 13.05
N PRO B 438 -36.45 -23.81 12.75
CA PRO B 438 -35.40 -23.89 13.78
C PRO B 438 -35.76 -23.05 15.00
N PHE B 439 -35.49 -23.61 16.19
CA PHE B 439 -35.76 -22.95 17.47
C PHE B 439 -37.21 -22.52 17.60
N GLU B 440 -38.14 -23.39 17.19
CA GLU B 440 -39.57 -23.12 17.33
C GLU B 440 -40.21 -24.15 18.25
N ARG B 441 -41.03 -23.68 19.18
CA ARG B 441 -41.69 -24.54 20.16
C ARG B 441 -43.20 -24.59 19.89
N ASP B 442 -43.74 -25.81 19.76
CA ASP B 442 -45.17 -26.02 19.55
C ASP B 442 -45.73 -26.83 20.71
N ILE B 443 -46.72 -26.28 21.41
CA ILE B 443 -47.33 -26.96 22.54
C ILE B 443 -48.79 -27.31 22.27
N SER B 444 -49.24 -27.23 21.02
CA SER B 444 -50.63 -27.46 20.68
C SER B 444 -51.04 -28.89 21.00
N THR B 445 -52.22 -29.04 21.63
CA THR B 445 -52.75 -30.35 21.96
C THR B 445 -53.93 -30.72 21.07
N GLU B 446 -54.19 -29.94 20.02
CA GLU B 446 -55.35 -30.17 19.15
C GLU B 446 -55.20 -31.54 18.50
N ILE B 447 -56.32 -32.27 18.41
CA ILE B 447 -56.25 -33.63 17.88
C ILE B 447 -55.82 -33.60 16.43
N TYR B 448 -54.84 -34.42 16.09
CA TYR B 448 -54.32 -34.43 14.72
C TYR B 448 -55.38 -35.00 13.79
N GLN B 449 -55.50 -34.43 12.59
CA GLN B 449 -56.43 -34.93 11.60
C GLN B 449 -55.68 -35.69 10.52
N ALA B 450 -55.91 -37.00 10.45
CA ALA B 450 -55.29 -37.85 9.44
C ALA B 450 -56.30 -38.37 8.43
N GLY B 451 -57.53 -37.87 8.46
CA GLY B 451 -58.58 -38.36 7.59
C GLY B 451 -59.39 -37.21 7.02
N ASN B 452 -60.09 -37.51 5.92
CA ASN B 452 -60.94 -36.50 5.29
C ASN B 452 -62.06 -36.07 6.23
N LYS B 453 -62.61 -37.03 6.98
CA LYS B 453 -63.71 -36.74 7.89
C LYS B 453 -63.26 -35.75 8.96
N PRO B 454 -64.12 -34.84 9.40
CA PRO B 454 -63.69 -33.85 10.39
C PRO B 454 -63.28 -34.55 11.67
N CYS B 455 -62.22 -34.03 12.29
CA CYS B 455 -61.73 -34.66 13.50
C CYS B 455 -62.79 -34.60 14.60
N ASN B 456 -63.45 -33.45 14.74
CA ASN B 456 -64.55 -33.20 15.68
C ASN B 456 -64.02 -33.00 17.09
N GLY B 457 -62.72 -32.92 17.28
CA GLY B 457 -62.15 -32.80 18.60
C GLY B 457 -62.15 -34.09 19.38
N VAL B 458 -62.46 -35.21 18.72
CA VAL B 458 -62.51 -36.53 19.34
C VAL B 458 -61.46 -37.38 18.64
N ALA B 459 -60.63 -38.06 19.42
CA ALA B 459 -59.55 -38.88 18.86
C ALA B 459 -60.06 -40.26 18.44
N GLY B 460 -60.85 -40.27 17.38
CA GLY B 460 -61.36 -41.50 16.81
C GLY B 460 -60.37 -42.05 15.81
N PHE B 461 -60.83 -43.00 15.01
CA PHE B 461 -59.96 -43.47 13.93
C PHE B 461 -59.65 -42.30 13.03
N ASN B 462 -58.38 -42.13 12.67
CA ASN B 462 -57.85 -41.05 11.84
C ASN B 462 -57.66 -39.78 12.65
N CYS B 463 -57.95 -39.80 13.95
CA CYS B 463 -57.68 -38.68 14.85
C CYS B 463 -56.93 -39.21 16.05
N TYR B 464 -55.70 -38.74 16.23
CA TYR B 464 -54.83 -39.24 17.27
C TYR B 464 -54.26 -38.06 18.06
N PHE B 465 -54.14 -38.23 19.36
CA PHE B 465 -53.54 -37.19 20.18
C PHE B 465 -52.10 -36.98 19.73
N PRO B 466 -51.66 -35.74 19.48
CA PRO B 466 -50.30 -35.55 18.95
C PRO B 466 -49.21 -36.00 19.91
N LEU B 467 -49.35 -35.68 21.18
CA LEU B 467 -48.35 -36.04 22.18
C LEU B 467 -48.51 -37.52 22.54
N ARG B 468 -47.39 -38.24 22.59
CA ARG B 468 -47.41 -39.66 22.93
C ARG B 468 -46.59 -39.87 24.19
N SER B 469 -47.13 -40.64 25.15
CA SER B 469 -46.41 -40.80 26.40
C SER B 469 -45.11 -41.53 26.12
N TYR B 470 -44.07 -41.08 26.79
CA TYR B 470 -42.76 -41.69 26.70
C TYR B 470 -42.52 -42.58 27.93
N SER B 471 -42.17 -43.86 27.70
CA SER B 471 -42.00 -44.86 28.75
C SER B 471 -40.55 -45.19 29.12
N PHE B 472 -40.19 -45.02 30.39
CA PHE B 472 -38.85 -45.27 30.90
C PHE B 472 -38.83 -46.24 32.06
N ARG B 473 -37.98 -47.26 31.98
CA ARG B 473 -37.81 -48.25 33.02
C ARG B 473 -36.32 -48.48 33.27
N PRO B 474 -35.92 -48.87 34.49
CA PRO B 474 -34.50 -49.19 34.72
C PRO B 474 -34.02 -50.37 33.90
N THR B 475 -34.86 -51.39 33.75
CA THR B 475 -34.50 -52.58 33.01
C THR B 475 -34.34 -52.32 31.52
N TYR B 476 -34.89 -51.21 31.02
CA TYR B 476 -34.88 -50.93 29.59
C TYR B 476 -33.46 -50.77 29.07
N GLY B 477 -33.28 -51.02 27.78
CA GLY B 477 -31.96 -50.94 27.17
C GLY B 477 -31.43 -49.52 27.13
N VAL B 478 -30.10 -49.41 26.95
CA VAL B 478 -29.45 -48.11 27.02
C VAL B 478 -30.01 -47.16 25.97
N GLY B 479 -30.30 -47.65 24.77
CA GLY B 479 -30.89 -46.79 23.76
C GLY B 479 -32.24 -46.25 24.19
N HIS B 480 -33.06 -47.11 24.76
CA HIS B 480 -34.35 -46.66 25.29
C HIS B 480 -34.17 -45.83 26.56
N GLN B 481 -33.06 -46.00 27.27
CA GLN B 481 -32.85 -45.33 28.54
C GLN B 481 -32.84 -43.81 28.37
N PRO B 482 -33.43 -43.07 29.31
CA PRO B 482 -33.52 -41.61 29.18
C PRO B 482 -32.19 -40.90 29.33
N TYR B 483 -31.93 -39.94 28.45
CA TYR B 483 -30.73 -39.11 28.50
C TYR B 483 -31.16 -37.66 28.69
N ARG B 484 -30.61 -36.98 29.69
CA ARG B 484 -30.90 -35.57 29.86
C ARG B 484 -30.03 -34.75 28.93
N VAL B 485 -30.62 -33.87 28.11
CA VAL B 485 -29.86 -33.12 27.12
C VAL B 485 -30.07 -31.62 27.30
N VAL B 486 -28.97 -30.86 27.39
CA VAL B 486 -29.02 -29.40 27.42
C VAL B 486 -28.11 -28.85 26.34
N VAL B 487 -28.62 -27.96 25.50
CA VAL B 487 -27.84 -27.36 24.41
C VAL B 487 -27.66 -25.88 24.70
N LEU B 488 -26.42 -25.41 24.65
CA LEU B 488 -26.09 -24.02 24.88
C LEU B 488 -25.87 -23.35 23.52
N SER B 489 -26.59 -22.26 23.29
CA SER B 489 -26.50 -21.51 22.04
C SER B 489 -25.81 -20.18 22.32
N PHE B 490 -24.78 -19.88 21.53
CA PHE B 490 -23.97 -18.69 21.72
C PHE B 490 -24.19 -17.72 20.56
N GLU B 491 -24.53 -16.47 20.89
CA GLU B 491 -24.83 -15.45 19.89
C GLU B 491 -24.11 -14.15 20.22
N LEU B 492 -23.87 -13.34 19.18
CA LEU B 492 -23.24 -12.04 19.31
C LEU B 492 -24.22 -10.97 18.87
N LEU B 493 -24.34 -9.89 19.65
CA LEU B 493 -25.31 -8.84 19.36
C LEU B 493 -24.62 -7.48 19.36
N HIS B 494 -25.30 -6.48 18.77
CA HIS B 494 -24.75 -5.13 18.74
C HIS B 494 -24.56 -4.58 20.14
N ALA B 495 -25.49 -4.89 21.04
CA ALA B 495 -25.38 -4.47 22.42
C ALA B 495 -24.15 -5.12 23.05
N PRO B 496 -23.46 -4.45 23.96
CA PRO B 496 -22.20 -4.99 24.49
C PRO B 496 -22.43 -6.35 25.14
N ALA B 497 -21.47 -7.25 24.93
CA ALA B 497 -21.63 -8.61 25.43
C ALA B 497 -21.77 -8.61 26.94
N THR B 498 -22.75 -9.36 27.44
CA THR B 498 -22.96 -9.47 28.87
C THR B 498 -22.44 -10.76 29.47
N VAL B 499 -22.11 -11.77 28.65
CA VAL B 499 -21.68 -13.07 29.15
C VAL B 499 -20.26 -13.27 28.66
N CYS B 500 -19.35 -13.59 29.58
CA CYS B 500 -18.01 -13.82 29.09
C CYS B 500 -17.33 -14.77 30.09
N GLY B 501 -16.25 -15.46 29.67
CA GLY B 501 -15.59 -16.39 30.56
C GLY B 501 -14.82 -15.75 31.70
N PRO B 502 -14.60 -16.51 32.78
CA PRO B 502 -13.94 -15.92 33.97
C PRO B 502 -12.52 -15.49 33.67
N LYS B 503 -12.13 -14.35 34.24
CA LYS B 503 -10.81 -13.79 34.00
C LYS B 503 -9.79 -14.37 34.96
N LYS B 504 -8.66 -14.82 34.41
CA LYS B 504 -7.58 -15.38 35.22
C LYS B 504 -6.84 -14.28 35.99
N SER B 505 -6.24 -14.66 37.12
CA SER B 505 -5.45 -13.73 37.92
C SER B 505 -4.14 -14.38 38.38
N THR B 506 -3.15 -13.54 38.71
CA THR B 506 -1.83 -14.00 39.12
C THR B 506 -1.41 -13.23 40.37
N ASN B 507 -0.47 -13.79 41.14
CA ASN B 507 -0.03 -13.15 42.37
C ASN B 507 0.66 -11.82 42.08
N LEU B 508 0.43 -10.83 42.95
CA LEU B 508 1.04 -9.52 42.78
C LEU B 508 2.54 -9.58 43.02
N VAL B 509 3.30 -8.86 42.18
CA VAL B 509 4.74 -8.70 42.33
C VAL B 509 5.05 -7.23 42.55
N LYS B 510 5.82 -6.92 43.59
CA LYS B 510 6.09 -5.54 43.94
C LYS B 510 7.60 -5.33 44.06
N ASN B 511 8.04 -4.11 43.72
CA ASN B 511 9.43 -3.68 43.81
C ASN B 511 10.31 -4.36 42.76
N LYS B 512 9.70 -4.91 41.72
CA LYS B 512 10.43 -5.51 40.61
C LYS B 512 9.82 -5.02 39.32
N CYS B 513 10.62 -5.01 38.24
CA CYS B 513 10.11 -4.56 36.94
C CYS B 513 9.37 -5.74 36.32
N VAL B 514 8.05 -5.60 36.18
CA VAL B 514 7.20 -6.68 35.69
C VAL B 514 6.15 -6.12 34.73
N ASN B 515 5.79 -6.92 33.74
CA ASN B 515 4.68 -6.55 32.88
C ASN B 515 3.40 -6.63 33.69
N PHE B 516 2.52 -5.65 33.53
CA PHE B 516 1.30 -5.61 34.34
C PHE B 516 0.07 -5.46 33.46
N ASN B 517 -1.00 -6.17 33.84
CA ASN B 517 -2.30 -6.08 33.17
C ASN B 517 -3.41 -5.94 34.23
N PHE B 518 -3.53 -4.75 34.81
CA PHE B 518 -4.53 -4.49 35.84
C PHE B 518 -5.81 -4.03 35.16
N ASN B 519 -6.87 -4.84 35.21
CA ASN B 519 -8.18 -4.46 34.66
C ASN B 519 -8.07 -4.01 33.21
N GLY B 520 -7.26 -4.70 32.43
CA GLY B 520 -7.13 -4.39 31.03
C GLY B 520 -6.18 -3.26 30.71
N LEU B 521 -5.49 -2.72 31.71
CA LEU B 521 -4.46 -1.70 31.50
C LEU B 521 -3.13 -2.42 31.35
N LYS B 522 -2.53 -2.34 30.17
CA LYS B 522 -1.31 -3.09 29.88
C LYS B 522 -0.10 -2.16 29.85
N GLY B 523 0.90 -2.47 30.68
CA GLY B 523 2.12 -1.69 30.76
C GLY B 523 3.24 -2.48 31.40
N THR B 524 4.47 -1.97 31.25
CA THR B 524 5.63 -2.54 31.90
C THR B 524 6.16 -1.56 32.93
N GLY B 525 6.27 -1.98 34.18
CA GLY B 525 6.66 -1.05 35.23
C GLY B 525 7.05 -1.72 36.53
N VAL B 526 7.53 -0.90 37.46
CA VAL B 526 7.85 -1.30 38.82
C VAL B 526 6.72 -0.83 39.73
N LEU B 527 6.16 -1.72 40.53
CA LEU B 527 5.01 -1.42 41.36
C LEU B 527 5.41 -1.21 42.82
N THR B 528 4.96 -0.09 43.41
CA THR B 528 5.26 0.24 44.79
C THR B 528 4.01 0.73 45.51
N GLU B 529 4.00 0.58 46.84
CA GLU B 529 2.89 1.08 47.63
C GLU B 529 2.83 2.60 47.51
N SER B 530 1.63 3.15 47.40
CA SER B 530 1.47 4.59 47.16
C SER B 530 0.70 5.26 48.29
N ASN B 531 1.25 6.38 48.78
CA ASN B 531 0.58 7.16 49.81
C ASN B 531 -0.72 7.77 49.28
N LYS B 532 -0.73 8.17 48.00
CA LYS B 532 -1.89 8.87 47.43
C LYS B 532 -3.15 8.02 47.55
N LYS B 533 -4.26 8.67 47.91
CA LYS B 533 -5.54 8.00 48.08
C LYS B 533 -6.51 8.40 46.97
N PHE B 534 -6.97 7.41 46.21
CA PHE B 534 -7.93 7.64 45.14
C PHE B 534 -9.33 7.75 45.72
N LEU B 535 -10.22 8.40 44.95
CA LEU B 535 -11.61 8.42 45.33
C LEU B 535 -12.18 7.03 45.05
N PRO B 536 -13.30 6.65 45.70
CA PRO B 536 -13.77 5.27 45.55
C PRO B 536 -14.04 4.82 44.13
N PHE B 537 -14.70 5.65 43.32
CA PHE B 537 -14.94 5.28 41.93
C PHE B 537 -13.64 5.21 41.12
N GLN B 538 -12.70 6.11 41.39
CA GLN B 538 -11.48 6.21 40.59
C GLN B 538 -10.66 4.93 40.63
N GLN B 539 -10.24 4.46 39.45
CA GLN B 539 -9.50 3.21 39.37
C GLN B 539 -8.00 3.41 39.15
N PHE B 540 -7.61 4.28 38.23
CA PHE B 540 -6.20 4.50 37.92
C PHE B 540 -5.94 6.00 37.83
N GLY B 541 -4.67 6.37 37.95
CA GLY B 541 -4.29 7.77 37.96
C GLY B 541 -3.24 8.10 36.92
N ARG B 542 -3.24 9.36 36.49
CA ARG B 542 -2.32 9.85 35.47
C ARG B 542 -1.69 11.16 35.93
N ASP B 543 -0.46 11.40 35.48
CA ASP B 543 0.26 12.63 35.82
C ASP B 543 -0.06 13.73 34.82
N ILE B 544 0.67 14.85 34.93
CA ILE B 544 0.46 15.97 34.01
C ILE B 544 0.76 15.54 32.58
N ALA B 545 1.79 14.70 32.40
CA ALA B 545 2.20 14.23 31.09
C ALA B 545 1.15 13.31 30.47
N ASP B 546 0.19 12.84 31.27
CA ASP B 546 -0.92 11.95 30.90
C ASP B 546 -0.47 10.50 30.93
N THR B 547 0.72 10.21 31.44
CA THR B 547 1.18 8.83 31.61
C THR B 547 0.67 8.27 32.92
N THR B 548 0.31 6.99 32.91
CA THR B 548 -0.22 6.36 34.11
C THR B 548 0.83 6.30 35.20
N ASP B 549 0.48 6.77 36.40
CA ASP B 549 1.42 6.83 37.50
C ASP B 549 1.02 5.97 38.69
N ALA B 550 -0.26 5.63 38.82
CA ALA B 550 -0.72 4.80 39.93
C ALA B 550 -1.90 3.97 39.44
N VAL B 551 -2.05 2.77 39.98
CA VAL B 551 -3.16 1.90 39.67
C VAL B 551 -3.66 1.27 40.96
N ARG B 552 -4.98 1.06 41.05
CA ARG B 552 -5.59 0.39 42.19
C ARG B 552 -5.84 -1.08 41.84
N ASP B 553 -5.34 -1.98 42.69
CA ASP B 553 -5.49 -3.40 42.41
C ASP B 553 -6.97 -3.78 42.44
N PRO B 554 -7.48 -4.53 41.48
CA PRO B 554 -8.88 -4.94 41.55
C PRO B 554 -9.22 -5.85 42.73
N GLN B 555 -8.42 -6.89 42.98
CA GLN B 555 -8.76 -7.83 44.05
C GLN B 555 -8.65 -7.18 45.42
N THR B 556 -7.58 -6.42 45.66
CA THR B 556 -7.40 -5.70 46.90
C THR B 556 -7.32 -4.22 46.57
N LEU B 557 -8.13 -3.42 47.24
CA LEU B 557 -8.24 -1.99 46.89
C LEU B 557 -7.10 -1.19 47.51
N GLU B 558 -5.90 -1.40 46.98
CA GLU B 558 -4.71 -0.65 47.40
C GLU B 558 -4.10 0.06 46.21
N ILE B 559 -3.82 1.35 46.36
CA ILE B 559 -3.28 2.12 45.25
C ILE B 559 -1.78 1.90 45.17
N LEU B 560 -1.29 1.49 44.00
CA LEU B 560 0.12 1.20 43.80
C LEU B 560 0.74 2.10 42.75
N ASP B 561 1.83 2.79 43.10
CA ASP B 561 2.53 3.61 42.12
C ASP B 561 3.22 2.76 41.08
N ILE B 562 3.19 3.23 39.84
CA ILE B 562 3.89 2.59 38.74
C ILE B 562 5.03 3.51 38.31
N THR B 563 6.24 2.98 38.33
CA THR B 563 7.43 3.74 37.95
C THR B 563 8.11 3.06 36.76
N PRO B 564 8.51 3.79 35.73
CA PRO B 564 9.09 3.14 34.55
C PRO B 564 10.37 2.40 34.89
N CYS B 565 10.58 1.26 34.25
CA CYS B 565 11.77 0.47 34.54
C CYS B 565 12.99 1.31 34.18
N SER B 566 14.04 1.20 34.99
CA SER B 566 15.20 2.08 34.83
C SER B 566 15.83 2.00 33.45
N PHE B 567 16.06 3.17 32.85
CA PHE B 567 16.70 3.28 31.55
C PHE B 567 17.62 4.49 31.56
N GLY B 568 18.72 4.39 30.83
CA GLY B 568 19.64 5.51 30.71
C GLY B 568 20.59 5.35 29.55
N GLY B 569 21.19 6.47 29.14
CA GLY B 569 22.21 6.42 28.12
C GLY B 569 23.51 5.85 28.65
N VAL B 570 24.24 5.15 27.81
CA VAL B 570 25.55 4.61 28.15
C VAL B 570 26.62 5.39 27.40
N SER B 571 27.56 5.97 28.15
CA SER B 571 28.65 6.74 27.59
C SER B 571 29.98 6.07 27.93
N VAL B 572 30.83 5.90 26.94
CA VAL B 572 32.14 5.30 27.11
C VAL B 572 33.19 6.39 27.22
N ILE B 573 33.88 6.44 28.34
CA ILE B 573 34.95 7.40 28.56
C ILE B 573 36.26 6.72 28.22
N THR B 574 36.91 7.17 27.15
CA THR B 574 38.10 6.43 26.76
C THR B 574 39.27 7.36 26.46
N PRO B 575 40.47 7.00 26.88
CA PRO B 575 41.65 7.74 26.46
C PRO B 575 41.86 7.36 25.00
N GLY B 576 42.67 8.13 24.29
CA GLY B 576 42.80 7.87 22.87
C GLY B 576 43.20 6.42 22.62
N THR B 577 42.66 5.83 21.56
CA THR B 577 42.92 4.42 21.29
C THR B 577 44.41 4.17 21.11
N ASN B 578 45.11 5.12 20.49
CA ASN B 578 46.55 4.98 20.35
C ASN B 578 47.21 4.90 21.73
N THR B 579 46.78 5.76 22.66
CA THR B 579 47.37 5.77 23.99
C THR B 579 47.05 4.48 24.74
N SER B 580 45.80 4.04 24.73
CA SER B 580 45.42 2.88 25.51
C SER B 580 44.08 2.34 25.02
N ASN B 581 43.81 1.09 25.34
CA ASN B 581 42.51 0.49 25.04
C ASN B 581 41.62 0.41 26.26
N GLN B 582 42.10 0.85 27.42
CA GLN B 582 41.29 0.83 28.63
C GLN B 582 40.14 1.79 28.49
N VAL B 583 38.97 1.44 29.03
CA VAL B 583 37.78 2.27 28.90
C VAL B 583 37.01 2.29 30.23
N ALA B 584 36.25 3.35 30.42
CA ALA B 584 35.37 3.52 31.55
C ALA B 584 33.98 3.82 31.01
N VAL B 585 32.96 3.30 31.66
CA VAL B 585 31.59 3.42 31.18
C VAL B 585 30.77 4.20 32.19
N LEU B 586 30.02 5.20 31.71
CA LEU B 586 29.13 5.98 32.55
C LEU B 586 27.68 5.68 32.21
N TYR B 587 26.90 5.28 33.20
CA TYR B 587 25.48 5.04 33.01
C TYR B 587 24.72 6.27 33.49
N GLN B 588 24.14 7.03 32.57
CA GLN B 588 23.53 8.30 32.92
C GLN B 588 22.23 8.15 33.69
N GLY B 589 22.11 8.94 34.75
CA GLY B 589 20.90 9.01 35.56
C GLY B 589 20.41 7.71 36.17
N VAL B 590 21.31 6.85 36.62
CA VAL B 590 20.92 5.63 37.32
C VAL B 590 21.81 5.40 38.53
N ASN B 591 21.23 4.87 39.59
CA ASN B 591 22.02 4.51 40.74
C ASN B 591 22.82 3.25 40.43
N CYS B 592 23.94 3.10 41.11
CA CYS B 592 24.83 1.98 40.87
C CYS B 592 24.15 0.66 41.17
N THR B 593 23.20 0.66 42.11
CA THR B 593 22.53 -0.57 42.50
C THR B 593 21.81 -1.22 41.31
N GLU B 594 21.15 -0.40 40.47
CA GLU B 594 20.41 -0.95 39.34
C GLU B 594 21.32 -1.67 38.34
N VAL B 595 22.50 -1.13 38.08
CA VAL B 595 23.35 -1.71 37.04
C VAL B 595 24.52 -2.46 37.63
N ASN B 616 35.73 -0.59 41.39
CA ASN B 616 35.71 0.62 40.57
C ASN B 616 34.36 1.25 40.29
N VAL B 617 33.58 1.53 41.32
CA VAL B 617 32.25 2.07 41.14
C VAL B 617 32.15 3.35 41.96
N PHE B 618 31.77 4.44 41.29
CA PHE B 618 31.58 5.73 41.92
C PHE B 618 30.25 6.31 41.47
N GLN B 619 29.49 6.88 42.40
CA GLN B 619 28.21 7.51 42.10
C GLN B 619 28.40 9.01 41.92
N THR B 620 27.93 9.52 40.79
CA THR B 620 28.02 10.93 40.45
C THR B 620 26.63 11.45 40.11
N ARG B 621 26.48 12.77 40.13
CA ARG B 621 25.19 13.33 39.77
C ARG B 621 24.83 12.97 38.33
N ALA B 622 25.83 12.92 37.45
CA ALA B 622 25.59 12.51 36.08
C ALA B 622 25.05 11.08 36.03
N GLY B 623 25.64 10.18 36.81
CA GLY B 623 25.18 8.82 36.88
C GLY B 623 26.22 7.94 37.55
N CYS B 624 25.98 6.64 37.51
CA CYS B 624 26.97 5.71 38.05
C CYS B 624 28.15 5.63 37.09
N LEU B 625 29.35 5.73 37.63
CA LEU B 625 30.57 5.62 36.83
C LEU B 625 31.29 4.34 37.23
N ILE B 626 31.60 3.51 36.23
CA ILE B 626 32.26 2.23 36.45
C ILE B 626 33.54 2.19 35.62
N GLY B 627 34.61 1.66 36.20
CA GLY B 627 35.89 1.54 35.54
C GLY B 627 36.88 2.66 35.78
N ALA B 628 36.57 3.60 36.65
CA ALA B 628 37.48 4.68 37.01
C ALA B 628 37.53 4.79 38.53
N GLU B 629 38.67 5.21 39.05
CA GLU B 629 38.87 5.33 40.49
C GLU B 629 38.84 6.79 40.90
N TYR B 630 37.97 7.12 41.85
CA TYR B 630 37.91 8.49 42.35
C TYR B 630 39.16 8.82 43.13
N VAL B 631 39.73 9.98 42.88
CA VAL B 631 40.93 10.45 43.56
C VAL B 631 40.65 11.81 44.18
N ASN B 632 41.08 11.98 45.45
CA ASN B 632 40.90 13.26 46.12
C ASN B 632 41.66 14.37 45.41
N ASN B 633 42.83 14.07 44.86
CA ASN B 633 43.63 15.08 44.20
C ASN B 633 42.87 15.70 43.03
N SER B 634 43.00 17.00 42.87
CA SER B 634 42.27 17.74 41.84
C SER B 634 43.20 18.22 40.73
N TYR B 635 42.78 18.03 39.49
CA TYR B 635 43.57 18.38 38.32
C TYR B 635 42.70 19.15 37.33
N GLU B 636 43.34 19.79 36.37
CA GLU B 636 42.60 20.48 35.32
C GLU B 636 41.80 19.46 34.51
N CYS B 637 40.59 19.84 34.09
CA CYS B 637 39.72 18.89 33.41
C CYS B 637 40.33 18.41 32.10
N ASP B 638 40.26 17.10 31.88
CA ASP B 638 40.72 16.50 30.64
C ASP B 638 39.54 15.98 29.83
N ILE B 639 38.70 15.13 30.41
CA ILE B 639 37.48 14.64 29.77
C ILE B 639 36.32 14.98 30.69
N PRO B 640 35.34 15.76 30.25
CA PRO B 640 34.24 16.15 31.14
C PRO B 640 33.24 15.02 31.39
N ILE B 641 32.91 14.81 32.65
CA ILE B 641 31.90 13.81 33.02
C ILE B 641 30.63 14.48 33.51
N GLY B 642 30.69 15.75 33.90
CA GLY B 642 29.56 16.52 34.39
C GLY B 642 29.55 16.59 35.90
N ALA B 643 28.82 17.59 36.41
CA ALA B 643 28.64 17.79 37.84
C ALA B 643 29.98 17.98 38.55
N GLY B 644 30.92 18.64 37.89
CA GLY B 644 32.19 18.93 38.48
C GLY B 644 33.20 17.81 38.47
N ILE B 645 32.90 16.69 37.82
CA ILE B 645 33.76 15.51 37.80
C ILE B 645 34.37 15.37 36.42
N CYS B 646 35.68 15.14 36.38
CA CYS B 646 36.39 14.95 35.12
C CYS B 646 37.26 13.69 35.23
N ALA B 647 37.55 13.08 34.08
CA ALA B 647 38.31 11.84 34.04
C ALA B 647 39.56 11.99 33.20
N SER B 648 40.65 11.36 33.63
CA SER B 648 41.93 11.41 32.92
C SER B 648 42.64 10.07 33.02
N TYR B 649 43.64 9.88 32.15
CA TYR B 649 44.48 8.68 32.14
C TYR B 649 45.81 9.01 32.80
N GLN B 650 46.08 8.38 33.95
CA GLN B 650 47.35 8.58 34.64
C GLN B 650 48.13 7.27 34.69
N SER B 666 45.96 3.88 34.25
CA SER B 666 44.59 3.73 34.74
C SER B 666 43.72 4.90 34.31
N ILE B 667 42.46 4.90 34.73
CA ILE B 667 41.55 6.02 34.49
C ILE B 667 41.07 6.52 35.84
N ILE B 668 41.22 7.82 36.08
CA ILE B 668 40.92 8.43 37.37
C ILE B 668 39.85 9.50 37.21
N ALA B 669 38.86 9.49 38.10
CA ALA B 669 37.82 10.50 38.15
C ALA B 669 38.10 11.44 39.31
N TYR B 670 38.11 12.74 39.04
CA TYR B 670 38.47 13.73 40.05
C TYR B 670 37.59 14.97 39.93
N THR B 671 37.41 15.68 41.04
CA THR B 671 36.72 16.96 40.96
C THR B 671 37.70 17.96 40.36
N MET B 672 37.25 18.69 39.34
CA MET B 672 38.16 19.58 38.63
C MET B 672 38.59 20.74 39.52
N SER B 673 39.85 21.14 39.39
CA SER B 673 40.39 22.28 40.10
C SER B 673 40.31 23.50 39.19
N LEU B 674 39.58 24.52 39.63
CA LEU B 674 39.36 25.68 38.78
C LEU B 674 40.66 26.40 38.49
N GLY B 675 41.46 26.64 39.52
CA GLY B 675 42.73 27.33 39.35
C GLY B 675 43.53 27.23 40.63
N ALA B 676 44.80 27.62 40.53
CA ALA B 676 45.60 27.70 41.74
C ALA B 676 45.08 28.84 42.60
N GLU B 677 45.08 28.64 43.91
CA GLU B 677 44.51 29.63 44.81
C GLU B 677 45.58 30.65 45.20
N ASN B 678 45.33 31.92 44.89
CA ASN B 678 46.25 33.01 45.20
C ASN B 678 45.53 34.02 46.07
N SER B 679 46.15 34.45 47.16
CA SER B 679 45.58 35.48 48.02
C SER B 679 46.17 36.84 47.66
N VAL B 680 45.34 37.73 47.12
CA VAL B 680 45.80 39.07 46.77
C VAL B 680 46.00 39.89 48.04
N ALA B 681 46.91 40.86 47.98
CA ALA B 681 47.22 41.69 49.14
C ALA B 681 46.60 43.06 48.96
N TYR B 682 45.84 43.51 49.96
CA TYR B 682 45.27 44.84 49.93
C TYR B 682 45.81 45.66 51.09
N SER B 683 46.35 46.83 50.78
CA SER B 683 46.82 47.79 51.76
C SER B 683 46.29 49.17 51.37
N ASN B 684 45.90 49.94 52.37
CA ASN B 684 45.44 51.30 52.11
C ASN B 684 46.53 52.17 51.50
N ASN B 685 47.78 52.02 51.94
CA ASN B 685 48.86 52.88 51.47
C ASN B 685 49.86 52.20 50.53
N SER B 686 49.53 51.06 49.94
CA SER B 686 50.50 50.32 49.12
C SER B 686 50.02 50.20 47.69
N ILE B 687 50.91 50.46 46.74
CA ILE B 687 50.61 50.31 45.32
C ILE B 687 51.72 49.52 44.66
N ALA B 688 51.38 48.75 43.64
CA ALA B 688 52.35 48.00 42.86
C ALA B 688 52.45 48.64 41.48
N ILE B 689 53.64 49.08 41.11
CA ILE B 689 53.89 49.71 39.83
C ILE B 689 54.85 48.84 39.02
N PRO B 690 54.49 48.45 37.80
CA PRO B 690 55.37 47.58 37.00
C PRO B 690 56.66 48.29 36.63
N THR B 691 57.78 47.60 36.77
CA THR B 691 59.07 48.17 36.44
C THR B 691 59.63 47.64 35.13
N ASN B 692 58.89 46.82 34.41
CA ASN B 692 59.38 46.20 33.19
C ASN B 692 58.18 45.86 32.32
N PHE B 693 58.43 45.54 31.05
CA PHE B 693 57.35 45.22 30.13
C PHE B 693 57.71 44.02 29.28
N THR B 694 56.69 43.30 28.82
CA THR B 694 56.86 42.20 27.89
C THR B 694 55.97 42.43 26.68
N ILE B 695 56.53 42.33 25.49
CA ILE B 695 55.74 42.42 24.25
C ILE B 695 55.27 41.03 23.90
N SER B 696 53.95 40.82 23.90
CA SER B 696 53.36 39.51 23.67
C SER B 696 52.55 39.50 22.38
N VAL B 697 52.78 38.51 21.52
CA VAL B 697 51.98 38.33 20.31
C VAL B 697 51.08 37.13 20.50
N THR B 698 49.77 37.32 20.34
CA THR B 698 48.77 36.27 20.51
C THR B 698 47.99 36.09 19.23
N THR B 699 47.63 34.85 18.91
CA THR B 699 46.93 34.55 17.66
C THR B 699 45.46 34.28 17.93
N GLU B 700 44.59 34.95 17.19
CA GLU B 700 43.16 34.69 17.27
C GLU B 700 42.68 34.20 15.91
N ILE B 701 42.05 33.03 15.88
CA ILE B 701 41.57 32.41 14.65
C ILE B 701 40.06 32.53 14.60
N LEU B 702 39.55 33.21 13.56
CA LEU B 702 38.12 33.41 13.41
C LEU B 702 37.64 32.89 12.05
N PRO B 703 36.66 32.00 12.01
CA PRO B 703 36.09 31.58 10.73
C PRO B 703 35.36 32.71 10.03
N VAL B 704 35.58 32.84 8.72
CA VAL B 704 34.95 33.89 7.94
C VAL B 704 33.95 33.35 6.91
N SER B 705 34.22 32.19 6.31
CA SER B 705 33.38 31.66 5.25
C SER B 705 33.22 30.16 5.41
N MET B 706 32.18 29.62 4.78
CA MET B 706 31.91 28.19 4.79
C MET B 706 31.73 27.73 3.36
N THR B 707 31.88 26.44 3.12
CA THR B 707 31.80 25.92 1.76
C THR B 707 30.44 26.20 1.13
N LYS B 708 30.47 26.70 -0.10
CA LYS B 708 29.25 26.99 -0.84
C LYS B 708 28.79 25.72 -1.53
N THR B 709 27.52 25.37 -1.35
CA THR B 709 27.00 24.11 -1.89
C THR B 709 25.72 24.35 -2.66
N SER B 710 25.54 23.59 -3.74
CA SER B 710 24.34 23.64 -4.55
C SER B 710 23.78 22.23 -4.68
N VAL B 711 22.47 22.10 -4.60
CA VAL B 711 21.81 20.81 -4.77
C VAL B 711 20.87 20.85 -5.95
N ASP B 712 20.93 19.83 -6.80
CA ASP B 712 19.97 19.65 -7.89
C ASP B 712 18.88 18.76 -7.33
N CYS B 713 17.68 19.31 -7.15
CA CYS B 713 16.62 18.55 -6.49
C CYS B 713 16.26 17.30 -7.28
N THR B 714 16.13 17.43 -8.61
CA THR B 714 15.73 16.29 -9.42
C THR B 714 16.78 15.19 -9.36
N MET B 715 18.05 15.56 -9.45
CA MET B 715 19.12 14.56 -9.48
C MET B 715 19.15 13.78 -8.18
N TYR B 716 19.06 14.48 -7.05
CA TYR B 716 19.14 13.81 -5.76
C TYR B 716 17.92 12.95 -5.51
N ILE B 717 16.72 13.51 -5.69
CA ILE B 717 15.50 12.78 -5.36
C ILE B 717 15.20 11.68 -6.37
N CYS B 718 15.32 11.98 -7.66
CA CYS B 718 14.88 11.04 -8.67
C CYS B 718 15.97 10.35 -9.47
N GLY B 719 17.22 10.77 -9.34
CA GLY B 719 18.26 10.18 -10.16
C GLY B 719 17.96 10.38 -11.65
N ASP B 720 18.00 9.29 -12.41
CA ASP B 720 17.76 9.36 -13.85
C ASP B 720 16.36 8.91 -14.25
N SER B 721 15.47 8.68 -13.29
CA SER B 721 14.14 8.16 -13.58
C SER B 721 13.21 9.28 -14.05
N THR B 722 12.73 9.18 -15.30
CA THR B 722 11.80 10.18 -15.82
C THR B 722 10.48 10.14 -15.09
N GLU B 723 10.02 8.93 -14.72
CA GLU B 723 8.74 8.79 -14.06
C GLU B 723 8.75 9.55 -12.75
N CYS B 724 9.85 9.43 -12.01
CA CYS B 724 9.97 10.14 -10.75
C CYS B 724 9.94 11.64 -10.99
N SER B 725 10.59 12.11 -12.06
CA SER B 725 10.62 13.55 -12.30
C SER B 725 9.21 14.08 -12.52
N ASN B 726 8.40 13.32 -13.25
CA ASN B 726 7.02 13.72 -13.46
C ASN B 726 6.28 13.77 -12.13
N LEU B 727 6.51 12.78 -11.27
CA LEU B 727 5.86 12.80 -9.96
C LEU B 727 6.36 13.98 -9.12
N LEU B 728 7.63 14.31 -9.22
CA LEU B 728 8.22 15.41 -8.46
C LEU B 728 7.60 16.75 -8.84
N LEU B 729 7.18 16.89 -10.10
CA LEU B 729 6.65 18.18 -10.52
C LEU B 729 5.45 18.58 -9.67
N GLN B 730 4.67 17.59 -9.19
CA GLN B 730 3.52 17.90 -8.35
C GLN B 730 3.94 18.65 -7.09
N TYR B 731 5.02 18.21 -6.45
CA TYR B 731 5.54 18.94 -5.30
C TYR B 731 6.01 20.31 -5.73
N GLY B 732 6.70 20.39 -6.85
CA GLY B 732 7.02 21.70 -7.40
C GLY B 732 7.90 22.66 -6.60
N SER B 733 7.27 23.65 -5.97
CA SER B 733 7.97 24.74 -5.32
C SER B 733 8.95 24.30 -4.24
N PHE B 734 8.78 23.12 -3.64
CA PHE B 734 9.69 22.73 -2.56
C PHE B 734 11.14 22.71 -3.04
N CYS B 735 11.34 22.16 -4.23
CA CYS B 735 12.69 22.09 -4.80
C CYS B 735 13.23 23.49 -5.05
N THR B 736 12.39 24.36 -5.58
CA THR B 736 12.83 25.72 -5.88
C THR B 736 13.20 26.45 -4.60
N GLN B 737 12.40 26.26 -3.55
CA GLN B 737 12.65 26.94 -2.30
C GLN B 737 13.98 26.50 -1.71
N LEU B 738 14.27 25.21 -1.79
CA LEU B 738 15.54 24.71 -1.28
C LEU B 738 16.70 25.32 -2.04
N LYS B 739 16.56 25.41 -3.37
CA LYS B 739 17.61 25.98 -4.18
C LYS B 739 17.83 27.44 -3.82
N ARG B 740 16.74 28.19 -3.60
CA ARG B 740 16.88 29.60 -3.26
C ARG B 740 17.62 29.76 -1.94
N ALA B 741 17.29 28.92 -0.96
CA ALA B 741 17.94 29.07 0.34
C ALA B 741 19.44 28.81 0.22
N LEU B 742 19.82 27.77 -0.53
CA LEU B 742 21.24 27.48 -0.69
C LEU B 742 21.95 28.61 -1.44
N THR B 743 21.31 29.17 -2.47
CA THR B 743 21.91 30.26 -3.23
C THR B 743 22.15 31.47 -2.36
N GLY B 744 21.19 31.76 -1.48
CA GLY B 744 21.36 32.87 -0.56
C GLY B 744 22.55 32.66 0.35
N ILE B 745 22.73 31.43 0.83
CA ILE B 745 23.90 31.15 1.68
C ILE B 745 25.19 31.39 0.90
N ALA B 746 25.24 30.95 -0.36
CA ALA B 746 26.47 31.08 -1.14
C ALA B 746 26.85 32.54 -1.38
N VAL B 747 25.87 33.36 -1.76
CA VAL B 747 26.16 34.78 -1.96
C VAL B 747 26.57 35.41 -0.64
N GLU B 748 25.96 34.97 0.46
CA GLU B 748 26.32 35.51 1.76
C GLU B 748 27.78 35.23 2.05
N GLN B 749 28.26 34.04 1.72
CA GLN B 749 29.64 33.69 2.02
C GLN B 749 30.61 34.58 1.25
N ASP B 750 30.29 34.86 -0.02
CA ASP B 750 31.15 35.78 -0.76
C ASP B 750 31.12 37.15 -0.12
N LYS B 751 29.96 37.60 0.33
CA LYS B 751 29.86 38.89 1.01
C LYS B 751 30.69 38.91 2.28
N ASN B 752 30.67 37.80 3.03
CA ASN B 752 31.40 37.74 4.29
C ASN B 752 32.89 37.92 4.06
N THR B 753 33.41 37.22 3.03
CA THR B 753 34.83 37.37 2.73
C THR B 753 35.14 38.80 2.33
N GLN B 754 34.26 39.40 1.50
CA GLN B 754 34.52 40.76 1.05
C GLN B 754 34.54 41.72 2.23
N GLU B 755 33.61 41.54 3.17
CA GLU B 755 33.51 42.48 4.29
C GLU B 755 34.77 42.40 5.13
N VAL B 756 35.26 41.19 5.43
CA VAL B 756 36.44 41.08 6.28
C VAL B 756 37.69 41.58 5.56
N PHE B 757 37.89 41.20 4.30
CA PHE B 757 39.18 41.51 3.67
C PHE B 757 39.18 42.76 2.79
N ALA B 758 38.11 43.05 2.06
CA ALA B 758 38.12 44.17 1.13
C ALA B 758 37.79 45.50 1.82
N GLN B 759 38.65 45.86 2.76
CA GLN B 759 38.55 47.13 3.46
C GLN B 759 39.53 48.15 2.91
N VAL B 760 40.31 47.78 1.90
CA VAL B 760 41.30 48.65 1.28
C VAL B 760 40.91 48.89 -0.16
N LYS B 761 40.87 50.14 -0.57
CA LYS B 761 40.44 50.43 -1.93
C LYS B 761 41.58 50.37 -2.93
N GLN B 762 42.83 50.35 -2.45
CA GLN B 762 44.01 50.24 -3.30
C GLN B 762 44.91 49.14 -2.75
N ILE B 763 45.64 48.47 -3.63
CA ILE B 763 46.57 47.44 -3.21
C ILE B 763 47.92 48.11 -2.96
N TYR B 764 48.22 48.38 -1.69
CA TYR B 764 49.47 49.01 -1.32
C TYR B 764 50.62 48.01 -1.39
N LYS B 765 51.79 48.48 -1.82
CA LYS B 765 52.97 47.63 -1.94
C LYS B 765 54.05 48.08 -0.98
N THR B 766 54.55 47.15 -0.19
CA THR B 766 55.58 47.47 0.79
C THR B 766 56.86 47.94 0.09
N PRO B 767 57.55 48.95 0.62
CA PRO B 767 58.74 49.46 -0.04
C PRO B 767 59.82 48.39 -0.09
N PRO B 768 60.68 48.41 -1.12
CA PRO B 768 61.67 47.33 -1.25
C PRO B 768 62.59 47.23 -0.04
N ILE B 769 63.03 48.36 0.51
CA ILE B 769 63.81 48.33 1.74
C ILE B 769 62.93 47.81 2.86
N LYS B 770 63.44 46.83 3.61
CA LYS B 770 62.63 46.19 4.65
C LYS B 770 63.10 46.52 6.06
N TYR B 771 63.94 47.54 6.22
CA TYR B 771 64.36 47.95 7.56
C TYR B 771 63.26 48.79 8.20
N PHE B 772 62.74 48.35 9.36
CA PHE B 772 61.70 49.07 10.08
C PHE B 772 62.08 49.19 11.55
N GLY B 773 63.10 49.97 11.86
CA GLY B 773 63.48 50.21 13.24
C GLY B 773 63.86 48.97 14.00
N GLY B 774 64.45 47.98 13.34
CA GLY B 774 64.90 46.79 14.00
C GLY B 774 63.81 45.76 14.22
N PHE B 775 62.61 46.01 13.71
CA PHE B 775 61.50 45.07 13.81
C PHE B 775 61.49 44.23 12.55
N ASN B 776 61.45 42.91 12.72
CA ASN B 776 61.50 42.00 11.59
C ASN B 776 60.09 41.51 11.30
N PHE B 777 59.61 41.80 10.08
CA PHE B 777 58.27 41.42 9.66
C PHE B 777 58.31 40.33 8.59
N SER B 778 59.42 39.62 8.49
CA SER B 778 59.59 38.64 7.42
C SER B 778 58.52 37.56 7.48
N GLN B 779 58.20 37.08 8.68
CA GLN B 779 57.18 36.05 8.81
C GLN B 779 55.81 36.53 8.36
N ILE B 780 55.42 37.74 8.78
CA ILE B 780 54.12 38.27 8.37
C ILE B 780 54.09 38.69 6.90
N LEU B 781 55.18 39.29 6.40
CA LEU B 781 55.15 39.84 5.04
C LEU B 781 55.25 38.75 3.97
N PRO B 782 54.74 39.02 2.77
CA PRO B 782 54.77 38.03 1.69
C PRO B 782 56.17 37.68 1.23
N ASP B 783 56.33 36.42 0.80
CA ASP B 783 57.61 35.91 0.31
C ASP B 783 57.58 35.86 -1.21
N PRO B 784 58.48 36.58 -1.90
CA PRO B 784 58.49 36.53 -3.37
C PRO B 784 58.81 35.16 -3.96
N SER B 785 59.70 34.40 -3.32
CA SER B 785 60.13 33.12 -3.87
C SER B 785 58.98 32.15 -4.02
N LYS B 786 58.07 32.13 -3.05
CA LYS B 786 56.93 31.24 -3.11
C LYS B 786 56.08 31.59 -4.33
N PRO B 787 55.61 30.59 -5.09
CA PRO B 787 54.71 30.90 -6.21
C PRO B 787 53.41 31.52 -5.74
N SER B 788 52.88 31.03 -4.62
CA SER B 788 51.64 31.55 -4.06
C SER B 788 51.80 33.01 -3.65
N LYS B 789 52.98 33.38 -3.17
CA LYS B 789 53.35 34.70 -2.65
C LYS B 789 52.78 34.88 -1.24
N ARG B 790 52.37 33.80 -0.61
CA ARG B 790 51.88 33.84 0.76
C ARG B 790 53.05 34.02 1.73
N SER B 791 52.73 34.57 2.90
CA SER B 791 53.72 34.75 3.94
C SER B 791 54.08 33.39 4.56
N PRO B 792 55.22 33.29 5.24
CA PRO B 792 55.55 32.02 5.90
C PRO B 792 54.52 31.54 6.91
N ILE B 793 53.99 32.43 7.74
CA ILE B 793 52.94 32.02 8.68
C ILE B 793 51.69 31.61 7.91
N GLU B 794 51.35 32.34 6.86
CA GLU B 794 50.19 31.97 6.06
C GLU B 794 50.40 30.61 5.43
N ASP B 795 51.61 30.34 4.96
CA ASP B 795 51.88 29.06 4.33
C ASP B 795 51.71 27.92 5.33
N LEU B 796 52.19 28.13 6.57
CA LEU B 796 52.03 27.10 7.58
C LEU B 796 50.55 26.85 7.87
N LEU B 797 49.77 27.93 7.97
CA LEU B 797 48.35 27.77 8.23
C LEU B 797 47.67 27.03 7.08
N PHE B 798 48.05 27.35 5.85
CA PHE B 798 47.44 26.74 4.68
C PHE B 798 47.71 25.24 4.68
N ASN B 799 48.94 24.85 5.00
CA ASN B 799 49.26 23.43 5.03
C ASN B 799 48.50 22.71 6.15
N LYS B 800 48.40 23.32 7.33
CA LYS B 800 47.78 22.63 8.46
C LYS B 800 46.31 22.30 8.19
N VAL B 801 45.55 23.23 7.63
CA VAL B 801 44.12 22.99 7.40
C VAL B 801 43.96 21.95 6.30
N THR B 802 43.09 20.97 6.52
CA THR B 802 42.87 19.89 5.57
C THR B 802 41.38 19.64 5.34
N LYS B 831 25.34 12.88 -7.24
CA LYS B 831 24.18 12.75 -6.38
C LYS B 831 23.47 14.09 -6.38
N GLY B 832 23.92 14.98 -7.25
CA GLY B 832 23.33 16.30 -7.41
C GLY B 832 23.84 17.33 -6.45
N LEU B 833 24.82 17.00 -5.63
CA LEU B 833 25.40 17.92 -4.66
C LEU B 833 26.75 18.38 -5.17
N THR B 834 26.93 19.69 -5.28
CA THR B 834 28.16 20.25 -5.82
C THR B 834 28.67 21.35 -4.91
N VAL B 835 29.99 21.50 -4.88
CA VAL B 835 30.66 22.55 -4.12
C VAL B 835 31.08 23.64 -5.09
N LEU B 836 30.66 24.86 -4.82
CA LEU B 836 30.93 25.98 -5.73
C LEU B 836 32.17 26.74 -5.29
N PRO B 837 33.08 27.06 -6.19
CA PRO B 837 34.32 27.74 -5.82
C PRO B 837 34.07 29.14 -5.27
N PRO B 838 34.82 29.55 -4.27
CA PRO B 838 34.71 30.92 -3.76
C PRO B 838 35.14 31.94 -4.81
N LEU B 839 34.42 33.06 -4.87
CA LEU B 839 34.74 34.08 -5.87
C LEU B 839 36.13 34.66 -5.65
N LEU B 840 36.50 34.95 -4.41
CA LEU B 840 37.84 35.44 -4.12
C LEU B 840 38.78 34.25 -3.98
N THR B 841 39.80 34.20 -4.82
CA THR B 841 40.77 33.11 -4.73
C THR B 841 41.68 33.36 -3.53
N ASP B 842 42.35 32.29 -3.10
CA ASP B 842 43.23 32.42 -1.96
C ASP B 842 44.33 33.43 -2.24
N GLU B 843 44.84 33.44 -3.47
CA GLU B 843 45.87 34.41 -3.85
C GLU B 843 45.33 35.83 -3.75
N MET B 844 44.09 36.06 -4.19
CA MET B 844 43.50 37.39 -4.09
C MET B 844 43.30 37.80 -2.63
N ILE B 845 42.87 36.87 -1.77
CA ILE B 845 42.73 37.18 -0.35
C ILE B 845 44.08 37.53 0.24
N ALA B 846 45.12 36.80 -0.16
CA ALA B 846 46.46 37.09 0.32
C ALA B 846 46.90 38.47 -0.13
N GLN B 847 46.57 38.85 -1.36
CA GLN B 847 46.92 40.18 -1.84
C GLN B 847 46.23 41.27 -1.03
N TYR B 848 44.96 41.05 -0.67
CA TYR B 848 44.27 42.02 0.19
C TYR B 848 44.97 42.11 1.54
N THR B 849 45.37 40.96 2.09
CA THR B 849 46.05 40.93 3.37
C THR B 849 47.38 41.67 3.28
N SER B 850 48.10 41.48 2.17
CA SER B 850 49.38 42.16 2.00
C SER B 850 49.18 43.65 1.98
N ALA B 851 48.10 44.12 1.33
CA ALA B 851 47.82 45.55 1.29
C ALA B 851 47.57 46.08 2.70
N LEU B 852 46.80 45.34 3.50
CA LEU B 852 46.54 45.77 4.87
C LEU B 852 47.84 45.81 5.68
N LEU B 853 48.69 44.81 5.53
CA LEU B 853 49.95 44.78 6.27
C LEU B 853 50.84 45.95 5.87
N ALA B 854 50.92 46.22 4.57
CA ALA B 854 51.77 47.31 4.11
C ALA B 854 51.28 48.63 4.67
N GLY B 855 49.96 48.82 4.68
CA GLY B 855 49.42 50.03 5.25
C GLY B 855 49.72 50.17 6.72
N THR B 856 49.56 49.08 7.48
CA THR B 856 49.79 49.16 8.92
C THR B 856 51.25 49.47 9.21
N ILE B 857 52.17 48.79 8.53
CA ILE B 857 53.59 48.96 8.76
C ILE B 857 54.07 50.35 8.36
N THR B 858 53.60 50.88 7.23
CA THR B 858 54.13 52.13 6.73
C THR B 858 53.33 53.36 7.14
N SER B 859 52.00 53.27 7.16
CA SER B 859 51.14 54.41 7.41
C SER B 859 50.38 54.34 8.73
N GLY B 860 50.67 53.35 9.57
CA GLY B 860 49.99 53.22 10.86
C GLY B 860 48.50 53.07 10.71
N TRP B 861 47.74 53.83 11.51
CA TRP B 861 46.29 53.74 11.48
C TRP B 861 45.65 54.72 10.52
N THR B 862 46.45 55.54 9.84
CA THR B 862 45.88 56.56 8.97
C THR B 862 45.09 55.95 7.82
N PHE B 863 45.55 54.83 7.28
CA PHE B 863 44.91 54.26 6.09
C PHE B 863 43.46 53.88 6.39
N GLY B 864 43.18 53.38 7.58
CA GLY B 864 41.80 53.05 7.93
C GLY B 864 40.89 54.26 7.95
N ALA B 865 41.37 55.39 8.47
CA ALA B 865 40.54 56.58 8.65
C ALA B 865 40.66 57.59 7.52
N GLY B 866 41.41 57.28 6.47
CA GLY B 866 41.63 58.22 5.40
C GLY B 866 42.74 57.75 4.46
N PRO B 867 43.23 58.66 3.61
CA PRO B 867 44.37 58.30 2.75
C PRO B 867 45.58 57.97 3.61
N ALA B 868 46.37 57.00 3.15
CA ALA B 868 47.51 56.55 3.95
C ALA B 868 48.48 57.70 4.16
N LEU B 869 48.91 57.90 5.41
CA LEU B 869 49.89 58.93 5.75
C LEU B 869 51.15 58.26 6.27
N GLN B 870 52.27 58.51 5.61
CA GLN B 870 53.52 57.84 5.98
C GLN B 870 53.97 58.26 7.37
N ILE B 871 54.41 57.29 8.15
CA ILE B 871 54.99 57.55 9.47
C ILE B 871 56.12 56.56 9.67
N PRO B 872 57.22 56.93 10.31
CA PRO B 872 58.26 55.95 10.63
C PRO B 872 57.69 54.96 11.63
N PHE B 873 58.05 53.68 11.48
CA PHE B 873 57.46 52.67 12.34
C PHE B 873 57.76 52.85 13.82
N PRO B 874 58.98 53.21 14.25
CA PRO B 874 59.19 53.45 15.68
C PRO B 874 58.30 54.55 16.20
N MET B 875 58.09 55.62 15.43
CA MET B 875 57.22 56.70 15.86
C MET B 875 55.79 56.21 16.03
N GLN B 876 55.33 55.35 15.13
CA GLN B 876 54.00 54.80 15.24
C GLN B 876 53.87 53.98 16.52
N MET B 877 54.91 53.20 16.81
CA MET B 877 54.90 52.39 18.03
C MET B 877 54.85 53.30 19.25
N ALA B 878 55.56 54.43 19.20
CA ALA B 878 55.55 55.39 20.29
C ALA B 878 54.16 55.96 20.50
N TYR B 879 53.46 56.25 19.41
CA TYR B 879 52.09 56.74 19.53
C TYR B 879 51.22 55.68 20.19
N ARG B 880 51.41 54.42 19.83
CA ARG B 880 50.65 53.35 20.44
C ARG B 880 50.94 53.24 21.93
N PHE B 881 52.21 53.45 22.31
CA PHE B 881 52.55 53.45 23.73
C PHE B 881 51.81 54.57 24.43
N ASN B 882 51.71 55.74 23.79
CA ASN B 882 50.96 56.83 24.38
C ASN B 882 49.50 56.43 24.55
N GLY B 883 48.98 55.68 23.60
CA GLY B 883 47.61 55.22 23.69
C GLY B 883 47.39 54.35 24.92
N ILE B 884 48.38 53.51 25.25
CA ILE B 884 48.23 52.63 26.41
C ILE B 884 48.61 53.30 27.72
N GLY B 885 49.02 54.57 27.66
CA GLY B 885 49.35 55.35 28.83
C GLY B 885 50.82 55.37 29.21
N VAL B 886 51.68 54.80 28.39
CA VAL B 886 53.12 54.82 28.60
C VAL B 886 53.71 55.93 27.75
N THR B 887 54.65 56.68 28.31
CA THR B 887 55.22 57.82 27.59
C THR B 887 56.11 57.35 26.43
N GLN B 888 56.31 58.27 25.48
CA GLN B 888 57.11 57.97 24.28
C GLN B 888 58.55 57.61 24.63
N ASN B 889 59.08 58.21 25.69
CA ASN B 889 60.47 58.00 26.03
C ASN B 889 60.75 56.53 26.27
N VAL B 890 59.80 55.83 26.88
CA VAL B 890 60.04 54.43 27.22
C VAL B 890 60.33 53.64 25.96
N LEU B 891 59.55 53.87 24.90
CA LEU B 891 59.78 53.15 23.66
C LEU B 891 61.14 53.52 23.08
N TYR B 892 61.44 54.83 23.03
CA TYR B 892 62.68 55.22 22.37
C TYR B 892 63.91 54.74 23.14
N GLU B 893 63.88 54.86 24.46
CA GLU B 893 65.02 54.46 25.28
C GLU B 893 65.26 52.96 25.18
N ASN B 894 64.20 52.17 25.12
CA ASN B 894 64.29 50.71 25.11
C ASN B 894 63.93 50.11 23.75
N GLN B 895 64.18 50.85 22.66
CA GLN B 895 63.74 50.41 21.34
C GLN B 895 64.35 49.08 20.95
N LYS B 896 65.65 48.88 21.19
CA LYS B 896 66.29 47.64 20.75
C LYS B 896 65.69 46.45 21.49
N LEU B 897 65.45 46.60 22.78
CA LEU B 897 64.85 45.53 23.57
C LEU B 897 63.46 45.21 23.07
N ILE B 898 62.67 46.25 22.77
CA ILE B 898 61.29 46.04 22.33
C ILE B 898 61.30 45.31 20.99
N ALA B 899 62.21 45.70 20.10
CA ALA B 899 62.32 45.05 18.80
C ALA B 899 62.68 43.58 18.96
N ASN B 900 63.64 43.29 19.85
CA ASN B 900 64.06 41.91 20.06
C ASN B 900 62.91 41.08 20.62
N GLN B 901 62.16 41.66 21.56
CA GLN B 901 61.04 40.95 22.15
C GLN B 901 59.97 40.66 21.09
N PHE B 902 59.70 41.64 20.23
CA PHE B 902 58.71 41.44 19.18
C PHE B 902 59.15 40.33 18.22
N ASN B 903 60.43 40.34 17.83
CA ASN B 903 60.92 39.35 16.89
C ASN B 903 60.84 37.95 17.50
N SER B 904 61.19 37.83 18.77
CA SER B 904 61.14 36.55 19.45
C SER B 904 59.71 36.05 19.47
N ALA B 905 58.77 36.94 19.75
CA ALA B 905 57.38 36.53 19.84
C ALA B 905 56.89 35.99 18.51
N ILE B 906 57.26 36.65 17.40
CA ILE B 906 56.79 36.18 16.09
C ILE B 906 57.35 34.79 15.79
N GLY B 907 58.62 34.54 16.12
CA GLY B 907 59.16 33.21 15.91
C GLY B 907 58.45 32.16 16.73
N LYS B 908 58.13 32.51 17.99
CA LYS B 908 57.40 31.58 18.83
C LYS B 908 56.04 31.29 18.22
N ILE B 909 55.42 32.31 17.60
CA ILE B 909 54.08 32.11 17.04
C ILE B 909 54.13 31.03 15.98
N GLN B 910 55.16 31.07 15.13
CA GLN B 910 55.21 30.07 14.08
C GLN B 910 55.33 28.68 14.70
N ASP B 911 56.20 28.55 15.69
CA ASP B 911 56.37 27.25 16.33
C ASP B 911 55.09 26.79 17.03
N SER B 912 54.41 27.71 17.73
CA SER B 912 53.23 27.35 18.51
C SER B 912 52.12 26.84 17.60
N LEU B 913 51.88 27.53 16.48
CA LEU B 913 50.83 27.07 15.58
C LEU B 913 51.18 25.71 15.02
N SER B 914 52.45 25.50 14.63
CA SER B 914 52.83 24.20 14.09
C SER B 914 52.69 23.09 15.12
N SER B 915 53.10 23.34 16.36
CA SER B 915 53.10 22.31 17.40
C SER B 915 51.70 21.83 17.77
N THR B 916 50.71 22.71 17.82
CA THR B 916 49.40 22.31 18.31
C THR B 916 48.40 22.17 17.17
N PRO B 917 47.85 20.96 16.95
CA PRO B 917 46.80 20.79 15.93
C PRO B 917 45.52 21.53 16.26
N SER B 918 45.14 21.59 17.53
CA SER B 918 43.89 22.21 17.95
C SER B 918 43.89 23.72 17.74
N ALA B 919 45.05 24.33 17.49
CA ALA B 919 45.12 25.78 17.33
C ALA B 919 44.26 26.25 16.17
N LEU B 920 44.24 25.48 15.08
CA LEU B 920 43.45 25.78 13.89
C LEU B 920 42.16 24.97 13.91
N GLY B 921 41.80 24.47 15.09
CA GLY B 921 40.65 23.61 15.23
C GLY B 921 39.36 24.26 14.82
N LYS B 922 39.18 25.55 15.10
CA LYS B 922 37.90 26.18 14.79
C LYS B 922 37.61 26.11 13.29
N LEU B 923 38.63 26.39 12.48
CA LEU B 923 38.50 26.29 11.03
C LEU B 923 38.24 24.86 10.63
N GLN B 924 38.98 23.93 11.25
CA GLN B 924 38.79 22.53 10.90
C GLN B 924 37.38 22.09 11.25
N ASP B 925 36.84 22.60 12.36
CA ASP B 925 35.50 22.22 12.81
C ASP B 925 34.48 22.65 11.78
N VAL B 926 34.64 23.84 11.22
CA VAL B 926 33.68 24.28 10.19
C VAL B 926 33.72 23.35 9.00
N VAL B 927 34.94 22.98 8.57
CA VAL B 927 35.07 22.11 7.42
C VAL B 927 34.46 20.74 7.71
N ASN B 928 34.74 20.20 8.90
CA ASN B 928 34.25 18.89 9.27
C ASN B 928 32.74 18.87 9.34
N HIS B 929 32.13 19.91 9.91
CA HIS B 929 30.67 19.91 10.03
C HIS B 929 30.02 19.91 8.66
N ASN B 930 30.55 20.70 7.73
CA ASN B 930 29.97 20.69 6.39
C ASN B 930 30.11 19.32 5.74
N ALA B 931 31.28 18.69 5.90
CA ALA B 931 31.48 17.37 5.34
C ALA B 931 30.52 16.35 5.96
N GLN B 932 30.33 16.41 7.26
CA GLN B 932 29.43 15.47 7.93
C GLN B 932 28.01 15.63 7.41
N ALA B 933 27.58 16.88 7.24
CA ALA B 933 26.21 17.10 6.76
C ALA B 933 26.03 16.51 5.37
N LEU B 934 27.00 16.73 4.49
CA LEU B 934 26.87 16.20 3.13
C LEU B 934 26.86 14.68 3.16
N ASN B 935 27.71 14.08 4.00
CA ASN B 935 27.77 12.63 4.07
C ASN B 935 26.43 12.07 4.54
N THR B 936 25.82 12.71 5.53
CA THR B 936 24.53 12.24 6.02
C THR B 936 23.49 12.30 4.92
N LEU B 937 23.52 13.38 4.13
CA LEU B 937 22.54 13.52 3.06
C LEU B 937 22.69 12.39 2.05
N VAL B 938 23.93 12.07 1.68
CA VAL B 938 24.16 10.97 0.74
C VAL B 938 23.70 9.64 1.33
N LYS B 939 23.97 9.42 2.61
CA LYS B 939 23.53 8.18 3.26
C LYS B 939 22.02 8.04 3.26
N GLN B 940 21.31 9.15 3.42
CA GLN B 940 19.85 9.09 3.50
C GLN B 940 19.21 8.55 2.22
N LEU B 941 19.92 8.63 1.10
CA LEU B 941 19.40 8.08 -0.15
C LEU B 941 19.14 6.58 -0.02
N SER B 942 20.03 5.87 0.68
CA SER B 942 19.85 4.44 0.88
C SER B 942 18.59 4.11 1.66
N SER B 943 18.23 4.93 2.65
CA SER B 943 17.11 4.61 3.52
C SER B 943 15.82 4.46 2.74
N LYS B 944 15.08 3.39 3.04
CA LYS B 944 13.83 3.09 2.38
C LYS B 944 12.71 4.08 2.70
N PHE B 945 12.65 4.56 3.95
CA PHE B 945 11.59 5.47 4.41
C PHE B 945 10.25 4.75 4.49
N GLY B 946 10.26 3.44 4.67
CA GLY B 946 9.04 2.66 4.75
C GLY B 946 8.56 2.14 3.42
N ALA B 947 9.23 2.49 2.33
CA ALA B 947 8.92 1.97 1.02
C ALA B 947 9.50 0.57 0.89
N ILE B 948 9.03 -0.16 -0.13
CA ILE B 948 9.49 -1.53 -0.30
C ILE B 948 10.99 -1.58 -0.54
N SER B 949 11.52 -0.69 -1.39
CA SER B 949 12.94 -0.70 -1.72
C SER B 949 13.42 0.72 -1.95
N SER B 950 14.70 0.95 -1.66
CA SER B 950 15.30 2.26 -1.91
C SER B 950 15.32 2.60 -3.39
N VAL B 951 15.62 1.63 -4.24
CA VAL B 951 15.75 1.88 -5.67
C VAL B 951 14.38 2.15 -6.26
N LEU B 952 14.25 3.25 -7.00
CA LEU B 952 12.98 3.57 -7.63
C LEU B 952 12.60 2.53 -8.67
N ASN B 953 13.57 2.08 -9.45
CA ASN B 953 13.29 1.14 -10.52
C ASN B 953 12.74 -0.17 -9.96
N ASP B 954 13.28 -0.62 -8.84
CA ASP B 954 12.81 -1.87 -8.24
C ASP B 954 11.34 -1.75 -7.87
N ILE B 955 10.94 -0.60 -7.32
CA ILE B 955 9.56 -0.39 -6.96
C ILE B 955 8.69 -0.45 -8.20
N PHE B 956 9.13 0.23 -9.28
CA PHE B 956 8.32 0.24 -10.48
C PHE B 956 8.18 -1.16 -11.05
N SER B 957 9.28 -1.91 -11.09
CA SER B 957 9.27 -3.24 -11.67
C SER B 957 8.41 -4.22 -10.86
N ARG B 958 8.46 -4.17 -9.53
CA ARG B 958 7.78 -5.20 -8.76
C ARG B 958 6.36 -4.85 -8.33
N LEU B 959 5.83 -3.68 -8.66
CA LEU B 959 4.51 -3.31 -8.17
C LEU B 959 3.63 -2.77 -9.29
N ASP B 960 2.31 -2.87 -9.08
CA ASP B 960 1.36 -2.32 -10.04
C ASP B 960 1.45 -0.80 -9.99
N PRO B 961 1.08 -0.12 -11.07
CA PRO B 961 1.29 1.35 -11.14
C PRO B 961 0.64 2.17 -10.03
N PRO B 962 -0.60 1.92 -9.62
CA PRO B 962 -1.13 2.71 -8.48
C PRO B 962 -0.36 2.51 -7.17
N GLU B 963 -0.11 1.25 -6.81
CA GLU B 963 0.63 0.99 -5.58
C GLU B 963 2.03 1.53 -5.70
N ALA B 964 2.62 1.38 -6.90
CA ALA B 964 3.99 1.84 -7.10
C ALA B 964 4.04 3.33 -6.86
N GLU B 965 3.00 4.05 -7.32
CA GLU B 965 3.00 5.50 -7.14
C GLU B 965 2.99 5.84 -5.66
N VAL B 966 2.22 5.08 -4.87
CA VAL B 966 2.18 5.36 -3.43
C VAL B 966 3.55 5.15 -2.78
N GLN B 967 4.21 4.04 -3.13
CA GLN B 967 5.54 3.76 -2.58
C GLN B 967 6.55 4.82 -3.02
N ILE B 968 6.50 5.22 -4.29
CA ILE B 968 7.42 6.23 -4.80
C ILE B 968 7.16 7.53 -4.08
N ASP B 969 5.90 7.85 -3.80
CA ASP B 969 5.59 9.08 -3.11
C ASP B 969 6.24 9.07 -1.74
N ARG B 970 6.23 7.91 -1.09
CA ARG B 970 6.87 7.81 0.22
C ARG B 970 8.37 8.10 0.12
N LEU B 971 9.03 7.55 -0.90
CA LEU B 971 10.45 7.88 -1.07
C LEU B 971 10.66 9.35 -1.38
N ILE B 972 9.84 9.93 -2.25
CA ILE B 972 10.05 11.31 -2.63
C ILE B 972 9.92 12.20 -1.41
N THR B 973 8.89 11.94 -0.59
CA THR B 973 8.68 12.79 0.58
C THR B 973 9.83 12.64 1.55
N GLY B 974 10.33 11.42 1.76
CA GLY B 974 11.44 11.24 2.68
C GLY B 974 12.70 11.95 2.21
N ARG B 975 12.99 11.86 0.93
CA ARG B 975 14.16 12.55 0.37
C ARG B 975 14.00 14.07 0.45
N LEU B 976 12.79 14.58 0.20
CA LEU B 976 12.56 16.01 0.35
C LEU B 976 12.75 16.43 1.79
N GLN B 977 12.30 15.61 2.74
CA GLN B 977 12.51 15.92 4.14
C GLN B 977 14.00 15.96 4.46
N SER B 978 14.76 15.03 3.90
CA SER B 978 16.20 14.99 4.15
C SER B 978 16.87 16.25 3.62
N LEU B 979 16.49 16.68 2.42
CA LEU B 979 17.07 17.93 1.90
C LEU B 979 16.66 19.11 2.74
N GLN B 980 15.41 19.13 3.19
CA GLN B 980 14.96 20.26 4.00
C GLN B 980 15.76 20.33 5.29
N THR B 981 16.02 19.17 5.91
CA THR B 981 16.77 19.16 7.15
C THR B 981 18.18 19.69 6.91
N TYR B 982 18.79 19.28 5.80
CA TYR B 982 20.13 19.77 5.48
C TYR B 982 20.12 21.27 5.29
N VAL B 983 19.14 21.79 4.55
CA VAL B 983 19.09 23.22 4.25
C VAL B 983 18.90 24.01 5.53
N THR B 984 18.02 23.54 6.41
CA THR B 984 17.76 24.27 7.65
C THR B 984 19.02 24.30 8.52
N GLN B 985 19.72 23.17 8.62
CA GLN B 985 20.91 23.13 9.44
C GLN B 985 21.96 24.07 8.86
N GLN B 986 22.07 24.10 7.54
CA GLN B 986 23.02 24.98 6.89
C GLN B 986 22.69 26.44 7.14
N LEU B 987 21.40 26.78 7.15
CA LEU B 987 21.02 28.16 7.46
C LEU B 987 21.44 28.55 8.86
N ILE B 988 21.23 27.67 9.84
CA ILE B 988 21.65 27.98 11.20
C ILE B 988 23.17 28.11 11.29
N ARG B 989 23.91 27.22 10.61
CA ARG B 989 25.36 27.32 10.61
C ARG B 989 25.80 28.60 9.93
N ALA B 990 25.13 28.99 8.85
CA ALA B 990 25.47 30.20 8.13
C ALA B 990 25.31 31.40 9.03
N ALA B 991 24.25 31.41 9.85
CA ALA B 991 24.06 32.52 10.78
C ALA B 991 25.22 32.59 11.76
N GLU B 992 25.68 31.44 12.25
CA GLU B 992 26.84 31.45 13.15
C GLU B 992 28.09 31.98 12.46
N ILE B 993 28.31 31.54 11.22
CA ILE B 993 29.48 32.01 10.46
C ILE B 993 29.36 33.51 10.20
N ARG B 994 28.17 34.00 9.90
CA ARG B 994 27.99 35.41 9.63
C ARG B 994 28.34 36.22 10.87
N ALA B 995 27.92 35.74 12.04
CA ALA B 995 28.25 36.45 13.27
C ALA B 995 29.75 36.49 13.45
N SER B 996 30.43 35.38 13.18
CA SER B 996 31.89 35.35 13.28
C SER B 996 32.53 36.29 12.26
N ALA B 997 32.00 36.33 11.04
CA ALA B 997 32.53 37.21 10.01
C ALA B 997 32.36 38.68 10.39
N ASN B 998 31.23 39.03 10.97
CA ASN B 998 31.02 40.40 11.43
C ASN B 998 32.02 40.73 12.53
N LEU B 999 32.26 39.77 13.43
CA LEU B 999 33.25 39.98 14.48
C LEU B 999 34.63 40.18 13.88
N ALA B 1000 34.96 39.40 12.86
CA ALA B 1000 36.26 39.51 12.21
C ALA B 1000 36.41 40.86 11.53
N ALA B 1001 35.36 41.35 10.89
CA ALA B 1001 35.41 42.67 10.25
C ALA B 1001 35.59 43.75 11.29
N THR B 1002 34.89 43.63 12.41
CA THR B 1002 35.04 44.60 13.50
C THR B 1002 36.46 44.57 14.03
N LYS B 1003 37.03 43.38 14.20
CA LYS B 1003 38.40 43.27 14.69
C LYS B 1003 39.36 43.88 13.70
N MET B 1004 39.12 43.67 12.40
CA MET B 1004 40.01 44.20 11.39
C MET B 1004 40.04 45.72 11.46
N SER B 1005 38.87 46.35 11.58
CA SER B 1005 38.83 47.80 11.68
C SER B 1005 39.40 48.31 13.00
N GLU B 1006 38.95 47.73 14.11
CA GLU B 1006 39.35 48.22 15.43
C GLU B 1006 40.79 47.86 15.80
N CYS B 1007 41.24 46.66 15.46
CA CYS B 1007 42.57 46.24 15.90
C CYS B 1007 43.62 46.42 14.82
N VAL B 1008 43.38 45.95 13.60
CA VAL B 1008 44.37 46.10 12.53
C VAL B 1008 44.48 47.55 12.09
N LEU B 1009 43.35 48.25 11.94
CA LEU B 1009 43.35 49.59 11.39
C LEU B 1009 43.38 50.69 12.46
N GLY B 1010 43.43 50.31 13.74
CA GLY B 1010 43.43 51.29 14.82
C GLY B 1010 43.91 50.64 16.09
N GLN B 1011 44.14 51.45 17.12
CA GLN B 1011 44.46 50.94 18.44
C GLN B 1011 43.18 50.89 19.24
N SER B 1012 42.90 49.74 19.85
CA SER B 1012 41.65 49.53 20.56
C SER B 1012 41.81 49.73 22.05
N LYS B 1013 40.96 50.58 22.63
CA LYS B 1013 40.98 50.78 24.07
C LYS B 1013 40.07 49.80 24.78
N ARG B 1014 39.33 48.99 24.03
CA ARG B 1014 38.51 47.94 24.59
C ARG B 1014 39.40 46.88 25.21
N VAL B 1015 38.94 46.29 26.30
CA VAL B 1015 39.75 45.34 27.06
C VAL B 1015 39.41 43.93 26.60
N ASP B 1016 40.42 43.23 26.08
CA ASP B 1016 40.37 41.84 25.63
C ASP B 1016 39.82 41.70 24.22
N PHE B 1017 39.42 42.79 23.58
CA PHE B 1017 38.96 42.71 22.20
C PHE B 1017 40.10 42.30 21.26
N CYS B 1018 41.30 42.81 21.50
CA CYS B 1018 42.44 42.53 20.65
C CYS B 1018 43.56 41.99 21.55
N GLY B 1019 43.40 40.74 21.98
CA GLY B 1019 44.40 40.09 22.81
C GLY B 1019 44.26 40.41 24.27
N LYS B 1020 45.14 39.82 25.08
CA LYS B 1020 45.16 40.06 26.51
C LYS B 1020 46.34 40.97 26.80
N GLY B 1021 46.08 42.04 27.53
CA GLY B 1021 47.09 43.04 27.81
C GLY B 1021 46.72 44.33 27.10
N TYR B 1022 47.61 45.31 27.19
CA TYR B 1022 47.29 46.60 26.60
C TYR B 1022 47.66 46.52 25.12
N HIS B 1023 46.64 46.59 24.27
CA HIS B 1023 46.82 46.40 22.84
C HIS B 1023 47.69 47.48 22.23
N LEU B 1024 48.67 47.06 21.42
CA LEU B 1024 49.50 48.00 20.70
C LEU B 1024 49.16 47.99 19.21
N MET B 1025 49.19 46.84 18.56
CA MET B 1025 48.86 46.75 17.15
C MET B 1025 48.47 45.32 16.84
N SER B 1026 47.79 45.13 15.72
CA SER B 1026 47.40 43.80 15.26
C SER B 1026 47.70 43.64 13.78
N PHE B 1027 48.07 42.42 13.39
CA PHE B 1027 48.43 42.09 12.03
C PHE B 1027 47.52 41.00 11.48
N PRO B 1028 46.96 41.17 10.29
CA PRO B 1028 46.04 40.17 9.74
C PRO B 1028 46.73 39.11 8.89
N GLN B 1029 46.44 37.84 9.11
CA GLN B 1029 46.99 36.79 8.26
C GLN B 1029 45.87 35.92 7.72
N SER B 1030 45.87 35.69 6.41
CA SER B 1030 44.85 34.86 5.79
C SER B 1030 45.07 33.39 6.08
N ALA B 1031 43.99 32.68 6.36
CA ALA B 1031 43.99 31.25 6.61
C ALA B 1031 42.82 30.65 5.85
N PRO B 1032 42.85 29.35 5.55
CA PRO B 1032 41.77 28.79 4.73
C PRO B 1032 40.44 28.94 5.45
N HIS B 1033 39.50 29.60 4.77
CA HIS B 1033 38.15 29.82 5.26
C HIS B 1033 38.13 30.63 6.57
N GLY B 1034 39.18 31.39 6.86
CA GLY B 1034 39.28 32.10 8.12
C GLY B 1034 40.37 33.14 8.10
N VAL B 1035 40.40 33.96 9.14
CA VAL B 1035 41.42 34.98 9.33
C VAL B 1035 42.12 34.75 10.66
N VAL B 1036 43.44 34.85 10.66
CA VAL B 1036 44.23 34.79 11.88
C VAL B 1036 44.76 36.18 12.19
N PHE B 1037 44.48 36.67 13.39
CA PHE B 1037 44.94 37.98 13.84
C PHE B 1037 46.10 37.80 14.81
N LEU B 1038 47.23 38.40 14.51
CA LEU B 1038 48.37 38.39 15.44
C LEU B 1038 48.29 39.67 16.24
N HIS B 1039 48.05 39.57 17.54
CA HIS B 1039 47.85 40.76 18.37
C HIS B 1039 49.10 41.05 19.19
N VAL B 1040 49.68 42.22 18.99
CA VAL B 1040 50.83 42.65 19.76
C VAL B 1040 50.31 43.45 20.94
N THR B 1041 50.67 43.04 22.16
CA THR B 1041 50.15 43.66 23.38
C THR B 1041 51.29 44.00 24.34
N TYR B 1042 51.04 44.98 25.19
CA TYR B 1042 51.99 45.40 26.21
C TYR B 1042 51.59 44.75 27.53
N VAL B 1043 52.47 43.93 28.09
CA VAL B 1043 52.17 43.24 29.34
C VAL B 1043 53.08 43.77 30.44
N PRO B 1044 52.54 44.37 31.50
CA PRO B 1044 53.36 44.85 32.60
C PRO B 1044 54.05 43.69 33.34
N ALA B 1045 55.28 43.93 33.77
CA ALA B 1045 56.06 42.87 34.40
C ALA B 1045 56.94 43.45 35.51
N GLN B 1046 57.45 42.56 36.36
CA GLN B 1046 58.38 42.92 37.44
C GLN B 1046 57.85 44.00 38.38
N GLU B 1047 56.63 43.80 38.86
CA GLU B 1047 56.00 44.73 39.78
C GLU B 1047 56.73 44.84 41.11
N LYS B 1048 56.75 46.05 41.67
CA LYS B 1048 57.34 46.33 42.97
C LYS B 1048 56.33 47.09 43.81
N ASN B 1049 56.46 47.00 45.14
CA ASN B 1049 55.51 47.60 46.06
C ASN B 1049 56.05 48.89 46.63
N PHE B 1050 55.28 49.97 46.53
CA PHE B 1050 55.69 51.29 47.01
C PHE B 1050 54.58 51.88 47.85
N THR B 1051 54.95 52.65 48.88
CA THR B 1051 53.95 53.36 49.66
C THR B 1051 53.32 54.45 48.80
N THR B 1052 52.02 54.64 48.93
CA THR B 1052 51.30 55.59 48.09
C THR B 1052 50.40 56.50 48.90
N ALA B 1053 50.34 57.76 48.51
CA ALA B 1053 49.49 58.75 49.14
C ALA B 1053 48.60 59.47 48.14
N PRO B 1054 47.33 59.70 48.47
CA PRO B 1054 46.45 60.37 47.51
C PRO B 1054 46.86 61.79 47.18
N ALA B 1055 47.28 62.58 48.16
CA ALA B 1055 47.67 63.96 47.94
C ALA B 1055 48.88 64.31 48.80
N ILE B 1056 49.61 65.35 48.38
CA ILE B 1056 50.75 65.87 49.12
C ILE B 1056 50.39 67.26 49.65
N CYS B 1057 50.59 67.48 50.95
CA CYS B 1057 50.23 68.74 51.58
C CYS B 1057 51.47 69.63 51.67
N HIS B 1058 51.50 70.70 50.87
CA HIS B 1058 52.59 71.65 50.90
C HIS B 1058 52.00 73.05 51.04
N ASP B 1059 52.54 73.86 51.95
CA ASP B 1059 52.09 75.23 52.14
C ASP B 1059 50.60 75.30 52.40
N GLY B 1060 50.10 74.34 53.19
CA GLY B 1060 48.69 74.31 53.55
C GLY B 1060 47.77 74.20 52.36
N LYS B 1061 48.19 73.46 51.34
CA LYS B 1061 47.40 73.22 50.13
C LYS B 1061 47.57 71.76 49.74
N ALA B 1062 46.56 71.23 49.06
CA ALA B 1062 46.57 69.82 48.68
C ALA B 1062 46.96 69.69 47.21
N HIS B 1063 48.00 68.92 46.94
CA HIS B 1063 48.54 68.74 45.60
C HIS B 1063 48.25 67.34 45.11
N PHE B 1064 47.69 67.23 43.90
CA PHE B 1064 47.29 65.97 43.31
C PHE B 1064 48.07 65.73 42.02
N PRO B 1065 48.46 64.49 41.74
CA PRO B 1065 49.29 64.23 40.56
C PRO B 1065 48.51 64.49 39.29
N ARG B 1066 49.11 65.24 38.36
CA ARG B 1066 48.38 65.60 37.16
C ARG B 1066 48.08 64.38 36.30
N GLU B 1067 49.08 63.53 36.06
CA GLU B 1067 48.91 62.34 35.23
C GLU B 1067 49.67 61.16 35.81
N GLY B 1068 49.71 61.04 37.13
CA GLY B 1068 50.53 60.02 37.75
C GLY B 1068 50.06 59.60 39.13
N VAL B 1069 50.84 58.75 39.80
CA VAL B 1069 50.57 58.33 41.17
C VAL B 1069 51.76 58.68 42.04
N PHE B 1070 51.50 59.30 43.19
CA PHE B 1070 52.57 59.58 44.15
C PHE B 1070 53.05 58.27 44.76
N VAL B 1071 54.37 58.06 44.80
CA VAL B 1071 54.94 56.83 45.31
C VAL B 1071 56.12 57.17 46.21
N SER B 1072 56.36 56.34 47.21
CA SER B 1072 57.45 56.58 48.14
C SER B 1072 58.39 55.40 48.19
N ASN B 1073 59.67 55.65 47.93
CA ASN B 1073 60.71 54.65 48.08
C ASN B 1073 60.93 54.30 49.54
N GLY B 1074 60.66 55.24 50.44
CA GLY B 1074 60.79 55.06 51.87
C GLY B 1074 61.22 56.31 52.58
N THR B 1075 62.10 57.08 51.96
CA THR B 1075 62.52 58.35 52.52
C THR B 1075 62.16 59.52 51.65
N HIS B 1076 61.76 59.29 50.40
CA HIS B 1076 61.48 60.35 49.46
C HIS B 1076 60.19 60.05 48.71
N TRP B 1077 59.56 61.09 48.18
CA TRP B 1077 58.30 60.95 47.48
C TRP B 1077 58.49 61.37 46.02
N PHE B 1078 57.96 60.56 45.10
CA PHE B 1078 58.12 60.79 43.67
C PHE B 1078 56.77 60.60 42.99
N VAL B 1079 56.62 61.19 41.81
CA VAL B 1079 55.43 61.01 41.00
C VAL B 1079 55.81 60.15 39.80
N THR B 1080 55.06 59.09 39.56
CA THR B 1080 55.36 58.16 38.49
C THR B 1080 54.11 57.83 37.69
N GLN B 1081 54.33 57.52 36.42
CA GLN B 1081 53.24 57.04 35.57
C GLN B 1081 52.80 55.67 36.07
N ARG B 1082 51.50 55.39 36.01
CA ARG B 1082 50.99 54.15 36.59
C ARG B 1082 51.51 52.89 35.90
N ASN B 1083 51.53 52.87 34.57
CA ASN B 1083 51.89 51.66 33.85
C ASN B 1083 53.35 51.25 34.02
N PHE B 1084 54.27 52.21 34.04
CA PHE B 1084 55.70 51.91 34.11
C PHE B 1084 56.32 52.77 35.19
N TYR B 1085 57.34 52.25 35.87
CA TYR B 1085 57.93 52.97 36.99
C TYR B 1085 59.02 53.92 36.49
N GLU B 1086 58.72 55.21 36.47
CA GLU B 1086 59.68 56.25 36.10
C GLU B 1086 59.62 57.35 37.15
N PRO B 1087 60.30 57.19 38.28
CA PRO B 1087 60.18 58.18 39.36
C PRO B 1087 60.65 59.56 38.94
N GLN B 1088 59.87 60.58 39.29
CA GLN B 1088 60.19 61.97 38.98
C GLN B 1088 59.94 62.86 40.19
N ILE B 1089 60.78 63.89 40.35
CA ILE B 1089 60.65 64.79 41.48
C ILE B 1089 59.31 65.51 41.42
N ILE B 1090 58.65 65.64 42.56
CA ILE B 1090 57.38 66.35 42.61
C ILE B 1090 57.62 67.83 42.38
N THR B 1091 56.93 68.39 41.40
CA THR B 1091 57.11 69.79 41.02
C THR B 1091 55.75 70.38 40.71
N THR B 1092 55.71 71.70 40.62
CA THR B 1092 54.45 72.37 40.30
C THR B 1092 53.95 71.92 38.93
N ASP B 1093 54.88 71.67 38.00
CA ASP B 1093 54.49 71.26 36.66
C ASP B 1093 53.73 69.95 36.65
N ASN B 1094 54.15 68.98 37.47
CA ASN B 1094 53.50 67.67 37.41
C ASN B 1094 52.34 67.53 38.38
N THR B 1095 51.98 68.56 39.13
CA THR B 1095 50.92 68.46 40.13
C THR B 1095 49.96 69.63 39.98
N PHE B 1096 48.70 69.42 40.40
CA PHE B 1096 47.71 70.49 40.42
C PHE B 1096 47.19 70.67 41.84
N VAL B 1097 47.04 71.92 42.27
CA VAL B 1097 46.65 72.25 43.64
C VAL B 1097 45.14 72.52 43.71
N SER B 1098 44.44 71.70 44.49
CA SER B 1098 43.02 71.90 44.74
C SER B 1098 42.72 71.75 46.23
N GLY B 1099 42.09 72.75 46.82
CA GLY B 1099 41.64 72.67 48.19
C GLY B 1099 42.74 72.80 49.23
N ASN B 1100 42.42 72.33 50.43
CA ASN B 1100 43.32 72.38 51.57
C ASN B 1100 43.53 70.98 52.09
N CYS B 1101 44.57 70.82 52.92
CA CYS B 1101 44.96 69.50 53.40
C CYS B 1101 43.89 68.81 54.25
N ASP B 1102 43.08 69.57 54.99
CA ASP B 1102 42.14 68.97 55.93
C ASP B 1102 41.12 68.04 55.28
N VAL B 1103 40.55 68.43 54.14
CA VAL B 1103 39.48 67.63 53.55
C VAL B 1103 39.98 66.25 53.11
N VAL B 1104 41.16 66.18 52.51
CA VAL B 1104 41.66 64.92 51.97
C VAL B 1104 42.03 63.97 53.09
N ILE B 1105 41.82 62.67 52.87
CA ILE B 1105 42.14 61.63 53.84
C ILE B 1105 43.36 60.87 53.33
N GLY B 1106 44.34 60.72 54.21
CA GLY B 1106 45.59 60.08 53.86
C GLY B 1106 46.65 61.00 53.30
N ILE B 1107 46.42 62.30 53.30
CA ILE B 1107 47.38 63.25 52.74
C ILE B 1107 48.68 63.21 53.55
N VAL B 1108 49.81 63.33 52.86
CA VAL B 1108 51.13 63.25 53.49
C VAL B 1108 51.89 64.54 53.22
N ASN B 1109 52.63 65.02 54.22
CA ASN B 1109 53.38 66.27 54.10
C ASN B 1109 54.69 66.05 53.36
N ASN B 1110 54.92 66.82 52.31
CA ASN B 1110 56.17 66.74 51.56
C ASN B 1110 56.34 68.04 50.79
N THR B 1111 57.56 68.28 50.29
CA THR B 1111 57.88 69.51 49.59
C THR B 1111 57.64 69.38 48.09
N VAL B 1112 56.96 70.36 47.51
CA VAL B 1112 56.76 70.41 46.06
C VAL B 1112 57.71 71.47 45.52
N TYR B 1113 58.67 71.06 44.71
CA TYR B 1113 59.68 71.97 44.19
C TYR B 1113 59.07 72.90 43.14
N ASP B 1114 59.57 74.13 43.09
CA ASP B 1114 59.13 75.08 42.07
C ASP B 1114 60.27 75.38 41.13
N PRO B 1115 60.11 75.15 39.82
CA PRO B 1115 61.18 75.49 38.87
C PRO B 1115 61.54 76.96 38.83
N LEU B 1116 60.55 77.84 38.97
CA LEU B 1116 60.78 79.28 38.90
C LEU B 1116 61.69 79.77 40.02
N GLN B 1117 61.57 79.19 41.23
CA GLN B 1117 62.28 79.72 42.39
C GLN B 1117 63.79 79.75 42.24
N PRO B 1118 64.47 78.70 41.73
CA PRO B 1118 65.94 78.82 41.56
C PRO B 1118 66.33 79.94 40.61
N GLU B 1119 65.61 80.09 39.50
CA GLU B 1119 65.90 81.17 38.57
C GLU B 1119 65.68 82.52 39.23
N LEU B 1120 64.60 82.63 40.02
CA LEU B 1120 64.31 83.87 40.73
C LEU B 1120 65.42 84.20 41.71
N ASP B 1121 65.93 83.19 42.41
CA ASP B 1121 67.01 83.40 43.37
C ASP B 1121 68.26 83.91 42.65
N SER B 1122 68.56 83.35 41.49
CA SER B 1122 69.73 83.78 40.70
C SER B 1122 69.47 85.13 40.04
N ALA C 2 -42.04 26.97 33.07
CA ALA C 2 -41.14 27.84 33.81
C ALA C 2 -39.70 27.52 33.47
N TYR C 3 -38.81 28.49 33.65
CA TYR C 3 -37.40 28.30 33.34
C TYR C 3 -36.53 28.84 34.48
N THR C 4 -35.34 28.25 34.64
CA THR C 4 -34.42 28.60 35.71
C THR C 4 -33.00 28.67 35.16
N ASN C 5 -32.09 29.28 35.92
CA ASN C 5 -30.68 29.37 35.55
C ASN C 5 -29.89 28.22 36.17
N SER C 6 -29.15 27.50 35.32
CA SER C 6 -28.32 26.37 35.78
C SER C 6 -27.20 26.80 36.70
N PHE C 7 -26.60 27.96 36.45
CA PHE C 7 -25.40 28.45 37.16
C PHE C 7 -24.26 27.48 36.83
N THR C 8 -23.48 27.04 37.81
CA THR C 8 -22.32 26.19 37.57
C THR C 8 -22.62 24.72 37.81
N ARG C 9 -23.87 24.36 38.04
CA ARG C 9 -24.24 23.00 38.36
C ARG C 9 -24.17 22.11 37.13
N GLY C 10 -24.09 20.79 37.38
CA GLY C 10 -24.11 19.82 36.32
C GLY C 10 -22.77 19.25 35.89
N VAL C 11 -21.67 19.64 36.53
CA VAL C 11 -20.38 19.05 36.21
C VAL C 11 -20.32 17.63 36.77
N TYR C 12 -19.81 16.70 35.97
CA TYR C 12 -19.66 15.32 36.38
C TYR C 12 -18.27 14.84 36.03
N TYR C 13 -17.83 13.77 36.69
CA TYR C 13 -16.50 13.22 36.43
C TYR C 13 -16.52 12.44 35.12
N PRO C 14 -15.78 12.87 34.10
CA PRO C 14 -15.84 12.19 32.81
C PRO C 14 -15.30 10.78 32.80
N ASP C 15 -14.21 10.53 33.52
CA ASP C 15 -13.55 9.22 33.50
C ASP C 15 -13.11 8.84 34.91
N LYS C 16 -12.75 7.57 35.07
CA LYS C 16 -12.30 7.05 36.35
C LYS C 16 -10.89 7.50 36.71
N VAL C 17 -10.17 8.12 35.78
CA VAL C 17 -8.78 8.51 36.02
C VAL C 17 -8.69 9.50 37.16
N PHE C 18 -7.67 9.33 38.01
CA PHE C 18 -7.45 10.23 39.14
C PHE C 18 -6.39 11.23 38.74
N ARG C 19 -6.70 12.52 38.91
CA ARG C 19 -5.77 13.60 38.60
C ARG C 19 -5.61 14.47 39.83
N SER C 20 -4.38 14.80 40.19
CA SER C 20 -4.12 15.56 41.41
C SER C 20 -3.44 16.89 41.10
N SER C 21 -4.00 17.97 41.64
CA SER C 21 -3.45 19.32 41.52
C SER C 21 -3.15 19.70 40.07
N VAL C 22 -4.08 19.37 39.18
CA VAL C 22 -3.89 19.59 37.75
C VAL C 22 -5.18 20.12 37.15
N LEU C 23 -5.05 20.82 36.03
CA LEU C 23 -6.18 21.34 35.28
C LEU C 23 -6.25 20.60 33.95
N HIS C 24 -7.39 19.99 33.66
CA HIS C 24 -7.53 19.16 32.46
C HIS C 24 -8.68 19.62 31.59
N SER C 25 -8.42 19.75 30.28
CA SER C 25 -9.45 20.10 29.31
C SER C 25 -10.10 18.84 28.78
N THR C 26 -11.43 18.75 28.89
CA THR C 26 -12.18 17.57 28.47
C THR C 26 -13.29 17.96 27.51
N GLN C 27 -13.40 17.24 26.40
CA GLN C 27 -14.52 17.44 25.47
C GLN C 27 -15.51 16.32 25.73
N ASP C 28 -16.70 16.68 26.20
CA ASP C 28 -17.71 15.69 26.55
C ASP C 28 -19.07 16.36 26.56
N LEU C 29 -20.11 15.55 26.69
CA LEU C 29 -21.47 16.08 26.79
C LEU C 29 -21.63 16.64 28.20
N PHE C 30 -21.82 17.95 28.30
CA PHE C 30 -21.94 18.62 29.59
C PHE C 30 -23.07 19.63 29.54
N LEU C 31 -23.67 19.89 30.67
CA LEU C 31 -24.68 20.94 30.70
C LEU C 31 -23.98 22.28 30.50
N PRO C 32 -24.44 23.12 29.58
CA PRO C 32 -23.82 24.44 29.44
C PRO C 32 -24.01 25.25 30.71
N PHE C 33 -22.98 25.99 31.10
CA PHE C 33 -23.10 26.83 32.29
C PHE C 33 -24.10 27.94 32.04
N PHE C 34 -24.88 28.27 33.07
CA PHE C 34 -25.86 29.33 32.98
C PHE C 34 -26.86 29.05 31.85
N SER C 35 -27.20 27.78 31.66
CA SER C 35 -28.18 27.44 30.65
C SER C 35 -29.57 27.59 31.25
N ASN C 36 -30.55 27.74 30.37
CA ASN C 36 -31.92 27.87 30.81
C ASN C 36 -32.47 26.46 31.03
N VAL C 37 -33.03 26.17 32.21
CA VAL C 37 -33.58 24.85 32.55
C VAL C 37 -35.08 24.89 32.86
N THR C 38 -35.84 24.02 32.20
CA THR C 38 -37.28 23.91 32.47
C THR C 38 -37.53 23.45 33.89
N TRP C 39 -38.46 24.12 34.59
CA TRP C 39 -38.76 23.84 35.98
C TRP C 39 -40.21 23.41 36.12
N PHE C 40 -40.44 22.30 36.83
CA PHE C 40 -41.77 21.76 37.08
C PHE C 40 -42.05 21.73 38.58
N HIS C 41 -43.20 22.28 38.99
CA HIS C 41 -43.59 22.37 40.39
C HIS C 41 -44.80 21.47 40.65
N VAL C 42 -44.68 20.57 41.63
CA VAL C 42 -45.76 19.65 41.94
C VAL C 42 -46.21 19.88 43.38
N ILE C 43 -47.50 20.19 43.55
CA ILE C 43 -48.12 20.36 44.87
C ILE C 43 -49.37 19.51 44.99
N LYS C 52 -53.93 23.44 43.06
CA LYS C 52 -53.18 22.20 43.04
C LYS C 52 -52.50 22.02 41.68
N ARG C 53 -51.19 21.78 41.69
CA ARG C 53 -50.40 21.66 40.48
C ARG C 53 -49.70 20.30 40.43
N PHE C 54 -49.88 19.57 39.34
CA PHE C 54 -49.18 18.31 39.11
C PHE C 54 -48.56 18.33 37.72
N ASP C 55 -47.25 18.09 37.64
CA ASP C 55 -46.54 18.10 36.36
C ASP C 55 -45.86 16.76 36.12
N ASN C 56 -46.25 16.06 35.05
CA ASN C 56 -45.59 14.80 34.66
C ASN C 56 -45.57 14.63 33.15
N PRO C 57 -44.84 15.48 32.43
CA PRO C 57 -44.84 15.41 30.97
C PRO C 57 -43.76 14.50 30.42
N VAL C 58 -43.99 14.03 29.19
CA VAL C 58 -42.98 13.26 28.48
C VAL C 58 -42.01 14.24 27.84
N LEU C 59 -40.72 14.11 28.16
CA LEU C 59 -39.70 15.04 27.71
C LEU C 59 -38.64 14.33 26.88
N PRO C 60 -38.26 14.87 25.72
CA PRO C 60 -37.29 14.16 24.86
C PRO C 60 -35.95 14.00 25.57
N PHE C 61 -35.39 12.79 25.49
CA PHE C 61 -34.08 12.57 26.09
C PHE C 61 -32.99 13.36 25.38
N ASN C 62 -33.03 13.40 24.06
CA ASN C 62 -32.00 14.06 23.25
C ASN C 62 -30.68 13.33 23.51
N ASP C 63 -29.57 14.05 23.43
CA ASP C 63 -28.27 13.44 23.71
C ASP C 63 -28.16 13.02 25.18
N GLY C 64 -28.59 13.87 26.09
CA GLY C 64 -28.48 13.58 27.51
C GLY C 64 -29.38 14.49 28.32
N VAL C 65 -29.62 14.09 29.56
CA VAL C 65 -30.50 14.83 30.47
C VAL C 65 -29.86 14.98 31.83
N TYR C 66 -29.99 16.16 32.42
CA TYR C 66 -29.58 16.41 33.79
C TYR C 66 -30.85 16.65 34.60
N PHE C 67 -31.06 15.84 35.64
CA PHE C 67 -32.25 15.92 36.46
C PHE C 67 -31.86 16.33 37.87
N ALA C 68 -32.44 17.43 38.37
CA ALA C 68 -32.21 17.87 39.73
C ALA C 68 -33.54 18.03 40.44
N SER C 69 -33.70 17.39 41.60
CA SER C 69 -34.95 17.43 42.33
C SER C 69 -34.74 17.99 43.73
N ILE C 70 -35.42 19.09 44.04
CA ILE C 70 -35.42 19.63 45.40
C ILE C 70 -36.67 19.05 46.04
N GLU C 71 -36.49 18.10 46.97
CA GLU C 71 -37.63 17.36 47.48
C GLU C 71 -37.52 17.13 48.98
N LYS C 72 -38.68 17.07 49.64
CA LYS C 72 -38.78 16.69 51.04
C LYS C 72 -39.75 15.52 51.11
N SER C 73 -39.38 14.48 51.85
CA SER C 73 -40.18 13.26 52.05
C SER C 73 -40.12 12.32 50.86
N ASN C 74 -39.21 12.56 49.91
CA ASN C 74 -38.98 11.66 48.77
C ASN C 74 -40.25 11.39 47.96
N ILE C 75 -41.00 12.45 47.65
CA ILE C 75 -42.16 12.31 46.77
C ILE C 75 -41.72 11.81 45.40
N ILE C 76 -40.59 12.32 44.90
CA ILE C 76 -40.02 11.83 43.65
C ILE C 76 -39.58 10.39 43.84
N ARG C 77 -39.91 9.52 42.88
CA ARG C 77 -39.62 8.10 43.05
C ARG C 77 -38.68 7.54 41.99
N GLY C 78 -38.99 7.71 40.71
CA GLY C 78 -38.21 7.07 39.68
C GLY C 78 -38.38 7.73 38.33
N TRP C 79 -37.69 7.16 37.34
CA TRP C 79 -37.72 7.65 35.97
C TRP C 79 -37.97 6.51 34.99
N ILE C 80 -38.69 6.81 33.91
CA ILE C 80 -38.95 5.87 32.83
C ILE C 80 -38.28 6.40 31.57
N PHE C 81 -37.53 5.54 30.87
CA PHE C 81 -36.84 5.93 29.65
C PHE C 81 -37.20 4.97 28.53
N GLY C 82 -37.73 5.48 27.44
CA GLY C 82 -38.02 4.62 26.29
C GLY C 82 -38.16 5.43 25.03
N THR C 83 -37.94 4.76 23.89
CA THR C 83 -38.14 5.44 22.61
C THR C 83 -39.60 5.79 22.39
N THR C 84 -40.52 4.86 22.66
CA THR C 84 -41.94 5.06 22.43
C THR C 84 -42.80 4.94 23.68
N LEU C 85 -42.23 4.48 24.80
CA LEU C 85 -42.93 4.30 26.07
C LEU C 85 -44.17 3.41 25.95
N ASP C 86 -44.09 2.35 25.15
CA ASP C 86 -45.22 1.45 24.91
C ASP C 86 -44.69 0.03 24.85
N SER C 87 -45.60 -0.94 24.91
CA SER C 87 -45.18 -2.35 24.93
C SER C 87 -44.42 -2.74 23.66
N LYS C 88 -44.65 -2.04 22.56
CA LYS C 88 -44.01 -2.44 21.30
C LYS C 88 -42.50 -2.42 21.40
N THR C 89 -41.93 -1.42 22.08
CA THR C 89 -40.48 -1.25 22.20
C THR C 89 -40.05 -1.29 23.65
N GLN C 90 -38.91 -1.93 23.91
CA GLN C 90 -38.43 -2.08 25.28
C GLN C 90 -38.11 -0.72 25.90
N SER C 91 -38.48 -0.55 27.17
CA SER C 91 -38.25 0.70 27.89
C SER C 91 -37.52 0.45 29.21
N LEU C 92 -36.47 1.22 29.45
CA LEU C 92 -35.76 1.14 30.72
C LEU C 92 -36.64 1.71 31.83
N LEU C 93 -36.66 1.04 32.97
CA LEU C 93 -37.43 1.51 34.12
C LEU C 93 -36.56 1.55 35.36
N ILE C 94 -36.52 2.69 36.04
CA ILE C 94 -35.83 2.81 37.32
C ILE C 94 -36.86 3.22 38.37
N VAL C 95 -37.00 2.44 39.43
CA VAL C 95 -37.91 2.76 40.51
C VAL C 95 -37.21 2.62 41.85
N ASN C 96 -37.67 3.39 42.83
CA ASN C 96 -37.07 3.40 44.16
C ASN C 96 -38.09 3.17 45.26
N ASN C 97 -37.77 2.25 46.16
CA ASN C 97 -38.54 1.98 47.36
C ASN C 97 -37.54 1.96 48.52
N ALA C 98 -38.03 2.02 49.76
CA ALA C 98 -37.13 2.17 50.89
C ALA C 98 -36.10 1.05 50.96
N THR C 99 -36.53 -0.20 50.74
CA THR C 99 -35.58 -1.30 50.86
C THR C 99 -34.50 -1.27 49.79
N ASN C 100 -34.87 -1.03 48.53
CA ASN C 100 -33.91 -1.10 47.42
C ASN C 100 -34.44 -0.37 46.18
N VAL C 101 -33.54 -0.17 45.21
CA VAL C 101 -33.86 0.42 43.91
C VAL C 101 -33.81 -0.67 42.86
N VAL C 102 -34.83 -0.70 42.01
CA VAL C 102 -34.98 -1.73 40.99
C VAL C 102 -34.82 -1.08 39.63
N ILE C 103 -33.89 -1.60 38.84
CA ILE C 103 -33.68 -1.16 37.47
C ILE C 103 -34.05 -2.33 36.57
N LYS C 104 -35.02 -2.12 35.69
CA LYS C 104 -35.52 -3.19 34.84
C LYS C 104 -35.69 -2.72 33.41
N VAL C 105 -35.27 -3.56 32.47
CA VAL C 105 -35.51 -3.31 31.05
C VAL C 105 -36.53 -4.33 30.58
N CYS C 106 -37.71 -3.86 30.19
CA CYS C 106 -38.79 -4.76 29.80
C CYS C 106 -39.72 -4.01 28.87
N GLU C 107 -40.59 -4.75 28.19
CA GLU C 107 -41.61 -4.14 27.34
C GLU C 107 -42.78 -3.75 28.22
N PHE C 108 -42.88 -2.47 28.55
CA PHE C 108 -43.92 -1.96 29.44
C PHE C 108 -44.95 -1.20 28.61
N GLN C 109 -46.23 -1.51 28.83
CA GLN C 109 -47.30 -0.89 28.05
C GLN C 109 -47.34 0.62 28.29
N MET C 128 -44.58 4.46 54.26
CA MET C 128 -44.59 3.35 53.32
C MET C 128 -45.90 3.30 52.55
N GLU C 129 -45.81 3.06 51.24
CA GLU C 129 -46.98 2.93 50.39
C GLU C 129 -46.97 1.55 49.73
N SER C 130 -48.10 0.86 49.77
CA SER C 130 -48.19 -0.48 49.21
C SER C 130 -48.63 -0.47 47.75
N GLU C 131 -48.90 0.72 47.19
CA GLU C 131 -49.43 0.84 45.83
C GLU C 131 -48.32 1.26 44.87
N PHE C 132 -47.99 0.38 43.92
CA PHE C 132 -47.05 0.70 42.85
C PHE C 132 -47.72 0.29 41.55
N ARG C 133 -47.92 1.24 40.64
CA ARG C 133 -48.65 0.96 39.42
C ARG C 133 -47.86 1.39 38.19
N VAL C 134 -46.56 1.15 38.21
CA VAL C 134 -45.72 1.63 37.11
C VAL C 134 -46.14 0.97 35.80
N TYR C 135 -46.35 -0.35 35.81
CA TYR C 135 -46.67 -1.06 34.58
C TYR C 135 -47.69 -2.15 34.86
N SER C 136 -48.66 -2.29 33.96
CA SER C 136 -49.61 -3.39 34.09
C SER C 136 -48.94 -4.74 33.85
N SER C 137 -48.08 -4.85 32.82
CA SER C 137 -47.47 -6.14 32.49
C SER C 137 -46.17 -5.91 31.74
N ALA C 138 -45.30 -6.92 31.78
CA ALA C 138 -44.03 -6.91 31.05
C ALA C 138 -43.96 -8.11 30.11
N ASN C 139 -43.92 -7.84 28.79
CA ASN C 139 -43.92 -8.92 27.81
C ASN C 139 -42.65 -9.77 27.88
N ASN C 140 -41.48 -9.12 27.96
CA ASN C 140 -40.22 -9.83 28.06
C ASN C 140 -39.27 -8.91 28.82
N CYS C 141 -38.30 -9.48 29.52
CA CYS C 141 -37.31 -8.65 30.19
C CYS C 141 -35.90 -9.05 29.76
N THR C 142 -35.22 -8.14 29.05
CA THR C 142 -33.83 -8.39 28.68
C THR C 142 -32.88 -8.28 29.86
N PHE C 143 -33.09 -7.32 30.77
CA PHE C 143 -32.15 -7.08 31.84
C PHE C 143 -32.87 -6.68 33.12
N GLU C 144 -32.27 -7.02 34.27
CA GLU C 144 -32.78 -6.62 35.58
C GLU C 144 -31.62 -6.35 36.52
N TYR C 145 -31.79 -5.41 37.44
CA TYR C 145 -30.73 -5.05 38.38
C TYR C 145 -31.35 -4.54 39.67
N VAL C 146 -30.67 -4.78 40.80
CA VAL C 146 -31.10 -4.26 42.10
C VAL C 146 -29.88 -3.73 42.84
N SER C 147 -30.09 -2.69 43.65
CA SER C 147 -29.00 -2.06 44.40
C SER C 147 -29.56 -1.30 45.59
N GLN C 148 -28.66 -0.83 46.45
CA GLN C 148 -29.08 0.01 47.58
C GLN C 148 -29.72 1.29 47.05
N PRO C 149 -30.73 1.82 47.75
CA PRO C 149 -31.48 2.97 47.22
C PRO C 149 -30.64 4.20 46.91
N PHE C 150 -30.89 4.79 45.73
CA PHE C 150 -30.17 6.00 45.33
C PHE C 150 -30.48 7.15 46.26
N LEU C 151 -31.75 7.31 46.62
CA LEU C 151 -32.20 8.39 47.49
C LEU C 151 -32.02 8.01 48.95
N ASN C 160 -39.69 22.91 54.83
CA ASN C 160 -38.33 23.18 54.40
C ASN C 160 -37.80 22.01 53.58
N PHE C 161 -37.14 22.31 52.46
CA PHE C 161 -36.50 21.29 51.64
C PHE C 161 -35.04 21.19 52.06
N LYS C 162 -34.65 20.05 52.63
CA LYS C 162 -33.30 19.88 53.11
C LYS C 162 -32.45 18.98 52.20
N ASN C 163 -33.02 18.46 51.11
CA ASN C 163 -32.32 17.51 50.25
C ASN C 163 -32.33 17.95 48.80
N LEU C 164 -31.17 17.94 48.15
CA LEU C 164 -31.06 18.21 46.72
C LEU C 164 -30.46 16.99 46.04
N ARG C 165 -31.16 16.46 45.03
CA ARG C 165 -30.74 15.26 44.33
C ARG C 165 -30.40 15.59 42.89
N GLU C 166 -29.15 15.32 42.49
CA GLU C 166 -28.68 15.64 41.15
C GLU C 166 -28.38 14.35 40.40
N PHE C 167 -28.99 14.17 39.23
CA PHE C 167 -28.81 12.96 38.44
C PHE C 167 -28.50 13.33 37.00
N VAL C 168 -27.49 12.73 36.40
CA VAL C 168 -27.16 12.92 34.99
C VAL C 168 -27.34 11.60 34.27
N PHE C 169 -28.12 11.60 33.19
CA PHE C 169 -28.42 10.38 32.45
C PHE C 169 -27.89 10.50 31.03
N LYS C 170 -27.08 9.53 30.60
CA LYS C 170 -26.55 9.52 29.24
C LYS C 170 -26.55 8.10 28.69
N ASN C 171 -26.75 7.97 27.37
CA ASN C 171 -26.64 6.68 26.70
C ASN C 171 -25.57 6.78 25.62
N ILE C 172 -24.43 6.13 25.82
CA ILE C 172 -23.32 6.13 24.86
C ILE C 172 -22.87 4.69 24.64
N ASP C 173 -22.78 4.28 23.37
CA ASP C 173 -22.26 2.95 23.01
C ASP C 173 -23.03 1.85 23.73
N GLY C 174 -24.34 2.01 23.84
CA GLY C 174 -25.15 0.97 24.42
C GLY C 174 -25.01 0.83 25.93
N TYR C 175 -24.43 1.81 26.59
CA TYR C 175 -24.29 1.83 28.03
C TYR C 175 -25.05 3.03 28.57
N PHE C 176 -25.90 2.81 29.56
CA PHE C 176 -26.62 3.89 30.22
C PHE C 176 -25.87 4.23 31.50
N LYS C 177 -25.49 5.50 31.65
CA LYS C 177 -24.68 5.92 32.79
C LYS C 177 -25.46 6.89 33.66
N ILE C 178 -25.47 6.65 34.96
CA ILE C 178 -26.11 7.53 35.93
C ILE C 178 -25.06 8.12 36.85
N TYR C 179 -25.03 9.44 36.97
CA TYR C 179 -24.11 10.15 37.86
C TYR C 179 -24.94 10.91 38.89
N SER C 180 -24.62 10.77 40.18
CA SER C 180 -25.47 11.39 41.17
C SER C 180 -24.69 12.05 42.32
N LYS C 181 -25.18 13.19 42.78
CA LYS C 181 -24.66 13.88 43.95
C LYS C 181 -25.84 14.34 44.80
N HIS C 182 -25.80 14.09 46.10
CA HIS C 182 -26.84 14.54 47.02
C HIS C 182 -26.26 15.58 47.97
N THR C 183 -26.85 16.77 48.01
CA THR C 183 -26.34 17.85 48.84
C THR C 183 -27.41 18.39 49.78
N PRO C 184 -27.13 18.52 51.08
CA PRO C 184 -28.10 19.16 51.98
C PRO C 184 -28.26 20.63 51.66
N ILE C 185 -29.50 21.09 51.59
CA ILE C 185 -29.78 22.48 51.30
C ILE C 185 -30.54 23.14 52.45
N ASP C 190 -34.60 28.67 43.80
CA ASP C 190 -34.11 28.09 42.56
C ASP C 190 -32.95 27.14 42.83
N LEU C 191 -32.29 26.68 41.78
CA LEU C 191 -31.13 25.81 41.96
C LEU C 191 -30.04 26.57 42.71
N PRO C 192 -29.40 25.95 43.70
CA PRO C 192 -28.39 26.67 44.50
C PRO C 192 -27.20 27.08 43.65
N GLN C 193 -26.67 28.26 43.91
CA GLN C 193 -25.49 28.74 43.20
C GLN C 193 -24.24 28.22 43.88
N GLY C 194 -23.85 27.00 43.52
CA GLY C 194 -22.69 26.36 44.11
C GLY C 194 -22.17 25.31 43.16
N PHE C 195 -20.92 24.88 43.38
CA PHE C 195 -20.28 23.91 42.49
C PHE C 195 -20.21 22.55 43.15
N SER C 196 -20.74 21.53 42.48
CA SER C 196 -20.64 20.16 42.94
C SER C 196 -20.35 19.25 41.75
N ALA C 197 -19.57 18.20 42.00
CA ALA C 197 -19.21 17.23 40.97
C ALA C 197 -19.95 15.93 41.22
N LEU C 198 -20.58 15.39 40.19
CA LEU C 198 -21.43 14.22 40.33
C LEU C 198 -20.64 12.94 40.13
N GLU C 199 -20.48 12.14 41.20
CA GLU C 199 -19.76 10.88 41.10
C GLU C 199 -20.60 9.84 40.34
N PRO C 200 -19.96 8.97 39.57
CA PRO C 200 -20.71 7.90 38.90
C PRO C 200 -21.37 6.96 39.90
N LEU C 201 -22.65 6.65 39.68
CA LEU C 201 -23.34 5.71 40.56
C LEU C 201 -23.36 4.30 40.00
N VAL C 202 -23.77 4.14 38.74
CA VAL C 202 -23.85 2.82 38.13
C VAL C 202 -23.77 2.98 36.62
N ASP C 203 -23.22 1.96 35.97
CA ASP C 203 -23.18 1.88 34.52
C ASP C 203 -23.87 0.60 34.12
N LEU C 204 -24.84 0.69 33.22
CA LEU C 204 -25.65 -0.48 32.88
C LEU C 204 -25.58 -0.75 31.39
N PRO C 205 -25.38 -2.00 30.97
CA PRO C 205 -25.39 -2.35 29.54
C PRO C 205 -26.80 -2.60 29.02
N ILE C 206 -27.64 -1.55 29.04
CA ILE C 206 -29.02 -1.70 28.62
C ILE C 206 -29.11 -2.07 27.14
N GLY C 207 -28.31 -1.41 26.30
CA GLY C 207 -28.35 -1.64 24.87
C GLY C 207 -29.68 -1.37 24.21
N ILE C 208 -30.38 -0.31 24.61
CA ILE C 208 -31.65 0.07 24.02
C ILE C 208 -31.55 1.52 23.56
N ASN C 209 -32.43 1.88 22.64
CA ASN C 209 -32.46 3.23 22.08
C ASN C 209 -33.48 4.03 22.87
N ILE C 210 -33.05 5.16 23.43
CA ILE C 210 -33.89 6.02 24.25
C ILE C 210 -34.06 7.37 23.58
N THR C 211 -35.32 7.74 23.27
CA THR C 211 -35.60 9.04 22.70
C THR C 211 -36.46 9.92 23.58
N ARG C 212 -37.16 9.36 24.56
CA ARG C 212 -38.05 10.10 25.42
C ARG C 212 -37.90 9.60 26.86
N PHE C 213 -38.22 10.45 27.83
CA PHE C 213 -38.19 10.02 29.22
C PHE C 213 -39.33 10.68 29.97
N GLN C 214 -39.88 9.98 30.96
CA GLN C 214 -40.92 10.54 31.82
C GLN C 214 -40.62 10.24 33.28
N THR C 215 -40.78 11.25 34.13
CA THR C 215 -40.57 11.07 35.55
C THR C 215 -41.72 10.31 36.18
N LEU C 216 -41.43 9.65 37.30
CA LEU C 216 -42.43 8.93 38.10
C LEU C 216 -42.60 9.60 39.45
N LEU C 217 -43.84 9.91 39.80
CA LEU C 217 -44.13 10.65 41.02
C LEU C 217 -45.11 9.85 41.87
N ALA C 218 -45.07 10.06 43.19
CA ALA C 218 -45.89 9.31 44.12
C ALA C 218 -47.03 10.16 44.67
N LEU C 219 -48.24 9.63 44.63
CA LEU C 219 -49.41 10.30 45.18
C LEU C 219 -49.77 9.67 46.52
N HIS C 220 -49.91 10.48 47.55
CA HIS C 220 -50.14 9.99 48.90
C HIS C 220 -51.57 10.31 49.34
N ARG C 221 -52.27 9.30 49.84
CA ARG C 221 -53.66 9.43 50.26
C ARG C 221 -53.70 9.65 51.76
N SER C 222 -54.37 10.70 52.20
CA SER C 222 -54.46 11.01 53.64
C SER C 222 -55.21 9.90 54.38
N GLY C 232 -58.62 12.79 46.59
CA GLY C 232 -58.19 11.54 47.19
C GLY C 232 -56.74 11.54 47.63
N TRP C 233 -55.88 12.16 46.83
CA TRP C 233 -54.44 12.18 47.09
C TRP C 233 -53.97 13.61 47.33
N THR C 234 -53.16 13.79 48.38
CA THR C 234 -52.54 15.06 48.70
C THR C 234 -51.03 14.92 48.54
N ALA C 235 -50.41 15.84 47.79
CA ALA C 235 -49.00 15.77 47.50
C ALA C 235 -48.26 16.95 48.11
N GLY C 236 -47.16 16.68 48.79
CA GLY C 236 -46.34 17.75 49.32
C GLY C 236 -45.59 18.47 48.23
N ALA C 237 -45.15 19.70 48.51
CA ALA C 237 -44.50 20.49 47.47
C ALA C 237 -43.25 19.78 46.95
N ALA C 238 -43.10 19.76 45.63
CA ALA C 238 -41.98 19.10 44.98
C ALA C 238 -41.46 19.95 43.84
N ALA C 239 -40.14 20.01 43.67
CA ALA C 239 -39.52 20.72 42.57
C ALA C 239 -38.56 19.81 41.82
N TYR C 240 -38.77 19.62 40.52
CA TYR C 240 -37.84 18.87 39.69
C TYR C 240 -37.45 19.69 38.46
N TYR C 241 -36.15 19.74 38.19
CA TYR C 241 -35.58 20.53 37.11
C TYR C 241 -34.98 19.63 36.03
N VAL C 242 -35.29 19.88 34.78
CA VAL C 242 -34.77 19.09 33.66
C VAL C 242 -33.91 19.96 32.75
N GLY C 243 -32.70 19.48 32.46
CA GLY C 243 -31.80 20.19 31.59
C GLY C 243 -31.23 19.23 30.56
N TYR C 244 -30.79 19.78 29.43
CA TYR C 244 -30.29 18.98 28.32
C TYR C 244 -28.81 19.19 28.09
N LEU C 245 -28.04 18.10 28.08
CA LEU C 245 -26.60 18.15 27.86
C LEU C 245 -26.27 18.43 26.40
N GLN C 246 -25.18 19.15 26.18
CA GLN C 246 -24.70 19.48 24.84
C GLN C 246 -23.22 19.21 24.75
N PRO C 247 -22.69 18.91 23.56
CA PRO C 247 -21.24 18.73 23.44
C PRO C 247 -20.52 20.03 23.73
N ARG C 248 -19.61 20.00 24.69
CA ARG C 248 -18.92 21.20 25.14
C ARG C 248 -17.53 20.80 25.61
N THR C 249 -16.63 21.78 25.66
CA THR C 249 -15.29 21.59 26.19
C THR C 249 -15.16 22.34 27.50
N PHE C 250 -14.69 21.66 28.54
CA PHE C 250 -14.59 22.22 29.88
C PHE C 250 -13.18 22.05 30.42
N LEU C 251 -12.72 23.03 31.18
CA LEU C 251 -11.44 22.94 31.87
C LEU C 251 -11.76 22.59 33.32
N LEU C 252 -11.28 21.43 33.78
CA LEU C 252 -11.64 20.94 35.09
C LEU C 252 -10.48 21.10 36.06
N LYS C 253 -10.72 21.71 37.22
CA LYS C 253 -9.70 21.86 38.24
C LYS C 253 -9.79 20.73 39.25
N TYR C 254 -8.70 20.01 39.46
CA TYR C 254 -8.66 18.88 40.37
C TYR C 254 -7.81 19.21 41.59
N ASN C 255 -8.31 18.92 42.78
CA ASN C 255 -7.52 19.14 43.99
C ASN C 255 -6.58 17.98 44.24
N GLU C 256 -5.81 18.03 45.33
CA GLU C 256 -4.88 16.94 45.62
C GLU C 256 -5.61 15.63 45.80
N ASN C 257 -6.79 15.66 46.43
CA ASN C 257 -7.57 14.45 46.67
C ASN C 257 -8.20 13.90 45.39
N GLY C 258 -8.20 14.68 44.31
CA GLY C 258 -8.75 14.28 43.04
C GLY C 258 -10.18 14.70 42.80
N THR C 259 -10.82 15.35 43.75
CA THR C 259 -12.15 15.89 43.53
C THR C 259 -12.06 17.11 42.63
N ILE C 260 -13.06 17.29 41.77
CA ILE C 260 -13.11 18.48 40.92
C ILE C 260 -13.64 19.63 41.75
N THR C 261 -12.86 20.70 41.85
CA THR C 261 -13.29 21.80 42.71
C THR C 261 -13.87 22.98 41.93
N ASP C 262 -13.50 23.15 40.66
CA ASP C 262 -14.02 24.28 39.91
C ASP C 262 -13.96 23.89 38.43
N ALA C 263 -14.80 24.51 37.60
CA ALA C 263 -14.82 24.25 36.17
C ALA C 263 -15.03 25.52 35.36
N VAL C 264 -14.55 25.53 34.12
CA VAL C 264 -14.74 26.65 33.18
C VAL C 264 -15.32 26.12 31.88
N ASP C 265 -16.35 26.80 31.38
CA ASP C 265 -16.93 26.50 30.07
C ASP C 265 -16.27 27.40 29.04
N CYS C 266 -15.54 26.80 28.11
CA CYS C 266 -14.75 27.59 27.17
C CYS C 266 -15.63 28.48 26.28
N ALA C 267 -16.79 27.98 25.87
CA ALA C 267 -17.63 28.72 24.93
C ALA C 267 -18.56 29.72 25.60
N LEU C 268 -18.64 29.74 26.93
CA LEU C 268 -19.62 30.59 27.59
C LEU C 268 -19.35 32.07 27.37
N ASP C 269 -18.10 32.51 27.49
CA ASP C 269 -17.77 33.93 27.40
C ASP C 269 -16.33 34.07 26.96
N PRO C 270 -15.92 35.25 26.48
CA PRO C 270 -14.55 35.41 25.98
C PRO C 270 -13.47 35.15 27.02
N LEU C 271 -13.67 35.59 28.25
CA LEU C 271 -12.67 35.34 29.29
C LEU C 271 -12.49 33.85 29.51
N SER C 272 -13.60 33.11 29.48
CA SER C 272 -13.53 31.68 29.66
C SER C 272 -12.71 31.04 28.54
N GLU C 273 -12.89 31.55 27.31
CA GLU C 273 -12.09 31.06 26.20
C GLU C 273 -10.61 31.35 26.43
N THR C 274 -10.31 32.52 26.98
CA THR C 274 -8.92 32.85 27.29
C THR C 274 -8.34 31.88 28.32
N LYS C 275 -9.12 31.56 29.34
CA LYS C 275 -8.68 30.61 30.36
C LYS C 275 -8.46 29.25 29.74
N CYS C 276 -9.35 28.84 28.84
CA CYS C 276 -9.24 27.56 28.18
C CYS C 276 -7.95 27.50 27.35
N THR C 277 -7.64 28.60 26.63
CA THR C 277 -6.44 28.63 25.82
C THR C 277 -5.18 28.58 26.67
N LEU C 278 -5.15 29.31 27.78
CA LEU C 278 -3.97 29.36 28.63
C LEU C 278 -3.94 28.23 29.64
N LYS C 279 -5.01 27.47 29.76
CA LYS C 279 -5.14 26.36 30.70
C LYS C 279 -4.92 26.83 32.14
N SER C 280 -5.36 28.04 32.43
CA SER C 280 -5.25 28.58 33.78
C SER C 280 -6.50 29.38 34.14
N PHE C 281 -6.99 29.19 35.37
CA PHE C 281 -8.13 29.98 35.83
C PHE C 281 -7.75 31.45 35.96
N THR C 282 -6.55 31.74 36.45
CA THR C 282 -6.09 33.12 36.56
C THR C 282 -5.47 33.56 35.24
N VAL C 283 -5.87 34.74 34.75
CA VAL C 283 -5.33 35.30 33.53
C VAL C 283 -4.64 36.62 33.84
N GLU C 284 -3.38 36.74 33.45
CA GLU C 284 -2.61 37.96 33.67
C GLU C 284 -3.02 39.02 32.65
N LYS C 285 -2.68 40.27 32.95
CA LYS C 285 -3.03 41.36 32.06
C LYS C 285 -2.34 41.20 30.71
N GLY C 286 -3.06 41.48 29.64
CA GLY C 286 -2.50 41.42 28.30
C GLY C 286 -3.57 41.10 27.29
N ILE C 287 -3.14 40.99 26.03
CA ILE C 287 -4.01 40.65 24.92
C ILE C 287 -3.67 39.24 24.47
N TYR C 288 -4.66 38.37 24.40
CA TYR C 288 -4.45 36.96 24.08
C TYR C 288 -5.29 36.56 22.88
N GLN C 289 -4.67 35.91 21.90
CA GLN C 289 -5.38 35.42 20.73
C GLN C 289 -6.04 34.09 21.08
N THR C 290 -7.37 34.05 21.05
CA THR C 290 -8.06 32.85 21.51
C THR C 290 -8.60 31.96 20.39
N SER C 291 -9.28 32.53 19.41
CA SER C 291 -9.93 31.74 18.37
C SER C 291 -10.10 32.61 17.15
N ASN C 292 -10.53 32.00 16.04
CA ASN C 292 -10.80 32.72 14.81
C ASN C 292 -12.30 32.71 14.54
N PHE C 293 -12.91 33.89 14.39
CA PHE C 293 -14.33 33.94 14.10
C PHE C 293 -14.56 33.61 12.64
N ARG C 294 -15.65 32.90 12.36
CA ARG C 294 -16.03 32.62 10.98
C ARG C 294 -17.53 32.80 10.88
N VAL C 295 -18.01 33.34 9.76
CA VAL C 295 -19.45 33.49 9.54
C VAL C 295 -19.99 32.22 8.91
N GLN C 296 -20.89 31.55 9.62
CA GLN C 296 -21.43 30.29 9.15
C GLN C 296 -22.40 30.50 7.98
N PRO C 297 -22.49 29.53 7.07
CA PRO C 297 -23.36 29.69 5.90
C PRO C 297 -24.84 29.77 6.26
N THR C 298 -25.52 30.77 5.68
CA THR C 298 -26.94 30.93 5.93
C THR C 298 -27.78 29.79 5.34
N GLU C 299 -27.46 29.35 4.13
CA GLU C 299 -28.27 28.35 3.44
C GLU C 299 -27.41 27.60 2.42
N SER C 300 -27.97 26.51 1.91
CA SER C 300 -27.31 25.66 0.90
C SER C 300 -28.03 25.74 -0.44
N ILE C 301 -27.29 26.04 -1.51
CA ILE C 301 -27.83 26.08 -2.86
C ILE C 301 -27.15 25.02 -3.72
N VAL C 302 -27.93 24.25 -4.47
CA VAL C 302 -27.41 23.25 -5.40
C VAL C 302 -27.80 23.65 -6.81
N ARG C 303 -26.83 23.77 -7.71
CA ARG C 303 -27.09 24.05 -9.12
C ARG C 303 -26.54 22.95 -10.02
N PHE C 304 -27.41 22.35 -10.82
CA PHE C 304 -27.11 21.29 -11.78
C PHE C 304 -27.76 21.61 -13.12
N PRO C 305 -27.34 20.96 -14.20
CA PRO C 305 -27.86 21.28 -15.53
C PRO C 305 -29.37 21.08 -15.61
N ASN C 306 -30.03 21.99 -16.33
CA ASN C 306 -31.48 21.95 -16.44
C ASN C 306 -31.97 20.66 -17.10
N ILE C 307 -31.24 20.16 -18.09
CA ILE C 307 -31.71 19.00 -18.84
C ILE C 307 -31.87 17.81 -17.92
N THR C 308 -33.04 17.17 -17.98
CA THR C 308 -33.32 15.94 -17.23
C THR C 308 -33.91 14.91 -18.19
N ASN C 309 -33.11 13.91 -18.56
CA ASN C 309 -33.57 12.84 -19.44
C ASN C 309 -33.00 11.53 -18.92
N LEU C 310 -33.78 10.46 -18.98
CA LEU C 310 -33.29 9.21 -18.42
C LEU C 310 -32.10 8.76 -19.25
N CYS C 311 -31.07 8.29 -18.57
CA CYS C 311 -29.87 7.86 -19.26
C CYS C 311 -30.10 6.53 -19.98
N PRO C 312 -29.42 6.28 -21.10
CA PRO C 312 -29.56 4.99 -21.79
C PRO C 312 -28.69 3.86 -21.29
N PHE C 313 -28.56 3.72 -19.96
CA PHE C 313 -27.80 2.63 -19.39
C PHE C 313 -28.45 1.29 -19.71
N ASP C 314 -29.78 1.24 -19.73
CA ASP C 314 -30.50 0.00 -19.94
C ASP C 314 -30.12 -0.63 -21.28
N GLU C 315 -29.98 0.20 -22.31
CA GLU C 315 -29.64 -0.31 -23.63
C GLU C 315 -28.29 -1.00 -23.61
N VAL C 316 -27.29 -0.37 -22.98
CA VAL C 316 -25.95 -0.94 -22.97
C VAL C 316 -25.90 -2.21 -22.13
N PHE C 317 -26.45 -2.16 -20.92
CA PHE C 317 -26.36 -3.31 -20.04
C PHE C 317 -27.21 -4.49 -20.49
N ASN C 318 -28.41 -4.24 -21.01
CA ASN C 318 -29.32 -5.32 -21.35
C ASN C 318 -29.26 -5.68 -22.83
N ALA C 319 -28.26 -5.20 -23.56
CA ALA C 319 -28.17 -5.46 -24.99
C ALA C 319 -28.11 -6.97 -25.21
N THR C 320 -28.87 -7.46 -26.19
CA THR C 320 -28.90 -8.90 -26.44
C THR C 320 -27.54 -9.42 -26.87
N ARG C 321 -26.84 -8.68 -27.72
CA ARG C 321 -25.54 -9.09 -28.23
C ARG C 321 -24.43 -8.18 -27.75
N PHE C 322 -23.37 -8.76 -27.18
CA PHE C 322 -22.20 -8.00 -26.75
C PHE C 322 -21.02 -8.28 -27.67
N ALA C 323 -20.36 -7.21 -28.08
CA ALA C 323 -19.26 -7.32 -29.01
C ALA C 323 -18.12 -8.10 -28.36
N SER C 324 -17.35 -8.78 -29.20
CA SER C 324 -16.23 -9.57 -28.72
C SER C 324 -15.13 -8.66 -28.22
N VAL C 325 -14.26 -9.22 -27.38
CA VAL C 325 -13.21 -8.42 -26.78
C VAL C 325 -12.30 -7.82 -27.85
N TYR C 326 -12.07 -8.56 -28.94
CA TYR C 326 -11.17 -8.04 -29.97
C TYR C 326 -11.72 -6.74 -30.55
N ALA C 327 -13.05 -6.65 -30.71
CA ALA C 327 -13.67 -5.45 -31.26
C ALA C 327 -14.75 -4.94 -30.29
N TRP C 328 -14.30 -4.35 -29.18
CA TRP C 328 -15.20 -3.84 -28.15
C TRP C 328 -16.00 -2.65 -28.64
N ASN C 329 -17.21 -2.50 -28.11
CA ASN C 329 -18.11 -1.43 -28.53
C ASN C 329 -18.14 -0.32 -27.49
N ARG C 330 -17.93 0.92 -27.96
CA ARG C 330 -17.97 2.10 -27.10
C ARG C 330 -19.18 2.96 -27.46
N LYS C 331 -20.02 3.27 -26.47
CA LYS C 331 -21.17 4.12 -26.68
C LYS C 331 -21.05 5.40 -25.84
N ARG C 332 -21.18 6.55 -26.50
CA ARG C 332 -21.12 7.82 -25.79
C ARG C 332 -22.41 8.04 -25.01
N ILE C 333 -22.27 8.48 -23.77
CA ILE C 333 -23.41 8.81 -22.92
C ILE C 333 -23.40 10.32 -22.72
N SER C 334 -24.47 11.00 -23.12
CA SER C 334 -24.50 12.45 -23.05
C SER C 334 -25.93 12.94 -22.89
N ASN C 335 -26.06 14.12 -22.30
CA ASN C 335 -27.35 14.78 -22.10
C ASN C 335 -28.34 13.85 -21.39
N CYS C 336 -27.87 13.16 -20.37
CA CYS C 336 -28.69 12.19 -19.66
C CYS C 336 -28.50 12.39 -18.17
N VAL C 337 -29.49 11.98 -17.40
CA VAL C 337 -29.38 11.97 -15.96
C VAL C 337 -29.05 10.53 -15.59
N ALA C 338 -27.94 10.33 -14.90
CA ALA C 338 -27.45 8.99 -14.64
C ALA C 338 -27.84 8.54 -13.24
N ASP C 339 -28.59 7.44 -13.16
CA ASP C 339 -28.92 6.81 -11.90
C ASP C 339 -28.23 5.47 -11.89
N TYR C 340 -27.36 5.25 -10.91
CA TYR C 340 -26.61 4.01 -10.87
C TYR C 340 -27.31 2.98 -10.00
N SER C 341 -28.45 3.34 -9.43
CA SER C 341 -29.24 2.40 -8.65
C SER C 341 -29.73 1.25 -9.52
N VAL C 342 -30.08 1.53 -10.76
CA VAL C 342 -30.62 0.51 -11.66
C VAL C 342 -29.58 -0.57 -11.90
N LEU C 343 -28.31 -0.17 -12.04
CA LEU C 343 -27.24 -1.15 -12.22
C LEU C 343 -27.13 -2.06 -11.01
N TYR C 344 -27.23 -1.48 -9.82
CA TYR C 344 -27.21 -2.27 -8.59
C TYR C 344 -28.42 -3.18 -8.51
N ASN C 345 -29.57 -2.73 -9.03
CA ASN C 345 -30.81 -3.49 -8.91
C ASN C 345 -30.66 -4.86 -9.54
N LEU C 346 -29.97 -4.96 -10.67
CA LEU C 346 -29.68 -6.25 -11.25
C LEU C 346 -28.86 -7.03 -10.21
N ALA C 347 -29.21 -8.29 -9.97
CA ALA C 347 -28.57 -9.06 -8.91
C ALA C 347 -28.06 -10.40 -9.40
N PRO C 348 -26.99 -10.39 -10.18
CA PRO C 348 -26.36 -11.66 -10.59
C PRO C 348 -25.08 -11.87 -9.80
N PHE C 349 -25.02 -11.24 -8.62
CA PHE C 349 -23.81 -11.23 -7.79
C PHE C 349 -22.66 -10.57 -8.55
N PHE C 350 -22.99 -9.48 -9.24
CA PHE C 350 -22.03 -8.75 -10.06
C PHE C 350 -21.00 -8.02 -9.20
N THR C 351 -19.82 -7.80 -9.77
CA THR C 351 -18.75 -7.06 -9.13
C THR C 351 -18.67 -5.67 -9.73
N PHE C 352 -18.83 -4.64 -8.88
CA PHE C 352 -18.74 -3.24 -9.27
C PHE C 352 -17.44 -2.76 -8.65
N LYS C 353 -16.43 -2.41 -9.45
CA LYS C 353 -15.21 -1.90 -8.84
C LYS C 353 -14.98 -0.53 -9.48
N CYS C 354 -14.85 0.52 -8.68
CA CYS C 354 -14.57 1.85 -9.23
C CYS C 354 -13.18 2.32 -8.81
N TYR C 355 -12.28 2.47 -9.78
CA TYR C 355 -10.88 2.81 -9.47
C TYR C 355 -10.69 4.21 -8.91
N GLY C 356 -11.32 5.23 -9.50
CA GLY C 356 -11.08 6.59 -9.04
C GLY C 356 -12.22 7.25 -8.30
N VAL C 357 -13.29 6.54 -8.01
CA VAL C 357 -14.49 7.08 -7.41
C VAL C 357 -15.08 5.99 -6.53
N SER C 358 -16.02 6.34 -5.69
CA SER C 358 -16.69 5.33 -4.89
C SER C 358 -18.08 5.08 -5.44
N PRO C 359 -18.55 3.83 -5.43
CA PRO C 359 -19.85 3.54 -6.07
C PRO C 359 -21.01 4.30 -5.48
N THR C 360 -21.04 4.47 -4.16
CA THR C 360 -22.11 5.23 -3.53
C THR C 360 -22.12 6.67 -4.02
N LYS C 361 -20.94 7.25 -4.21
CA LYS C 361 -20.77 8.64 -4.58
C LYS C 361 -21.13 8.93 -6.03
N LEU C 362 -21.33 7.91 -6.87
CA LEU C 362 -21.54 8.13 -8.29
C LEU C 362 -22.76 9.00 -8.55
N ASN C 363 -23.85 8.78 -7.82
CA ASN C 363 -25.07 9.52 -8.09
C ASN C 363 -24.88 11.01 -7.85
N ASP C 364 -24.16 11.38 -6.79
CA ASP C 364 -23.99 12.78 -6.44
C ASP C 364 -23.21 13.55 -7.50
N LEU C 365 -22.15 12.94 -8.03
CA LEU C 365 -21.26 13.65 -8.94
C LEU C 365 -21.86 13.83 -10.32
N CYS C 366 -21.41 14.87 -11.02
CA CYS C 366 -21.79 15.10 -12.41
C CYS C 366 -20.58 14.76 -13.27
N PHE C 367 -20.77 13.88 -14.25
CA PHE C 367 -19.64 13.40 -15.01
C PHE C 367 -19.68 13.94 -16.42
N THR C 368 -18.52 14.18 -16.98
CA THR C 368 -18.37 14.60 -18.35
C THR C 368 -17.56 13.57 -19.11
N ASN C 369 -17.76 13.54 -20.43
CA ASN C 369 -16.99 12.67 -21.32
C ASN C 369 -17.18 11.19 -20.93
N VAL C 370 -18.42 10.80 -20.63
CA VAL C 370 -18.76 9.45 -20.19
C VAL C 370 -18.88 8.47 -21.36
N TYR C 371 -18.11 7.38 -21.30
CA TYR C 371 -18.11 6.35 -22.34
C TYR C 371 -18.21 4.95 -21.74
N ALA C 372 -19.05 4.09 -22.32
CA ALA C 372 -19.26 2.73 -21.85
C ALA C 372 -18.74 1.73 -22.87
N ASP C 373 -17.81 0.87 -22.44
CA ASP C 373 -17.20 -0.14 -23.30
C ASP C 373 -17.69 -1.52 -22.87
N SER C 374 -18.31 -2.27 -23.79
CA SER C 374 -18.90 -3.56 -23.47
C SER C 374 -18.24 -4.69 -24.25
N PHE C 375 -17.79 -5.72 -23.55
CA PHE C 375 -17.14 -6.87 -24.18
C PHE C 375 -17.35 -8.11 -23.33
N VAL C 376 -17.19 -9.28 -23.94
CA VAL C 376 -17.32 -10.57 -23.26
C VAL C 376 -15.96 -11.23 -23.16
N ILE C 377 -15.58 -11.64 -21.95
CA ILE C 377 -14.28 -12.26 -21.67
C ILE C 377 -14.48 -13.46 -20.76
N ARG C 378 -13.46 -14.30 -20.69
CA ARG C 378 -13.49 -15.44 -19.79
C ARG C 378 -13.40 -14.97 -18.35
N GLY C 379 -13.91 -15.81 -17.44
CA GLY C 379 -13.98 -15.40 -16.04
C GLY C 379 -12.62 -15.14 -15.40
N ASP C 380 -11.63 -15.98 -15.73
CA ASP C 380 -10.29 -15.77 -15.18
C ASP C 380 -9.70 -14.45 -15.65
N GLU C 381 -10.05 -14.03 -16.86
CA GLU C 381 -9.49 -12.83 -17.47
C GLU C 381 -10.03 -11.54 -16.87
N VAL C 382 -11.02 -11.59 -15.98
CA VAL C 382 -11.64 -10.37 -15.46
C VAL C 382 -10.60 -9.53 -14.74
N ARG C 383 -9.65 -10.16 -14.06
CA ARG C 383 -8.60 -9.41 -13.36
C ARG C 383 -7.77 -8.59 -14.34
N GLN C 384 -7.53 -9.12 -15.54
CA GLN C 384 -6.71 -8.42 -16.51
C GLN C 384 -7.33 -7.09 -16.92
N ILE C 385 -8.65 -6.97 -16.91
CA ILE C 385 -9.28 -5.69 -17.23
C ILE C 385 -9.24 -4.81 -15.98
N ALA C 386 -8.04 -4.32 -15.69
CA ALA C 386 -7.77 -3.41 -14.59
C ALA C 386 -6.50 -2.63 -14.93
N PRO C 387 -6.32 -1.45 -14.37
CA PRO C 387 -5.15 -0.64 -14.75
C PRO C 387 -3.85 -1.34 -14.43
N GLY C 388 -2.91 -1.28 -15.38
CA GLY C 388 -1.59 -1.84 -15.19
C GLY C 388 -1.56 -3.31 -14.83
N GLN C 389 -2.39 -4.12 -15.47
CA GLN C 389 -2.40 -5.56 -15.27
C GLN C 389 -1.98 -6.23 -16.57
N THR C 390 -1.06 -7.20 -16.47
CA THR C 390 -0.53 -7.86 -17.66
C THR C 390 -1.28 -9.15 -17.93
N GLY C 391 -1.91 -9.24 -19.10
CA GLY C 391 -2.69 -10.41 -19.49
C GLY C 391 -2.81 -10.45 -20.99
N ASN C 392 -3.20 -11.60 -21.52
CA ASN C 392 -3.27 -11.75 -22.96
C ASN C 392 -4.28 -10.78 -23.56
N ILE C 393 -5.47 -10.71 -22.95
CA ILE C 393 -6.49 -9.78 -23.43
C ILE C 393 -6.01 -8.36 -23.24
N ALA C 394 -5.34 -8.07 -22.12
CA ALA C 394 -4.90 -6.72 -21.87
C ALA C 394 -3.90 -6.29 -22.93
N ASP C 395 -2.95 -7.17 -23.23
CA ASP C 395 -1.90 -6.83 -24.20
C ASP C 395 -2.45 -6.71 -25.60
N TYR C 396 -3.33 -7.61 -26.02
CA TYR C 396 -3.76 -7.62 -27.41
C TYR C 396 -5.23 -7.30 -27.66
N ASN C 397 -6.06 -7.10 -26.62
CA ASN C 397 -7.47 -6.87 -26.86
C ASN C 397 -7.94 -5.54 -26.27
N TYR C 398 -8.02 -5.40 -24.95
CA TYR C 398 -8.48 -4.17 -24.31
C TYR C 398 -7.49 -3.76 -23.24
N LYS C 399 -6.99 -2.53 -23.30
CA LYS C 399 -6.03 -2.03 -22.32
C LYS C 399 -6.61 -0.82 -21.59
N LEU C 400 -6.55 -0.86 -20.28
CA LEU C 400 -7.00 0.28 -19.48
C LEU C 400 -5.82 1.18 -19.15
N PRO C 401 -5.94 2.50 -19.30
CA PRO C 401 -4.83 3.39 -18.96
C PRO C 401 -4.51 3.32 -17.49
N ASP C 402 -3.25 3.58 -17.15
CA ASP C 402 -2.83 3.49 -15.75
C ASP C 402 -3.57 4.49 -14.88
N ASP C 403 -3.89 5.68 -15.40
CA ASP C 403 -4.55 6.72 -14.63
C ASP C 403 -6.07 6.68 -14.79
N PHE C 404 -6.59 5.55 -15.26
CA PHE C 404 -8.02 5.42 -15.57
C PHE C 404 -8.88 5.69 -14.35
N THR C 405 -9.91 6.51 -14.52
CA THR C 405 -10.91 6.77 -13.50
C THR C 405 -12.26 6.32 -14.03
N GLY C 406 -12.89 5.38 -13.35
CA GLY C 406 -14.14 4.82 -13.82
C GLY C 406 -14.45 3.53 -13.09
N CYS C 407 -15.47 2.83 -13.59
CA CYS C 407 -15.96 1.62 -12.96
C CYS C 407 -15.99 0.47 -13.96
N VAL C 408 -15.47 -0.69 -13.56
CA VAL C 408 -15.52 -1.92 -14.36
C VAL C 408 -16.60 -2.82 -13.78
N ILE C 409 -17.61 -3.16 -14.58
CA ILE C 409 -18.76 -3.91 -14.08
C ILE C 409 -18.79 -5.27 -14.77
N ALA C 410 -18.76 -6.36 -14.01
CA ALA C 410 -18.75 -7.69 -14.59
C ALA C 410 -19.81 -8.60 -13.97
N TRP C 411 -20.59 -9.29 -14.80
CA TRP C 411 -21.56 -10.26 -14.33
C TRP C 411 -21.41 -11.55 -15.14
N ASN C 412 -21.61 -12.70 -14.48
CA ASN C 412 -21.56 -13.97 -15.18
C ASN C 412 -22.68 -14.08 -16.21
N SER C 413 -22.36 -14.54 -17.41
CA SER C 413 -23.32 -14.65 -18.49
C SER C 413 -23.44 -16.09 -19.01
N ASN C 414 -23.24 -17.08 -18.15
CA ASN C 414 -23.25 -18.46 -18.59
C ASN C 414 -24.60 -18.85 -19.19
N LYS C 415 -25.69 -18.39 -18.58
CA LYS C 415 -27.03 -18.79 -19.05
C LYS C 415 -27.30 -18.32 -20.47
N LEU C 416 -26.94 -17.09 -20.79
CA LEU C 416 -27.28 -16.54 -22.10
C LEU C 416 -26.16 -16.64 -23.13
N ASP C 417 -24.90 -16.51 -22.72
CA ASP C 417 -23.80 -16.47 -23.68
C ASP C 417 -23.16 -17.83 -23.92
N SER C 418 -23.67 -18.89 -23.33
CA SER C 418 -23.17 -20.23 -23.55
C SER C 418 -24.29 -21.15 -24.00
N LYS C 419 -23.96 -22.10 -24.86
CA LYS C 419 -24.93 -23.04 -25.39
C LYS C 419 -24.38 -24.45 -25.25
N VAL C 420 -25.29 -25.43 -25.24
CA VAL C 420 -24.85 -26.83 -25.20
C VAL C 420 -24.04 -27.15 -26.45
N SER C 421 -24.49 -26.65 -27.60
CA SER C 421 -23.71 -26.81 -28.83
C SER C 421 -22.37 -26.10 -28.70
N GLY C 422 -22.38 -24.96 -28.02
CA GLY C 422 -21.22 -24.14 -27.77
C GLY C 422 -21.30 -22.84 -28.56
N ASN C 423 -20.67 -21.79 -28.01
CA ASN C 423 -20.68 -20.48 -28.63
C ASN C 423 -19.27 -20.16 -29.09
N TYR C 424 -19.11 -19.99 -30.40
CA TYR C 424 -17.83 -19.63 -30.98
C TYR C 424 -17.90 -18.27 -31.65
N ASN C 425 -19.05 -17.58 -31.55
CA ASN C 425 -19.17 -16.26 -32.13
C ASN C 425 -18.19 -15.29 -31.48
N TYR C 426 -18.02 -15.39 -30.17
CA TYR C 426 -17.10 -14.53 -29.45
C TYR C 426 -15.66 -14.87 -29.84
N LEU C 427 -14.82 -13.84 -29.98
CA LEU C 427 -13.45 -14.03 -30.45
C LEU C 427 -12.45 -13.25 -29.60
N TYR C 428 -11.23 -13.79 -29.48
CA TYR C 428 -10.12 -13.13 -28.79
C TYR C 428 -8.87 -13.23 -29.66
N ARG C 429 -8.09 -12.16 -29.69
CA ARG C 429 -6.89 -12.08 -30.54
C ARG C 429 -5.65 -12.58 -29.82
N LEU C 430 -5.25 -13.85 -30.03
CA LEU C 430 -4.04 -14.35 -29.39
C LEU C 430 -2.76 -13.71 -29.92
N PHE C 431 -2.66 -13.44 -31.21
CA PHE C 431 -1.40 -12.99 -31.76
C PHE C 431 -1.51 -11.60 -32.38
N ARG C 432 -0.64 -10.69 -31.94
CA ARG C 432 -0.51 -9.36 -32.51
C ARG C 432 0.96 -8.96 -32.43
N LYS C 433 1.42 -8.12 -33.36
CA LYS C 433 2.83 -7.77 -33.38
C LYS C 433 3.27 -7.01 -32.14
N SER C 434 2.46 -6.07 -31.69
CA SER C 434 2.84 -5.23 -30.56
C SER C 434 1.66 -5.04 -29.62
N ASN C 435 1.97 -4.73 -28.36
CA ASN C 435 0.94 -4.52 -27.37
C ASN C 435 0.10 -3.30 -27.74
N LEU C 436 -1.20 -3.41 -27.51
CA LEU C 436 -2.11 -2.33 -27.83
C LEU C 436 -1.97 -1.16 -26.87
N LYS C 437 -2.07 0.06 -27.40
CA LYS C 437 -2.06 1.25 -26.57
C LYS C 437 -3.41 1.35 -25.85
N PRO C 438 -3.48 2.08 -24.74
CA PRO C 438 -4.74 2.14 -24.00
C PRO C 438 -5.89 2.63 -24.86
N PHE C 439 -7.04 1.97 -24.72
CA PHE C 439 -8.26 2.33 -25.46
C PHE C 439 -8.03 2.29 -26.97
N GLU C 440 -7.28 1.29 -27.44
CA GLU C 440 -7.01 1.12 -28.87
C GLU C 440 -7.65 -0.18 -29.33
N ARG C 441 -8.35 -0.12 -30.46
CA ARG C 441 -9.07 -1.27 -30.97
C ARG C 441 -8.48 -1.71 -32.30
N ASP C 442 -8.13 -2.99 -32.42
CA ASP C 442 -7.64 -3.56 -33.67
C ASP C 442 -8.66 -4.55 -34.22
N ILE C 443 -9.21 -4.26 -35.39
CA ILE C 443 -10.19 -5.15 -36.01
C ILE C 443 -9.62 -5.82 -37.25
N SER C 444 -8.40 -5.48 -37.65
CA SER C 444 -7.82 -6.01 -38.88
C SER C 444 -7.54 -7.49 -38.72
N THR C 445 -7.91 -8.28 -39.75
CA THR C 445 -7.61 -9.71 -39.77
C THR C 445 -6.59 -9.98 -40.86
N GLU C 446 -5.36 -10.29 -40.45
CA GLU C 446 -4.26 -10.57 -41.37
C GLU C 446 -3.44 -11.70 -40.79
N ILE C 447 -2.86 -12.54 -41.66
CA ILE C 447 -2.09 -13.67 -41.17
C ILE C 447 -0.90 -13.16 -40.37
N TYR C 448 -0.60 -13.83 -39.26
CA TYR C 448 0.46 -13.38 -38.37
C TYR C 448 1.74 -14.18 -38.65
N GLN C 449 2.83 -13.46 -38.91
CA GLN C 449 4.11 -14.10 -39.22
C GLN C 449 4.96 -14.18 -37.96
N ALA C 450 5.09 -15.39 -37.41
CA ALA C 450 5.95 -15.61 -36.25
C ALA C 450 7.23 -16.33 -36.63
N GLY C 451 7.44 -16.55 -37.93
CA GLY C 451 8.61 -17.27 -38.41
C GLY C 451 9.29 -16.48 -39.50
N ASN C 452 10.56 -16.81 -39.72
CA ASN C 452 11.33 -16.10 -40.73
C ASN C 452 10.70 -16.28 -42.12
N LYS C 453 10.23 -17.48 -42.41
CA LYS C 453 9.58 -17.76 -43.68
C LYS C 453 8.30 -16.92 -43.81
N PRO C 454 8.06 -16.31 -44.97
CA PRO C 454 6.86 -15.47 -45.13
C PRO C 454 5.59 -16.30 -45.30
N CYS C 455 4.54 -15.89 -44.59
CA CYS C 455 3.25 -16.56 -44.74
C CYS C 455 2.70 -16.37 -46.15
N ASN C 456 2.90 -15.19 -46.74
CA ASN C 456 2.45 -14.87 -48.09
C ASN C 456 0.93 -14.90 -48.19
N GLY C 457 0.25 -14.52 -47.11
CA GLY C 457 -1.20 -14.45 -47.13
C GLY C 457 -1.86 -15.80 -47.08
N VAL C 458 -1.12 -16.83 -46.67
CA VAL C 458 -1.63 -18.19 -46.56
C VAL C 458 -1.20 -18.73 -45.20
N ALA C 459 -2.02 -19.62 -44.64
CA ALA C 459 -1.64 -20.27 -43.38
C ALA C 459 -0.38 -21.09 -43.57
N GLY C 460 0.52 -21.04 -42.59
CA GLY C 460 1.80 -21.70 -42.66
C GLY C 460 2.30 -22.05 -41.28
N PHE C 461 3.40 -22.79 -41.21
CA PHE C 461 4.00 -23.07 -39.91
C PHE C 461 4.39 -21.74 -39.29
N ASN C 462 3.96 -21.51 -38.04
CA ASN C 462 4.15 -20.25 -37.33
C ASN C 462 3.31 -19.13 -37.91
N CYS C 463 2.35 -19.45 -38.76
CA CYS C 463 1.43 -18.46 -39.30
C CYS C 463 0.05 -18.88 -38.82
N TYR C 464 -0.62 -17.97 -38.11
CA TYR C 464 -1.90 -18.29 -37.51
C TYR C 464 -2.88 -17.16 -37.73
N PHE C 465 -4.16 -17.50 -37.81
CA PHE C 465 -5.17 -16.46 -37.87
C PHE C 465 -5.13 -15.69 -36.56
N PRO C 466 -5.19 -14.36 -36.60
CA PRO C 466 -5.04 -13.61 -35.34
C PRO C 466 -6.12 -13.90 -34.32
N LEU C 467 -7.37 -14.02 -34.77
CA LEU C 467 -8.49 -14.19 -33.87
C LEU C 467 -8.68 -15.66 -33.54
N ARG C 468 -8.74 -15.99 -32.27
CA ARG C 468 -9.04 -17.35 -31.82
C ARG C 468 -10.40 -17.35 -31.15
N SER C 469 -11.32 -18.15 -31.67
CA SER C 469 -12.67 -18.17 -31.15
C SER C 469 -12.73 -18.70 -29.73
N TYR C 470 -13.54 -18.05 -28.89
CA TYR C 470 -13.75 -18.54 -27.54
C TYR C 470 -14.62 -19.80 -27.61
N SER C 471 -14.41 -20.72 -26.68
CA SER C 471 -15.28 -21.87 -26.55
C SER C 471 -16.04 -21.78 -25.24
N PHE C 472 -17.37 -21.72 -25.32
CA PHE C 472 -18.19 -21.57 -24.12
C PHE C 472 -19.13 -22.75 -23.99
N ARG C 473 -19.07 -23.44 -22.86
CA ARG C 473 -19.90 -24.60 -22.61
C ARG C 473 -20.55 -24.48 -21.24
N PRO C 474 -21.79 -24.93 -21.08
CA PRO C 474 -22.38 -24.92 -19.73
C PRO C 474 -21.61 -25.83 -18.80
N THR C 475 -21.09 -26.94 -19.34
CA THR C 475 -20.34 -27.89 -18.52
C THR C 475 -19.10 -27.24 -17.94
N TYR C 476 -18.48 -26.32 -18.68
CA TYR C 476 -17.23 -25.70 -18.23
C TYR C 476 -17.41 -25.05 -16.87
N GLY C 477 -16.42 -25.23 -16.00
CA GLY C 477 -16.49 -24.71 -14.65
C GLY C 477 -16.29 -23.21 -14.57
N VAL C 478 -16.62 -22.66 -13.40
CA VAL C 478 -16.49 -21.22 -13.18
C VAL C 478 -15.03 -20.84 -13.38
N GLY C 479 -14.81 -19.66 -13.94
CA GLY C 479 -13.49 -19.22 -14.32
C GLY C 479 -13.22 -19.44 -15.78
N HIS C 480 -14.01 -20.30 -16.41
CA HIS C 480 -13.99 -20.51 -17.83
C HIS C 480 -15.33 -20.17 -18.45
N GLN C 481 -16.33 -19.89 -17.62
CA GLN C 481 -17.66 -19.53 -18.10
C GLN C 481 -17.61 -18.12 -18.69
N PRO C 482 -18.47 -17.82 -19.67
CA PRO C 482 -18.52 -16.47 -20.22
C PRO C 482 -18.93 -15.43 -19.20
N TYR C 483 -18.23 -14.30 -19.21
CA TYR C 483 -18.54 -13.19 -18.32
C TYR C 483 -18.71 -11.93 -19.14
N ARG C 484 -19.76 -11.14 -18.84
CA ARG C 484 -20.04 -9.91 -19.55
C ARG C 484 -19.52 -8.72 -18.75
N VAL C 485 -18.66 -7.90 -19.37
CA VAL C 485 -18.01 -6.78 -18.68
C VAL C 485 -18.33 -5.47 -19.39
N VAL C 486 -18.84 -4.49 -18.65
CA VAL C 486 -19.06 -3.14 -19.15
C VAL C 486 -18.18 -2.19 -18.36
N VAL C 487 -17.35 -1.42 -19.05
CA VAL C 487 -16.41 -0.49 -18.42
C VAL C 487 -16.89 0.92 -18.64
N LEU C 488 -17.13 1.66 -17.56
CA LEU C 488 -17.53 3.07 -17.69
C LEU C 488 -16.32 3.95 -17.41
N SER C 489 -15.94 4.77 -18.38
CA SER C 489 -14.80 5.65 -18.25
C SER C 489 -15.27 7.09 -18.37
N PHE C 490 -14.92 7.91 -17.38
CA PHE C 490 -15.33 9.30 -17.30
C PHE C 490 -14.25 10.16 -16.65
N GLU C 491 -14.24 11.46 -17.01
CA GLU C 491 -13.34 12.42 -16.39
C GLU C 491 -14.14 13.31 -15.46
N LEU C 492 -13.50 13.82 -14.42
CA LEU C 492 -14.23 14.54 -13.39
C LEU C 492 -13.86 16.02 -13.21
N LEU C 493 -14.89 16.86 -13.28
CA LEU C 493 -14.85 18.28 -12.94
C LEU C 493 -13.77 19.09 -13.68
N HIS C 494 -13.58 18.81 -14.96
CA HIS C 494 -12.66 19.63 -15.75
C HIS C 494 -13.28 20.29 -16.96
N ALA C 495 -14.58 20.13 -17.18
CA ALA C 495 -15.26 20.65 -18.35
C ALA C 495 -16.74 20.72 -18.04
N PRO C 496 -17.54 21.38 -18.88
CA PRO C 496 -18.99 21.34 -18.65
C PRO C 496 -19.48 19.90 -18.74
N ALA C 497 -20.40 19.54 -17.85
CA ALA C 497 -20.84 18.15 -17.74
C ALA C 497 -22.24 17.98 -18.32
N THR C 498 -22.37 17.08 -19.29
CA THR C 498 -23.65 16.77 -19.88
C THR C 498 -24.36 15.63 -19.15
N VAL C 499 -23.65 14.88 -18.32
CA VAL C 499 -24.20 13.76 -17.58
C VAL C 499 -24.20 14.13 -16.11
N CYS C 500 -25.35 14.01 -15.47
CA CYS C 500 -25.48 14.42 -14.08
C CYS C 500 -26.36 13.44 -13.32
N GLY C 501 -26.25 13.50 -12.00
CA GLY C 501 -27.05 12.65 -11.16
C GLY C 501 -28.43 13.23 -10.96
N PRO C 502 -29.23 12.54 -10.15
CA PRO C 502 -30.64 12.95 -9.96
C PRO C 502 -30.83 14.19 -9.08
N LYS C 503 -29.78 14.78 -8.51
CA LYS C 503 -29.96 15.89 -7.58
C LYS C 503 -30.74 17.05 -8.17
N LYS C 504 -31.65 17.61 -7.37
CA LYS C 504 -32.53 18.67 -7.83
C LYS C 504 -31.91 20.04 -7.54
N SER C 505 -32.05 20.95 -8.50
CA SER C 505 -31.50 22.29 -8.39
C SER C 505 -32.30 23.17 -7.43
N THR C 506 -31.64 24.21 -6.91
CA THR C 506 -32.23 25.17 -5.98
C THR C 506 -31.91 26.57 -6.47
N ASN C 507 -32.82 27.50 -6.22
CA ASN C 507 -32.64 28.86 -6.73
C ASN C 507 -31.40 29.50 -6.11
N LEU C 508 -30.60 30.15 -6.93
CA LEU C 508 -29.36 30.74 -6.43
C LEU C 508 -29.64 31.99 -5.59
N VAL C 509 -28.79 32.20 -4.59
CA VAL C 509 -28.84 33.38 -3.74
C VAL C 509 -27.49 34.09 -3.82
N LYS C 510 -27.53 35.40 -3.99
CA LYS C 510 -26.32 36.20 -4.18
C LYS C 510 -26.13 37.13 -2.99
N ASN C 511 -24.86 37.43 -2.68
CA ASN C 511 -24.45 38.36 -1.64
C ASN C 511 -24.64 37.80 -0.22
N LYS C 512 -24.76 36.49 -0.07
CA LYS C 512 -24.89 35.85 1.22
C LYS C 512 -23.91 34.68 1.32
N CYS C 513 -23.45 34.40 2.53
CA CYS C 513 -22.58 33.24 2.71
C CYS C 513 -23.44 31.99 2.61
N VAL C 514 -23.11 31.12 1.65
CA VAL C 514 -23.94 29.95 1.36
C VAL C 514 -23.09 28.76 0.97
N ASN C 515 -23.61 27.57 1.24
CA ASN C 515 -22.96 26.36 0.75
C ASN C 515 -23.42 26.15 -0.69
N PHE C 516 -22.49 25.82 -1.57
CA PHE C 516 -22.85 25.70 -2.98
C PHE C 516 -22.39 24.36 -3.53
N ASN C 517 -23.20 23.80 -4.44
CA ASN C 517 -22.88 22.57 -5.15
C ASN C 517 -23.12 22.81 -6.63
N PHE C 518 -22.21 23.53 -7.27
CA PHE C 518 -22.36 23.89 -8.68
C PHE C 518 -21.75 22.78 -9.51
N ASN C 519 -22.60 21.96 -10.12
CA ASN C 519 -22.18 20.87 -10.98
C ASN C 519 -21.16 19.97 -10.28
N GLY C 520 -21.42 19.68 -9.01
CA GLY C 520 -20.58 18.79 -8.25
C GLY C 520 -19.40 19.45 -7.56
N LEU C 521 -19.26 20.77 -7.66
CA LEU C 521 -18.22 21.50 -6.96
C LEU C 521 -18.82 22.04 -5.67
N LYS C 522 -18.28 21.63 -4.54
CA LYS C 522 -18.84 21.98 -3.24
C LYS C 522 -17.91 22.94 -2.51
N GLY C 523 -18.46 24.05 -2.03
CA GLY C 523 -17.73 25.03 -1.26
C GLY C 523 -18.67 25.91 -0.47
N THR C 524 -18.11 26.63 0.51
CA THR C 524 -18.85 27.61 1.28
C THR C 524 -18.31 29.00 0.97
N GLY C 525 -19.13 29.85 0.36
CA GLY C 525 -18.64 31.15 -0.03
C GLY C 525 -19.74 32.13 -0.39
N VAL C 526 -19.37 33.40 -0.43
CA VAL C 526 -20.28 34.45 -0.88
C VAL C 526 -20.20 34.51 -2.40
N LEU C 527 -21.35 34.50 -3.07
CA LEU C 527 -21.42 34.47 -4.52
C LEU C 527 -21.89 35.80 -5.07
N THR C 528 -21.12 36.39 -5.98
CA THR C 528 -21.44 37.69 -6.55
C THR C 528 -21.31 37.66 -8.07
N GLU C 529 -22.03 38.56 -8.73
CA GLU C 529 -21.91 38.65 -10.18
C GLU C 529 -20.50 39.09 -10.54
N SER C 530 -19.94 38.54 -11.61
CA SER C 530 -18.56 38.81 -11.96
C SER C 530 -18.45 39.76 -13.14
N ASN C 531 -17.67 40.83 -12.98
CA ASN C 531 -17.44 41.75 -14.08
C ASN C 531 -16.46 41.16 -15.09
N LYS C 532 -15.89 40.00 -14.81
CA LYS C 532 -14.93 39.34 -15.69
C LYS C 532 -15.66 38.59 -16.80
N LYS C 533 -14.90 37.90 -17.65
CA LYS C 533 -15.43 37.20 -18.80
C LYS C 533 -14.82 35.81 -18.91
N PHE C 534 -15.52 34.91 -19.58
CA PHE C 534 -15.09 33.52 -19.74
C PHE C 534 -15.25 33.06 -21.19
N LEU C 535 -14.38 32.16 -21.62
CA LEU C 535 -14.52 31.56 -22.95
C LEU C 535 -15.56 30.46 -22.91
N PRO C 536 -16.12 30.07 -24.06
CA PRO C 536 -17.23 29.09 -24.02
C PRO C 536 -16.85 27.75 -23.42
N PHE C 537 -15.68 27.22 -23.74
CA PHE C 537 -15.25 25.94 -23.17
C PHE C 537 -14.94 26.03 -21.68
N GLN C 538 -14.66 27.23 -21.16
CA GLN C 538 -14.22 27.43 -19.79
C GLN C 538 -15.39 27.50 -18.82
N GLN C 539 -15.79 26.34 -18.30
CA GLN C 539 -16.82 26.29 -17.26
C GLN C 539 -16.33 26.83 -15.91
N PHE C 540 -15.10 26.52 -15.50
CA PHE C 540 -14.63 26.86 -14.17
C PHE C 540 -13.39 27.73 -14.27
N GLY C 541 -13.22 28.63 -13.31
CA GLY C 541 -12.03 29.46 -13.24
C GLY C 541 -11.26 29.27 -11.96
N ARG C 542 -9.95 29.05 -12.02
CA ARG C 542 -9.17 28.79 -10.81
C ARG C 542 -8.19 29.92 -10.56
N ASP C 543 -7.74 30.03 -9.31
CA ASP C 543 -6.76 31.03 -8.91
C ASP C 543 -5.38 30.41 -8.77
N ILE C 544 -4.43 31.20 -8.25
CA ILE C 544 -3.05 30.75 -8.14
C ILE C 544 -2.96 29.53 -7.22
N ALA C 545 -3.76 29.50 -6.16
CA ALA C 545 -3.75 28.38 -5.23
C ALA C 545 -4.39 27.13 -5.82
N ASP C 546 -4.99 27.25 -7.01
CA ASP C 546 -5.70 26.20 -7.73
C ASP C 546 -7.08 25.94 -7.12
N THR C 547 -7.63 26.92 -6.42
CA THR C 547 -8.96 26.84 -5.86
C THR C 547 -9.87 27.72 -6.71
N THR C 548 -11.08 27.21 -6.99
CA THR C 548 -11.99 27.92 -7.87
C THR C 548 -12.36 29.29 -7.31
N ASP C 549 -12.23 30.33 -8.13
CA ASP C 549 -12.58 31.68 -7.74
C ASP C 549 -13.78 32.22 -8.50
N ALA C 550 -14.16 31.59 -9.60
CA ALA C 550 -15.34 31.97 -10.37
C ALA C 550 -15.91 30.71 -10.98
N VAL C 551 -17.23 30.69 -11.14
CA VAL C 551 -17.91 29.56 -11.76
C VAL C 551 -18.99 30.09 -12.69
N ARG C 552 -19.24 29.36 -13.76
CA ARG C 552 -20.34 29.67 -14.68
C ARG C 552 -21.56 28.90 -14.23
N ASP C 553 -22.60 29.60 -13.83
CA ASP C 553 -23.75 28.92 -13.26
C ASP C 553 -24.40 28.02 -14.29
N PRO C 554 -24.68 26.77 -13.96
CA PRO C 554 -25.39 25.91 -14.90
C PRO C 554 -26.78 26.49 -15.05
N GLN C 555 -27.34 26.38 -16.25
CA GLN C 555 -28.69 26.83 -16.56
C GLN C 555 -28.72 28.31 -16.93
N THR C 556 -28.43 29.17 -15.96
CA THR C 556 -28.42 30.61 -16.22
C THR C 556 -27.27 31.00 -17.15
N LEU C 557 -26.13 30.32 -17.02
CA LEU C 557 -24.93 30.59 -17.80
C LEU C 557 -24.34 31.98 -17.54
N GLU C 558 -24.43 32.44 -16.29
CA GLU C 558 -23.84 33.71 -15.87
C GLU C 558 -22.72 33.43 -14.89
N ILE C 559 -21.54 34.00 -15.14
CA ILE C 559 -20.39 33.71 -14.30
C ILE C 559 -20.55 34.37 -12.94
N LEU C 560 -20.27 33.63 -11.88
CA LEU C 560 -20.40 34.11 -10.51
C LEU C 560 -19.06 34.05 -9.79
N ASP C 561 -18.62 35.17 -9.24
CA ASP C 561 -17.40 35.20 -8.44
C ASP C 561 -17.64 34.49 -7.12
N ILE C 562 -16.68 33.69 -6.68
CA ILE C 562 -16.74 33.01 -5.39
C ILE C 562 -15.75 33.67 -4.44
N THR C 563 -16.24 34.18 -3.33
CA THR C 563 -15.40 34.85 -2.34
C THR C 563 -15.55 34.16 -0.98
N PRO C 564 -14.45 33.86 -0.30
CA PRO C 564 -14.58 33.14 0.98
C PRO C 564 -15.34 33.96 2.02
N CYS C 565 -16.12 33.26 2.84
CA CYS C 565 -16.90 33.95 3.86
C CYS C 565 -15.96 34.62 4.86
N SER C 566 -16.38 35.77 5.40
CA SER C 566 -15.51 36.57 6.24
C SER C 566 -14.99 35.80 7.45
N PHE C 567 -13.69 35.88 7.68
CA PHE C 567 -13.05 35.23 8.81
C PHE C 567 -11.95 36.13 9.36
N GLY C 568 -11.73 36.06 10.67
CA GLY C 568 -10.67 36.83 11.27
C GLY C 568 -10.28 36.27 12.62
N GLY C 569 -9.09 36.64 13.07
CA GLY C 569 -8.66 36.27 14.40
C GLY C 569 -9.38 37.08 15.47
N VAL C 570 -9.58 36.46 16.62
CA VAL C 570 -10.19 37.11 17.77
C VAL C 570 -9.17 37.18 18.90
N SER C 571 -8.95 38.39 19.43
CA SER C 571 -8.05 38.60 20.54
C SER C 571 -8.82 39.25 21.69
N VAL C 572 -8.65 38.74 22.90
CA VAL C 572 -9.36 39.26 24.07
C VAL C 572 -8.42 40.14 24.89
N ILE C 573 -8.76 41.42 25.01
CA ILE C 573 -7.97 42.36 25.82
C ILE C 573 -8.48 42.25 27.24
N THR C 574 -7.64 41.78 28.14
CA THR C 574 -8.11 41.53 29.50
C THR C 574 -7.24 42.15 30.59
N PRO C 575 -7.82 42.91 31.50
CA PRO C 575 -7.07 43.32 32.67
C PRO C 575 -6.97 42.07 33.51
N GLY C 576 -6.02 42.02 34.44
CA GLY C 576 -5.82 40.80 35.17
C GLY C 576 -7.10 40.36 35.87
N THR C 577 -7.28 39.04 36.00
CA THR C 577 -8.49 38.51 36.61
C THR C 577 -8.64 39.03 38.03
N ASN C 578 -7.53 39.22 38.72
CA ASN C 578 -7.60 39.79 40.06
C ASN C 578 -8.23 41.17 40.02
N THR C 579 -7.80 42.00 39.07
CA THR C 579 -8.36 43.34 38.96
C THR C 579 -9.82 43.32 38.56
N SER C 580 -10.16 42.57 37.52
CA SER C 580 -11.54 42.55 37.03
C SER C 580 -11.75 41.35 36.12
N ASN C 581 -13.01 40.96 35.95
CA ASN C 581 -13.37 39.92 35.02
C ASN C 581 -13.94 40.48 33.73
N GLN C 582 -14.02 41.80 33.63
CA GLN C 582 -14.50 42.45 32.42
C GLN C 582 -13.44 42.34 31.33
N VAL C 583 -13.87 42.13 30.08
CA VAL C 583 -12.95 41.90 28.97
C VAL C 583 -13.39 42.67 27.74
N ALA C 584 -12.43 42.96 26.86
CA ALA C 584 -12.65 43.62 25.58
C ALA C 584 -12.17 42.70 24.47
N VAL C 585 -12.90 42.67 23.35
CA VAL C 585 -12.61 41.75 22.26
C VAL C 585 -12.23 42.53 21.01
N LEU C 586 -11.10 42.18 20.41
CA LEU C 586 -10.68 42.77 19.14
C LEU C 586 -10.81 41.72 18.04
N TYR C 587 -11.54 42.06 16.98
CA TYR C 587 -11.65 41.20 15.82
C TYR C 587 -10.65 41.71 14.79
N GLN C 588 -9.62 40.92 14.50
CA GLN C 588 -8.53 41.39 13.66
C GLN C 588 -8.91 41.45 12.18
N GLY C 589 -8.60 42.57 11.55
CA GLY C 589 -8.77 42.79 10.13
C GLY C 589 -10.18 42.69 9.62
N VAL C 590 -11.17 43.00 10.44
CA VAL C 590 -12.56 43.03 10.01
C VAL C 590 -13.16 44.39 10.33
N ASN C 591 -13.87 44.95 9.37
CA ASN C 591 -14.58 46.19 9.62
C ASN C 591 -15.70 45.91 10.62
N CYS C 592 -16.06 46.95 11.39
CA CYS C 592 -17.05 46.78 12.44
C CYS C 592 -18.39 46.31 11.89
N THR C 593 -18.76 46.79 10.70
CA THR C 593 -20.03 46.38 10.10
C THR C 593 -20.08 44.88 9.86
N GLU C 594 -18.96 44.28 9.48
CA GLU C 594 -18.93 42.86 9.12
C GLU C 594 -19.35 41.97 10.28
N VAL C 595 -18.91 42.28 11.50
CA VAL C 595 -19.19 41.39 12.63
C VAL C 595 -20.21 42.02 13.56
N ASN C 616 -19.95 50.35 22.96
CA ASN C 616 -18.50 50.47 22.90
C ASN C 616 -17.94 49.78 21.67
N VAL C 617 -18.19 50.36 20.49
CA VAL C 617 -17.67 49.84 19.23
C VAL C 617 -16.73 50.88 18.66
N PHE C 618 -15.48 50.49 18.42
CA PHE C 618 -14.48 51.38 17.87
C PHE C 618 -13.75 50.66 16.74
N GLN C 619 -13.39 51.40 15.70
CA GLN C 619 -12.65 50.85 14.58
C GLN C 619 -11.21 51.33 14.63
N THR C 620 -10.28 50.39 14.54
CA THR C 620 -8.85 50.67 14.57
C THR C 620 -8.22 50.02 13.36
N ARG C 621 -6.98 50.38 13.08
CA ARG C 621 -6.29 49.75 11.96
C ARG C 621 -6.19 48.25 12.17
N ALA C 622 -5.96 47.84 13.42
CA ALA C 622 -5.88 46.41 13.74
C ALA C 622 -7.21 45.71 13.47
N GLY C 623 -8.31 46.31 13.86
CA GLY C 623 -9.62 45.70 13.69
C GLY C 623 -10.66 46.40 14.53
N CYS C 624 -11.83 45.78 14.62
CA CYS C 624 -12.92 46.32 15.42
C CYS C 624 -12.74 45.92 16.87
N LEU C 625 -12.84 46.89 17.78
CA LEU C 625 -12.68 46.65 19.20
C LEU C 625 -14.03 46.83 19.87
N ILE C 626 -14.48 45.81 20.60
CA ILE C 626 -15.76 45.85 21.29
C ILE C 626 -15.50 45.80 22.78
N GLY C 627 -16.20 46.64 23.53
CA GLY C 627 -16.05 46.67 24.96
C GLY C 627 -15.03 47.65 25.50
N ALA C 628 -14.41 48.45 24.65
CA ALA C 628 -13.49 49.49 25.06
C ALA C 628 -13.97 50.83 24.53
N GLU C 629 -13.95 51.86 25.38
CA GLU C 629 -14.39 53.18 24.97
C GLU C 629 -13.18 54.04 24.62
N TYR C 630 -13.18 54.59 23.41
CA TYR C 630 -12.09 55.46 22.99
C TYR C 630 -12.10 56.75 23.79
N VAL C 631 -10.93 57.18 24.23
CA VAL C 631 -10.76 58.42 24.98
C VAL C 631 -9.72 59.29 24.29
N ASN C 632 -10.04 60.58 24.14
CA ASN C 632 -9.11 61.49 23.47
C ASN C 632 -7.80 61.63 24.24
N ASN C 633 -7.86 61.65 25.57
CA ASN C 633 -6.65 61.84 26.36
C ASN C 633 -5.67 60.68 26.14
N SER C 634 -4.38 60.98 26.16
CA SER C 634 -3.33 60.02 25.87
C SER C 634 -2.57 59.62 27.12
N TYR C 635 -2.28 58.33 27.25
CA TYR C 635 -1.58 57.76 28.40
C TYR C 635 -0.49 56.82 27.92
N GLU C 636 0.42 56.46 28.81
CA GLU C 636 1.45 55.49 28.47
C GLU C 636 0.82 54.13 28.19
N CYS C 637 1.39 53.40 27.24
CA CYS C 637 0.80 52.14 26.82
C CYS C 637 0.79 51.12 27.95
N ASP C 638 -0.36 50.45 28.12
CA ASP C 638 -0.50 49.38 29.10
C ASP C 638 -0.65 48.03 28.42
N ILE C 639 -1.60 47.90 27.50
CA ILE C 639 -1.81 46.70 26.71
C ILE C 639 -1.73 47.12 25.25
N PRO C 640 -0.86 46.52 24.44
CA PRO C 640 -0.72 46.96 23.04
C PRO C 640 -1.75 46.35 22.11
N ILE C 641 -2.60 47.19 21.54
CA ILE C 641 -3.58 46.71 20.56
C ILE C 641 -3.07 46.84 19.14
N GLY C 642 -2.04 47.65 18.92
CA GLY C 642 -1.47 47.91 17.62
C GLY C 642 -2.01 49.20 17.01
N ALA C 643 -1.27 49.70 16.01
CA ALA C 643 -1.63 50.92 15.29
C ALA C 643 -1.61 52.13 16.19
N GLY C 644 -0.80 52.09 17.23
CA GLY C 644 -0.68 53.20 18.15
C GLY C 644 -1.76 53.30 19.19
N ILE C 645 -2.64 52.29 19.29
CA ILE C 645 -3.77 52.30 20.21
C ILE C 645 -3.47 51.29 21.31
N CYS C 646 -3.63 51.71 22.56
CA CYS C 646 -3.38 50.85 23.70
C CYS C 646 -4.59 50.88 24.63
N ALA C 647 -4.77 49.85 25.43
CA ALA C 647 -5.93 49.74 26.30
C ALA C 647 -5.52 49.56 27.76
N SER C 648 -6.25 50.22 28.67
CA SER C 648 -5.99 50.14 30.10
C SER C 648 -7.31 50.15 30.87
N TYR C 649 -7.26 49.66 32.11
CA TYR C 649 -8.42 49.65 32.98
C TYR C 649 -8.40 50.90 33.86
N GLN C 650 -9.28 51.86 33.54
CA GLN C 650 -9.40 53.07 34.34
C GLN C 650 -10.80 53.22 34.91
N SER C 666 -13.30 50.61 34.14
CA SER C 666 -13.71 50.29 32.78
C SER C 666 -12.50 49.98 31.92
N ILE C 667 -12.71 49.72 30.63
CA ILE C 667 -11.62 49.52 29.69
C ILE C 667 -11.68 50.63 28.64
N ILE C 668 -10.59 51.35 28.49
CA ILE C 668 -10.51 52.51 27.60
C ILE C 668 -9.39 52.31 26.59
N ALA C 669 -9.65 52.66 25.34
CA ALA C 669 -8.65 52.61 24.28
C ALA C 669 -8.17 54.02 23.99
N TYR C 670 -6.86 54.21 23.99
CA TYR C 670 -6.30 55.53 23.80
C TYR C 670 -5.08 55.48 22.89
N THR C 671 -4.82 56.58 22.18
CA THR C 671 -3.59 56.66 21.42
C THR C 671 -2.44 56.83 22.40
N MET C 672 -1.41 56.03 22.28
CA MET C 672 -0.34 56.07 23.27
C MET C 672 0.44 57.37 23.18
N SER C 673 0.88 57.87 24.32
CA SER C 673 1.71 59.06 24.40
C SER C 673 3.16 58.62 24.54
N LEU C 674 4.00 59.03 23.59
CA LEU C 674 5.39 58.58 23.60
C LEU C 674 6.12 59.07 24.84
N GLY C 675 5.95 60.34 25.17
CA GLY C 675 6.55 60.91 26.37
C GLY C 675 5.98 62.30 26.60
N ALA C 676 6.27 62.85 27.77
CA ALA C 676 5.89 64.24 28.00
C ALA C 676 6.72 65.11 27.08
N GLU C 677 6.11 66.14 26.50
CA GLU C 677 6.81 66.95 25.53
C GLU C 677 7.55 68.07 26.25
N ASN C 678 8.88 68.09 26.10
CA ASN C 678 9.74 69.09 26.72
C ASN C 678 10.48 69.86 25.64
N SER C 679 10.45 71.19 25.70
CA SER C 679 11.20 72.02 24.77
C SER C 679 12.57 72.34 25.36
N VAL C 680 13.62 71.80 24.73
CA VAL C 680 14.98 72.07 25.18
C VAL C 680 15.33 73.52 24.88
N ALA C 681 16.10 74.15 25.78
CA ALA C 681 16.46 75.54 25.62
C ALA C 681 17.84 75.63 24.99
N TYR C 682 17.92 76.28 23.83
CA TYR C 682 19.17 76.48 23.12
C TYR C 682 19.48 77.96 23.03
N SER C 683 20.63 78.37 23.55
CA SER C 683 21.10 79.72 23.40
C SER C 683 22.55 79.64 22.98
N ASN C 684 22.97 80.53 22.07
CA ASN C 684 24.34 80.46 21.59
C ASN C 684 25.36 80.69 22.70
N ASN C 685 25.05 81.55 23.68
CA ASN C 685 26.00 81.89 24.72
C ASN C 685 25.76 81.18 26.06
N SER C 686 24.92 80.16 26.12
CA SER C 686 24.57 79.53 27.40
C SER C 686 24.93 78.05 27.45
N ILE C 687 25.50 77.63 28.58
CA ILE C 687 25.85 76.24 28.84
C ILE C 687 25.35 75.84 30.22
N ALA C 688 25.04 74.55 30.40
CA ALA C 688 24.64 74.00 31.68
C ALA C 688 25.73 73.06 32.18
N ILE C 689 26.24 73.31 33.38
CA ILE C 689 27.32 72.53 33.98
C ILE C 689 26.81 71.89 35.25
N PRO C 690 26.95 70.59 35.43
CA PRO C 690 26.46 69.91 36.64
C PRO C 690 27.23 70.35 37.88
N THR C 691 26.51 70.65 38.96
CA THR C 691 27.17 71.07 40.18
C THR C 691 27.22 69.97 41.24
N ASN C 692 26.66 68.81 40.96
CA ASN C 692 26.63 67.71 41.93
C ASN C 692 26.61 66.41 41.13
N PHE C 693 26.86 65.29 41.80
CA PHE C 693 26.89 63.99 41.14
C PHE C 693 26.09 62.96 41.93
N THR C 694 25.58 61.96 41.21
CA THR C 694 24.90 60.83 41.81
C THR C 694 25.55 59.54 41.35
N ILE C 695 25.90 58.67 42.28
CA ILE C 695 26.45 57.35 41.94
C ILE C 695 25.29 56.38 41.84
N SER C 696 25.09 55.79 40.66
CA SER C 696 23.97 54.90 40.40
C SER C 696 24.45 53.50 40.11
N VAL C 697 23.89 52.51 40.79
CA VAL C 697 24.17 51.12 40.50
C VAL C 697 22.95 50.50 39.84
N THR C 698 23.14 49.96 38.64
CA THR C 698 22.07 49.39 37.83
C THR C 698 22.36 47.92 37.57
N THR C 699 21.30 47.14 37.42
CA THR C 699 21.42 45.69 37.23
C THR C 699 21.07 45.30 35.81
N GLU C 700 22.00 44.63 35.14
CA GLU C 700 21.77 44.07 33.81
C GLU C 700 21.88 42.55 33.88
N ILE C 701 20.86 41.85 33.40
CA ILE C 701 20.79 40.39 33.49
C ILE C 701 20.92 39.80 32.10
N LEU C 702 21.90 38.93 31.90
CA LEU C 702 22.11 38.27 30.62
C LEU C 702 22.10 36.76 30.75
N PRO C 703 21.27 36.04 30.02
CA PRO C 703 21.33 34.57 30.04
C PRO C 703 22.60 34.05 29.38
N VAL C 704 23.25 33.09 30.03
CA VAL C 704 24.51 32.54 29.53
C VAL C 704 24.38 31.08 29.10
N SER C 705 23.54 30.29 29.75
CA SER C 705 23.44 28.87 29.47
C SER C 705 21.98 28.45 29.39
N MET C 706 21.75 27.34 28.70
CA MET C 706 20.41 26.77 28.60
C MET C 706 20.51 25.30 28.96
N THR C 707 19.39 24.71 29.33
CA THR C 707 19.36 23.33 29.78
C THR C 707 19.85 22.38 28.69
N LYS C 708 20.72 21.44 29.07
CA LYS C 708 21.24 20.45 28.15
C LYS C 708 20.35 19.22 28.20
N THR C 709 19.90 18.76 27.04
CA THR C 709 18.97 17.64 26.97
C THR C 709 19.44 16.63 25.94
N SER C 710 19.11 15.36 26.18
CA SER C 710 19.39 14.28 25.26
C SER C 710 18.13 13.44 25.10
N VAL C 711 17.93 12.89 23.91
CA VAL C 711 16.72 12.13 23.62
C VAL C 711 17.10 10.74 23.13
N ASP C 712 16.43 9.73 23.66
CA ASP C 712 16.55 8.36 23.15
C ASP C 712 15.52 8.24 22.04
N CYS C 713 15.97 8.17 20.80
CA CYS C 713 15.04 8.19 19.67
C CYS C 713 14.11 6.97 19.71
N THR C 714 14.68 5.80 20.00
CA THR C 714 13.89 4.57 20.02
C THR C 714 12.83 4.62 21.11
N MET C 715 13.20 5.06 22.31
CA MET C 715 12.22 5.07 23.38
C MET C 715 11.10 6.03 23.08
N TYR C 716 11.44 7.21 22.54
CA TYR C 716 10.43 8.22 22.25
C TYR C 716 9.45 7.74 21.19
N ILE C 717 9.92 7.10 20.13
CA ILE C 717 8.98 6.76 19.07
C ILE C 717 8.39 5.37 19.28
N CYS C 718 9.22 4.40 19.59
CA CYS C 718 8.81 3.02 19.75
C CYS C 718 8.44 2.59 21.15
N GLY C 719 8.65 3.41 22.16
CA GLY C 719 8.35 2.91 23.48
C GLY C 719 9.14 1.65 23.74
N ASP C 720 8.45 0.61 24.19
CA ASP C 720 9.04 -0.69 24.46
C ASP C 720 8.73 -1.75 23.39
N SER C 721 8.11 -1.37 22.27
CA SER C 721 7.70 -2.33 21.25
C SER C 721 8.85 -2.64 20.30
N THR C 722 9.22 -3.93 20.21
CA THR C 722 10.31 -4.37 19.34
C THR C 722 9.98 -4.25 17.85
N GLU C 723 8.74 -4.57 17.44
CA GLU C 723 8.42 -4.60 16.01
C GLU C 723 8.56 -3.22 15.37
N CYS C 724 8.04 -2.19 16.05
CA CYS C 724 8.16 -0.85 15.49
C CYS C 724 9.61 -0.43 15.45
N SER C 725 10.42 -0.93 16.38
CA SER C 725 11.83 -0.56 16.36
C SER C 725 12.46 -1.00 15.04
N ASN C 726 12.10 -2.20 14.58
CA ASN C 726 12.61 -2.66 13.29
C ASN C 726 12.14 -1.74 12.18
N LEU C 727 10.87 -1.33 12.25
CA LEU C 727 10.36 -0.41 11.23
C LEU C 727 11.14 0.91 11.27
N LEU C 728 11.47 1.35 12.48
CA LEU C 728 12.20 2.60 12.64
C LEU C 728 13.55 2.47 11.98
N LEU C 729 14.16 1.29 12.09
CA LEU C 729 15.45 1.07 11.48
C LEU C 729 15.32 1.28 9.99
N GLN C 730 14.22 0.79 9.42
CA GLN C 730 14.00 0.97 7.99
C GLN C 730 13.86 2.45 7.63
N TYR C 731 13.21 3.27 8.47
CA TYR C 731 13.00 4.65 8.01
C TYR C 731 14.29 5.42 7.74
N GLY C 732 15.31 5.30 8.58
CA GLY C 732 16.54 5.99 8.25
C GLY C 732 17.47 6.15 9.43
N SER C 733 18.47 7.01 9.23
CA SER C 733 19.48 7.33 10.22
C SER C 733 19.22 8.68 10.89
N PHE C 734 17.97 9.13 10.87
CA PHE C 734 17.62 10.44 11.43
C PHE C 734 17.97 10.52 12.90
N CYS C 735 17.82 9.41 13.64
CA CYS C 735 18.05 9.44 15.08
C CYS C 735 19.48 9.83 15.40
N THR C 736 20.44 9.32 14.62
CA THR C 736 21.84 9.69 14.83
C THR C 736 22.05 11.18 14.60
N GLN C 737 21.42 11.71 13.56
CA GLN C 737 21.55 13.13 13.26
C GLN C 737 21.00 13.97 14.41
N LEU C 738 19.85 13.56 14.95
CA LEU C 738 19.23 14.29 16.05
C LEU C 738 20.11 14.25 17.28
N LYS C 739 20.68 13.08 17.57
CA LYS C 739 21.54 12.95 18.73
C LYS C 739 22.75 13.85 18.59
N ARG C 740 23.33 13.89 17.40
CA ARG C 740 24.53 14.70 17.19
C ARG C 740 24.21 16.17 17.41
N ALA C 741 23.06 16.62 16.90
CA ALA C 741 22.70 18.03 17.04
C ALA C 741 22.52 18.39 18.51
N LEU C 742 21.82 17.54 19.25
CA LEU C 742 21.58 17.82 20.66
C LEU C 742 22.89 17.81 21.46
N THR C 743 23.79 16.87 21.15
CA THR C 743 25.07 16.80 21.84
C THR C 743 25.89 18.07 21.58
N GLY C 744 25.82 18.57 20.34
CA GLY C 744 26.52 19.81 20.03
C GLY C 744 25.99 20.96 20.86
N ILE C 745 24.68 21.03 21.04
CA ILE C 745 24.11 22.09 21.88
C ILE C 745 24.65 21.97 23.30
N ALA C 746 24.71 20.76 23.83
CA ALA C 746 25.15 20.58 25.22
C ALA C 746 26.59 21.05 25.41
N VAL C 747 27.46 20.66 24.48
CA VAL C 747 28.85 21.06 24.60
C VAL C 747 28.97 22.58 24.49
N GLU C 748 28.16 23.17 23.62
CA GLU C 748 28.22 24.62 23.46
C GLU C 748 27.86 25.30 24.76
N GLN C 749 26.88 24.77 25.50
CA GLN C 749 26.46 25.42 26.73
C GLN C 749 27.60 25.44 27.74
N ASP C 750 28.33 24.33 27.83
CA ASP C 750 29.48 24.31 28.73
C ASP C 750 30.53 25.33 28.29
N LYS C 751 30.75 25.43 26.98
CA LYS C 751 31.71 26.40 26.46
C LYS C 751 31.26 27.82 26.79
N ASN C 752 29.96 28.10 26.71
CA ASN C 752 29.45 29.44 26.99
C ASN C 752 29.75 29.84 28.41
N THR C 753 29.51 28.92 29.34
CA THR C 753 29.80 29.22 30.75
C THR C 753 31.29 29.45 30.94
N GLN C 754 32.13 28.63 30.29
CA GLN C 754 33.56 28.78 30.47
C GLN C 754 34.01 30.15 29.97
N GLU C 755 33.47 30.58 28.82
CA GLU C 755 33.88 31.86 28.25
C GLU C 755 33.51 33.01 29.17
N VAL C 756 32.28 33.00 29.70
CA VAL C 756 31.85 34.12 30.52
C VAL C 756 32.57 34.15 31.87
N PHE C 757 32.70 33.00 32.53
CA PHE C 757 33.21 33.01 33.90
C PHE C 757 34.68 32.65 34.05
N ALA C 758 35.21 31.70 33.28
CA ALA C 758 36.59 31.27 33.47
C ALA C 758 37.57 32.18 32.72
N GLN C 759 37.59 33.44 33.14
CA GLN C 759 38.51 34.43 32.59
C GLN C 759 39.68 34.69 33.52
N VAL C 760 39.75 34.00 34.66
CA VAL C 760 40.77 34.21 35.67
C VAL C 760 41.68 32.99 35.73
N LYS C 761 42.98 33.22 35.57
CA LYS C 761 43.93 32.12 35.64
C LYS C 761 43.97 31.51 37.03
N GLN C 762 43.91 32.35 38.07
CA GLN C 762 44.00 31.91 39.45
C GLN C 762 42.77 32.34 40.21
N ILE C 763 42.41 31.59 41.25
CA ILE C 763 41.28 31.96 42.09
C ILE C 763 41.77 32.89 43.19
N TYR C 764 41.54 34.19 43.02
CA TYR C 764 41.98 35.17 44.00
C TYR C 764 41.07 35.15 45.23
N LYS C 765 41.66 35.42 46.39
CA LYS C 765 40.94 35.42 47.66
C LYS C 765 40.93 36.82 48.26
N THR C 766 39.75 37.27 48.69
CA THR C 766 39.63 38.62 49.23
C THR C 766 40.42 38.76 50.52
N PRO C 767 40.98 39.94 50.80
CA PRO C 767 41.76 40.14 52.03
C PRO C 767 40.89 39.94 53.26
N PRO C 768 41.45 39.38 54.34
CA PRO C 768 40.60 39.10 55.51
C PRO C 768 39.98 40.34 56.13
N ILE C 769 40.68 41.46 56.21
CA ILE C 769 40.12 42.69 56.74
C ILE C 769 39.42 43.42 55.59
N LYS C 770 38.10 43.46 55.63
CA LYS C 770 37.30 44.06 54.57
C LYS C 770 37.01 45.54 54.82
N TYR C 771 38.06 46.37 54.75
CA TYR C 771 37.87 47.82 54.82
C TYR C 771 38.37 48.42 53.51
N PHE C 772 37.49 49.12 52.79
CA PHE C 772 37.84 49.69 51.49
C PHE C 772 37.36 51.15 51.39
N GLY C 773 37.97 52.04 52.15
CA GLY C 773 37.63 53.46 52.04
C GLY C 773 36.17 53.78 52.28
N GLY C 774 35.53 53.06 53.20
CA GLY C 774 34.16 53.34 53.52
C GLY C 774 33.16 52.75 52.56
N PHE C 775 33.61 51.94 51.62
CA PHE C 775 32.76 51.28 50.65
C PHE C 775 32.41 49.89 51.16
N ASN C 776 31.12 49.58 51.23
CA ASN C 776 30.67 48.30 51.74
C ASN C 776 30.36 47.38 50.57
N PHE C 777 31.12 46.29 50.46
CA PHE C 777 30.94 45.30 49.41
C PHE C 777 30.35 44.02 49.97
N SER C 778 29.75 44.11 51.15
CA SER C 778 29.27 42.92 51.85
C SER C 778 28.24 42.17 51.01
N GLN C 779 27.32 42.88 50.39
CA GLN C 779 26.27 42.22 49.61
C GLN C 779 26.86 41.47 48.42
N ILE C 780 27.77 42.10 47.68
CA ILE C 780 28.40 41.42 46.56
C ILE C 780 29.41 40.35 47.01
N LEU C 781 30.15 40.60 48.08
CA LEU C 781 31.18 39.65 48.48
C LEU C 781 30.59 38.37 49.08
N PRO C 782 31.30 37.25 48.96
CA PRO C 782 30.79 35.97 49.46
C PRO C 782 30.56 35.97 50.97
N ASP C 783 29.50 35.27 51.39
CA ASP C 783 29.13 35.18 52.79
C ASP C 783 29.66 33.88 53.38
N PRO C 784 30.54 33.94 54.39
CA PRO C 784 31.08 32.70 55.00
C PRO C 784 30.04 31.83 55.67
N SER C 785 29.06 32.44 56.35
CA SER C 785 28.09 31.67 57.11
C SER C 785 27.29 30.73 56.23
N LYS C 786 26.91 31.16 55.04
CA LYS C 786 26.13 30.31 54.14
C LYS C 786 26.95 29.09 53.74
N PRO C 787 26.35 27.90 53.76
CA PRO C 787 27.08 26.73 53.27
C PRO C 787 27.46 26.86 51.80
N SER C 788 26.57 27.43 51.01
CA SER C 788 26.80 27.63 49.58
C SER C 788 28.00 28.54 49.31
N LYS C 789 28.22 29.54 50.16
CA LYS C 789 29.27 30.57 50.06
C LYS C 789 28.85 31.63 49.05
N ARG C 790 27.59 31.63 48.62
CA ARG C 790 27.11 32.65 47.71
C ARG C 790 26.95 33.98 48.44
N SER C 791 27.04 35.06 47.67
CA SER C 791 26.83 36.38 48.22
C SER C 791 25.35 36.56 48.54
N PRO C 792 25.01 37.53 49.40
CA PRO C 792 23.58 37.77 49.66
C PRO C 792 22.77 38.09 48.41
N ILE C 793 23.27 38.93 47.51
CA ILE C 793 22.55 39.20 46.26
C ILE C 793 22.44 37.93 45.44
N GLU C 794 23.53 37.17 45.35
CA GLU C 794 23.51 35.95 44.55
C GLU C 794 22.50 34.97 45.12
N ASP C 795 22.43 34.87 46.44
CA ASP C 795 21.49 33.95 47.05
C ASP C 795 20.06 34.37 46.72
N LEU C 796 19.80 35.68 46.76
CA LEU C 796 18.45 36.14 46.45
C LEU C 796 18.10 35.80 45.00
N LEU C 797 19.03 35.99 44.07
CA LEU C 797 18.76 35.67 42.68
C LEU C 797 18.52 34.18 42.54
N PHE C 798 19.30 33.36 43.24
CA PHE C 798 19.17 31.92 43.13
C PHE C 798 17.78 31.47 43.60
N ASN C 799 17.32 32.02 44.72
CA ASN C 799 15.98 31.68 45.20
C ASN C 799 14.90 32.17 44.25
N LYS C 800 15.06 33.37 43.70
CA LYS C 800 14.02 33.96 42.86
C LYS C 800 13.77 33.14 41.59
N VAL C 801 14.81 32.66 40.93
CA VAL C 801 14.63 31.94 39.66
C VAL C 801 14.24 30.50 39.96
N THR C 802 13.13 30.05 39.36
CA THR C 802 12.61 28.71 39.61
C THR C 802 12.28 28.01 38.30
N LYS C 831 10.32 9.23 29.20
CA LYS C 831 9.91 9.24 27.81
C LYS C 831 11.14 9.32 26.90
N GLY C 832 12.31 9.13 27.50
CA GLY C 832 13.57 9.18 26.78
C GLY C 832 14.17 10.55 26.75
N LEU C 833 13.51 11.54 27.34
CA LEU C 833 14.02 12.90 27.40
C LEU C 833 14.74 13.08 28.72
N THR C 834 16.03 13.41 28.66
CA THR C 834 16.85 13.51 29.86
C THR C 834 17.57 14.85 29.88
N VAL C 835 17.75 15.39 31.08
CA VAL C 835 18.50 16.63 31.27
C VAL C 835 19.89 16.29 31.78
N LEU C 836 20.90 16.79 31.10
CA LEU C 836 22.29 16.46 31.45
C LEU C 836 22.86 17.53 32.38
N PRO C 837 23.50 17.16 33.47
CA PRO C 837 24.00 18.14 34.43
C PRO C 837 25.09 19.01 33.83
N PRO C 838 25.12 20.29 34.19
CA PRO C 838 26.20 21.18 33.73
C PRO C 838 27.56 20.77 34.31
N LEU C 839 28.60 20.92 33.50
CA LEU C 839 29.95 20.57 33.95
C LEU C 839 30.39 21.42 35.12
N LEU C 840 30.11 22.72 35.09
CA LEU C 840 30.48 23.60 36.17
C LEU C 840 29.31 23.72 37.13
N THR C 841 29.53 23.34 38.38
CA THR C 841 28.50 23.45 39.40
C THR C 841 28.33 24.90 39.78
N ASP C 842 27.18 25.21 40.40
CA ASP C 842 26.90 26.58 40.80
C ASP C 842 27.93 27.08 41.78
N GLU C 843 28.38 26.21 42.69
CA GLU C 843 29.40 26.59 43.65
C GLU C 843 30.70 26.97 42.94
N MET C 844 31.08 26.20 41.92
CA MET C 844 32.29 26.52 41.16
C MET C 844 32.15 27.85 40.42
N ILE C 845 30.97 28.12 39.86
CA ILE C 845 30.75 29.39 39.19
C ILE C 845 30.87 30.52 40.20
N ALA C 846 30.35 30.31 41.41
CA ALA C 846 30.44 31.33 42.44
C ALA C 846 31.88 31.59 42.79
N GLN C 847 32.71 30.55 42.84
CA GLN C 847 34.13 30.75 43.11
C GLN C 847 34.79 31.59 42.01
N TYR C 848 34.42 31.34 40.75
CA TYR C 848 34.95 32.17 39.67
C TYR C 848 34.53 33.62 39.84
N THR C 849 33.26 33.83 40.18
CA THR C 849 32.74 35.18 40.39
C THR C 849 33.46 35.86 41.54
N SER C 850 33.70 35.11 42.62
CA SER C 850 34.39 35.65 43.78
C SER C 850 35.80 36.07 43.40
N ALA C 851 36.46 35.28 42.56
CA ALA C 851 37.80 35.64 42.12
C ALA C 851 37.77 36.96 41.35
N LEU C 852 36.78 37.12 40.46
CA LEU C 852 36.67 38.36 39.71
C LEU C 852 36.42 39.54 40.64
N LEU C 853 35.55 39.38 41.62
CA LEU C 853 35.26 40.46 42.56
C LEU C 853 36.50 40.80 43.37
N ALA C 854 37.22 39.79 43.84
CA ALA C 854 38.39 40.06 44.67
C ALA C 854 39.43 40.81 43.89
N GLY C 855 39.67 40.41 42.65
CA GLY C 855 40.63 41.11 41.83
C GLY C 855 40.20 42.54 41.56
N THR C 856 38.93 42.75 41.24
CA THR C 856 38.51 44.10 40.88
C THR C 856 38.62 45.02 42.09
N ILE C 857 38.22 44.56 43.27
CA ILE C 857 38.27 45.41 44.47
C ILE C 857 39.72 45.69 44.85
N THR C 858 40.60 44.70 44.78
CA THR C 858 41.95 44.91 45.25
C THR C 858 42.91 45.34 44.14
N SER C 859 42.81 44.76 42.96
CA SER C 859 43.75 45.03 41.88
C SER C 859 43.21 45.99 40.82
N GLY C 860 41.97 46.46 40.97
CA GLY C 860 41.37 47.32 39.96
C GLY C 860 41.26 46.62 38.63
N TRP C 861 41.68 47.29 37.55
CA TRP C 861 41.59 46.72 36.22
C TRP C 861 42.85 45.96 35.80
N THR C 862 43.86 45.91 36.66
CA THR C 862 45.11 45.27 36.29
C THR C 862 44.94 43.79 36.01
N PHE C 863 44.07 43.10 36.77
CA PHE C 863 43.96 41.66 36.61
C PHE C 863 43.50 41.30 35.21
N GLY C 864 42.61 42.10 34.63
CA GLY C 864 42.19 41.85 33.26
C GLY C 864 43.32 42.00 32.25
N ALA C 865 44.19 42.99 32.46
CA ALA C 865 45.25 43.29 31.49
C ALA C 865 46.57 42.58 31.80
N GLY C 866 46.64 41.80 32.86
CA GLY C 866 47.87 41.16 33.27
C GLY C 866 47.82 40.63 34.68
N PRO C 867 48.99 40.44 35.30
CA PRO C 867 49.03 39.99 36.69
C PRO C 867 48.41 41.05 37.60
N ALA C 868 47.75 40.58 38.66
CA ALA C 868 47.04 41.49 39.55
C ALA C 868 48.01 42.45 40.23
N LEU C 869 47.69 43.74 40.22
CA LEU C 869 48.52 44.76 40.85
C LEU C 869 47.73 45.46 41.94
N GLN C 870 48.25 45.44 43.17
CA GLN C 870 47.51 46.00 44.29
C GLN C 870 47.33 47.51 44.14
N ILE C 871 46.14 47.99 44.46
CA ILE C 871 45.87 49.42 44.48
C ILE C 871 44.83 49.70 45.56
N PRO C 872 44.94 50.80 46.30
CA PRO C 872 43.87 51.15 47.24
C PRO C 872 42.58 51.43 46.49
N PHE C 873 41.46 51.00 47.06
CA PHE C 873 40.20 51.16 46.34
C PHE C 873 39.87 52.62 46.10
N PRO C 874 40.10 53.54 47.04
CA PRO C 874 39.83 54.95 46.73
C PRO C 874 40.67 55.46 45.56
N MET C 875 41.94 55.09 45.49
CA MET C 875 42.76 55.50 44.35
C MET C 875 42.25 54.89 43.06
N GLN C 876 41.78 53.65 43.11
CA GLN C 876 41.21 53.04 41.90
C GLN C 876 40.01 53.83 41.43
N MET C 877 39.17 54.23 42.37
CA MET C 877 38.00 55.03 42.02
C MET C 877 38.43 56.37 41.45
N ALA C 878 39.50 56.95 41.99
CA ALA C 878 40.01 58.21 41.48
C ALA C 878 40.45 58.08 40.03
N TYR C 879 41.11 56.97 39.70
CA TYR C 879 41.52 56.73 38.32
C TYR C 879 40.29 56.62 37.44
N ARG C 880 39.26 55.93 37.94
CA ARG C 880 38.03 55.79 37.18
C ARG C 880 37.36 57.15 36.99
N PHE C 881 37.41 58.01 37.99
CA PHE C 881 36.87 59.35 37.84
C PHE C 881 37.63 60.10 36.76
N ASN C 882 38.96 59.96 36.72
CA ASN C 882 39.73 60.61 35.68
C ASN C 882 39.32 60.10 34.31
N GLY C 883 39.00 58.81 34.21
CA GLY C 883 38.57 58.26 32.94
C GLY C 883 37.29 58.89 32.42
N ILE C 884 36.34 59.18 33.31
CA ILE C 884 35.06 59.77 32.90
C ILE C 884 35.20 61.26 32.67
N GLY C 885 36.37 61.82 32.93
CA GLY C 885 36.66 63.22 32.71
C GLY C 885 36.51 64.12 33.91
N VAL C 886 36.27 63.57 35.09
CA VAL C 886 36.20 64.35 36.33
C VAL C 886 37.52 64.19 37.06
N THR C 887 38.05 65.29 37.57
CA THR C 887 39.36 65.26 38.22
C THR C 887 39.32 64.41 39.50
N GLN C 888 40.47 63.84 39.85
CA GLN C 888 40.58 62.97 41.02
C GLN C 888 40.30 63.73 42.31
N ASN C 889 40.51 65.04 42.31
CA ASN C 889 40.30 65.80 43.52
C ASN C 889 38.86 65.66 43.97
N VAL C 890 37.92 65.60 43.02
CA VAL C 890 36.52 65.51 43.38
C VAL C 890 36.27 64.24 44.18
N LEU C 891 36.86 63.14 43.76
CA LEU C 891 36.66 61.89 44.48
C LEU C 891 37.24 61.99 45.88
N TYR C 892 38.46 62.50 46.00
CA TYR C 892 39.09 62.53 47.32
C TYR C 892 38.35 63.47 48.27
N GLU C 893 37.97 64.64 47.78
CA GLU C 893 37.30 65.63 48.61
C GLU C 893 35.93 65.16 49.05
N ASN C 894 35.20 64.47 48.17
CA ASN C 894 33.83 64.04 48.42
C ASN C 894 33.74 62.54 48.66
N GLN C 895 34.81 61.94 49.20
CA GLN C 895 34.87 60.48 49.35
C GLN C 895 33.75 59.95 50.23
N LYS C 896 33.48 60.61 51.36
CA LYS C 896 32.46 60.09 52.29
C LYS C 896 31.09 60.07 51.61
N LEU C 897 30.76 61.14 50.89
CA LEU C 897 29.48 61.22 50.21
C LEU C 897 29.37 60.13 49.15
N ILE C 898 30.44 59.94 48.38
CA ILE C 898 30.42 58.95 47.32
C ILE C 898 30.25 57.55 47.89
N ALA C 899 30.95 57.27 48.99
CA ALA C 899 30.86 55.96 49.62
C ALA C 899 29.44 55.72 50.14
N ASN C 900 28.85 56.74 50.77
CA ASN C 900 27.49 56.57 51.29
C ASN C 900 26.51 56.33 50.14
N GLN C 901 26.67 57.08 49.04
CA GLN C 901 25.77 56.89 47.90
C GLN C 901 25.91 55.50 47.31
N PHE C 902 27.15 54.99 47.21
CA PHE C 902 27.36 53.65 46.69
C PHE C 902 26.71 52.61 47.59
N ASN C 903 26.87 52.77 48.90
CA ASN C 903 26.30 51.80 49.83
C ASN C 903 24.78 51.80 49.74
N SER C 904 24.19 52.99 49.63
CA SER C 904 22.74 53.09 49.52
C SER C 904 22.26 52.41 48.24
N ALA C 905 22.97 52.62 47.14
CA ALA C 905 22.55 52.04 45.87
C ALA C 905 22.58 50.51 45.96
N ILE C 906 23.65 49.98 46.57
CA ILE C 906 23.76 48.52 46.65
C ILE C 906 22.60 47.98 47.48
N GLY C 907 22.26 48.68 48.56
CA GLY C 907 21.14 48.24 49.37
C GLY C 907 19.84 48.24 48.59
N LYS C 908 19.65 49.27 47.76
CA LYS C 908 18.45 49.36 46.94
C LYS C 908 18.34 48.19 45.97
N ILE C 909 19.46 47.71 45.43
CA ILE C 909 19.40 46.67 44.41
C ILE C 909 18.72 45.41 44.93
N GLN C 910 19.04 44.99 46.16
CA GLN C 910 18.45 43.75 46.65
C GLN C 910 16.94 43.88 46.71
N ASP C 911 16.47 45.03 47.22
CA ASP C 911 15.04 45.26 47.30
C ASP C 911 14.43 45.30 45.91
N SER C 912 15.10 45.95 44.96
CA SER C 912 14.54 46.09 43.62
C SER C 912 14.37 44.74 42.96
N LEU C 913 15.39 43.89 43.06
CA LEU C 913 15.31 42.57 42.43
C LEU C 913 14.21 41.73 43.06
N SER C 914 14.10 41.76 44.40
CA SER C 914 13.05 41.00 45.06
C SER C 914 11.66 41.54 44.71
N SER C 915 11.51 42.86 44.69
CA SER C 915 10.21 43.48 44.47
C SER C 915 9.66 43.19 43.08
N THR C 916 10.50 43.22 42.05
CA THR C 916 9.98 43.08 40.69
C THR C 916 10.42 41.76 40.08
N PRO C 917 9.47 40.90 39.71
CA PRO C 917 9.82 39.64 39.02
C PRO C 917 10.37 39.83 37.62
N SER C 918 9.97 40.90 36.93
CA SER C 918 10.36 41.11 35.54
C SER C 918 11.87 41.19 35.37
N ALA C 919 12.58 41.72 36.37
CA ALA C 919 14.02 41.92 36.22
C ALA C 919 14.72 40.59 35.95
N LEU C 920 14.31 39.54 36.64
CA LEU C 920 14.87 38.21 36.48
C LEU C 920 14.09 37.43 35.44
N GLY C 921 13.21 38.11 34.73
CA GLY C 921 12.36 37.46 33.75
C GLY C 921 13.10 36.79 32.63
N LYS C 922 14.20 37.38 32.16
CA LYS C 922 14.90 36.81 31.02
C LYS C 922 15.40 35.38 31.32
N LEU C 923 15.97 35.19 32.50
CA LEU C 923 16.42 33.87 32.91
C LEU C 923 15.24 32.92 33.05
N GLN C 924 14.16 33.42 33.65
CA GLN C 924 12.98 32.60 33.83
C GLN C 924 12.42 32.20 32.48
N ASP C 925 12.48 33.12 31.52
CA ASP C 925 11.97 32.86 30.18
C ASP C 925 12.70 31.68 29.58
N VAL C 926 14.02 31.63 29.77
CA VAL C 926 14.79 30.53 29.21
C VAL C 926 14.32 29.21 29.80
N VAL C 927 14.13 29.20 31.13
CA VAL C 927 13.68 27.97 31.79
C VAL C 927 12.29 27.58 31.32
N ASN C 928 11.39 28.56 31.19
CA ASN C 928 10.02 28.30 30.78
C ASN C 928 9.97 27.75 29.37
N HIS C 929 10.78 28.30 28.46
CA HIS C 929 10.76 27.83 27.08
C HIS C 929 11.20 26.38 27.02
N ASN C 930 12.23 26.02 27.80
CA ASN C 930 12.67 24.63 27.78
C ASN C 930 11.56 23.71 28.30
N ALA C 931 10.89 24.12 29.37
CA ALA C 931 9.82 23.31 29.94
C ALA C 931 8.68 23.15 28.94
N GLN C 932 8.34 24.23 28.26
CA GLN C 932 7.24 24.20 27.30
C GLN C 932 7.56 23.22 26.18
N ALA C 933 8.79 23.26 25.68
CA ALA C 933 9.16 22.37 24.58
C ALA C 933 9.09 20.91 25.02
N LEU C 934 9.60 20.60 26.21
CA LEU C 934 9.58 19.22 26.67
C LEU C 934 8.13 18.74 26.88
N ASN C 935 7.30 19.60 27.45
CA ASN C 935 5.90 19.24 27.67
C ASN C 935 5.21 19.00 26.33
N THR C 936 5.50 19.84 25.34
CA THR C 936 4.86 19.67 24.04
C THR C 936 5.25 18.34 23.44
N LEU C 937 6.52 17.96 23.56
CA LEU C 937 6.96 16.70 22.98
C LEU C 937 6.25 15.52 23.63
N VAL C 938 6.15 15.55 24.96
CA VAL C 938 5.50 14.45 25.67
C VAL C 938 4.01 14.39 25.30
N LYS C 939 3.35 15.55 25.23
CA LYS C 939 1.94 15.55 24.84
C LYS C 939 1.77 15.04 23.42
N GLN C 940 2.72 15.36 22.54
CA GLN C 940 2.63 14.93 21.15
C GLN C 940 2.66 13.42 21.07
N LEU C 941 3.22 12.79 22.08
CA LEU C 941 3.21 11.32 22.08
C LEU C 941 1.78 10.77 22.05
N SER C 942 0.86 11.40 22.77
CA SER C 942 -0.54 11.00 22.80
C SER C 942 -1.26 11.16 21.46
N SER C 943 -0.82 12.08 20.60
CA SER C 943 -1.53 12.37 19.34
C SER C 943 -1.56 11.15 18.42
N LYS C 944 -2.74 10.89 17.85
CA LYS C 944 -2.93 9.76 16.93
C LYS C 944 -2.21 9.94 15.60
N PHE C 945 -2.19 11.16 15.04
CA PHE C 945 -1.60 11.42 13.73
C PHE C 945 -2.33 10.66 12.64
N GLY C 946 -3.64 10.45 12.81
CA GLY C 946 -4.44 9.77 11.81
C GLY C 946 -4.49 8.27 11.95
N ALA C 947 -3.75 7.71 12.91
CA ALA C 947 -3.78 6.28 13.17
C ALA C 947 -5.01 5.94 14.01
N ILE C 948 -5.36 4.65 14.03
CA ILE C 948 -6.53 4.25 14.81
C ILE C 948 -6.33 4.53 16.28
N SER C 949 -5.12 4.29 16.79
CA SER C 949 -4.82 4.48 18.20
C SER C 949 -3.41 5.04 18.36
N SER C 950 -3.17 5.66 19.51
CA SER C 950 -1.85 6.17 19.83
C SER C 950 -0.99 5.13 20.55
N VAL C 951 -1.56 4.00 20.93
CA VAL C 951 -0.84 2.96 21.66
C VAL C 951 -0.39 1.91 20.66
N LEU C 952 0.91 1.68 20.58
CA LEU C 952 1.46 0.76 19.59
C LEU C 952 0.94 -0.66 19.81
N ASN C 953 0.88 -1.10 21.07
CA ASN C 953 0.45 -2.45 21.38
C ASN C 953 -0.99 -2.66 20.96
N ASP C 954 -1.85 -1.67 21.21
CA ASP C 954 -3.26 -1.79 20.84
C ASP C 954 -3.38 -1.93 19.33
N ILE C 955 -2.60 -1.16 18.58
CA ILE C 955 -2.66 -1.24 17.13
C ILE C 955 -2.26 -2.64 16.69
N PHE C 956 -1.20 -3.18 17.29
CA PHE C 956 -0.72 -4.50 16.86
C PHE C 956 -1.77 -5.57 17.14
N SER C 957 -2.38 -5.55 18.32
CA SER C 957 -3.38 -6.56 18.64
C SER C 957 -4.64 -6.42 17.79
N ARG C 958 -5.14 -5.20 17.62
CA ARG C 958 -6.39 -5.00 16.90
C ARG C 958 -6.28 -5.35 15.41
N LEU C 959 -5.16 -5.03 14.77
CA LEU C 959 -5.07 -5.18 13.33
C LEU C 959 -4.06 -6.25 12.91
N ASP C 960 -4.27 -6.76 11.69
CA ASP C 960 -3.38 -7.75 11.10
C ASP C 960 -2.07 -7.06 10.71
N PRO C 961 -1.00 -7.82 10.47
CA PRO C 961 0.33 -7.19 10.27
C PRO C 961 0.42 -6.17 9.14
N PRO C 962 -0.15 -6.39 7.94
CA PRO C 962 -0.05 -5.32 6.92
C PRO C 962 -0.74 -4.02 7.31
N GLU C 963 -1.97 -4.12 7.81
CA GLU C 963 -2.70 -2.93 8.24
C GLU C 963 -1.99 -2.30 9.42
N ALA C 964 -1.45 -3.14 10.31
CA ALA C 964 -0.78 -2.62 11.48
C ALA C 964 0.41 -1.79 11.01
N GLU C 965 1.13 -2.28 10.00
CA GLU C 965 2.31 -1.56 9.54
C GLU C 965 1.94 -0.18 9.04
N VAL C 966 0.86 -0.08 8.26
CA VAL C 966 0.56 1.25 7.72
C VAL C 966 0.19 2.22 8.84
N GLN C 967 -0.61 1.77 9.81
CA GLN C 967 -0.98 2.66 10.91
C GLN C 967 0.24 3.03 11.75
N ILE C 968 1.12 2.06 12.01
CA ILE C 968 2.32 2.33 12.79
C ILE C 968 3.18 3.33 12.05
N ASP C 969 3.26 3.22 10.73
CA ASP C 969 4.09 4.13 9.97
C ASP C 969 3.59 5.55 10.15
N ARG C 970 2.27 5.73 10.20
CA ARG C 970 1.76 7.07 10.43
C ARG C 970 2.20 7.60 11.79
N LEU C 971 2.14 6.75 12.81
CA LEU C 971 2.58 7.18 14.14
C LEU C 971 4.07 7.50 14.15
N ILE C 972 4.88 6.67 13.51
CA ILE C 972 6.33 6.87 13.50
C ILE C 972 6.66 8.18 12.81
N THR C 973 6.00 8.45 11.68
CA THR C 973 6.30 9.65 10.94
C THR C 973 5.98 10.89 11.78
N GLY C 974 4.82 10.88 12.44
CA GLY C 974 4.45 12.03 13.24
C GLY C 974 5.38 12.25 14.41
N ARG C 975 5.74 11.19 15.11
CA ARG C 975 6.64 11.32 16.25
C ARG C 975 8.03 11.77 15.82
N LEU C 976 8.51 11.25 14.69
CA LEU C 976 9.81 11.67 14.18
C LEU C 976 9.77 13.15 13.83
N GLN C 977 8.68 13.60 13.22
CA GLN C 977 8.54 15.01 12.87
C GLN C 977 8.54 15.87 14.12
N SER C 978 7.88 15.41 15.18
CA SER C 978 7.85 16.16 16.43
C SER C 978 9.25 16.30 17.00
N LEU C 979 10.02 15.21 16.98
CA LEU C 979 11.37 15.26 17.49
C LEU C 979 12.23 16.20 16.66
N GLN C 980 12.07 16.17 15.33
CA GLN C 980 12.84 17.04 14.46
C GLN C 980 12.52 18.50 14.74
N THR C 981 11.25 18.80 14.96
CA THR C 981 10.85 20.17 15.26
C THR C 981 11.49 20.62 16.55
N TYR C 982 11.51 19.74 17.55
CA TYR C 982 12.10 20.10 18.83
C TYR C 982 13.57 20.43 18.66
N VAL C 983 14.29 19.60 17.89
CA VAL C 983 15.71 19.82 17.71
C VAL C 983 15.96 21.13 16.98
N THR C 984 15.18 21.42 15.95
CA THR C 984 15.38 22.65 15.19
C THR C 984 15.16 23.87 16.06
N GLN C 985 14.09 23.85 16.86
CA GLN C 985 13.80 24.97 17.74
C GLN C 985 14.92 25.15 18.75
N GLN C 986 15.43 24.04 19.28
CA GLN C 986 16.51 24.11 20.26
C GLN C 986 17.76 24.69 19.64
N LEU C 987 18.05 24.36 18.39
CA LEU C 987 19.22 24.94 17.73
C LEU C 987 19.09 26.44 17.59
N ILE C 988 17.90 26.93 17.21
CA ILE C 988 17.70 28.37 17.09
C ILE C 988 17.82 29.04 18.46
N ARG C 989 17.23 28.43 19.48
CA ARG C 989 17.32 29.00 20.83
C ARG C 989 18.77 29.02 21.28
N ALA C 990 19.53 27.97 20.95
CA ALA C 990 20.92 27.90 21.33
C ALA C 990 21.70 29.03 20.69
N ALA C 991 21.40 29.35 19.43
CA ALA C 991 22.08 30.46 18.78
C ALA C 991 21.81 31.76 19.51
N GLU C 992 20.55 31.97 19.92
CA GLU C 992 20.24 33.19 20.68
C GLU C 992 21.00 33.23 22.00
N ILE C 993 21.05 32.11 22.71
CA ILE C 993 21.76 32.04 23.98
C ILE C 993 23.24 32.28 23.76
N ARG C 994 23.80 31.73 22.68
CA ARG C 994 25.22 31.90 22.41
C ARG C 994 25.52 33.37 22.19
N ALA C 995 24.64 34.07 21.48
CA ALA C 995 24.85 35.50 21.27
C ALA C 995 24.81 36.24 22.60
N SER C 996 23.86 35.88 23.47
CA SER C 996 23.80 36.52 24.78
C SER C 996 25.04 36.21 25.60
N ALA C 997 25.53 34.97 25.55
CA ALA C 997 26.74 34.59 26.27
C ALA C 997 27.95 35.37 25.74
N ASN C 998 28.04 35.54 24.42
CA ASN C 998 29.12 36.32 23.85
C ASN C 998 29.06 37.76 24.33
N LEU C 999 27.85 38.31 24.40
CA LEU C 999 27.70 39.67 24.93
C LEU C 999 28.13 39.71 26.39
N ALA C 1000 27.75 38.69 27.16
CA ALA C 1000 28.12 38.64 28.57
C ALA C 1000 29.62 38.58 28.74
N ALA C 1001 30.29 37.77 27.92
CA ALA C 1001 31.75 37.68 27.97
C ALA C 1001 32.38 39.02 27.61
N THR C 1002 31.81 39.68 26.60
CA THR C 1002 32.33 40.98 26.19
C THR C 1002 32.16 41.98 27.31
N LYS C 1003 31.01 41.97 27.99
CA LYS C 1003 30.78 42.88 29.10
C LYS C 1003 31.74 42.58 30.23
N MET C 1004 31.98 41.30 30.51
CA MET C 1004 32.85 40.95 31.62
C MET C 1004 34.24 41.52 31.40
N SER C 1005 34.76 41.37 30.19
CA SER C 1005 36.06 41.96 29.90
C SER C 1005 36.00 43.49 29.87
N GLU C 1006 35.04 44.06 29.14
CA GLU C 1006 34.98 45.50 28.95
C GLU C 1006 34.54 46.25 30.21
N CYS C 1007 33.60 45.71 30.98
CA CYS C 1007 33.07 46.44 32.13
C CYS C 1007 33.68 45.98 33.45
N VAL C 1008 33.68 44.68 33.72
CA VAL C 1008 34.22 44.20 34.99
C VAL C 1008 35.74 44.33 35.03
N LEU C 1009 36.41 44.01 33.94
CA LEU C 1009 37.86 43.98 33.92
C LEU C 1009 38.49 45.29 33.48
N GLY C 1010 37.69 46.27 33.06
CA GLY C 1010 38.21 47.57 32.68
C GLY C 1010 37.09 48.59 32.68
N GLN C 1011 37.48 49.86 32.62
CA GLN C 1011 36.50 50.92 32.46
C GLN C 1011 36.15 51.04 30.99
N SER C 1012 34.88 51.19 30.69
CA SER C 1012 34.40 51.23 29.31
C SER C 1012 33.97 52.64 28.93
N LYS C 1013 34.52 53.14 27.82
CA LYS C 1013 34.17 54.47 27.35
C LYS C 1013 32.99 54.44 26.39
N ARG C 1014 32.53 53.26 26.02
CA ARG C 1014 31.37 53.12 25.15
C ARG C 1014 30.12 53.61 25.89
N VAL C 1015 29.23 54.27 25.17
CA VAL C 1015 28.06 54.86 25.81
C VAL C 1015 26.94 53.84 25.87
N ASP C 1016 26.45 53.56 27.07
CA ASP C 1016 25.34 52.67 27.39
C ASP C 1016 25.73 51.21 27.33
N PHE C 1017 26.98 50.87 27.06
CA PHE C 1017 27.39 49.48 27.10
C PHE C 1017 27.33 48.92 28.51
N CYS C 1018 27.74 49.70 29.50
CA CYS C 1018 27.77 49.23 30.88
C CYS C 1018 26.98 50.22 31.73
N GLY C 1019 25.67 50.24 31.53
CA GLY C 1019 24.80 51.07 32.34
C GLY C 1019 24.62 52.47 31.79
N LYS C 1020 23.51 53.09 32.17
CA LYS C 1020 23.31 54.47 31.80
C LYS C 1020 24.22 55.34 32.66
N GLY C 1021 24.66 56.46 32.11
CA GLY C 1021 25.61 57.30 32.82
C GLY C 1021 27.03 56.93 32.48
N TYR C 1022 27.98 57.63 33.10
CA TYR C 1022 29.38 57.39 32.80
C TYR C 1022 29.85 56.23 33.64
N HIS C 1023 30.28 55.15 32.99
CA HIS C 1023 30.65 53.94 33.67
C HIS C 1023 31.87 54.14 34.56
N LEU C 1024 31.80 53.63 35.78
CA LEU C 1024 32.94 53.66 36.68
C LEU C 1024 33.50 52.25 36.88
N MET C 1025 32.70 51.34 37.42
CA MET C 1025 33.14 49.97 37.61
C MET C 1025 31.90 49.08 37.57
N SER C 1026 32.09 47.80 37.28
CA SER C 1026 31.00 46.84 37.26
C SER C 1026 31.34 45.62 38.09
N PHE C 1027 30.34 45.05 38.76
CA PHE C 1027 30.56 43.90 39.61
C PHE C 1027 29.77 42.69 39.12
N PRO C 1028 30.42 41.55 38.88
CA PRO C 1028 29.70 40.35 38.42
C PRO C 1028 29.03 39.59 39.55
N GLN C 1029 27.80 39.16 39.32
CA GLN C 1029 27.07 38.32 40.27
C GLN C 1029 26.49 37.11 39.55
N SER C 1030 26.71 35.93 40.09
CA SER C 1030 26.21 34.70 39.50
C SER C 1030 24.70 34.56 39.72
N ALA C 1031 24.01 34.09 38.71
CA ALA C 1031 22.59 33.82 38.76
C ALA C 1031 22.34 32.50 38.03
N PRO C 1032 21.24 31.81 38.33
CA PRO C 1032 21.04 30.51 37.68
C PRO C 1032 20.91 30.68 36.18
N HIS C 1033 21.73 29.93 35.45
CA HIS C 1033 21.73 29.94 33.99
C HIS C 1033 21.98 31.33 33.41
N GLY C 1034 22.76 32.17 34.08
CA GLY C 1034 22.94 33.53 33.62
C GLY C 1034 23.92 34.28 34.49
N VAL C 1035 24.16 35.54 34.11
CA VAL C 1035 25.01 36.45 34.87
C VAL C 1035 24.29 37.77 35.12
N VAL C 1036 24.44 38.32 36.31
CA VAL C 1036 23.89 39.62 36.67
C VAL C 1036 25.06 40.58 36.88
N PHE C 1037 25.06 41.69 36.15
CA PHE C 1037 26.11 42.69 36.24
C PHE C 1037 25.58 43.92 36.96
N LEU C 1038 26.26 44.33 38.02
CA LEU C 1038 25.90 45.55 38.74
C LEU C 1038 26.82 46.66 38.24
N HIS C 1039 26.25 47.68 37.61
CA HIS C 1039 27.05 48.73 37.00
C HIS C 1039 27.03 49.97 37.88
N VAL C 1040 28.20 50.38 38.36
CA VAL C 1040 28.32 51.62 39.11
C VAL C 1040 28.61 52.73 38.10
N THR C 1041 27.79 53.76 38.07
CA THR C 1041 27.91 54.81 37.07
C THR C 1041 27.83 56.19 37.71
N TYR C 1042 28.45 57.17 37.06
CA TYR C 1042 28.41 58.55 37.49
C TYR C 1042 27.29 59.25 36.73
N VAL C 1043 26.32 59.79 37.45
CA VAL C 1043 25.24 60.53 36.82
C VAL C 1043 25.37 62.01 37.21
N PRO C 1044 25.50 62.92 36.25
CA PRO C 1044 25.54 64.35 36.56
C PRO C 1044 24.21 64.83 37.15
N ALA C 1045 24.28 65.74 38.12
CA ALA C 1045 23.09 66.22 38.79
C ALA C 1045 23.22 67.69 39.13
N GLN C 1046 22.08 68.31 39.44
CA GLN C 1046 21.98 69.71 39.87
C GLN C 1046 22.64 70.68 38.90
N GLU C 1047 22.30 70.55 37.63
CA GLU C 1047 22.86 71.42 36.60
C GLU C 1047 22.44 72.88 36.79
N LYS C 1048 23.35 73.79 36.48
CA LYS C 1048 23.10 75.22 36.55
C LYS C 1048 23.50 75.88 35.23
N ASN C 1049 22.86 76.99 34.90
CA ASN C 1049 23.08 77.67 33.62
C ASN C 1049 24.09 78.79 33.77
N PHE C 1050 25.14 78.79 32.94
CA PHE C 1050 26.18 79.79 32.95
C PHE C 1050 26.45 80.28 31.54
N THR C 1051 26.75 81.57 31.41
CA THR C 1051 27.12 82.13 30.11
C THR C 1051 28.49 81.58 29.69
N THR C 1052 28.66 81.31 28.40
CA THR C 1052 29.89 80.70 27.90
C THR C 1052 30.44 81.47 26.71
N ALA C 1053 31.76 81.38 26.53
CA ALA C 1053 32.44 81.99 25.40
C ALA C 1053 33.43 81.02 24.77
N PRO C 1054 33.57 81.05 23.44
CA PRO C 1054 34.58 80.19 22.79
C PRO C 1054 36.01 80.51 23.15
N ALA C 1055 36.37 81.78 23.24
CA ALA C 1055 37.75 82.19 23.50
C ALA C 1055 37.75 83.50 24.28
N ILE C 1056 38.89 83.81 24.88
CA ILE C 1056 39.10 85.05 25.63
C ILE C 1056 40.14 85.88 24.91
N CYS C 1057 39.83 87.16 24.66
CA CYS C 1057 40.76 88.04 23.96
C CYS C 1057 41.55 88.85 24.98
N HIS C 1058 42.82 88.51 25.15
CA HIS C 1058 43.70 89.25 26.04
C HIS C 1058 44.97 89.59 25.28
N ASP C 1059 45.39 90.85 25.34
CA ASP C 1059 46.61 91.30 24.66
C ASP C 1059 46.53 91.00 23.16
N GLY C 1060 45.34 91.18 22.60
CA GLY C 1060 45.16 90.97 21.18
C GLY C 1060 45.45 89.57 20.73
N LYS C 1061 45.23 88.59 21.61
CA LYS C 1061 45.45 87.19 21.30
C LYS C 1061 44.24 86.39 21.78
N ALA C 1062 43.95 85.30 21.11
CA ALA C 1062 42.80 84.46 21.46
C ALA C 1062 43.26 83.29 22.33
N HIS C 1063 42.63 83.14 23.49
CA HIS C 1063 42.96 82.11 24.45
C HIS C 1063 41.84 81.09 24.56
N PHE C 1064 42.18 79.82 24.42
CA PHE C 1064 41.21 78.72 24.43
C PHE C 1064 41.48 77.80 25.61
N PRO C 1065 40.45 77.22 26.20
CA PRO C 1065 40.65 76.40 27.40
C PRO C 1065 41.38 75.10 27.08
N ARG C 1066 42.41 74.78 27.88
CA ARG C 1066 43.16 73.56 27.61
C ARG C 1066 42.32 72.31 27.85
N GLU C 1067 41.58 72.25 28.96
CA GLU C 1067 40.82 71.06 29.29
C GLU C 1067 39.44 71.40 29.87
N GLY C 1068 38.89 72.55 29.55
CA GLY C 1068 37.66 72.98 30.17
C GLY C 1068 36.78 73.88 29.33
N VAL C 1069 35.73 74.41 29.92
CA VAL C 1069 34.83 75.35 29.25
C VAL C 1069 34.81 76.66 30.03
N PHE C 1070 34.94 77.78 29.32
CA PHE C 1070 34.84 79.09 29.96
C PHE C 1070 33.41 79.36 30.41
N VAL C 1071 33.26 79.88 31.63
CA VAL C 1071 31.96 80.14 32.22
C VAL C 1071 31.98 81.50 32.91
N SER C 1072 30.81 82.14 32.97
CA SER C 1072 30.66 83.43 33.64
C SER C 1072 29.64 83.36 34.76
N ASN C 1073 30.05 83.78 35.96
CA ASN C 1073 29.11 83.91 37.08
C ASN C 1073 28.10 85.00 36.79
N GLY C 1074 28.50 86.00 36.03
CA GLY C 1074 27.69 87.13 35.65
C GLY C 1074 28.55 88.36 35.52
N THR C 1075 29.54 88.50 36.41
CA THR C 1075 30.50 89.59 36.32
C THR C 1075 31.92 89.13 36.11
N HIS C 1076 32.22 87.84 36.31
CA HIS C 1076 33.58 87.33 36.24
C HIS C 1076 33.60 86.09 35.37
N TRP C 1077 34.76 85.83 34.76
CA TRP C 1077 34.92 84.70 33.85
C TRP C 1077 35.86 83.68 34.45
N PHE C 1078 35.47 82.39 34.39
CA PHE C 1078 36.23 81.31 34.99
C PHE C 1078 36.33 80.15 34.01
N VAL C 1079 37.30 79.26 34.24
CA VAL C 1079 37.46 78.04 33.46
C VAL C 1079 37.11 76.86 34.35
N THR C 1080 36.25 75.98 33.86
CA THR C 1080 35.79 74.86 34.67
C THR C 1080 35.80 73.56 33.89
N GLN C 1081 35.91 72.45 34.63
CA GLN C 1081 35.79 71.14 34.04
C GLN C 1081 34.34 70.96 33.58
N ARG C 1082 34.18 70.24 32.48
CA ARG C 1082 32.88 70.10 31.84
C ARG C 1082 31.86 69.34 32.67
N ASN C 1083 32.26 68.24 33.30
CA ASN C 1083 31.32 67.36 33.99
C ASN C 1083 31.03 67.74 35.44
N PHE C 1084 31.83 68.64 36.04
CA PHE C 1084 31.57 69.09 37.40
C PHE C 1084 31.92 70.57 37.47
N TYR C 1085 31.25 71.32 38.34
CA TYR C 1085 31.50 72.75 38.38
C TYR C 1085 32.59 73.04 39.40
N GLU C 1086 33.79 73.36 38.91
CA GLU C 1086 34.92 73.74 39.76
C GLU C 1086 35.54 75.00 39.17
N PRO C 1087 34.97 76.16 39.44
CA PRO C 1087 35.46 77.40 38.81
C PRO C 1087 36.90 77.70 39.19
N GLN C 1088 37.71 78.03 38.20
CA GLN C 1088 39.10 78.36 38.42
C GLN C 1088 39.45 79.65 37.66
N ILE C 1089 40.34 80.44 38.24
CA ILE C 1089 40.74 81.69 37.59
C ILE C 1089 41.42 81.36 36.28
N ILE C 1090 41.07 82.10 35.23
CA ILE C 1090 41.72 81.88 33.95
C ILE C 1090 43.18 82.26 34.07
N THR C 1091 44.06 81.36 33.67
CA THR C 1091 45.51 81.57 33.78
C THR C 1091 46.19 81.03 32.53
N THR C 1092 47.44 81.43 32.36
CA THR C 1092 48.22 80.94 31.24
C THR C 1092 48.35 79.42 31.31
N ASP C 1093 48.46 78.88 32.52
CA ASP C 1093 48.60 77.45 32.70
C ASP C 1093 47.39 76.69 32.16
N ASN C 1094 46.18 77.20 32.39
CA ASN C 1094 44.99 76.46 31.99
C ASN C 1094 44.48 76.83 30.60
N THR C 1095 45.14 77.75 29.88
CA THR C 1095 44.70 78.19 28.57
C THR C 1095 45.85 78.13 27.57
N PHE C 1096 45.55 77.84 26.31
CA PHE C 1096 46.52 77.85 25.23
C PHE C 1096 46.19 78.95 24.23
N VAL C 1097 47.19 79.69 23.80
CA VAL C 1097 46.98 80.85 22.93
C VAL C 1097 47.22 80.49 21.47
N SER C 1098 46.19 80.68 20.64
CA SER C 1098 46.29 80.47 19.21
C SER C 1098 45.60 81.60 18.45
N GLY C 1099 46.30 82.20 17.49
CA GLY C 1099 45.71 83.19 16.60
C GLY C 1099 45.47 84.56 17.23
N ASN C 1100 44.58 85.31 16.57
CA ASN C 1100 44.21 86.66 16.98
C ASN C 1100 42.71 86.71 17.18
N CYS C 1101 42.27 87.77 17.86
CA CYS C 1101 40.87 87.89 18.28
C CYS C 1101 39.87 87.95 17.13
N ASP C 1102 40.23 88.60 16.01
CA ASP C 1102 39.24 88.84 14.95
C ASP C 1102 38.64 87.57 14.35
N VAL C 1103 39.44 86.52 14.13
CA VAL C 1103 38.91 85.35 13.42
C VAL C 1103 37.79 84.67 14.21
N VAL C 1104 37.95 84.52 15.52
CA VAL C 1104 36.99 83.79 16.33
C VAL C 1104 35.67 84.56 16.42
N ILE C 1105 34.56 83.84 16.45
CA ILE C 1105 33.22 84.43 16.56
C ILE C 1105 32.71 84.14 17.96
N GLY C 1106 32.22 85.18 18.63
CA GLY C 1106 31.75 85.06 20.00
C GLY C 1106 32.81 85.28 21.04
N ILE C 1107 34.01 85.69 20.64
CA ILE C 1107 35.11 85.92 21.58
C ILE C 1107 34.78 87.08 22.53
N VAL C 1108 35.21 86.96 23.78
CA VAL C 1108 34.95 87.98 24.80
C VAL C 1108 36.28 88.40 25.40
N ASN C 1109 36.32 89.62 25.94
CA ASN C 1109 37.56 90.18 26.47
C ASN C 1109 37.58 90.06 27.98
N ASN C 1110 38.55 89.33 28.51
CA ASN C 1110 38.73 89.21 29.96
C ASN C 1110 40.22 89.06 30.23
N THR C 1111 40.63 89.42 31.44
CA THR C 1111 42.03 89.32 31.83
C THR C 1111 42.45 87.87 32.02
N VAL C 1112 43.66 87.54 31.55
CA VAL C 1112 44.25 86.22 31.79
C VAL C 1112 45.44 86.41 32.72
N TYR C 1113 45.37 85.80 33.89
CA TYR C 1113 46.39 85.98 34.91
C TYR C 1113 47.68 85.26 34.52
N ASP C 1114 48.81 85.88 34.82
CA ASP C 1114 50.11 85.26 34.58
C ASP C 1114 50.76 84.97 35.93
N PRO C 1115 51.10 83.71 36.22
CA PRO C 1115 51.76 83.40 37.50
C PRO C 1115 53.11 84.07 37.68
N LEU C 1116 53.90 84.18 36.61
CA LEU C 1116 55.24 84.76 36.70
C LEU C 1116 55.22 86.23 37.11
N GLN C 1117 54.24 87.00 36.66
CA GLN C 1117 54.26 88.44 36.88
C GLN C 1117 54.30 88.85 38.35
N PRO C 1118 53.51 88.27 39.27
CA PRO C 1118 53.65 88.67 40.68
C PRO C 1118 55.03 88.39 41.24
N GLU C 1119 55.62 87.25 40.92
CA GLU C 1119 56.98 86.95 41.38
C GLU C 1119 57.97 87.96 40.81
N LEU C 1120 57.78 88.31 39.53
CA LEU C 1120 58.66 89.29 38.89
C LEU C 1120 58.53 90.64 39.57
N ASP C 1121 57.31 91.04 39.92
CA ASP C 1121 57.09 92.31 40.58
C ASP C 1121 57.79 92.36 41.93
N SER C 1122 57.73 91.26 42.67
CA SER C 1122 58.38 91.17 43.99
C SER C 1122 59.89 91.31 43.84
N GLU D 1 -14.10 -39.27 -50.90
CA GLU D 1 -14.43 -40.68 -51.01
C GLU D 1 -13.56 -41.36 -52.07
N ILE D 2 -13.01 -42.54 -51.74
CA ILE D 2 -12.21 -43.28 -52.71
C ILE D 2 -13.06 -43.70 -53.88
N VAL D 3 -12.50 -43.59 -55.08
CA VAL D 3 -13.18 -44.05 -56.28
C VAL D 3 -12.75 -45.49 -56.52
N LEU D 4 -13.70 -46.40 -56.48
CA LEU D 4 -13.39 -47.82 -56.63
C LEU D 4 -14.05 -48.34 -57.90
N THR D 5 -13.25 -48.93 -58.80
CA THR D 5 -13.75 -49.43 -60.08
C THR D 5 -13.41 -50.89 -60.24
N GLN D 6 -14.38 -51.69 -60.66
CA GLN D 6 -14.17 -53.10 -60.95
C GLN D 6 -13.92 -53.26 -62.45
N SER D 7 -12.77 -53.84 -62.81
CA SER D 7 -12.40 -53.92 -64.22
C SER D 7 -13.36 -54.71 -65.09
N PRO D 8 -13.83 -55.90 -64.71
CA PRO D 8 -14.83 -56.58 -65.54
C PRO D 8 -16.25 -56.27 -65.07
N GLY D 9 -16.99 -55.44 -65.81
CA GLY D 9 -18.35 -55.17 -65.41
C GLY D 9 -19.24 -56.40 -65.45
N THR D 10 -19.15 -57.18 -66.52
CA THR D 10 -19.88 -58.44 -66.64
C THR D 10 -18.91 -59.52 -67.08
N LEU D 11 -18.95 -60.67 -66.40
CA LEU D 11 -18.10 -61.80 -66.73
C LEU D 11 -18.99 -62.92 -67.24
N SER D 12 -18.74 -63.39 -68.46
CA SER D 12 -19.48 -64.49 -69.03
C SER D 12 -18.54 -65.67 -69.20
N LEU D 13 -18.84 -66.77 -68.53
CA LEU D 13 -17.98 -67.94 -68.59
C LEU D 13 -18.75 -69.20 -68.21
N SER D 14 -18.19 -70.35 -68.59
CA SER D 14 -18.78 -71.64 -68.24
C SER D 14 -18.59 -71.93 -66.77
N PRO D 15 -19.39 -72.84 -66.21
CA PRO D 15 -19.17 -73.20 -64.79
C PRO D 15 -18.01 -74.18 -64.65
N GLY D 16 -16.80 -73.66 -64.81
CA GLY D 16 -15.63 -74.51 -64.76
C GLY D 16 -14.65 -74.18 -63.66
N GLU D 17 -13.40 -73.89 -64.04
CA GLU D 17 -12.36 -73.64 -63.05
C GLU D 17 -11.56 -72.36 -63.29
N ARG D 18 -12.10 -71.38 -63.99
CA ARG D 18 -11.39 -70.12 -64.22
C ARG D 18 -12.24 -68.93 -63.82
N ALA D 19 -11.75 -68.10 -62.90
CA ALA D 19 -12.43 -66.86 -62.55
C ALA D 19 -11.43 -65.75 -62.25
N SER D 20 -11.61 -64.57 -62.83
CA SER D 20 -10.75 -63.42 -62.53
C SER D 20 -11.60 -62.18 -62.28
N LEU D 21 -11.42 -61.54 -61.12
CA LEU D 21 -12.13 -60.33 -60.76
C LEU D 21 -11.13 -59.28 -60.29
N SER D 22 -11.21 -58.06 -60.82
CA SER D 22 -10.22 -57.02 -60.51
C SER D 22 -10.89 -55.74 -60.03
N CYS D 23 -10.36 -55.15 -58.96
CA CYS D 23 -10.81 -53.86 -58.45
C CYS D 23 -9.63 -52.88 -58.40
N ARG D 24 -9.82 -51.69 -58.94
CA ARG D 24 -8.78 -50.66 -58.99
C ARG D 24 -9.22 -49.44 -58.19
N ALA D 25 -8.34 -48.93 -57.34
CA ALA D 25 -8.63 -47.80 -56.46
C ALA D 25 -7.86 -46.57 -56.90
N SER D 26 -8.48 -45.40 -56.73
CA SER D 26 -7.83 -44.14 -57.10
C SER D 26 -6.56 -43.90 -56.29
N GLN D 27 -6.60 -44.20 -55.00
CA GLN D 27 -5.47 -44.05 -54.10
C GLN D 27 -5.19 -45.39 -53.44
N SER D 28 -3.92 -45.66 -53.13
CA SER D 28 -3.57 -46.96 -52.56
C SER D 28 -4.27 -47.17 -51.23
N LEU D 29 -4.83 -48.36 -51.04
CA LEU D 29 -5.57 -48.65 -49.82
C LEU D 29 -4.77 -49.49 -48.82
N SER D 30 -3.50 -49.73 -49.09
CA SER D 30 -2.60 -50.44 -48.16
C SER D 30 -3.19 -51.77 -47.70
N THR D 31 -3.65 -52.59 -48.66
CA THR D 31 -4.17 -53.93 -48.38
C THR D 31 -5.32 -53.90 -47.37
N TYR D 32 -6.25 -52.96 -47.54
CA TYR D 32 -7.44 -52.86 -46.69
C TYR D 32 -8.68 -52.85 -47.57
N LEU D 33 -9.02 -54.02 -48.13
CA LEU D 33 -10.20 -54.14 -48.97
C LEU D 33 -10.92 -55.43 -48.62
N ALA D 34 -12.22 -55.50 -48.90
CA ALA D 34 -13.01 -56.70 -48.65
C ALA D 34 -13.85 -57.01 -49.88
N TRP D 35 -14.20 -58.29 -50.05
CA TRP D 35 -15.05 -58.73 -51.16
C TRP D 35 -16.34 -59.32 -50.63
N TYR D 36 -17.48 -58.92 -51.21
CA TYR D 36 -18.79 -59.39 -50.78
C TYR D 36 -19.54 -60.05 -51.94
N GLN D 37 -20.12 -61.22 -51.69
CA GLN D 37 -20.91 -61.94 -52.67
C GLN D 37 -22.39 -61.77 -52.36
N GLN D 38 -23.14 -61.18 -53.29
CA GLN D 38 -24.58 -61.01 -53.13
C GLN D 38 -25.33 -61.84 -54.16
N LYS D 39 -26.10 -62.83 -53.69
CA LYS D 39 -26.95 -63.61 -54.58
C LYS D 39 -28.22 -62.79 -54.84
N PRO D 40 -28.93 -63.01 -55.95
CA PRO D 40 -30.11 -62.18 -56.21
C PRO D 40 -31.15 -62.33 -55.11
N GLY D 41 -31.68 -61.18 -54.68
CA GLY D 41 -32.68 -61.17 -53.63
C GLY D 41 -32.18 -61.77 -52.33
N GLN D 42 -30.90 -61.57 -52.01
CA GLN D 42 -30.33 -62.05 -50.77
C GLN D 42 -29.34 -61.03 -50.23
N ALA D 43 -29.11 -61.09 -48.93
CA ALA D 43 -28.17 -60.17 -48.30
C ALA D 43 -26.74 -60.47 -48.73
N PRO D 44 -25.89 -59.45 -48.81
CA PRO D 44 -24.48 -59.69 -49.15
C PRO D 44 -23.78 -60.54 -48.11
N ARG D 45 -22.90 -61.42 -48.57
CA ARG D 45 -22.14 -62.33 -47.72
C ARG D 45 -20.65 -62.05 -47.88
N LEU D 46 -19.97 -61.83 -46.76
CA LEU D 46 -18.55 -61.50 -46.81
C LEU D 46 -17.73 -62.68 -47.32
N LEU D 47 -16.85 -62.44 -48.28
CA LEU D 47 -16.01 -63.53 -48.80
C LEU D 47 -14.58 -63.47 -48.28
N ILE D 48 -13.95 -62.30 -48.32
CA ILE D 48 -12.55 -62.17 -47.92
C ILE D 48 -12.40 -60.88 -47.13
N PHE D 49 -11.47 -60.87 -46.18
CA PHE D 49 -11.17 -59.67 -45.41
C PHE D 49 -9.68 -59.37 -45.51
N GLY D 50 -9.36 -58.11 -45.82
CA GLY D 50 -7.99 -57.69 -45.97
C GLY D 50 -7.40 -57.93 -47.33
N ALA D 51 -8.14 -58.62 -48.21
CA ALA D 51 -7.81 -58.97 -49.58
C ALA D 51 -6.94 -60.22 -49.62
N SER D 52 -6.52 -60.73 -48.47
CA SER D 52 -5.64 -61.88 -48.43
C SER D 52 -6.08 -62.97 -47.46
N SER D 53 -7.06 -62.72 -46.59
CA SER D 53 -7.46 -63.69 -45.57
C SER D 53 -8.89 -64.13 -45.81
N ARG D 54 -9.07 -65.45 -45.96
CA ARG D 54 -10.39 -66.02 -46.20
C ARG D 54 -11.28 -65.82 -44.99
N ALA D 55 -12.53 -65.44 -45.22
CA ALA D 55 -13.47 -65.30 -44.13
C ALA D 55 -13.90 -66.67 -43.63
N SER D 56 -14.35 -66.72 -42.38
CA SER D 56 -14.84 -67.97 -41.83
C SER D 56 -16.08 -68.43 -42.58
N GLY D 57 -16.19 -69.73 -42.82
CA GLY D 57 -17.34 -70.26 -43.50
C GLY D 57 -17.30 -70.08 -45.00
N ILE D 58 -16.17 -69.67 -45.55
CA ILE D 58 -16.01 -69.47 -46.98
C ILE D 58 -15.16 -70.60 -47.54
N PRO D 59 -15.58 -71.23 -48.63
CA PRO D 59 -14.84 -72.38 -49.16
C PRO D 59 -13.45 -72.00 -49.66
N ASP D 60 -12.56 -72.99 -49.64
CA ASP D 60 -11.18 -72.78 -50.08
C ASP D 60 -11.12 -72.38 -51.54
N ARG D 61 -12.17 -72.68 -52.30
CA ARG D 61 -12.17 -72.39 -53.74
C ARG D 61 -11.97 -70.90 -54.00
N PHE D 62 -12.61 -70.05 -53.22
CA PHE D 62 -12.41 -68.61 -53.37
C PHE D 62 -11.00 -68.23 -52.89
N SER D 63 -10.35 -67.34 -53.63
CA SER D 63 -9.02 -66.88 -53.26
C SER D 63 -8.91 -65.37 -53.47
N GLY D 64 -8.03 -64.75 -52.68
CA GLY D 64 -7.82 -63.32 -52.73
C GLY D 64 -6.37 -62.93 -52.95
N GLY D 65 -6.17 -61.82 -53.67
CA GLY D 65 -4.83 -61.39 -54.02
C GLY D 65 -4.80 -59.92 -54.32
N GLY D 66 -3.59 -59.40 -54.50
CA GLY D 66 -3.38 -58.02 -54.88
C GLY D 66 -2.99 -57.13 -53.72
N SER D 67 -2.32 -56.03 -54.05
CA SER D 67 -1.85 -55.07 -53.07
C SER D 67 -1.99 -53.66 -53.63
N GLY D 68 -2.07 -52.69 -52.73
CA GLY D 68 -2.15 -51.30 -53.13
C GLY D 68 -3.37 -50.99 -53.99
N THR D 69 -3.16 -50.30 -55.11
CA THR D 69 -4.27 -49.89 -55.96
C THR D 69 -5.02 -51.07 -56.56
N ASP D 70 -4.32 -52.11 -56.98
CA ASP D 70 -4.94 -53.23 -57.70
C ASP D 70 -5.23 -54.39 -56.77
N PHE D 71 -6.50 -54.80 -56.71
CA PHE D 71 -6.94 -55.93 -55.92
C PHE D 71 -7.56 -56.96 -56.85
N THR D 72 -7.16 -58.22 -56.73
CA THR D 72 -7.66 -59.27 -57.61
C THR D 72 -8.30 -60.39 -56.81
N LEU D 73 -9.52 -60.76 -57.18
CA LEU D 73 -10.20 -61.90 -56.57
C LEU D 73 -10.32 -63.01 -57.61
N THR D 74 -9.82 -64.19 -57.27
CA THR D 74 -9.83 -65.33 -58.19
C THR D 74 -10.49 -66.53 -57.52
N ILE D 75 -11.40 -67.18 -58.23
CA ILE D 75 -12.02 -68.40 -57.75
C ILE D 75 -11.42 -69.57 -58.54
N SER D 76 -10.74 -70.47 -57.84
CA SER D 76 -10.07 -71.57 -58.54
C SER D 76 -11.06 -72.50 -59.23
N ARG D 77 -12.19 -72.79 -58.57
CA ARG D 77 -13.20 -73.69 -59.10
C ARG D 77 -14.55 -72.98 -59.05
N LEU D 78 -15.31 -73.06 -60.14
CA LEU D 78 -16.59 -72.38 -60.25
C LEU D 78 -17.74 -73.38 -60.22
N GLU D 79 -18.76 -73.07 -59.43
CA GLU D 79 -19.94 -73.90 -59.26
C GLU D 79 -21.18 -73.06 -59.51
N PRO D 80 -22.34 -73.68 -59.76
CA PRO D 80 -23.53 -72.88 -60.05
C PRO D 80 -23.88 -71.95 -58.91
N GLU D 81 -23.70 -72.42 -57.68
CA GLU D 81 -23.94 -71.59 -56.51
C GLU D 81 -23.03 -70.38 -56.50
N ASP D 82 -21.81 -70.54 -57.00
CA ASP D 82 -20.83 -69.45 -56.98
C ASP D 82 -21.32 -68.24 -57.79
N PHE D 83 -22.03 -68.47 -58.90
CA PHE D 83 -22.42 -67.34 -59.74
C PHE D 83 -23.25 -66.37 -58.93
N ALA D 84 -22.82 -65.11 -58.89
CA ALA D 84 -23.49 -64.06 -58.11
C ALA D 84 -22.85 -62.72 -58.46
N VAL D 85 -23.44 -61.65 -57.93
CA VAL D 85 -22.87 -60.31 -58.08
C VAL D 85 -21.85 -60.12 -56.98
N TYR D 86 -20.65 -59.64 -57.33
CA TYR D 86 -19.56 -59.49 -56.38
C TYR D 86 -19.22 -58.01 -56.21
N TYR D 87 -19.16 -57.54 -54.97
CA TYR D 87 -18.85 -56.15 -54.66
C TYR D 87 -17.59 -56.06 -53.82
N CYS D 88 -16.66 -55.16 -54.16
CA CYS D 88 -15.49 -54.94 -53.33
C CYS D 88 -15.62 -53.62 -52.58
N GLN D 89 -15.40 -53.64 -51.26
CA GLN D 89 -15.55 -52.43 -50.45
C GLN D 89 -14.19 -52.08 -49.85
N GLN D 90 -13.87 -50.79 -49.78
CA GLN D 90 -12.62 -50.31 -49.23
C GLN D 90 -12.87 -49.65 -47.88
N TYR D 91 -12.18 -50.14 -46.85
CA TYR D 91 -12.26 -49.56 -45.52
C TYR D 91 -10.98 -48.86 -45.11
N GLY D 92 -10.04 -48.67 -46.03
CA GLY D 92 -8.80 -48.01 -45.70
C GLY D 92 -9.00 -46.58 -45.25
N SER D 93 -9.89 -45.84 -45.92
CA SER D 93 -10.11 -44.44 -45.62
C SER D 93 -11.60 -44.13 -45.53
N SER D 94 -11.96 -43.31 -44.55
CA SER D 94 -13.33 -42.86 -44.40
C SER D 94 -13.69 -41.85 -45.49
N PRO D 95 -14.97 -41.80 -45.90
CA PRO D 95 -16.02 -42.79 -45.66
C PRO D 95 -15.77 -44.08 -46.42
N ARG D 96 -16.17 -45.21 -45.87
CA ARG D 96 -16.01 -46.47 -46.58
C ARG D 96 -16.87 -46.46 -47.84
N THR D 97 -16.34 -47.01 -48.93
CA THR D 97 -17.01 -46.97 -50.22
C THR D 97 -17.13 -48.38 -50.79
N PHE D 98 -18.13 -48.56 -51.64
CA PHE D 98 -18.37 -49.83 -52.31
C PHE D 98 -18.26 -49.64 -53.83
N GLY D 99 -17.67 -50.62 -54.51
CA GLY D 99 -17.55 -50.57 -55.94
C GLY D 99 -18.88 -50.79 -56.64
N GLN D 100 -18.95 -50.42 -57.92
CA GLN D 100 -20.21 -50.55 -58.65
C GLN D 100 -20.69 -52.00 -58.69
N GLY D 101 -19.76 -52.94 -58.79
CA GLY D 101 -20.08 -54.36 -58.74
C GLY D 101 -19.89 -55.03 -60.09
N THR D 102 -19.64 -56.34 -60.02
CA THR D 102 -19.48 -57.19 -61.20
C THR D 102 -20.37 -58.41 -61.08
N LYS D 103 -20.97 -58.82 -62.19
CA LYS D 103 -21.83 -59.99 -62.23
C LYS D 103 -21.12 -61.12 -62.97
N VAL D 104 -21.05 -62.29 -62.34
CA VAL D 104 -20.48 -63.49 -62.96
C VAL D 104 -21.64 -64.31 -63.51
N GLU D 105 -21.59 -64.64 -64.80
CA GLU D 105 -22.69 -65.33 -65.45
C GLU D 105 -22.19 -66.54 -66.25
N ILE D 106 -23.14 -67.41 -66.55
CA ILE D 106 -22.88 -68.62 -67.33
C ILE D 106 -22.77 -68.27 -68.80
N LYS D 107 -21.99 -69.11 -69.49
CA LYS D 107 -21.77 -68.98 -70.92
C LYS D 107 -22.58 -70.05 -71.63
N ARG D 108 -23.39 -69.62 -72.59
CA ARG D 108 -24.20 -70.50 -73.39
C ARG D 108 -24.07 -70.17 -74.86
N THR D 109 -24.41 -71.12 -75.73
CA THR D 109 -24.26 -70.91 -77.17
C THR D 109 -25.08 -69.69 -77.59
N VAL D 110 -24.47 -68.81 -78.40
CA VAL D 110 -25.15 -67.59 -78.79
C VAL D 110 -26.38 -67.94 -79.63
N ALA D 111 -27.52 -67.32 -79.30
CA ALA D 111 -28.77 -67.58 -80.00
C ALA D 111 -29.47 -66.27 -80.38
N ALA D 112 -29.97 -66.22 -81.61
CA ALA D 112 -30.74 -65.07 -82.06
C ALA D 112 -32.05 -64.98 -81.29
N PRO D 113 -32.44 -63.80 -80.80
CA PRO D 113 -33.67 -63.67 -80.01
C PRO D 113 -34.93 -63.76 -80.83
N SER D 114 -35.97 -64.35 -80.24
CA SER D 114 -37.28 -64.38 -80.86
C SER D 114 -37.95 -63.05 -80.55
N VAL D 115 -38.44 -62.35 -81.57
CA VAL D 115 -39.00 -61.01 -81.40
C VAL D 115 -40.50 -61.03 -81.62
N PHE D 116 -41.26 -60.54 -80.64
CA PHE D 116 -42.71 -60.42 -80.72
C PHE D 116 -43.11 -58.97 -80.50
N ILE D 117 -43.97 -58.42 -81.35
CA ILE D 117 -44.50 -57.08 -81.20
C ILE D 117 -46.00 -57.16 -80.90
N PHE D 118 -46.44 -56.52 -79.82
CA PHE D 118 -47.85 -56.52 -79.45
C PHE D 118 -48.48 -55.15 -79.65
N PRO D 119 -49.50 -55.02 -80.51
CA PRO D 119 -50.18 -53.73 -80.64
C PRO D 119 -51.07 -53.45 -79.45
N PRO D 120 -51.30 -52.18 -79.13
CA PRO D 120 -52.12 -51.85 -77.94
C PRO D 120 -53.56 -52.33 -78.09
N SER D 121 -54.13 -52.78 -76.98
CA SER D 121 -55.50 -53.29 -76.97
C SER D 121 -56.51 -52.14 -77.06
N ASP D 122 -57.75 -52.47 -77.43
CA ASP D 122 -58.79 -51.45 -77.58
C ASP D 122 -59.07 -50.73 -76.26
N GLU D 123 -59.04 -51.47 -75.15
CA GLU D 123 -59.25 -50.86 -73.85
C GLU D 123 -58.16 -49.82 -73.55
N GLN D 124 -56.92 -50.09 -73.97
CA GLN D 124 -55.87 -49.09 -73.78
C GLN D 124 -56.19 -47.82 -74.55
N LEU D 125 -56.72 -47.94 -75.77
CA LEU D 125 -57.13 -46.77 -76.53
C LEU D 125 -58.25 -46.05 -75.81
N LYS D 126 -59.17 -46.80 -75.22
CA LYS D 126 -60.25 -46.19 -74.44
C LYS D 126 -59.68 -45.43 -73.25
N SER D 127 -58.65 -45.99 -72.62
CA SER D 127 -57.97 -45.33 -71.51
C SER D 127 -57.35 -44.00 -71.94
N GLY D 128 -56.84 -43.96 -73.18
CA GLY D 128 -56.16 -42.79 -73.72
C GLY D 128 -54.65 -42.88 -73.71
N THR D 129 -54.08 -43.94 -73.15
CA THR D 129 -52.65 -44.20 -73.18
C THR D 129 -52.42 -45.50 -73.91
N ALA D 130 -51.59 -45.48 -74.95
CA ALA D 130 -51.34 -46.65 -75.78
C ALA D 130 -49.93 -47.18 -75.53
N SER D 131 -49.83 -48.46 -75.19
CA SER D 131 -48.54 -49.09 -74.89
C SER D 131 -48.27 -50.19 -75.91
N VAL D 132 -47.11 -50.13 -76.56
CA VAL D 132 -46.67 -51.14 -77.51
C VAL D 132 -45.53 -51.90 -76.86
N VAL D 133 -45.62 -53.23 -76.81
CA VAL D 133 -44.65 -54.05 -76.12
C VAL D 133 -43.83 -54.86 -77.12
N CYS D 134 -42.50 -54.79 -77.00
CA CYS D 134 -41.59 -55.58 -77.81
C CYS D 134 -41.03 -56.69 -76.93
N LEU D 135 -41.15 -57.94 -77.39
CA LEU D 135 -40.74 -59.08 -76.58
C LEU D 135 -39.55 -59.80 -77.19
N LEU D 136 -38.51 -59.99 -76.40
CA LEU D 136 -37.35 -60.78 -76.79
C LEU D 136 -37.31 -62.01 -75.90
N ASN D 137 -37.23 -63.20 -76.49
CA ASN D 137 -37.30 -64.41 -75.68
C ASN D 137 -36.09 -65.31 -75.93
N ASN D 138 -35.52 -65.84 -74.85
CA ASN D 138 -34.43 -66.82 -74.90
C ASN D 138 -33.24 -66.36 -75.73
N PHE D 139 -32.77 -65.14 -75.48
CA PHE D 139 -31.60 -64.61 -76.16
C PHE D 139 -30.41 -64.44 -75.21
N TYR D 140 -29.27 -64.97 -75.62
CA TYR D 140 -28.01 -64.83 -74.89
C TYR D 140 -26.95 -64.38 -75.89
N PRO D 141 -26.11 -63.38 -75.56
CA PRO D 141 -25.91 -62.74 -74.25
C PRO D 141 -26.98 -61.72 -73.91
N ARG D 142 -26.97 -61.25 -72.65
CA ARG D 142 -27.96 -60.29 -72.20
C ARG D 142 -27.89 -58.99 -73.00
N GLU D 143 -26.69 -58.54 -73.34
CA GLU D 143 -26.54 -57.26 -74.02
C GLU D 143 -27.30 -57.26 -75.34
N ALA D 144 -28.12 -56.24 -75.55
CA ALA D 144 -28.91 -56.11 -76.77
C ALA D 144 -29.30 -54.65 -76.96
N LYS D 145 -29.65 -54.30 -78.20
CA LYS D 145 -30.09 -52.96 -78.56
C LYS D 145 -31.52 -52.99 -79.06
N VAL D 146 -32.38 -52.18 -78.47
CA VAL D 146 -33.77 -52.04 -78.92
C VAL D 146 -34.02 -50.61 -79.37
N GLN D 147 -34.45 -50.43 -80.62
CA GLN D 147 -34.76 -49.13 -81.18
C GLN D 147 -36.18 -49.14 -81.70
N TRP D 148 -36.96 -48.11 -81.38
CA TRP D 148 -38.32 -47.99 -81.90
C TRP D 148 -38.31 -47.07 -83.11
N LYS D 149 -38.77 -47.58 -84.26
CA LYS D 149 -38.91 -46.76 -85.46
C LYS D 149 -40.40 -46.49 -85.69
N VAL D 150 -40.81 -45.23 -85.58
CA VAL D 150 -42.18 -44.81 -85.85
C VAL D 150 -42.15 -44.00 -87.14
N ASP D 151 -42.90 -44.47 -88.15
CA ASP D 151 -42.87 -43.86 -89.48
C ASP D 151 -41.43 -43.82 -89.99
N ASN D 152 -40.69 -44.92 -89.73
CA ASN D 152 -39.30 -45.08 -90.13
C ASN D 152 -38.38 -44.04 -89.49
N ALA D 153 -38.69 -43.62 -88.26
CA ALA D 153 -37.86 -42.69 -87.51
C ALA D 153 -37.55 -43.27 -86.12
N LEU D 154 -36.27 -43.29 -85.75
CA LEU D 154 -35.87 -43.79 -84.45
C LEU D 154 -36.41 -42.91 -83.34
N GLN D 155 -36.85 -43.53 -82.25
CA GLN D 155 -37.40 -42.82 -81.10
C GLN D 155 -36.52 -43.10 -79.87
N SER D 156 -36.13 -42.04 -79.16
CA SER D 156 -35.22 -42.16 -78.02
C SER D 156 -35.82 -41.52 -76.77
N GLY D 157 -35.71 -42.23 -75.63
CA GLY D 157 -36.14 -41.73 -74.34
C GLY D 157 -37.61 -41.87 -74.04
N ASN D 158 -38.38 -42.44 -74.97
CA ASN D 158 -39.81 -42.65 -74.81
C ASN D 158 -40.17 -44.10 -74.49
N SER D 159 -39.19 -44.95 -74.20
CA SER D 159 -39.41 -46.37 -73.96
C SER D 159 -38.66 -46.82 -72.71
N GLN D 160 -39.20 -47.85 -72.05
CA GLN D 160 -38.59 -48.46 -70.87
C GLN D 160 -38.35 -49.95 -71.13
N GLU D 161 -37.15 -50.43 -70.79
CA GLU D 161 -36.76 -51.82 -71.07
C GLU D 161 -36.55 -52.60 -69.78
N SER D 162 -37.11 -53.81 -69.73
CA SER D 162 -36.97 -54.71 -68.58
C SER D 162 -36.34 -56.04 -69.00
N VAL D 163 -35.30 -56.47 -68.28
CA VAL D 163 -34.61 -57.73 -68.59
C VAL D 163 -34.76 -58.69 -67.42
N THR D 164 -35.21 -59.91 -67.71
CA THR D 164 -35.31 -60.94 -66.67
C THR D 164 -33.94 -61.49 -66.33
N GLU D 165 -33.82 -62.08 -65.14
CA GLU D 165 -32.58 -62.71 -64.74
C GLU D 165 -32.37 -63.98 -65.57
N GLN D 166 -31.12 -64.42 -65.68
CA GLN D 166 -30.81 -65.55 -66.54
C GLN D 166 -31.65 -66.78 -66.14
N ASP D 167 -32.28 -67.40 -67.14
CA ASP D 167 -33.13 -68.55 -66.87
C ASP D 167 -32.27 -69.76 -66.55
N SER D 168 -32.64 -70.49 -65.49
CA SER D 168 -31.81 -71.61 -65.05
C SER D 168 -31.75 -72.72 -66.10
N LYS D 169 -32.89 -73.06 -66.71
CA LYS D 169 -32.90 -74.21 -67.61
C LYS D 169 -32.03 -74.03 -68.84
N ASP D 170 -32.10 -72.87 -69.50
CA ASP D 170 -31.37 -72.68 -70.75
C ASP D 170 -30.30 -71.61 -70.70
N SER D 171 -30.09 -70.97 -69.55
CA SER D 171 -29.11 -69.89 -69.41
C SER D 171 -29.34 -68.76 -70.42
N THR D 172 -30.60 -68.36 -70.59
CA THR D 172 -30.95 -67.34 -71.56
C THR D 172 -31.70 -66.20 -70.88
N TYR D 173 -31.68 -65.03 -71.52
CA TYR D 173 -32.31 -63.83 -70.99
C TYR D 173 -33.50 -63.43 -71.85
N SER D 174 -34.48 -62.76 -71.24
CA SER D 174 -35.64 -62.24 -71.95
C SER D 174 -35.76 -60.74 -71.69
N LEU D 175 -35.98 -59.96 -72.75
CA LEU D 175 -36.05 -58.51 -72.62
C LEU D 175 -37.39 -58.00 -73.14
N SER D 176 -38.04 -57.12 -72.37
CA SER D 176 -39.28 -56.47 -72.80
C SER D 176 -39.09 -54.96 -72.84
N SER D 177 -39.41 -54.34 -73.98
CA SER D 177 -39.37 -52.89 -74.13
C SER D 177 -40.76 -52.36 -74.41
N THR D 178 -41.18 -51.33 -73.66
CA THR D 178 -42.52 -50.77 -73.78
C THR D 178 -42.47 -49.33 -74.30
N LEU D 179 -43.22 -49.06 -75.37
CA LEU D 179 -43.30 -47.72 -75.94
C LEU D 179 -44.58 -47.06 -75.48
N THR D 180 -44.48 -45.88 -74.86
CA THR D 180 -45.64 -45.19 -74.31
C THR D 180 -46.05 -44.04 -75.22
N LEU D 181 -47.27 -44.08 -75.71
CA LEU D 181 -47.80 -43.05 -76.59
C LEU D 181 -49.17 -42.62 -76.10
N SER D 182 -49.49 -41.34 -76.28
CA SER D 182 -50.83 -40.88 -75.94
C SER D 182 -51.79 -41.36 -77.02
N LYS D 183 -53.09 -41.34 -76.70
CA LYS D 183 -54.05 -41.85 -77.67
C LYS D 183 -53.94 -41.08 -78.98
N ALA D 184 -53.85 -39.75 -78.87
CA ALA D 184 -53.66 -38.93 -80.07
C ALA D 184 -52.33 -39.24 -80.72
N ASP D 185 -51.27 -39.41 -79.90
CA ASP D 185 -49.94 -39.65 -80.44
C ASP D 185 -49.93 -40.96 -81.20
N TYR D 186 -50.56 -41.99 -80.64
CA TYR D 186 -50.66 -43.26 -81.33
C TYR D 186 -51.44 -43.10 -82.62
N GLU D 187 -52.54 -42.34 -82.58
CA GLU D 187 -53.36 -42.15 -83.77
C GLU D 187 -52.63 -41.39 -84.87
N LYS D 188 -51.77 -40.43 -84.50
CA LYS D 188 -51.16 -39.58 -85.52
C LYS D 188 -50.29 -40.36 -86.52
N HIS D 189 -49.51 -41.35 -86.07
CA HIS D 189 -48.58 -42.05 -86.93
C HIS D 189 -49.09 -43.46 -87.27
N LYS D 190 -49.24 -43.73 -88.57
CA LYS D 190 -49.75 -45.03 -89.03
C LYS D 190 -48.79 -46.19 -88.76
N VAL D 191 -47.48 -46.00 -88.94
CA VAL D 191 -46.52 -47.10 -88.88
C VAL D 191 -45.78 -47.14 -87.55
N TYR D 192 -45.81 -48.30 -86.90
CA TYR D 192 -45.06 -48.58 -85.67
C TYR D 192 -44.16 -49.79 -85.86
N ALA D 193 -42.85 -49.64 -85.58
CA ALA D 193 -41.88 -50.70 -85.82
C ALA D 193 -40.83 -50.71 -84.72
N CYS D 194 -40.26 -51.90 -84.44
CA CYS D 194 -39.18 -52.05 -83.48
CA CYS D 194 -39.18 -52.05 -83.48
C CYS D 194 -37.98 -52.81 -84.04
N GLU D 195 -36.79 -52.21 -83.96
CA GLU D 195 -35.57 -52.82 -84.50
C GLU D 195 -34.74 -53.37 -83.34
N VAL D 196 -34.34 -54.64 -83.43
CA VAL D 196 -33.52 -55.28 -82.41
C VAL D 196 -32.17 -55.70 -83.01
N THR D 197 -31.09 -55.33 -82.33
CA THR D 197 -29.74 -55.72 -82.75
C THR D 197 -29.13 -56.65 -81.71
N HIS D 198 -28.69 -57.84 -82.15
CA HIS D 198 -28.13 -58.84 -81.25
C HIS D 198 -27.00 -59.59 -81.94
N GLN D 199 -26.11 -60.18 -81.13
CA GLN D 199 -24.99 -60.92 -81.70
C GLN D 199 -25.49 -62.11 -82.51
N GLY D 200 -26.50 -62.81 -81.99
CA GLY D 200 -27.03 -63.97 -82.69
C GLY D 200 -27.64 -63.60 -84.03
N LEU D 201 -28.35 -62.48 -84.07
CA LEU D 201 -28.98 -62.03 -85.30
C LEU D 201 -27.92 -61.72 -86.34
N SER D 202 -28.10 -62.21 -87.56
CA SER D 202 -27.17 -61.86 -88.63
C SER D 202 -27.22 -60.37 -88.93
N SER D 203 -28.41 -59.81 -88.96
CA SER D 203 -28.61 -58.39 -89.22
C SER D 203 -29.67 -57.88 -88.25
N PRO D 204 -29.68 -56.57 -87.97
CA PRO D 204 -30.75 -56.03 -87.11
C PRO D 204 -32.11 -56.29 -87.75
N VAL D 205 -33.06 -56.76 -86.96
CA VAL D 205 -34.37 -57.16 -87.47
C VAL D 205 -35.41 -56.15 -86.98
N THR D 206 -36.24 -55.69 -87.89
CA THR D 206 -37.32 -54.76 -87.58
C THR D 206 -38.67 -55.46 -87.72
N LYS D 207 -39.49 -55.43 -86.66
CA LYS D 207 -40.83 -55.97 -86.71
C LYS D 207 -41.80 -54.78 -86.69
N SER D 208 -42.65 -54.68 -87.70
CA SER D 208 -43.52 -53.52 -87.86
C SER D 208 -44.98 -53.93 -87.93
N PHE D 209 -45.84 -53.24 -87.16
CA PHE D 209 -47.27 -53.44 -87.25
C PHE D 209 -47.93 -52.11 -87.64
N ASN D 210 -48.77 -52.14 -88.66
CA ASN D 210 -49.51 -50.95 -89.06
C ASN D 210 -50.59 -50.63 -88.03
N ARG D 211 -50.87 -49.33 -87.86
CA ARG D 211 -51.82 -48.93 -86.83
C ARG D 211 -53.21 -49.48 -87.12
N GLY D 212 -53.86 -49.99 -86.08
CA GLY D 212 -55.20 -50.55 -86.22
C GLY D 212 -55.26 -51.70 -87.19
N GLU D 213 -54.22 -52.53 -87.22
CA GLU D 213 -54.18 -53.72 -88.07
C GLU D 213 -54.47 -53.36 -89.53
N CYS D 214 -53.87 -52.27 -89.98
CA CYS D 214 -54.05 -51.82 -91.36
C CYS D 214 -53.35 -52.75 -92.34
N ASP E 1 -27.76 -68.17 -32.79
CA ASP E 1 -28.60 -67.40 -33.69
C ASP E 1 -27.86 -66.19 -34.24
N VAL E 2 -26.88 -66.45 -35.11
CA VAL E 2 -26.07 -65.36 -35.67
C VAL E 2 -26.94 -64.39 -36.46
N HIS E 3 -27.95 -64.92 -37.14
CA HIS E 3 -28.79 -64.12 -38.02
C HIS E 3 -29.46 -62.96 -37.28
N LEU E 4 -29.53 -61.80 -37.96
CA LEU E 4 -30.13 -60.59 -37.42
C LEU E 4 -31.42 -60.29 -38.16
N VAL E 5 -32.49 -60.00 -37.41
CA VAL E 5 -33.82 -59.76 -37.96
C VAL E 5 -34.16 -58.27 -37.84
N GLU E 6 -34.66 -57.69 -38.94
CA GLU E 6 -34.97 -56.26 -38.99
C GLU E 6 -36.40 -56.01 -39.43
N SER E 7 -36.91 -54.84 -39.05
CA SER E 7 -38.29 -54.47 -39.34
C SER E 7 -38.41 -52.96 -39.33
N GLY E 8 -39.57 -52.47 -39.72
CA GLY E 8 -39.87 -51.05 -39.71
C GLY E 8 -39.79 -50.36 -41.06
N GLY E 9 -39.31 -51.05 -42.09
CA GLY E 9 -39.32 -50.45 -43.43
C GLY E 9 -40.74 -50.35 -43.97
N GLY E 10 -41.09 -49.19 -44.49
CA GLY E 10 -42.46 -48.99 -44.95
C GLY E 10 -42.57 -47.84 -45.92
N LEU E 11 -43.72 -47.79 -46.58
CA LEU E 11 -44.01 -46.68 -47.47
C LEU E 11 -44.10 -45.40 -46.64
N ILE E 12 -43.48 -44.32 -47.13
CA ILE E 12 -43.57 -43.04 -46.45
C ILE E 12 -43.71 -41.92 -47.47
N GLN E 13 -44.41 -40.86 -47.09
CA GLN E 13 -44.53 -39.68 -47.93
C GLN E 13 -43.19 -38.93 -47.90
N PRO E 14 -42.89 -38.12 -48.92
CA PRO E 14 -41.59 -37.43 -48.91
C PRO E 14 -41.51 -36.49 -47.73
N GLY E 15 -40.36 -36.47 -47.07
CA GLY E 15 -40.17 -35.69 -45.88
C GLY E 15 -40.66 -36.37 -44.62
N GLY E 16 -41.15 -37.60 -44.75
CA GLY E 16 -41.64 -38.34 -43.60
C GLY E 16 -40.52 -38.85 -42.73
N SER E 17 -40.87 -39.18 -41.48
CA SER E 17 -39.91 -39.74 -40.54
C SER E 17 -40.23 -41.19 -40.26
N LEU E 18 -39.22 -42.06 -40.40
CA LEU E 18 -39.36 -43.49 -40.20
C LEU E 18 -38.20 -44.00 -39.34
N ARG E 19 -38.48 -45.04 -38.54
CA ARG E 19 -37.46 -45.68 -37.73
C ARG E 19 -37.36 -47.14 -38.11
N LEU E 20 -36.13 -47.60 -38.35
CA LEU E 20 -35.86 -48.99 -38.68
C LEU E 20 -35.22 -49.68 -37.49
N SER E 21 -35.78 -50.80 -37.05
CA SER E 21 -35.32 -51.52 -35.87
C SER E 21 -34.67 -52.83 -36.27
N CYS E 22 -33.44 -53.05 -35.84
CA CYS E 22 -32.72 -54.29 -36.09
C CYS E 22 -32.46 -55.02 -34.77
N ALA E 23 -32.98 -56.24 -34.65
CA ALA E 23 -32.81 -57.03 -33.44
C ALA E 23 -31.61 -57.95 -33.58
N ALA E 24 -30.73 -57.95 -32.58
CA ALA E 24 -29.52 -58.75 -32.61
C ALA E 24 -29.65 -59.94 -31.67
N SER E 25 -29.41 -61.14 -32.18
CA SER E 25 -29.50 -62.36 -31.40
C SER E 25 -28.10 -62.95 -31.25
N GLU E 26 -27.73 -63.30 -30.02
CA GLU E 26 -26.42 -63.86 -29.70
C GLU E 26 -25.32 -62.84 -29.91
N PHE E 27 -25.70 -61.56 -29.97
CA PHE E 27 -24.78 -60.45 -30.12
C PHE E 27 -25.17 -59.39 -29.10
N ILE E 28 -24.19 -58.69 -28.56
CA ILE E 28 -24.45 -57.57 -27.67
C ILE E 28 -24.42 -56.31 -28.50
N VAL E 29 -25.55 -55.61 -28.56
CA VAL E 29 -25.63 -54.43 -29.43
C VAL E 29 -24.64 -53.37 -28.98
N SER E 30 -24.53 -53.15 -27.67
CA SER E 30 -23.64 -52.14 -27.14
C SER E 30 -22.18 -52.50 -27.41
N ALA E 31 -21.82 -53.76 -27.16
CA ALA E 31 -20.42 -54.16 -27.32
C ALA E 31 -19.99 -54.16 -28.79
N ASN E 32 -20.84 -54.68 -29.67
CA ASN E 32 -20.48 -54.82 -31.08
C ASN E 32 -20.57 -53.48 -31.80
N TYR E 33 -19.82 -53.36 -32.89
CA TYR E 33 -19.94 -52.18 -33.74
C TYR E 33 -21.08 -52.48 -34.71
N MET E 34 -22.13 -51.67 -34.68
CA MET E 34 -23.30 -51.92 -35.50
C MET E 34 -23.42 -50.86 -36.59
N SER E 35 -23.57 -51.30 -37.84
CA SER E 35 -23.60 -50.38 -38.97
C SER E 35 -24.82 -50.62 -39.84
N TRP E 36 -25.33 -49.56 -40.44
CA TRP E 36 -26.44 -49.65 -41.38
C TRP E 36 -25.94 -49.35 -42.79
N VAL E 37 -26.20 -50.26 -43.73
CA VAL E 37 -25.83 -50.07 -45.13
C VAL E 37 -27.08 -50.19 -45.98
N ARG E 38 -27.29 -49.24 -46.88
CA ARG E 38 -28.47 -49.22 -47.73
C ARG E 38 -28.08 -49.52 -49.17
N GLN E 39 -28.85 -50.39 -49.83
CA GLN E 39 -28.64 -50.66 -51.24
C GLN E 39 -29.83 -50.14 -52.03
N ALA E 40 -29.59 -49.17 -52.90
CA ALA E 40 -30.65 -48.68 -53.77
C ALA E 40 -30.96 -49.76 -54.81
N PRO E 41 -32.22 -49.93 -55.20
CA PRO E 41 -32.54 -51.01 -56.14
C PRO E 41 -31.75 -50.83 -57.43
N GLY E 42 -31.11 -51.91 -57.87
CA GLY E 42 -30.24 -51.85 -59.03
C GLY E 42 -29.11 -50.86 -58.87
N GLU E 43 -28.60 -50.71 -57.64
CA GLU E 43 -27.56 -49.75 -57.34
C GLU E 43 -26.57 -50.37 -56.37
N GLY E 44 -25.36 -49.80 -56.33
CA GLY E 44 -24.35 -50.30 -55.41
C GLY E 44 -24.66 -49.97 -53.96
N LEU E 45 -24.13 -50.81 -53.07
CA LEU E 45 -24.33 -50.62 -51.63
C LEU E 45 -23.71 -49.31 -51.16
N GLN E 46 -24.42 -48.59 -50.30
CA GLN E 46 -23.93 -47.35 -49.72
C GLN E 46 -23.97 -47.41 -48.20
N TRP E 47 -22.83 -47.15 -47.55
CA TRP E 47 -22.78 -47.11 -46.09
C TRP E 47 -23.57 -45.93 -45.57
N VAL E 48 -24.42 -46.16 -44.57
CA VAL E 48 -25.27 -45.10 -44.03
C VAL E 48 -24.75 -44.58 -42.70
N SER E 49 -24.54 -45.47 -41.73
CA SER E 49 -24.13 -45.05 -40.41
C SER E 49 -23.43 -46.21 -39.70
N VAL E 50 -22.61 -45.86 -38.71
CA VAL E 50 -21.97 -46.85 -37.85
C VAL E 50 -22.03 -46.33 -36.42
N ILE E 51 -22.24 -47.22 -35.46
CA ILE E 51 -22.23 -46.85 -34.04
C ILE E 51 -21.13 -47.64 -33.34
N TYR E 52 -20.25 -46.93 -32.65
CA TYR E 52 -19.12 -47.52 -31.94
C TYR E 52 -19.61 -48.14 -30.64
N PRO E 53 -18.84 -49.08 -30.06
CA PRO E 53 -19.22 -49.61 -28.75
C PRO E 53 -19.30 -48.53 -27.69
N GLY E 54 -18.40 -47.55 -27.76
CA GLY E 54 -18.44 -46.42 -26.85
C GLY E 54 -19.69 -45.59 -27.01
N GLY E 55 -20.31 -45.64 -28.18
CA GLY E 55 -21.51 -44.89 -28.49
C GLY E 55 -21.30 -43.72 -29.43
N SER E 56 -20.08 -43.49 -29.90
CA SER E 56 -19.86 -42.45 -30.89
C SER E 56 -20.58 -42.83 -32.19
N THR E 57 -21.18 -41.83 -32.83
CA THR E 57 -21.98 -42.08 -34.03
C THR E 57 -21.36 -41.36 -35.23
N PHE E 58 -21.17 -42.08 -36.33
CA PHE E 58 -20.65 -41.52 -37.57
C PHE E 58 -21.64 -41.79 -38.70
N TYR E 59 -21.88 -40.79 -39.54
CA TYR E 59 -22.87 -40.91 -40.61
C TYR E 59 -22.27 -40.48 -41.94
N ALA E 60 -22.90 -40.92 -43.02
CA ALA E 60 -22.49 -40.51 -44.36
C ALA E 60 -22.79 -39.03 -44.54
N GLU E 61 -22.03 -38.37 -45.41
CA GLU E 61 -22.16 -36.92 -45.56
C GLU E 61 -23.56 -36.53 -46.01
N SER E 62 -24.09 -37.22 -47.02
CA SER E 62 -25.47 -36.94 -47.44
C SER E 62 -26.44 -37.33 -46.34
N VAL E 63 -26.20 -38.49 -45.73
CA VAL E 63 -27.07 -39.01 -44.69
C VAL E 63 -27.07 -38.13 -43.44
N LYS E 64 -25.92 -37.56 -43.08
CA LYS E 64 -25.80 -36.82 -41.83
C LYS E 64 -26.73 -35.61 -41.81
N GLY E 65 -27.28 -35.33 -40.63
CA GLY E 65 -28.18 -34.22 -40.45
C GLY E 65 -29.64 -34.60 -40.61
N ARG E 66 -29.91 -35.79 -41.13
CA ARG E 66 -31.26 -36.30 -41.29
C ARG E 66 -31.45 -37.66 -40.63
N PHE E 67 -30.38 -38.33 -40.23
CA PHE E 67 -30.42 -39.68 -39.70
C PHE E 67 -29.76 -39.72 -38.32
N THR E 68 -30.37 -40.45 -37.38
CA THR E 68 -29.79 -40.65 -36.06
C THR E 68 -29.78 -42.15 -35.74
N ILE E 69 -28.70 -42.63 -35.14
CA ILE E 69 -28.54 -44.04 -34.80
C ILE E 69 -28.51 -44.20 -33.28
N SER E 70 -29.37 -45.07 -32.76
CA SER E 70 -29.46 -45.32 -31.31
C SER E 70 -29.57 -46.81 -31.05
N ARG E 71 -29.09 -47.24 -29.88
CA ARG E 71 -29.09 -48.65 -29.50
C ARG E 71 -29.84 -48.84 -28.19
N ASP E 72 -30.71 -49.85 -28.13
CA ASP E 72 -31.42 -50.21 -26.91
C ASP E 72 -30.87 -51.51 -26.36
N ASN E 73 -30.27 -51.45 -25.17
CA ASN E 73 -29.73 -52.66 -24.54
C ASN E 73 -30.83 -53.64 -24.13
N SER E 74 -31.97 -53.11 -23.66
CA SER E 74 -33.01 -53.99 -23.13
C SER E 74 -33.55 -54.95 -24.18
N ARG E 75 -33.79 -54.46 -25.40
CA ARG E 75 -34.25 -55.32 -26.48
C ARG E 75 -33.12 -55.76 -27.39
N ASN E 76 -31.89 -55.31 -27.13
CA ASN E 76 -30.73 -55.60 -27.98
C ASN E 76 -31.03 -55.21 -29.42
N THR E 77 -31.68 -54.07 -29.60
CA THR E 77 -32.13 -53.61 -30.91
C THR E 77 -31.47 -52.31 -31.29
N LEU E 78 -30.96 -52.25 -32.52
CA LEU E 78 -30.37 -51.02 -33.05
C LEU E 78 -31.44 -50.28 -33.84
N TYR E 79 -31.67 -49.01 -33.50
CA TYR E 79 -32.72 -48.23 -34.12
C TYR E 79 -32.10 -47.12 -34.98
N LEU E 80 -32.54 -47.02 -36.22
CA LEU E 80 -32.13 -45.94 -37.11
C LEU E 80 -33.33 -45.03 -37.35
N GLN E 81 -33.21 -43.75 -37.00
CA GLN E 81 -34.30 -42.80 -37.17
C GLN E 81 -33.97 -41.88 -38.32
N MET E 82 -34.86 -41.81 -39.31
CA MET E 82 -34.63 -41.00 -40.49
C MET E 82 -35.69 -39.91 -40.56
N ASN E 83 -35.27 -38.67 -40.78
CA ASN E 83 -36.18 -37.54 -40.84
C ASN E 83 -35.94 -36.79 -42.13
N SER E 84 -36.98 -36.08 -42.59
CA SER E 84 -36.92 -35.34 -43.86
C SER E 84 -36.44 -36.25 -44.99
N LEU E 85 -37.05 -37.42 -45.08
CA LEU E 85 -36.62 -38.43 -46.05
C LEU E 85 -36.75 -37.90 -47.47
N ARG E 86 -35.80 -38.28 -48.32
CA ARG E 86 -35.74 -37.83 -49.70
C ARG E 86 -35.97 -39.01 -50.64
N ALA E 87 -36.33 -38.70 -51.89
CA ALA E 87 -36.66 -39.77 -52.84
C ALA E 87 -35.46 -40.67 -53.10
N GLU E 88 -34.25 -40.11 -53.15
CA GLU E 88 -33.06 -40.90 -53.41
C GLU E 88 -32.81 -41.94 -52.34
N ASP E 89 -33.32 -41.69 -51.13
CA ASP E 89 -33.11 -42.59 -50.00
C ASP E 89 -33.71 -43.97 -50.23
N THR E 90 -34.64 -44.11 -51.17
CA THR E 90 -35.33 -45.39 -51.37
C THR E 90 -34.32 -46.51 -51.59
N GLY E 91 -34.54 -47.62 -50.89
CA GLY E 91 -33.66 -48.77 -51.02
C GLY E 91 -33.95 -49.78 -49.92
N VAL E 92 -33.09 -50.80 -49.86
CA VAL E 92 -33.17 -51.82 -48.82
C VAL E 92 -32.04 -51.58 -47.83
N TYR E 93 -32.38 -51.47 -46.55
CA TYR E 93 -31.42 -51.17 -45.51
C TYR E 93 -31.04 -52.45 -44.77
N TYR E 94 -29.73 -52.70 -44.62
CA TYR E 94 -29.24 -53.89 -43.94
C TYR E 94 -28.48 -53.48 -42.70
N CYS E 95 -28.79 -54.07 -41.55
CA CYS E 95 -27.99 -53.83 -40.36
C CYS E 95 -26.89 -54.88 -40.36
N ALA E 96 -25.64 -54.45 -40.36
CA ALA E 96 -24.54 -55.39 -40.50
C ALA E 96 -23.60 -55.30 -39.30
N ARG E 97 -23.28 -56.44 -38.69
CA ARG E 97 -22.29 -56.44 -37.64
C ARG E 97 -20.97 -56.03 -38.26
N ASP E 98 -20.25 -55.13 -37.61
CA ASP E 98 -19.03 -54.59 -38.17
C ASP E 98 -17.84 -54.95 -37.29
N TYR E 99 -16.77 -55.44 -37.90
CA TYR E 99 -15.55 -55.71 -37.16
C TYR E 99 -14.79 -54.40 -37.05
N GLY E 100 -14.73 -53.86 -35.84
CA GLY E 100 -14.15 -52.52 -35.69
C GLY E 100 -14.91 -51.58 -36.59
N ASP E 101 -14.17 -50.79 -37.36
CA ASP E 101 -14.77 -49.91 -38.36
C ASP E 101 -14.34 -50.32 -39.75
N PHE E 102 -14.01 -51.60 -39.94
CA PHE E 102 -13.44 -52.04 -41.20
C PHE E 102 -14.43 -52.83 -42.07
N TYR E 103 -14.64 -54.10 -41.78
CA TYR E 103 -15.44 -54.97 -42.63
C TYR E 103 -16.65 -55.50 -41.88
N PHE E 104 -17.75 -55.67 -42.61
CA PHE E 104 -19.01 -56.17 -42.05
C PHE E 104 -19.01 -57.68 -42.07
N ASP E 105 -18.73 -58.31 -40.92
CA ASP E 105 -18.64 -59.77 -40.87
C ASP E 105 -19.97 -60.43 -41.17
N TYR E 106 -21.06 -59.92 -40.60
CA TYR E 106 -22.37 -60.54 -40.75
C TYR E 106 -23.37 -59.48 -41.19
N TRP E 107 -24.37 -59.90 -41.96
CA TRP E 107 -25.36 -58.99 -42.52
C TRP E 107 -26.77 -59.43 -42.15
N GLY E 108 -27.64 -58.47 -41.89
CA GLY E 108 -29.03 -58.75 -41.59
C GLY E 108 -29.83 -59.08 -42.83
N GLN E 109 -31.04 -59.63 -42.62
CA GLN E 109 -31.86 -60.03 -43.76
C GLN E 109 -32.20 -58.85 -44.66
N GLY E 110 -32.47 -57.70 -44.07
CA GLY E 110 -32.76 -56.49 -44.82
C GLY E 110 -34.23 -56.11 -44.78
N THR E 111 -34.49 -54.80 -44.92
CA THR E 111 -35.85 -54.28 -44.94
C THR E 111 -35.92 -53.22 -46.04
N LEU E 112 -37.10 -53.09 -46.65
CA LEU E 112 -37.31 -52.19 -47.78
C LEU E 112 -38.08 -50.96 -47.33
N VAL E 113 -37.50 -49.78 -47.55
CA VAL E 113 -38.17 -48.50 -47.25
C VAL E 113 -38.34 -47.70 -48.53
N THR E 114 -39.55 -47.21 -48.77
CA THR E 114 -39.90 -46.45 -49.96
C THR E 114 -40.28 -45.02 -49.58
N VAL E 115 -39.71 -44.05 -50.29
CA VAL E 115 -39.95 -42.64 -50.03
C VAL E 115 -40.66 -42.05 -51.25
N SER E 116 -41.41 -40.97 -51.01
CA SER E 116 -42.22 -40.31 -52.05
C SER E 116 -43.21 -41.29 -52.67
N SER E 117 -43.75 -42.17 -51.83
CA SER E 117 -44.67 -43.21 -52.30
C SER E 117 -45.97 -42.63 -52.82
N ALA E 118 -46.42 -43.14 -53.97
CA ALA E 118 -47.70 -42.73 -54.50
C ALA E 118 -48.81 -43.47 -53.75
N SER E 119 -50.04 -42.99 -53.90
CA SER E 119 -51.16 -43.68 -53.29
C SER E 119 -51.29 -45.09 -53.87
N THR E 120 -51.60 -46.06 -53.02
CA THR E 120 -51.71 -47.44 -53.47
C THR E 120 -52.80 -47.55 -54.53
N LYS E 121 -52.48 -48.21 -55.65
CA LYS E 121 -53.42 -48.29 -56.76
C LYS E 121 -53.62 -49.74 -57.15
N GLY E 122 -54.88 -50.13 -57.36
CA GLY E 122 -55.19 -51.48 -57.79
C GLY E 122 -54.62 -51.75 -59.17
N PRO E 123 -54.08 -52.96 -59.37
CA PRO E 123 -53.46 -53.27 -60.65
C PRO E 123 -54.47 -53.30 -61.79
N SER E 124 -54.07 -52.76 -62.93
CA SER E 124 -54.88 -52.81 -64.14
C SER E 124 -54.19 -53.72 -65.15
N VAL E 125 -54.86 -54.78 -65.57
CA VAL E 125 -54.25 -55.77 -66.44
C VAL E 125 -54.87 -55.65 -67.83
N PHE E 126 -54.04 -55.49 -68.84
CA PHE E 126 -54.53 -55.42 -70.20
C PHE E 126 -53.91 -56.52 -71.05
N PRO E 127 -54.72 -57.36 -71.71
CA PRO E 127 -54.17 -58.46 -72.50
C PRO E 127 -53.48 -57.99 -73.77
N LEU E 128 -52.43 -58.73 -74.15
CA LEU E 128 -51.72 -58.49 -75.41
C LEU E 128 -52.11 -59.58 -76.40
N ALA E 129 -52.67 -59.19 -77.54
CA ALA E 129 -53.18 -60.17 -78.50
C ALA E 129 -52.07 -60.70 -79.40
N PRO E 130 -51.95 -62.01 -79.56
CA PRO E 130 -50.96 -62.57 -80.49
C PRO E 130 -51.38 -62.35 -81.93
N SER E 131 -50.43 -61.92 -82.77
CA SER E 131 -50.70 -61.74 -84.18
C SER E 131 -50.82 -63.09 -84.87
N SER E 132 -51.71 -63.19 -85.85
CA SER E 132 -51.84 -64.41 -86.62
C SER E 132 -51.56 -64.17 -88.09
N THR E 133 -45.13 -71.48 -82.87
CA THR E 133 -45.57 -71.04 -81.56
C THR E 133 -45.47 -69.54 -81.36
N ALA E 134 -46.51 -68.96 -80.77
CA ALA E 134 -46.58 -67.52 -80.60
C ALA E 134 -46.73 -67.18 -79.12
N ALA E 135 -46.14 -66.07 -78.71
CA ALA E 135 -46.15 -65.67 -77.31
C ALA E 135 -47.31 -64.72 -77.05
N LEU E 136 -48.07 -65.00 -76.00
CA LEU E 136 -49.15 -64.13 -75.54
C LEU E 136 -48.89 -63.69 -74.11
N GLY E 137 -49.11 -62.40 -73.84
CA GLY E 137 -48.81 -61.83 -72.54
C GLY E 137 -49.92 -60.96 -71.99
N CYS E 138 -49.86 -60.77 -70.67
CA CYS E 138 -50.77 -59.85 -69.96
C CYS E 138 -49.94 -58.70 -69.38
N LEU E 139 -50.35 -57.47 -69.65
CA LEU E 139 -49.63 -56.29 -69.20
C LEU E 139 -50.34 -55.65 -68.03
N VAL E 140 -49.64 -55.47 -66.91
CA VAL E 140 -50.17 -54.80 -65.74
C VAL E 140 -49.51 -53.43 -65.61
N LYS E 141 -50.32 -52.39 -65.49
CA LYS E 141 -49.80 -51.02 -65.42
C LYS E 141 -50.51 -50.28 -64.30
N ASP E 142 -49.89 -49.19 -63.84
CA ASP E 142 -50.48 -48.32 -62.82
C ASP E 142 -50.79 -49.03 -61.50
N TYR E 143 -49.89 -49.89 -61.00
CA TYR E 143 -50.14 -50.52 -59.70
C TYR E 143 -49.06 -50.06 -58.73
N PHE E 144 -49.45 -49.73 -57.51
CA PHE E 144 -48.50 -49.38 -56.48
C PHE E 144 -48.91 -50.07 -55.19
N PRO E 145 -47.95 -50.43 -54.33
CA PRO E 145 -46.54 -50.73 -54.62
C PRO E 145 -46.27 -52.20 -54.96
N GLU E 146 -45.01 -52.56 -55.18
CA GLU E 146 -44.63 -53.93 -55.44
C GLU E 146 -44.94 -54.80 -54.23
N PRO E 147 -45.27 -56.09 -54.44
CA PRO E 147 -45.23 -56.84 -55.69
C PRO E 147 -46.56 -57.40 -56.18
N VAL E 148 -46.62 -57.73 -57.46
CA VAL E 148 -47.78 -58.36 -58.07
C VAL E 148 -47.45 -59.81 -58.43
N THR E 149 -48.35 -60.74 -58.05
CA THR E 149 -48.18 -62.16 -58.38
C THR E 149 -49.06 -62.52 -59.58
N VAL E 150 -48.44 -63.04 -60.65
CA VAL E 150 -49.15 -63.39 -61.87
C VAL E 150 -49.04 -64.89 -62.15
N SER E 151 -50.18 -65.54 -62.41
CA SER E 151 -50.23 -66.97 -62.75
C SER E 151 -51.15 -67.14 -63.94
N TRP E 152 -50.98 -68.23 -64.69
CA TRP E 152 -51.78 -68.43 -65.90
C TRP E 152 -52.70 -69.63 -65.74
N ASN E 153 -53.97 -69.45 -66.11
CA ASN E 153 -55.00 -70.50 -65.97
C ASN E 153 -55.09 -70.94 -64.51
N SER E 154 -55.03 -69.97 -63.58
CA SER E 154 -55.05 -70.25 -62.15
C SER E 154 -53.88 -71.15 -61.76
N GLY E 155 -52.73 -70.92 -62.42
CA GLY E 155 -51.53 -71.68 -62.15
C GLY E 155 -51.44 -73.00 -62.87
N ALA E 156 -52.41 -73.33 -63.72
CA ALA E 156 -52.36 -74.58 -64.47
C ALA E 156 -51.17 -74.59 -65.43
N LEU E 157 -50.90 -73.48 -66.09
CA LEU E 157 -49.81 -73.38 -67.04
C LEU E 157 -48.64 -72.65 -66.39
N THR E 158 -47.55 -73.37 -66.15
CA THR E 158 -46.35 -72.79 -65.57
C THR E 158 -45.13 -72.94 -66.47
N SER E 159 -45.32 -73.26 -67.75
CA SER E 159 -44.23 -73.56 -68.66
C SER E 159 -44.09 -72.46 -69.71
N GLY E 160 -42.87 -72.00 -69.91
CA GLY E 160 -42.58 -71.00 -70.91
C GLY E 160 -42.95 -69.60 -70.52
N VAL E 161 -43.27 -69.37 -69.24
CA VAL E 161 -43.73 -68.08 -68.75
C VAL E 161 -42.56 -67.34 -68.14
N HIS E 162 -42.33 -66.12 -68.60
CA HIS E 162 -41.30 -65.26 -68.03
C HIS E 162 -41.99 -64.04 -67.46
N THR E 163 -41.75 -63.76 -66.18
CA THR E 163 -42.30 -62.58 -65.52
C THR E 163 -41.24 -61.50 -65.46
N PHE E 164 -41.42 -60.43 -66.22
CA PHE E 164 -40.43 -59.37 -66.25
C PHE E 164 -40.50 -58.55 -64.96
N PRO E 165 -39.36 -58.17 -64.39
CA PRO E 165 -39.37 -57.31 -63.19
C PRO E 165 -40.02 -55.97 -63.47
N ALA E 166 -40.80 -55.49 -62.52
CA ALA E 166 -41.52 -54.23 -62.69
C ALA E 166 -40.54 -53.07 -62.82
N VAL E 167 -40.85 -52.13 -63.71
CA VAL E 167 -39.99 -50.98 -63.98
C VAL E 167 -40.68 -49.72 -63.49
N LEU E 168 -39.93 -48.87 -62.78
CA LEU E 168 -40.46 -47.61 -62.30
C LEU E 168 -40.84 -46.72 -63.48
N GLN E 169 -41.90 -45.95 -63.33
CA GLN E 169 -42.40 -45.11 -64.40
C GLN E 169 -42.36 -43.65 -63.98
N SER E 170 -42.54 -42.75 -64.96
CA SER E 170 -42.56 -41.33 -64.65
C SER E 170 -43.68 -41.03 -63.67
N SER E 171 -44.82 -41.71 -63.83
CA SER E 171 -45.91 -41.59 -62.87
C SER E 171 -45.47 -42.07 -61.49
N GLY E 172 -44.57 -43.04 -61.45
CA GLY E 172 -44.09 -43.63 -60.22
C GLY E 172 -44.74 -44.96 -59.91
N LEU E 173 -45.79 -45.32 -60.63
CA LEU E 173 -46.42 -46.63 -60.49
C LEU E 173 -45.56 -47.66 -61.22
N TYR E 174 -45.71 -48.93 -60.83
CA TYR E 174 -44.88 -50.00 -61.39
C TYR E 174 -45.65 -50.75 -62.47
N SER E 175 -44.98 -51.04 -63.58
CA SER E 175 -45.57 -51.78 -64.69
C SER E 175 -44.88 -53.13 -64.87
N LEU E 176 -45.66 -54.21 -64.94
CA LEU E 176 -45.11 -55.57 -65.06
C LEU E 176 -45.76 -56.28 -66.24
N SER E 177 -44.99 -57.12 -66.94
CA SER E 177 -45.50 -57.93 -68.04
C SER E 177 -45.12 -59.39 -67.86
N SER E 178 -46.08 -60.29 -68.03
CA SER E 178 -45.83 -61.73 -68.01
C SER E 178 -46.27 -62.32 -69.35
N VAL E 179 -45.36 -62.96 -70.07
CA VAL E 179 -45.64 -63.47 -71.42
C VAL E 179 -45.35 -64.97 -71.48
N VAL E 180 -46.28 -65.73 -72.04
CA VAL E 180 -46.13 -67.18 -72.20
C VAL E 180 -46.15 -67.53 -73.68
N THR E 181 -45.18 -68.34 -74.12
CA THR E 181 -45.14 -68.80 -75.50
C THR E 181 -45.80 -70.17 -75.65
N VAL E 182 -46.79 -70.27 -76.53
CA VAL E 182 -47.53 -71.52 -76.73
C VAL E 182 -47.89 -71.66 -78.21
N PRO E 183 -48.04 -72.89 -78.71
CA PRO E 183 -48.28 -73.08 -80.15
C PRO E 183 -49.57 -72.45 -80.68
N SER E 184 -49.49 -71.99 -81.94
CA SER E 184 -50.58 -71.25 -82.56
C SER E 184 -51.86 -72.06 -82.64
N SER E 185 -51.76 -73.34 -82.98
CA SER E 185 -52.96 -74.18 -83.04
C SER E 185 -53.61 -74.31 -81.67
N SER E 186 -52.78 -74.42 -80.62
CA SER E 186 -53.28 -74.58 -79.27
C SER E 186 -54.05 -73.35 -78.81
N LEU E 187 -53.74 -72.17 -79.35
CA LEU E 187 -54.36 -70.93 -78.87
C LEU E 187 -55.88 -71.00 -79.01
N GLY E 188 -56.37 -71.47 -80.16
CA GLY E 188 -57.79 -71.66 -80.31
C GLY E 188 -58.32 -72.77 -79.42
N THR E 189 -57.59 -73.89 -79.36
CA THR E 189 -58.07 -75.05 -78.62
C THR E 189 -58.18 -74.76 -77.13
N GLN E 190 -57.17 -74.12 -76.55
CA GLN E 190 -57.12 -73.88 -75.11
C GLN E 190 -57.15 -72.39 -74.80
N THR E 191 -58.09 -71.98 -73.97
CA THR E 191 -58.14 -70.59 -73.54
C THR E 191 -56.98 -70.33 -72.59
N TYR E 192 -56.37 -69.15 -72.72
CA TYR E 192 -55.30 -68.74 -71.80
C TYR E 192 -55.77 -67.56 -70.97
N ILE E 193 -55.75 -67.72 -69.65
CA ILE E 193 -56.21 -66.71 -68.70
C ILE E 193 -55.06 -66.35 -67.78
N CYS E 194 -54.84 -65.07 -67.54
CA CYS E 194 -53.83 -64.61 -66.60
C CYS E 194 -54.50 -64.21 -65.30
N ASN E 195 -54.02 -64.78 -64.19
CA ASN E 195 -54.54 -64.51 -62.85
C ASN E 195 -53.54 -63.67 -62.08
N VAL E 196 -53.95 -62.47 -61.68
CA VAL E 196 -53.09 -61.53 -60.98
C VAL E 196 -53.66 -61.22 -59.61
N ASN E 197 -52.87 -61.40 -58.56
CA ASN E 197 -53.27 -61.07 -57.19
C ASN E 197 -52.35 -59.99 -56.63
N HIS E 198 -52.93 -58.89 -56.14
CA HIS E 198 -52.16 -57.83 -55.51
C HIS E 198 -52.57 -57.74 -54.04
N LYS E 199 -51.64 -58.05 -53.13
CA LYS E 199 -51.98 -58.05 -51.71
C LYS E 199 -52.35 -56.67 -51.18
N PRO E 200 -51.60 -55.59 -51.47
CA PRO E 200 -51.97 -54.30 -50.87
C PRO E 200 -53.34 -53.79 -51.26
N SER E 201 -53.72 -53.92 -52.54
CA SER E 201 -55.03 -53.47 -52.97
C SER E 201 -56.08 -54.55 -52.76
N ASN E 202 -55.66 -55.77 -52.44
CA ASN E 202 -56.57 -56.89 -52.24
C ASN E 202 -57.46 -57.12 -53.46
N THR E 203 -56.87 -56.98 -54.65
CA THR E 203 -57.59 -57.12 -55.90
C THR E 203 -57.00 -58.28 -56.70
N LYS E 204 -57.84 -59.21 -57.12
CA LYS E 204 -57.44 -60.33 -57.97
C LYS E 204 -58.15 -60.18 -59.31
N VAL E 205 -57.39 -60.16 -60.41
CA VAL E 205 -57.96 -59.92 -61.73
C VAL E 205 -57.65 -61.09 -62.64
N ASP E 206 -58.68 -61.64 -63.29
CA ASP E 206 -58.51 -62.72 -64.27
C ASP E 206 -58.93 -62.22 -65.66
N LYS E 207 -58.02 -62.28 -66.62
CA LYS E 207 -58.27 -61.79 -67.97
C LYS E 207 -57.90 -62.85 -69.00
N ARG E 208 -58.80 -63.11 -69.96
CA ARG E 208 -58.57 -64.13 -70.99
C ARG E 208 -58.06 -63.49 -72.27
N VAL E 209 -56.97 -64.02 -72.82
CA VAL E 209 -56.34 -63.45 -74.00
C VAL E 209 -56.83 -64.18 -75.25
N GLU E 210 -57.26 -63.42 -76.27
CA GLU E 210 -57.66 -63.99 -77.55
C GLU E 210 -57.08 -63.12 -78.66
N PRO E 211 -56.74 -63.69 -79.81
CA PRO E 211 -56.15 -62.89 -80.89
C PRO E 211 -57.11 -61.83 -81.39
N LYS E 212 -56.61 -60.61 -81.59
CA LYS E 212 -57.48 -59.52 -82.03
C LYS E 212 -57.97 -59.77 -83.45
N SER E 213 -59.21 -59.35 -83.71
CA SER E 213 -59.78 -59.48 -85.03
C SER E 213 -60.04 -58.12 -85.66
N GLU F 1 -29.76 -53.44 12.00
CA GLU F 1 -30.96 -54.26 12.04
C GLU F 1 -30.92 -55.23 13.22
N ILE F 2 -31.85 -55.05 14.17
CA ILE F 2 -31.89 -55.91 15.34
C ILE F 2 -32.19 -57.34 14.91
N VAL F 3 -31.47 -58.30 15.48
CA VAL F 3 -31.65 -59.70 15.11
C VAL F 3 -32.81 -60.28 15.91
N LEU F 4 -33.85 -60.75 15.22
CA LEU F 4 -34.98 -61.37 15.89
C LEU F 4 -35.35 -62.68 15.19
N THR F 5 -35.71 -63.69 15.99
CA THR F 5 -36.05 -65.00 15.45
C THR F 5 -37.31 -65.51 16.14
N GLN F 6 -38.05 -66.37 15.45
CA GLN F 6 -39.21 -67.02 16.05
C GLN F 6 -38.84 -68.42 16.49
N SER F 7 -39.08 -68.73 17.76
CA SER F 7 -38.65 -70.02 18.29
C SER F 7 -39.28 -71.22 17.59
N PRO F 8 -40.59 -71.26 17.31
CA PRO F 8 -41.11 -72.40 16.52
C PRO F 8 -41.08 -72.07 15.05
N GLY F 9 -40.29 -72.79 14.25
CA GLY F 9 -40.32 -72.55 12.82
C GLY F 9 -41.67 -72.87 12.22
N THR F 10 -42.25 -74.00 12.62
CA THR F 10 -43.59 -74.39 12.23
C THR F 10 -44.25 -75.05 13.43
N LEU F 11 -45.53 -74.76 13.65
CA LEU F 11 -46.28 -75.41 14.72
C LEU F 11 -47.51 -76.08 14.14
N SER F 12 -47.70 -77.35 14.45
CA SER F 12 -48.89 -78.07 14.01
C SER F 12 -49.78 -78.36 15.21
N LEU F 13 -51.02 -77.86 15.17
CA LEU F 13 -51.97 -78.12 16.23
C LEU F 13 -53.36 -78.26 15.64
N SER F 14 -54.23 -79.00 16.34
CA SER F 14 -55.60 -79.19 15.90
C SER F 14 -56.42 -77.92 16.09
N PRO F 15 -57.55 -77.78 15.38
CA PRO F 15 -58.31 -76.53 15.50
C PRO F 15 -59.12 -76.53 16.79
N GLY F 16 -58.42 -76.39 17.91
CA GLY F 16 -59.05 -76.41 19.21
C GLY F 16 -58.84 -75.14 19.99
N GLU F 17 -58.25 -75.26 21.19
CA GLU F 17 -58.08 -74.10 22.06
C GLU F 17 -56.62 -73.86 22.49
N ARG F 18 -55.64 -74.39 21.77
CA ARG F 18 -54.24 -74.26 22.18
C ARG F 18 -53.37 -73.66 21.07
N ALA F 19 -52.73 -72.52 21.35
CA ALA F 19 -51.77 -71.92 20.42
C ALA F 19 -50.74 -71.11 21.18
N SER F 20 -49.47 -71.19 20.76
CA SER F 20 -48.42 -70.37 21.35
C SER F 20 -47.36 -70.00 20.30
N LEU F 21 -46.92 -68.74 20.30
CA LEU F 21 -45.87 -68.27 19.40
C LEU F 21 -44.83 -67.47 20.15
N SER F 22 -43.54 -67.73 19.90
CA SER F 22 -42.45 -67.08 20.61
C SER F 22 -41.45 -66.40 19.67
N CYS F 23 -41.10 -65.15 19.95
CA CYS F 23 -40.07 -64.40 19.23
C CYS F 23 -38.99 -63.94 20.21
N ARG F 24 -37.73 -64.18 19.86
CA ARG F 24 -36.60 -63.81 20.69
C ARG F 24 -35.76 -62.76 19.97
N ALA F 25 -35.43 -61.66 20.66
CA ALA F 25 -34.69 -60.56 20.08
C ALA F 25 -33.35 -60.38 20.79
N SER F 26 -32.29 -60.18 20.00
CA SER F 26 -30.95 -60.04 20.58
C SER F 26 -30.85 -58.81 21.49
N GLN F 27 -31.44 -57.69 21.08
CA GLN F 27 -31.39 -56.47 21.87
C GLN F 27 -32.78 -56.20 22.44
N SER F 28 -32.84 -55.74 23.69
CA SER F 28 -34.12 -55.55 24.35
C SER F 28 -34.98 -54.53 23.61
N LEU F 29 -36.25 -54.87 23.39
CA LEU F 29 -37.16 -53.99 22.66
C LEU F 29 -37.98 -53.08 23.54
N SER F 30 -37.90 -53.25 24.86
CA SER F 30 -38.61 -52.37 25.80
C SER F 30 -40.10 -52.34 25.49
N THR F 31 -40.69 -53.52 25.27
CA THR F 31 -42.12 -53.65 24.98
C THR F 31 -42.54 -52.87 23.72
N TYR F 32 -41.73 -52.96 22.66
CA TYR F 32 -42.04 -52.32 21.39
C TYR F 32 -41.96 -53.35 20.25
N LEU F 33 -42.95 -54.24 20.19
CA LEU F 33 -43.03 -55.25 19.14
C LEU F 33 -44.47 -55.41 18.68
N ALA F 34 -44.66 -55.81 17.42
CA ALA F 34 -45.98 -55.99 16.85
C ALA F 34 -46.06 -57.35 16.17
N TRP F 35 -47.29 -57.87 16.04
CA TRP F 35 -47.53 -59.14 15.39
C TRP F 35 -48.47 -58.96 14.19
N TYR F 36 -48.17 -59.65 13.09
CA TYR F 36 -48.97 -59.56 11.87
C TYR F 36 -49.38 -60.94 11.39
N GLN F 37 -50.66 -61.08 11.02
CA GLN F 37 -51.18 -62.32 10.45
C GLN F 37 -51.29 -62.16 8.94
N GLN F 38 -50.57 -62.98 8.19
CA GLN F 38 -50.66 -62.97 6.73
C GLN F 38 -51.33 -64.25 6.24
N LYS F 39 -52.54 -64.13 5.72
CA LYS F 39 -53.21 -65.27 5.11
C LYS F 39 -52.54 -65.55 3.78
N PRO F 40 -52.41 -66.81 3.36
CA PRO F 40 -51.82 -67.07 2.04
C PRO F 40 -52.64 -66.38 0.96
N GLY F 41 -51.95 -65.69 0.06
CA GLY F 41 -52.63 -65.00 -1.01
C GLY F 41 -53.22 -63.67 -0.60
N GLN F 42 -52.93 -63.21 0.62
CA GLN F 42 -53.50 -61.98 1.16
C GLN F 42 -52.42 -61.13 1.81
N ALA F 43 -52.68 -59.83 1.89
CA ALA F 43 -51.75 -58.91 2.52
C ALA F 43 -51.73 -59.10 4.04
N PRO F 44 -50.61 -58.84 4.68
CA PRO F 44 -50.53 -58.97 6.15
C PRO F 44 -51.46 -58.00 6.87
N ARG F 45 -52.02 -58.47 7.98
CA ARG F 45 -52.92 -57.68 8.82
C ARG F 45 -52.36 -57.58 10.22
N LEU F 46 -52.33 -56.37 10.78
CA LEU F 46 -51.84 -56.17 12.14
C LEU F 46 -52.70 -56.91 13.14
N LEU F 47 -52.06 -57.66 14.04
CA LEU F 47 -52.79 -58.37 15.09
C LEU F 47 -52.75 -57.62 16.42
N ILE F 48 -51.57 -57.20 16.86
CA ILE F 48 -51.40 -56.52 18.13
C ILE F 48 -50.28 -55.52 17.99
N PHE F 49 -50.33 -54.43 18.75
CA PHE F 49 -49.28 -53.42 18.74
C PHE F 49 -48.71 -53.27 20.14
N GLY F 50 -47.38 -53.37 20.24
CA GLY F 50 -46.70 -53.24 21.50
C GLY F 50 -46.68 -54.51 22.32
N ALA F 51 -47.33 -55.57 21.82
CA ALA F 51 -47.40 -56.89 22.44
C ALA F 51 -48.26 -56.87 23.68
N SER F 52 -48.98 -55.79 23.94
CA SER F 52 -49.78 -55.68 25.15
C SER F 52 -51.23 -55.30 24.86
N SER F 53 -51.46 -54.53 23.79
CA SER F 53 -52.79 -54.01 23.50
C SER F 53 -53.32 -54.54 22.17
N ARG F 54 -54.49 -55.16 22.22
CA ARG F 54 -55.12 -55.73 21.03
C ARG F 54 -55.49 -54.65 20.04
N ALA F 55 -55.26 -54.91 18.75
CA ALA F 55 -55.62 -53.97 17.72
C ALA F 55 -57.13 -53.96 17.51
N SER F 56 -57.63 -52.88 16.94
CA SER F 56 -59.07 -52.79 16.64
C SER F 56 -59.43 -53.79 15.56
N GLY F 57 -60.63 -54.35 15.67
CA GLY F 57 -61.08 -55.31 14.68
C GLY F 57 -60.48 -56.68 14.83
N ILE F 58 -59.83 -56.95 15.95
CA ILE F 58 -59.16 -58.22 16.22
C ILE F 58 -59.95 -58.96 17.29
N PRO F 59 -60.23 -60.24 17.11
CA PRO F 59 -61.06 -60.97 18.08
C PRO F 59 -60.42 -61.06 19.46
N ASP F 60 -61.29 -61.16 20.48
CA ASP F 60 -60.83 -61.21 21.86
C ASP F 60 -59.94 -62.42 22.09
N ARG F 61 -60.16 -63.50 21.34
CA ARG F 61 -59.41 -64.73 21.52
C ARG F 61 -57.92 -64.50 21.35
N PHE F 62 -57.55 -63.66 20.38
CA PHE F 62 -56.15 -63.32 20.17
C PHE F 62 -55.62 -62.59 21.39
N SER F 63 -54.41 -62.95 21.83
CA SER F 63 -53.79 -62.32 22.98
C SER F 63 -52.30 -62.16 22.76
N GLY F 64 -51.72 -61.16 23.42
CA GLY F 64 -50.29 -60.92 23.33
C GLY F 64 -49.66 -60.71 24.69
N GLY F 65 -48.38 -61.09 24.78
CA GLY F 65 -47.68 -61.02 26.06
C GLY F 65 -46.18 -60.96 25.88
N GLY F 66 -45.49 -60.67 26.98
CA GLY F 66 -44.05 -60.65 27.00
C GLY F 66 -43.47 -59.25 26.96
N SER F 67 -42.24 -59.14 27.48
CA SER F 67 -41.53 -57.87 27.55
C SER F 67 -40.06 -58.08 27.22
N GLY F 68 -39.43 -57.04 26.71
CA GLY F 68 -38.00 -57.08 26.43
C GLY F 68 -37.62 -58.18 25.46
N THR F 69 -36.65 -59.01 25.85
CA THR F 69 -36.14 -60.04 24.94
C THR F 69 -37.21 -61.07 24.55
N ASP F 70 -38.05 -61.48 25.50
CA ASP F 70 -39.01 -62.55 25.28
C ASP F 70 -40.39 -61.99 24.97
N PHE F 71 -40.96 -62.41 23.82
CA PHE F 71 -42.31 -62.05 23.43
C PHE F 71 -43.08 -63.31 23.09
N THR F 72 -44.28 -63.45 23.66
CA THR F 72 -45.12 -64.64 23.46
C THR F 72 -46.49 -64.25 22.96
N LEU F 73 -46.94 -64.89 21.88
CA LEU F 73 -48.30 -64.71 21.36
C LEU F 73 -49.05 -66.01 21.57
N THR F 74 -50.15 -65.95 22.33
CA THR F 74 -50.96 -67.12 22.65
C THR F 74 -52.39 -66.89 22.23
N ILE F 75 -53.00 -67.85 21.55
CA ILE F 75 -54.40 -67.75 21.17
C ILE F 75 -55.22 -68.64 22.10
N SER F 76 -56.15 -68.04 22.85
CA SER F 76 -56.93 -68.85 23.79
C SER F 76 -57.83 -69.85 23.06
N ARG F 77 -58.50 -69.42 21.99
CA ARG F 77 -59.38 -70.28 21.20
C ARG F 77 -58.96 -70.24 19.75
N LEU F 78 -58.83 -71.40 19.12
CA LEU F 78 -58.34 -71.47 17.76
C LEU F 78 -59.43 -71.93 16.81
N GLU F 79 -59.54 -71.28 15.65
CA GLU F 79 -60.51 -71.58 14.62
C GLU F 79 -59.79 -71.79 13.30
N PRO F 80 -60.44 -72.47 12.33
CA PRO F 80 -59.74 -72.75 11.06
C PRO F 80 -59.29 -71.50 10.35
N GLU F 81 -60.09 -70.44 10.43
CA GLU F 81 -59.74 -69.17 9.80
C GLU F 81 -58.45 -68.61 10.36
N ASP F 82 -58.21 -68.82 11.65
CA ASP F 82 -57.03 -68.26 12.31
C ASP F 82 -55.74 -68.75 11.69
N PHE F 83 -55.68 -70.02 11.27
CA PHE F 83 -54.41 -70.57 10.79
C PHE F 83 -53.86 -69.70 9.66
N ALA F 84 -52.63 -69.22 9.82
CA ALA F 84 -51.96 -68.40 8.83
C ALA F 84 -50.51 -68.21 9.26
N VAL F 85 -49.69 -67.69 8.34
CA VAL F 85 -48.32 -67.36 8.70
C VAL F 85 -48.33 -66.13 9.62
N TYR F 86 -47.51 -66.15 10.66
CA TYR F 86 -47.47 -65.06 11.63
C TYR F 86 -46.10 -64.44 11.70
N TYR F 87 -46.02 -63.11 11.58
CA TYR F 87 -44.72 -62.42 11.58
C TYR F 87 -44.65 -61.41 12.72
N CYS F 88 -43.56 -61.40 13.49
CA CYS F 88 -43.37 -60.38 14.50
C CYS F 88 -42.33 -59.36 14.03
N GLN F 89 -42.65 -58.07 14.07
CA GLN F 89 -41.76 -57.01 13.59
C GLN F 89 -41.27 -56.14 14.73
N GLN F 90 -39.96 -55.90 14.80
CA GLN F 90 -39.36 -55.05 15.81
C GLN F 90 -39.22 -53.62 15.27
N TYR F 91 -39.82 -52.67 15.98
CA TYR F 91 -39.76 -51.26 15.60
C TYR F 91 -39.11 -50.40 16.67
N GLY F 92 -38.65 -50.99 17.77
CA GLY F 92 -38.08 -50.18 18.84
C GLY F 92 -36.84 -49.44 18.39
N SER F 93 -35.97 -50.09 17.62
CA SER F 93 -34.73 -49.50 17.15
C SER F 93 -34.65 -49.55 15.63
N SER F 94 -34.32 -48.42 15.02
CA SER F 94 -34.13 -48.36 13.58
C SER F 94 -32.88 -49.15 13.17
N PRO F 95 -32.88 -49.76 11.98
CA PRO F 95 -34.02 -49.96 11.06
C PRO F 95 -35.02 -50.99 11.54
N ARG F 96 -36.29 -50.82 11.20
CA ARG F 96 -37.30 -51.79 11.56
C ARG F 96 -37.04 -53.12 10.84
N THR F 97 -37.26 -54.23 11.54
CA THR F 97 -36.98 -55.56 11.00
C THR F 97 -38.17 -56.47 11.23
N PHE F 98 -38.30 -57.48 10.37
CA PHE F 98 -39.39 -58.45 10.43
C PHE F 98 -38.85 -59.85 10.68
N GLY F 99 -39.60 -60.63 11.48
CA GLY F 99 -39.22 -62.01 11.74
C GLY F 99 -39.47 -62.89 10.53
N GLN F 100 -38.79 -64.05 10.51
CA GLN F 100 -38.95 -64.96 9.38
C GLN F 100 -40.39 -65.45 9.26
N GLY F 101 -41.06 -65.68 10.37
CA GLY F 101 -42.46 -66.05 10.37
C GLY F 101 -42.67 -67.51 10.74
N THR F 102 -43.84 -67.78 11.32
CA THR F 102 -44.23 -69.14 11.71
C THR F 102 -45.59 -69.48 11.10
N LYS F 103 -45.68 -70.63 10.45
CA LYS F 103 -46.93 -71.13 9.91
C LYS F 103 -47.54 -72.07 10.92
N VAL F 104 -48.81 -71.88 11.25
CA VAL F 104 -49.52 -72.78 12.15
C VAL F 104 -50.21 -73.86 11.32
N GLU F 105 -49.73 -75.09 11.43
CA GLU F 105 -50.30 -76.20 10.69
C GLU F 105 -51.51 -76.78 11.43
N ILE F 106 -52.27 -77.62 10.74
CA ILE F 106 -53.40 -78.32 11.31
C ILE F 106 -52.97 -79.76 11.53
N LYS F 107 -53.17 -80.19 12.77
CA LYS F 107 -52.78 -81.54 13.18
C LYS F 107 -53.72 -82.57 12.58
N ARG F 108 -53.13 -83.60 11.98
CA ARG F 108 -53.87 -84.70 11.40
C ARG F 108 -53.12 -86.01 11.65
N THR F 109 -53.84 -87.14 11.52
CA THR F 109 -53.23 -88.43 11.78
C THR F 109 -52.08 -88.62 10.79
N VAL F 110 -50.94 -89.11 11.29
CA VAL F 110 -49.76 -89.24 10.43
C VAL F 110 -50.06 -90.24 9.31
N ALA F 111 -49.72 -89.86 8.08
CA ALA F 111 -50.02 -90.68 6.91
C ALA F 111 -48.77 -90.95 6.09
N ALA F 112 -48.54 -92.22 5.74
CA ALA F 112 -47.43 -92.57 4.87
C ALA F 112 -47.65 -92.00 3.47
N PRO F 113 -46.61 -91.46 2.82
CA PRO F 113 -46.78 -90.84 1.51
C PRO F 113 -47.02 -91.84 0.38
N SER F 114 -47.73 -91.39 -0.65
CA SER F 114 -47.93 -92.16 -1.87
C SER F 114 -46.94 -91.65 -2.92
N VAL F 115 -46.07 -92.54 -3.42
CA VAL F 115 -45.00 -92.13 -4.33
C VAL F 115 -45.31 -92.55 -5.76
N PHE F 116 -45.24 -91.58 -6.69
CA PHE F 116 -45.42 -91.84 -8.11
C PHE F 116 -44.19 -91.31 -8.85
N ILE F 117 -43.60 -92.14 -9.71
CA ILE F 117 -42.45 -91.73 -10.54
C ILE F 117 -42.85 -91.77 -12.00
N PHE F 118 -42.57 -90.68 -12.72
CA PHE F 118 -42.93 -90.56 -14.14
C PHE F 118 -41.70 -90.47 -15.02
N PRO F 119 -41.49 -91.37 -15.99
CA PRO F 119 -40.35 -91.22 -16.90
C PRO F 119 -40.55 -90.08 -17.87
N PRO F 120 -39.48 -89.46 -18.36
CA PRO F 120 -39.62 -88.30 -19.27
C PRO F 120 -40.32 -88.67 -20.57
N SER F 121 -41.14 -87.75 -21.06
CA SER F 121 -41.93 -87.98 -22.27
C SER F 121 -41.05 -88.00 -23.52
N ASP F 122 -41.54 -88.69 -24.56
CA ASP F 122 -40.79 -88.78 -25.81
C ASP F 122 -40.62 -87.40 -26.46
N GLU F 123 -41.64 -86.55 -26.39
CA GLU F 123 -41.52 -85.20 -26.94
C GLU F 123 -40.42 -84.44 -26.22
N GLN F 124 -40.35 -84.60 -24.91
CA GLN F 124 -39.31 -84.00 -24.10
C GLN F 124 -37.93 -84.54 -24.51
N LEU F 125 -37.85 -85.84 -24.77
CA LEU F 125 -36.59 -86.42 -25.23
C LEU F 125 -36.19 -85.83 -26.57
N LYS F 126 -37.18 -85.60 -27.44
CA LYS F 126 -36.92 -84.96 -28.73
C LYS F 126 -36.38 -83.56 -28.51
N SER F 127 -36.89 -82.87 -27.49
CA SER F 127 -36.38 -81.54 -27.16
C SER F 127 -34.90 -81.62 -26.75
N GLY F 128 -34.50 -82.71 -26.09
CA GLY F 128 -33.14 -82.92 -25.64
C GLY F 128 -32.88 -82.70 -24.16
N THR F 129 -33.91 -82.35 -23.40
CA THR F 129 -33.82 -82.22 -21.95
C THR F 129 -34.73 -83.26 -21.34
N ALA F 130 -34.22 -84.07 -20.41
CA ALA F 130 -35.00 -85.13 -19.79
C ALA F 130 -35.27 -84.81 -18.33
N SER F 131 -36.55 -84.83 -17.94
CA SER F 131 -36.97 -84.54 -16.57
C SER F 131 -37.72 -85.73 -15.98
N VAL F 132 -37.31 -86.16 -14.79
CA VAL F 132 -37.98 -87.22 -14.05
C VAL F 132 -38.70 -86.58 -12.87
N VAL F 133 -40.00 -86.85 -12.74
CA VAL F 133 -40.82 -86.22 -11.72
C VAL F 133 -41.24 -87.25 -10.67
N CYS F 134 -40.98 -86.95 -9.40
CA CYS F 134 -41.40 -87.79 -8.29
C CYS F 134 -42.56 -87.10 -7.59
N LEU F 135 -43.68 -87.81 -7.44
CA LEU F 135 -44.89 -87.23 -6.88
C LEU F 135 -45.21 -87.87 -5.55
N LEU F 136 -45.43 -87.05 -4.52
CA LEU F 136 -45.85 -87.49 -3.20
C LEU F 136 -47.27 -87.05 -2.95
N ASN F 137 -48.14 -87.96 -2.50
CA ASN F 137 -49.55 -87.64 -2.33
C ASN F 137 -50.03 -87.88 -0.91
N ASN F 138 -50.74 -86.90 -0.35
CA ASN F 138 -51.39 -86.99 0.96
C ASN F 138 -50.44 -87.44 2.07
N PHE F 139 -49.30 -86.78 2.19
CA PHE F 139 -48.36 -87.08 3.26
C PHE F 139 -48.37 -85.98 4.31
N TYR F 140 -48.57 -86.37 5.57
CA TYR F 140 -48.49 -85.47 6.70
C TYR F 140 -47.60 -86.15 7.74
N PRO F 141 -46.61 -85.47 8.31
CA PRO F 141 -46.33 -84.02 8.27
C PRO F 141 -45.78 -83.53 6.94
N ARG F 142 -45.80 -82.21 6.74
CA ARG F 142 -45.33 -81.64 5.48
C ARG F 142 -43.86 -81.99 5.24
N GLU F 143 -43.05 -81.96 6.29
CA GLU F 143 -41.62 -82.21 6.13
C GLU F 143 -41.39 -83.61 5.59
N ALA F 144 -40.55 -83.72 4.55
CA ALA F 144 -40.23 -85.00 3.95
C ALA F 144 -38.88 -84.90 3.28
N LYS F 145 -38.24 -86.06 3.07
CA LYS F 145 -36.94 -86.13 2.43
C LYS F 145 -37.05 -86.93 1.14
N VAL F 146 -36.62 -86.35 0.03
CA VAL F 146 -36.58 -87.04 -1.25
C VAL F 146 -35.13 -87.05 -1.75
N GLN F 147 -34.61 -88.24 -2.05
CA GLN F 147 -33.26 -88.41 -2.57
C GLN F 147 -33.32 -89.10 -3.92
N TRP F 148 -32.63 -88.55 -4.91
CA TRP F 148 -32.56 -89.20 -6.21
C TRP F 148 -31.33 -90.10 -6.26
N LYS F 149 -31.51 -91.36 -6.62
CA LYS F 149 -30.42 -92.30 -6.77
C LYS F 149 -30.35 -92.76 -8.21
N VAL F 150 -29.20 -92.55 -8.86
CA VAL F 150 -28.97 -93.04 -10.21
C VAL F 150 -27.83 -94.06 -10.14
N ASP F 151 -28.10 -95.29 -10.58
CA ASP F 151 -27.12 -96.36 -10.49
C ASP F 151 -26.63 -96.49 -9.04
N ASN F 152 -27.56 -96.37 -8.10
CA ASN F 152 -27.29 -96.48 -6.66
C ASN F 152 -26.35 -95.38 -6.18
N ALA F 153 -26.41 -94.19 -6.79
CA ALA F 153 -25.63 -93.05 -6.37
C ALA F 153 -26.54 -91.86 -6.11
N LEU F 154 -26.41 -91.25 -4.93
CA LEU F 154 -27.25 -90.11 -4.54
C LEU F 154 -26.94 -88.89 -5.40
N GLN F 155 -27.98 -88.11 -5.71
CA GLN F 155 -27.83 -86.87 -6.47
C GLN F 155 -28.35 -85.70 -5.65
N SER F 156 -27.56 -84.64 -5.54
CA SER F 156 -27.92 -83.46 -4.76
C SER F 156 -27.67 -82.21 -5.58
N GLY F 157 -28.57 -81.23 -5.44
CA GLY F 157 -28.42 -79.95 -6.11
C GLY F 157 -28.93 -79.91 -7.53
N ASN F 158 -29.42 -81.03 -8.06
CA ASN F 158 -30.00 -81.09 -9.40
C ASN F 158 -31.51 -81.24 -9.36
N SER F 159 -32.12 -81.09 -8.18
CA SER F 159 -33.54 -81.31 -7.99
C SER F 159 -34.23 -80.09 -7.40
N GLN F 160 -35.45 -79.82 -7.85
CA GLN F 160 -36.29 -78.73 -7.36
C GLN F 160 -37.51 -79.34 -6.70
N GLU F 161 -37.83 -78.87 -5.49
CA GLU F 161 -38.93 -79.44 -4.71
C GLU F 161 -40.10 -78.45 -4.68
N SER F 162 -41.29 -78.90 -5.04
CA SER F 162 -42.49 -78.05 -5.01
C SER F 162 -43.55 -78.62 -4.09
N VAL F 163 -44.07 -77.82 -3.17
CA VAL F 163 -45.05 -78.29 -2.18
C VAL F 163 -46.34 -77.48 -2.30
N THR F 164 -47.47 -78.16 -2.45
CA THR F 164 -48.76 -77.49 -2.46
C THR F 164 -49.16 -77.09 -1.05
N GLU F 165 -50.09 -76.14 -0.94
CA GLU F 165 -50.59 -75.76 0.37
C GLU F 165 -51.47 -76.88 0.93
N GLN F 166 -51.66 -76.88 2.25
CA GLN F 166 -52.42 -77.94 2.89
C GLN F 166 -53.82 -78.04 2.30
N ASP F 167 -54.24 -79.26 1.94
CA ASP F 167 -55.56 -79.45 1.35
C ASP F 167 -56.65 -79.23 2.39
N SER F 168 -57.70 -78.52 1.98
CA SER F 168 -58.77 -78.22 2.94
C SER F 168 -59.50 -79.47 3.40
N LYS F 169 -59.82 -80.39 2.49
CA LYS F 169 -60.64 -81.54 2.85
C LYS F 169 -59.95 -82.46 3.86
N ASP F 170 -58.70 -82.81 3.63
CA ASP F 170 -58.06 -83.81 4.49
C ASP F 170 -56.81 -83.30 5.18
N SER F 171 -56.50 -82.01 5.08
CA SER F 171 -55.34 -81.42 5.75
C SER F 171 -54.04 -82.15 5.39
N THR F 172 -53.84 -82.41 4.10
CA THR F 172 -52.68 -83.17 3.65
C THR F 172 -51.85 -82.34 2.68
N TYR F 173 -50.56 -82.67 2.59
CA TYR F 173 -49.61 -81.96 1.73
C TYR F 173 -49.11 -82.87 0.61
N SER F 174 -49.00 -82.33 -0.61
CA SER F 174 -48.47 -83.05 -1.75
C SER F 174 -47.19 -82.39 -2.26
N LEU F 175 -46.14 -83.17 -2.51
CA LEU F 175 -44.84 -82.66 -2.92
C LEU F 175 -44.40 -83.28 -4.25
N SER F 176 -43.89 -82.44 -5.16
CA SER F 176 -43.32 -82.90 -6.42
C SER F 176 -41.85 -82.51 -6.50
N SER F 177 -40.99 -83.49 -6.79
CA SER F 177 -39.56 -83.27 -6.94
C SER F 177 -39.17 -83.54 -8.39
N THR F 178 -38.44 -82.61 -9.01
CA THR F 178 -38.08 -82.73 -10.41
C THR F 178 -36.56 -82.86 -10.57
N LEU F 179 -36.13 -83.91 -11.24
CA LEU F 179 -34.72 -84.12 -11.55
C LEU F 179 -34.52 -83.83 -13.03
N THR F 180 -33.63 -82.90 -13.36
CA THR F 180 -33.44 -82.47 -14.74
C THR F 180 -32.10 -82.98 -15.29
N LEU F 181 -32.15 -83.68 -16.42
CA LEU F 181 -30.92 -84.24 -16.98
C LEU F 181 -30.88 -83.98 -18.48
N SER F 182 -29.67 -83.84 -19.01
CA SER F 182 -29.51 -83.68 -20.44
C SER F 182 -29.77 -85.02 -21.13
N LYS F 183 -30.07 -84.96 -22.44
CA LYS F 183 -30.41 -86.20 -23.14
C LYS F 183 -29.24 -87.18 -23.11
N ALA F 184 -28.02 -86.68 -23.32
CA ALA F 184 -26.85 -87.54 -23.26
C ALA F 184 -26.67 -88.12 -21.87
N ASP F 185 -26.83 -87.28 -20.84
CA ASP F 185 -26.69 -87.74 -19.46
C ASP F 185 -27.75 -88.79 -19.14
N TYR F 186 -28.98 -88.56 -19.60
CA TYR F 186 -30.06 -89.50 -19.36
C TYR F 186 -29.74 -90.83 -20.03
N GLU F 187 -29.19 -90.79 -21.25
CA GLU F 187 -28.83 -92.02 -21.95
C GLU F 187 -27.76 -92.80 -21.22
N LYS F 188 -26.80 -92.09 -20.60
CA LYS F 188 -25.69 -92.78 -19.94
C LYS F 188 -26.15 -93.70 -18.80
N HIS F 189 -27.15 -93.28 -18.02
CA HIS F 189 -27.59 -94.04 -16.83
C HIS F 189 -28.85 -94.85 -17.14
N LYS F 190 -28.74 -96.18 -17.02
CA LYS F 190 -29.87 -97.07 -17.27
C LYS F 190 -30.99 -96.99 -16.23
N VAL F 191 -30.68 -96.91 -14.93
CA VAL F 191 -31.69 -96.99 -13.88
C VAL F 191 -31.80 -95.68 -13.11
N TYR F 192 -33.03 -95.20 -12.93
CA TYR F 192 -33.32 -94.00 -12.15
C TYR F 192 -34.22 -94.35 -10.97
N ALA F 193 -33.85 -93.95 -9.75
CA ALA F 193 -34.60 -94.31 -8.53
C ALA F 193 -34.73 -93.10 -7.61
N CYS F 194 -35.84 -93.03 -6.86
CA CYS F 194 -36.05 -91.98 -5.86
CA CYS F 194 -36.04 -91.99 -5.85
C CYS F 194 -36.38 -92.55 -4.48
N GLU F 195 -35.56 -92.21 -3.47
CA GLU F 195 -35.75 -92.71 -2.11
C GLU F 195 -36.47 -91.64 -1.29
N VAL F 196 -37.59 -91.99 -0.67
CA VAL F 196 -38.36 -91.06 0.15
C VAL F 196 -38.40 -91.56 1.60
N THR F 197 -38.02 -90.70 2.55
CA THR F 197 -38.05 -91.02 3.98
C THR F 197 -39.10 -90.15 4.66
N HIS F 198 -40.04 -90.79 5.37
CA HIS F 198 -41.15 -90.07 6.00
C HIS F 198 -41.45 -90.67 7.37
N GLN F 199 -42.07 -89.86 8.23
CA GLN F 199 -42.46 -90.35 9.55
C GLN F 199 -43.47 -91.48 9.44
N GLY F 200 -44.42 -91.34 8.52
CA GLY F 200 -45.43 -92.37 8.36
C GLY F 200 -44.84 -93.70 7.92
N LEU F 201 -43.86 -93.64 7.02
CA LEU F 201 -43.25 -94.84 6.48
C LEU F 201 -42.47 -95.56 7.56
N SER F 202 -42.69 -96.88 7.68
CA SER F 202 -41.89 -97.65 8.64
C SER F 202 -40.43 -97.67 8.20
N SER F 203 -40.19 -97.85 6.91
CA SER F 203 -38.84 -97.87 6.34
C SER F 203 -38.83 -97.01 5.08
N PRO F 204 -37.69 -96.45 4.70
CA PRO F 204 -37.66 -95.57 3.53
C PRO F 204 -38.13 -96.30 2.27
N VAL F 205 -38.96 -95.63 1.48
CA VAL F 205 -39.54 -96.23 0.27
C VAL F 205 -38.80 -95.71 -0.95
N THR F 206 -38.29 -96.61 -1.76
CA THR F 206 -37.57 -96.29 -2.98
C THR F 206 -38.39 -96.74 -4.18
N LYS F 207 -38.67 -95.84 -5.11
CA LYS F 207 -39.40 -96.15 -6.32
C LYS F 207 -38.47 -95.94 -7.51
N SER F 208 -38.38 -96.94 -8.40
CA SER F 208 -37.44 -96.87 -9.50
C SER F 208 -38.08 -97.28 -10.82
N PHE F 209 -37.51 -96.79 -11.92
CA PHE F 209 -37.91 -97.19 -13.25
C PHE F 209 -36.64 -97.43 -14.06
N ASN F 210 -36.74 -98.27 -15.08
CA ASN F 210 -35.63 -98.52 -15.99
C ASN F 210 -35.77 -97.67 -17.24
N ARG F 211 -34.64 -97.19 -17.77
CA ARG F 211 -34.69 -96.28 -18.92
C ARG F 211 -35.36 -96.97 -20.10
N GLY F 212 -36.22 -96.24 -20.79
CA GLY F 212 -36.97 -96.82 -21.90
C GLY F 212 -37.86 -97.96 -21.46
N GLU F 213 -38.40 -97.87 -20.24
CA GLU F 213 -39.32 -98.88 -19.71
C GLU F 213 -38.71 -100.27 -19.80
N CYS F 214 -37.43 -100.36 -19.46
CA CYS F 214 -36.72 -101.64 -19.53
C CYS F 214 -37.20 -102.59 -18.44
N ASP G 1 -64.49 -46.29 3.31
CA ASP G 1 -63.53 -46.40 2.22
C ASP G 1 -62.09 -46.26 2.72
N VAL G 2 -61.71 -47.13 3.65
CA VAL G 2 -60.37 -47.15 4.23
C VAL G 2 -59.42 -47.95 3.35
N HIS G 3 -59.95 -48.56 2.29
CA HIS G 3 -59.21 -49.45 1.43
C HIS G 3 -58.05 -48.71 0.76
N LEU G 4 -56.93 -49.40 0.61
CA LEU G 4 -55.74 -48.85 -0.04
C LEU G 4 -55.52 -49.62 -1.34
N VAL G 5 -55.35 -48.90 -2.44
CA VAL G 5 -55.20 -49.48 -3.77
C VAL G 5 -53.83 -49.14 -4.36
N GLU G 6 -53.20 -50.12 -4.98
CA GLU G 6 -51.86 -49.97 -5.55
C GLU G 6 -51.83 -50.34 -7.03
N SER G 7 -50.91 -49.74 -7.76
CA SER G 7 -50.78 -49.98 -9.18
C SER G 7 -49.33 -49.75 -9.60
N GLY G 8 -49.04 -50.06 -10.87
CA GLY G 8 -47.73 -49.82 -11.44
C GLY G 8 -46.74 -50.96 -11.40
N GLY G 9 -47.10 -52.11 -10.82
CA GLY G 9 -46.22 -53.26 -10.86
C GLY G 9 -46.15 -53.88 -12.25
N GLY G 10 -44.93 -54.12 -12.72
CA GLY G 10 -44.75 -54.64 -14.07
C GLY G 10 -43.40 -55.30 -14.26
N LEU G 11 -43.30 -56.06 -15.34
CA LEU G 11 -42.03 -56.67 -15.71
C LEU G 11 -41.04 -55.58 -16.07
N ILE G 12 -39.79 -55.73 -15.61
CA ILE G 12 -38.74 -54.76 -15.96
C ILE G 12 -37.44 -55.50 -16.23
N GLN G 13 -36.65 -54.94 -17.15
CA GLN G 13 -35.34 -55.48 -17.46
C GLN G 13 -34.37 -55.15 -16.33
N PRO G 14 -33.28 -55.90 -16.18
CA PRO G 14 -32.30 -55.54 -15.14
C PRO G 14 -31.76 -54.14 -15.43
N GLY G 15 -31.67 -53.34 -14.37
CA GLY G 15 -31.26 -51.97 -14.53
C GLY G 15 -32.37 -51.04 -14.95
N GLY G 16 -33.59 -51.57 -15.09
CA GLY G 16 -34.72 -50.76 -15.48
C GLY G 16 -35.21 -49.86 -14.36
N SER G 17 -35.91 -48.80 -14.74
CA SER G 17 -36.50 -47.88 -13.77
C SER G 17 -38.02 -48.03 -13.80
N LEU G 18 -38.61 -48.22 -12.62
CA LEU G 18 -40.04 -48.45 -12.49
C LEU G 18 -40.60 -47.55 -11.38
N ARG G 19 -41.85 -47.14 -11.52
CA ARG G 19 -42.52 -46.33 -10.51
C ARG G 19 -43.76 -47.05 -10.00
N LEU G 20 -43.94 -47.08 -8.68
CA LEU G 20 -45.08 -47.70 -8.04
C LEU G 20 -46.00 -46.63 -7.46
N SER G 21 -47.29 -46.69 -7.80
CA SER G 21 -48.26 -45.69 -7.37
C SER G 21 -49.28 -46.31 -6.42
N CYS G 22 -49.43 -45.72 -5.25
CA CYS G 22 -50.42 -46.16 -4.27
C CYS G 22 -51.44 -45.07 -4.01
N ALA G 23 -52.72 -45.35 -4.21
CA ALA G 23 -53.78 -44.38 -4.01
C ALA G 23 -54.44 -44.60 -2.65
N ALA G 24 -54.60 -43.54 -1.87
CA ALA G 24 -55.17 -43.64 -0.53
C ALA G 24 -56.55 -43.01 -0.49
N SER G 25 -57.53 -43.76 0.00
CA SER G 25 -58.90 -43.28 0.15
C SER G 25 -59.24 -43.15 1.63
N GLU G 26 -59.82 -42.01 2.00
CA GLU G 26 -60.21 -41.69 3.38
C GLU G 26 -58.97 -41.48 4.23
N PHE G 27 -57.81 -41.32 3.57
CA PHE G 27 -56.52 -41.06 4.20
C PHE G 27 -55.86 -39.92 3.43
N ILE G 28 -55.07 -39.11 4.12
CA ILE G 28 -54.28 -38.06 3.47
C ILE G 28 -52.83 -38.49 3.45
N VAL G 29 -52.26 -38.65 2.26
CA VAL G 29 -50.88 -39.12 2.16
C VAL G 29 -49.93 -38.13 2.80
N SER G 30 -50.18 -36.83 2.60
CA SER G 30 -49.33 -35.81 3.19
C SER G 30 -49.38 -35.83 4.71
N ALA G 31 -50.56 -36.06 5.27
CA ALA G 31 -50.73 -35.99 6.72
C ALA G 31 -50.48 -37.31 7.43
N ASN G 32 -50.24 -38.40 6.71
CA ASN G 32 -50.07 -39.73 7.28
C ASN G 32 -48.71 -40.28 6.93
N TYR G 33 -48.04 -40.94 7.89
CA TYR G 33 -46.81 -41.61 7.55
C TYR G 33 -47.15 -42.70 6.54
N MET G 34 -46.44 -42.76 5.43
CA MET G 34 -46.68 -43.79 4.44
C MET G 34 -45.40 -44.59 4.22
N SER G 35 -45.51 -45.91 4.30
CA SER G 35 -44.36 -46.80 4.21
C SER G 35 -44.54 -47.87 3.14
N TRP G 36 -43.52 -48.05 2.31
CA TRP G 36 -43.50 -49.11 1.30
C TRP G 36 -42.72 -50.30 1.84
N VAL G 37 -43.36 -51.46 1.92
CA VAL G 37 -42.76 -52.67 2.46
C VAL G 37 -42.80 -53.76 1.39
N ARG G 38 -41.69 -54.47 1.19
CA ARG G 38 -41.60 -55.47 0.15
C ARG G 38 -41.37 -56.85 0.75
N GLN G 39 -42.01 -57.86 0.16
CA GLN G 39 -41.80 -59.24 0.56
C GLN G 39 -41.30 -60.03 -0.64
N ALA G 40 -40.11 -60.60 -0.54
CA ALA G 40 -39.63 -61.47 -1.59
C ALA G 40 -40.44 -62.76 -1.56
N PRO G 41 -40.64 -63.43 -2.70
CA PRO G 41 -41.49 -64.63 -2.69
C PRO G 41 -40.95 -65.66 -1.71
N GLY G 42 -41.83 -66.17 -0.86
CA GLY G 42 -41.41 -67.14 0.14
C GLY G 42 -40.34 -66.61 1.07
N GLU G 43 -40.39 -65.32 1.40
CA GLU G 43 -39.39 -64.70 2.26
C GLU G 43 -40.07 -63.72 3.21
N GLY G 44 -39.37 -63.40 4.30
CA GLY G 44 -39.91 -62.46 5.27
C GLY G 44 -40.02 -61.05 4.70
N LEU G 45 -41.00 -60.29 5.21
CA LEU G 45 -41.25 -58.94 4.74
C LEU G 45 -40.05 -58.03 5.05
N GLN G 46 -39.73 -57.13 4.13
CA GLN G 46 -38.66 -56.16 4.34
C GLN G 46 -39.19 -54.73 4.17
N TRP G 47 -38.93 -53.88 5.16
CA TRP G 47 -39.33 -52.48 5.07
C TRP G 47 -38.43 -51.73 4.09
N VAL G 48 -39.03 -51.00 3.16
CA VAL G 48 -38.26 -50.33 2.11
C VAL G 48 -38.01 -48.87 2.45
N SER G 49 -39.08 -48.11 2.73
CA SER G 49 -38.94 -46.68 3.02
C SER G 49 -40.17 -46.21 3.77
N VAL G 50 -39.99 -45.10 4.50
CA VAL G 50 -41.10 -44.43 5.18
C VAL G 50 -40.99 -42.94 4.89
N ILE G 51 -42.12 -42.30 4.60
CA ILE G 51 -42.16 -40.86 4.40
C ILE G 51 -42.97 -40.22 5.53
N TYR G 52 -42.36 -39.27 6.23
CA TYR G 52 -42.99 -38.59 7.35
C TYR G 52 -44.04 -37.61 6.85
N PRO G 53 -45.00 -37.22 7.70
CA PRO G 53 -45.94 -36.18 7.27
C PRO G 53 -45.25 -34.89 6.90
N GLY G 54 -44.18 -34.54 7.63
CA GLY G 54 -43.39 -33.38 7.31
C GLY G 54 -42.70 -33.48 5.97
N GLY G 55 -42.50 -34.70 5.49
CA GLY G 55 -41.84 -34.96 4.24
C GLY G 55 -40.43 -35.50 4.37
N SER G 56 -39.96 -35.74 5.58
CA SER G 56 -38.65 -36.37 5.76
C SER G 56 -38.69 -37.77 5.18
N THR G 57 -37.63 -38.15 4.47
CA THR G 57 -37.59 -39.44 3.78
C THR G 57 -36.49 -40.31 4.36
N PHE G 58 -36.85 -41.54 4.73
CA PHE G 58 -35.91 -42.52 5.24
C PHE G 58 -36.01 -43.80 4.43
N TYR G 59 -34.87 -44.40 4.09
CA TYR G 59 -34.84 -45.58 3.23
C TYR G 59 -34.01 -46.67 3.89
N ALA G 60 -34.28 -47.92 3.49
CA ALA G 60 -33.46 -49.03 3.97
C ALA G 60 -32.05 -48.91 3.40
N GLU G 61 -31.07 -49.40 4.16
CA GLU G 61 -29.68 -49.23 3.75
C GLU G 61 -29.39 -49.91 2.41
N SER G 62 -29.90 -51.12 2.22
CA SER G 62 -29.69 -51.82 0.95
C SER G 62 -30.35 -51.09 -0.21
N VAL G 63 -31.56 -50.58 0.01
CA VAL G 63 -32.32 -49.94 -1.07
C VAL G 63 -31.91 -48.49 -1.28
N LYS G 64 -31.18 -47.89 -0.33
CA LYS G 64 -30.86 -46.48 -0.40
C LYS G 64 -29.97 -46.18 -1.60
N GLY G 65 -30.22 -45.03 -2.23
CA GLY G 65 -29.42 -44.60 -3.37
C GLY G 65 -29.96 -45.07 -4.69
N ARG G 66 -30.96 -45.97 -4.68
CA ARG G 66 -31.60 -46.44 -5.89
C ARG G 66 -33.09 -46.15 -5.90
N PHE G 67 -33.66 -45.75 -4.77
CA PHE G 67 -35.10 -45.55 -4.62
C PHE G 67 -35.40 -44.14 -4.15
N THR G 68 -36.41 -43.52 -4.75
CA THR G 68 -36.87 -42.19 -4.35
C THR G 68 -38.36 -42.25 -4.06
N ILE G 69 -38.78 -41.71 -2.92
CA ILE G 69 -40.17 -41.76 -2.48
C ILE G 69 -40.76 -40.36 -2.52
N SER G 70 -41.93 -40.23 -3.15
CA SER G 70 -42.60 -38.94 -3.30
C SER G 70 -44.10 -39.10 -3.11
N ARG G 71 -44.77 -38.01 -2.75
CA ARG G 71 -46.22 -37.99 -2.57
C ARG G 71 -46.83 -36.89 -3.43
N ASP G 72 -47.96 -37.19 -4.07
CA ASP G 72 -48.69 -36.19 -4.84
C ASP G 72 -49.98 -35.82 -4.12
N ASN G 73 -50.08 -34.55 -3.71
CA ASN G 73 -51.26 -34.09 -2.99
C ASN G 73 -52.52 -34.11 -3.85
N SER G 74 -52.41 -33.76 -5.13
CA SER G 74 -53.60 -33.64 -5.96
C SER G 74 -54.36 -34.96 -6.08
N ARG G 75 -53.64 -36.06 -6.28
CA ARG G 75 -54.29 -37.35 -6.42
C ARG G 75 -54.20 -38.17 -5.14
N ASN G 76 -53.58 -37.63 -4.10
CA ASN G 76 -53.35 -38.32 -2.83
C ASN G 76 -52.69 -39.67 -3.07
N THR G 77 -51.71 -39.69 -3.97
CA THR G 77 -51.04 -40.93 -4.37
C THR G 77 -49.56 -40.85 -3.99
N LEU G 78 -49.09 -41.87 -3.28
CA LEU G 78 -47.67 -41.97 -2.94
C LEU G 78 -46.97 -42.67 -4.10
N TYR G 79 -45.89 -42.08 -4.58
CA TYR G 79 -45.15 -42.63 -5.71
C TYR G 79 -43.79 -43.08 -5.23
N LEU G 80 -43.43 -44.33 -5.54
CA LEU G 80 -42.10 -44.85 -5.23
C LEU G 80 -41.36 -45.05 -6.54
N GLN G 81 -40.22 -44.38 -6.69
CA GLN G 81 -39.42 -44.45 -7.91
C GLN G 81 -38.25 -45.40 -7.68
N MET G 82 -38.15 -46.42 -8.51
CA MET G 82 -37.08 -47.41 -8.40
C MET G 82 -36.18 -47.30 -9.62
N ASN G 83 -34.88 -47.13 -9.40
CA ASN G 83 -33.93 -46.94 -10.49
C ASN G 83 -32.81 -47.95 -10.35
N SER G 84 -32.24 -48.36 -11.49
CA SER G 84 -31.16 -49.33 -11.53
C SER G 84 -31.52 -50.58 -10.73
N LEU G 85 -32.72 -51.11 -11.00
CA LEU G 85 -33.23 -52.23 -10.24
C LEU G 85 -32.31 -53.44 -10.37
N ARG G 86 -32.07 -54.10 -9.25
CA ARG G 86 -31.22 -55.29 -9.20
C ARG G 86 -32.08 -56.54 -9.13
N ALA G 87 -31.47 -57.68 -9.45
CA ALA G 87 -32.23 -58.92 -9.52
C ALA G 87 -32.87 -59.27 -8.17
N GLU G 88 -32.16 -59.00 -7.07
CA GLU G 88 -32.70 -59.36 -5.76
C GLU G 88 -33.94 -58.58 -5.39
N ASP G 89 -34.20 -57.46 -6.07
CA ASP G 89 -35.33 -56.60 -5.74
C ASP G 89 -36.69 -57.24 -6.02
N THR G 90 -36.74 -58.35 -6.75
CA THR G 90 -38.00 -58.97 -7.11
C THR G 90 -38.83 -59.30 -5.87
N GLY G 91 -40.12 -58.98 -5.92
CA GLY G 91 -41.01 -59.27 -4.82
C GLY G 91 -42.33 -58.57 -5.00
N VAL G 92 -43.16 -58.62 -3.96
CA VAL G 92 -44.43 -57.92 -3.93
C VAL G 92 -44.31 -56.74 -2.96
N TYR G 93 -44.69 -55.56 -3.43
CA TYR G 93 -44.56 -54.33 -2.65
C TYR G 93 -45.92 -53.90 -2.11
N TYR G 94 -45.97 -53.59 -0.82
CA TYR G 94 -47.20 -53.13 -0.18
C TYR G 94 -47.04 -51.72 0.33
N CYS G 95 -48.00 -50.85 0.02
CA CYS G 95 -48.00 -49.49 0.57
C CYS G 95 -48.85 -49.54 1.83
N ALA G 96 -48.25 -49.27 2.99
CA ALA G 96 -48.95 -49.42 4.25
C ALA G 96 -48.95 -48.12 5.03
N ARG G 97 -50.13 -47.71 5.51
CA ARG G 97 -50.19 -46.56 6.39
C ARG G 97 -49.46 -46.93 7.68
N ASP G 98 -48.61 -46.04 8.18
CA ASP G 98 -47.80 -46.34 9.34
C ASP G 98 -48.19 -45.42 10.49
N TYR G 99 -48.41 -46.00 11.67
CA TYR G 99 -48.67 -45.20 12.85
C TYR G 99 -47.32 -44.75 13.37
N GLY G 100 -47.06 -43.45 13.29
CA GLY G 100 -45.74 -42.96 13.64
C GLY G 100 -44.73 -43.67 12.77
N ASP G 101 -43.64 -44.13 13.39
CA ASP G 101 -42.66 -44.94 12.69
C ASP G 101 -42.57 -46.31 13.34
N PHE G 102 -43.67 -46.76 13.96
CA PHE G 102 -43.63 -48.00 14.71
C PHE G 102 -44.31 -49.17 14.00
N TYR G 103 -45.65 -49.23 14.07
CA TYR G 103 -46.38 -50.36 13.54
C TYR G 103 -47.25 -49.96 12.36
N PHE G 104 -47.17 -50.72 11.27
CA PHE G 104 -48.03 -50.48 10.12
C PHE G 104 -49.47 -50.80 10.52
N ASP G 105 -50.39 -49.89 10.26
CA ASP G 105 -51.76 -50.11 10.71
C ASP G 105 -52.65 -50.70 9.61
N TYR G 106 -52.59 -50.14 8.41
CA TYR G 106 -53.40 -50.60 7.28
C TYR G 106 -52.47 -50.92 6.12
N TRP G 107 -52.67 -52.07 5.50
CA TRP G 107 -51.81 -52.55 4.42
C TRP G 107 -52.55 -52.52 3.09
N GLY G 108 -51.85 -52.10 2.04
CA GLY G 108 -52.43 -52.06 0.72
C GLY G 108 -52.56 -53.45 0.12
N GLN G 109 -53.36 -53.56 -0.95
CA GLN G 109 -53.58 -54.85 -1.58
C GLN G 109 -52.28 -55.45 -2.08
N GLY G 110 -51.39 -54.63 -2.61
CA GLY G 110 -50.08 -55.06 -3.06
C GLY G 110 -49.99 -55.17 -4.57
N THR G 111 -48.76 -55.02 -5.08
CA THR G 111 -48.48 -55.15 -6.50
C THR G 111 -47.18 -55.95 -6.67
N LEU G 112 -47.09 -56.67 -7.78
CA LEU G 112 -45.96 -57.56 -8.00
C LEU G 112 -44.97 -56.93 -8.99
N VAL G 113 -43.69 -56.89 -8.60
CA VAL G 113 -42.63 -56.36 -9.45
C VAL G 113 -41.66 -57.50 -9.75
N THR G 114 -41.30 -57.63 -11.02
CA THR G 114 -40.35 -58.64 -11.46
C THR G 114 -39.17 -57.96 -12.15
N VAL G 115 -37.97 -58.35 -11.80
CA VAL G 115 -36.76 -57.72 -12.34
C VAL G 115 -35.92 -58.79 -13.03
N SER G 116 -35.17 -58.36 -14.04
CA SER G 116 -34.38 -59.26 -14.89
C SER G 116 -35.30 -60.29 -15.55
N SER G 117 -36.50 -59.86 -15.90
CA SER G 117 -37.49 -60.76 -16.47
C SER G 117 -37.04 -61.30 -17.82
N ALA G 118 -37.26 -62.60 -18.03
CA ALA G 118 -36.96 -63.22 -19.30
C ALA G 118 -38.00 -62.78 -20.33
N SER G 119 -37.61 -62.82 -21.60
CA SER G 119 -38.57 -62.49 -22.65
C SER G 119 -39.71 -63.50 -22.61
N THR G 120 -40.93 -63.02 -22.83
CA THR G 120 -42.09 -63.89 -22.71
C THR G 120 -41.98 -65.04 -23.70
N LYS G 121 -42.19 -66.26 -23.21
CA LYS G 121 -42.09 -67.46 -24.04
C LYS G 121 -43.37 -68.28 -23.89
N GLY G 122 -43.88 -68.79 -25.01
CA GLY G 122 -45.06 -69.63 -24.98
C GLY G 122 -44.83 -70.89 -24.17
N PRO G 123 -45.81 -71.28 -23.35
CA PRO G 123 -45.61 -72.43 -22.47
C PRO G 123 -45.45 -73.72 -23.26
N SER G 124 -44.55 -74.59 -22.79
CA SER G 124 -44.35 -75.90 -23.39
C SER G 124 -44.93 -76.95 -22.45
N VAL G 125 -45.84 -77.78 -22.95
CA VAL G 125 -46.53 -78.77 -22.13
C VAL G 125 -46.15 -80.17 -22.59
N PHE G 126 -45.75 -81.03 -21.65
CA PHE G 126 -45.40 -82.41 -21.93
C PHE G 126 -46.21 -83.37 -21.07
N PRO G 127 -46.92 -84.33 -21.67
CA PRO G 127 -47.73 -85.27 -20.88
C PRO G 127 -46.90 -86.31 -20.15
N LEU G 128 -47.39 -86.74 -18.99
CA LEU G 128 -46.78 -87.81 -18.21
C LEU G 128 -47.69 -89.03 -18.19
N ALA G 129 -47.19 -90.16 -18.73
CA ALA G 129 -47.99 -91.39 -18.83
C ALA G 129 -48.02 -92.13 -17.49
N PRO G 130 -49.19 -92.60 -17.05
CA PRO G 130 -49.25 -93.40 -15.82
C PRO G 130 -48.61 -94.78 -16.00
N SER G 131 -47.78 -95.18 -15.04
CA SER G 131 -47.17 -96.49 -15.07
C SER G 131 -48.19 -97.58 -14.75
N SER G 132 -48.06 -98.72 -15.40
CA SER G 132 -48.95 -99.85 -15.12
C SER G 132 -48.15 -101.08 -14.74
N THR G 133 -55.89 -96.72 -8.24
CA THR G 133 -55.93 -95.62 -9.19
C THR G 133 -54.54 -95.10 -9.49
N ALA G 134 -54.24 -94.87 -10.77
CA ALA G 134 -52.92 -94.43 -11.19
C ALA G 134 -53.00 -92.96 -11.60
N ALA G 135 -52.21 -92.12 -10.94
CA ALA G 135 -52.22 -90.69 -11.23
C ALA G 135 -51.60 -90.38 -12.59
N LEU G 136 -52.16 -89.38 -13.28
CA LEU G 136 -51.58 -88.87 -14.51
C LEU G 136 -51.56 -87.35 -14.47
N GLY G 137 -50.51 -86.76 -15.05
CA GLY G 137 -50.33 -85.32 -14.96
C GLY G 137 -49.80 -84.70 -16.25
N CYS G 138 -50.03 -83.40 -16.38
CA CYS G 138 -49.51 -82.59 -17.46
C CYS G 138 -48.49 -81.60 -16.92
N LEU G 139 -47.30 -81.55 -17.53
CA LEU G 139 -46.23 -80.69 -17.07
C LEU G 139 -46.00 -79.56 -18.06
N VAL G 140 -45.97 -78.33 -17.58
CA VAL G 140 -45.68 -77.16 -18.40
C VAL G 140 -44.30 -76.63 -18.03
N LYS G 141 -43.44 -76.43 -19.02
CA LYS G 141 -42.06 -76.02 -18.79
C LYS G 141 -41.70 -74.83 -19.66
N ASP G 142 -40.68 -74.08 -19.24
CA ASP G 142 -40.15 -72.94 -19.99
C ASP G 142 -41.22 -71.88 -20.27
N TYR G 143 -42.05 -71.56 -19.28
CA TYR G 143 -43.06 -70.53 -19.44
C TYR G 143 -42.73 -69.35 -18.53
N PHE G 144 -42.78 -68.15 -19.09
CA PHE G 144 -42.57 -66.93 -18.31
C PHE G 144 -43.55 -65.87 -18.78
N PRO G 145 -44.01 -64.99 -17.87
CA PRO G 145 -44.04 -65.17 -16.42
C PRO G 145 -45.32 -65.87 -15.95
N GLU G 146 -45.51 -65.98 -14.63
CA GLU G 146 -46.71 -66.55 -14.07
C GLU G 146 -47.93 -65.66 -14.39
N PRO G 147 -49.13 -66.26 -14.49
CA PRO G 147 -49.49 -67.64 -14.21
C PRO G 147 -50.13 -68.45 -15.35
N VAL G 148 -50.07 -69.77 -15.29
CA VAL G 148 -50.77 -70.65 -16.23
C VAL G 148 -51.88 -71.34 -15.47
N THR G 149 -53.08 -71.34 -16.03
CA THR G 149 -54.23 -72.02 -15.43
C THR G 149 -54.46 -73.33 -16.15
N VAL G 150 -54.46 -74.43 -15.40
CA VAL G 150 -54.59 -75.77 -15.96
C VAL G 150 -55.94 -76.36 -15.56
N SER G 151 -56.71 -76.81 -16.54
CA SER G 151 -57.99 -77.48 -16.32
C SER G 151 -57.99 -78.76 -17.14
N TRP G 152 -58.73 -79.76 -16.69
CA TRP G 152 -58.74 -81.06 -17.35
C TRP G 152 -60.07 -81.30 -18.03
N ASN G 153 -60.02 -81.68 -19.31
CA ASN G 153 -61.22 -81.88 -20.13
C ASN G 153 -62.07 -80.61 -20.15
N SER G 154 -61.41 -79.46 -20.26
CA SER G 154 -62.08 -78.16 -20.22
C SER G 154 -62.85 -77.99 -18.92
N GLY G 155 -62.25 -78.44 -17.82
CA GLY G 155 -62.87 -78.29 -16.51
C GLY G 155 -63.86 -79.36 -16.14
N ALA G 156 -64.01 -80.41 -16.96
CA ALA G 156 -64.89 -81.50 -16.61
C ALA G 156 -64.41 -82.21 -15.34
N LEU G 157 -63.11 -82.40 -15.22
CA LEU G 157 -62.52 -83.08 -14.07
C LEU G 157 -61.92 -82.04 -13.14
N THR G 158 -62.55 -81.85 -11.98
CA THR G 158 -62.03 -80.95 -10.96
C THR G 158 -61.79 -81.66 -9.64
N SER G 159 -61.75 -82.99 -9.66
CA SER G 159 -61.64 -83.79 -8.44
C SER G 159 -60.26 -84.43 -8.34
N GLY G 160 -59.70 -84.41 -7.14
CA GLY G 160 -58.41 -85.02 -6.88
C GLY G 160 -57.29 -84.45 -7.73
N VAL G 161 -57.33 -83.14 -7.97
CA VAL G 161 -56.34 -82.45 -8.80
C VAL G 161 -55.52 -81.52 -7.93
N HIS G 162 -54.20 -81.64 -8.01
CA HIS G 162 -53.30 -80.76 -7.30
C HIS G 162 -52.43 -80.03 -8.31
N THR G 163 -52.40 -78.69 -8.24
CA THR G 163 -51.53 -77.90 -9.09
C THR G 163 -50.38 -77.36 -8.24
N PHE G 164 -49.19 -77.80 -8.55
CA PHE G 164 -48.02 -77.41 -7.77
C PHE G 164 -47.59 -75.97 -8.10
N PRO G 165 -47.19 -75.20 -7.10
CA PRO G 165 -46.70 -73.83 -7.38
C PRO G 165 -45.45 -73.87 -8.25
N ALA G 166 -45.38 -72.96 -9.22
CA ALA G 166 -44.26 -72.97 -10.14
C ALA G 166 -42.97 -72.66 -9.37
N VAL G 167 -41.90 -73.39 -9.71
CA VAL G 167 -40.60 -73.21 -9.08
C VAL G 167 -39.64 -72.62 -10.11
N LEU G 168 -38.99 -71.51 -9.75
CA LEU G 168 -38.07 -70.87 -10.69
C LEU G 168 -36.89 -71.77 -10.99
N GLN G 169 -36.56 -71.88 -12.27
CA GLN G 169 -35.47 -72.73 -12.71
C GLN G 169 -34.19 -71.91 -12.85
N SER G 170 -33.09 -72.61 -13.11
CA SER G 170 -31.84 -71.91 -13.37
C SER G 170 -31.98 -71.05 -14.63
N SER G 171 -32.71 -71.54 -15.61
CA SER G 171 -32.92 -70.80 -16.86
C SER G 171 -33.66 -69.49 -16.61
N GLY G 172 -34.45 -69.42 -15.55
CA GLY G 172 -35.26 -68.26 -15.26
C GLY G 172 -36.69 -68.34 -15.75
N LEU G 173 -37.11 -69.51 -16.24
CA LEU G 173 -38.47 -69.75 -16.69
C LEU G 173 -39.18 -70.65 -15.68
N TYR G 174 -40.37 -70.25 -15.26
CA TYR G 174 -41.11 -71.00 -14.25
C TYR G 174 -41.52 -72.37 -14.79
N SER G 175 -41.52 -73.38 -13.92
CA SER G 175 -41.98 -74.73 -14.27
C SER G 175 -43.13 -75.13 -13.35
N LEU G 176 -44.25 -75.55 -13.93
CA LEU G 176 -45.45 -75.90 -13.17
C LEU G 176 -45.91 -77.31 -13.51
N SER G 177 -46.29 -78.08 -12.49
CA SER G 177 -46.79 -79.44 -12.66
C SER G 177 -48.21 -79.57 -12.13
N SER G 178 -49.11 -80.15 -12.95
CA SER G 178 -50.48 -80.42 -12.53
C SER G 178 -50.78 -81.90 -12.69
N VAL G 179 -51.30 -82.54 -11.63
CA VAL G 179 -51.56 -83.98 -11.63
C VAL G 179 -52.97 -84.27 -11.14
N VAL G 180 -53.56 -85.37 -11.64
CA VAL G 180 -54.88 -85.84 -11.23
C VAL G 180 -54.77 -87.32 -10.90
N THR G 181 -55.65 -87.80 -10.01
CA THR G 181 -55.72 -89.21 -9.63
C THR G 181 -56.99 -89.83 -10.18
N VAL G 182 -56.85 -90.90 -10.95
CA VAL G 182 -58.00 -91.56 -11.58
C VAL G 182 -57.78 -93.07 -11.60
N PRO G 183 -58.88 -93.86 -11.51
CA PRO G 183 -58.73 -95.32 -11.46
C PRO G 183 -58.15 -95.90 -12.75
N SER G 184 -57.32 -96.94 -12.60
CA SER G 184 -56.62 -97.54 -13.73
C SER G 184 -57.58 -98.15 -14.75
N SER G 185 -58.64 -98.83 -14.27
CA SER G 185 -59.62 -99.42 -15.18
C SER G 185 -60.34 -98.36 -15.99
N SER G 186 -60.68 -97.24 -15.36
CA SER G 186 -61.46 -96.19 -16.01
C SER G 186 -60.64 -95.38 -17.01
N LEU G 187 -59.32 -95.52 -16.99
CA LEU G 187 -58.47 -94.70 -17.86
C LEU G 187 -58.84 -94.92 -19.32
N GLY G 188 -59.04 -96.18 -19.71
CA GLY G 188 -59.46 -96.47 -21.06
C GLY G 188 -60.87 -95.96 -21.35
N THR G 189 -61.76 -96.06 -20.36
CA THR G 189 -63.17 -95.72 -20.57
C THR G 189 -63.35 -94.25 -20.97
N GLN G 190 -62.67 -93.32 -20.30
CA GLN G 190 -62.87 -91.90 -20.56
C GLN G 190 -61.54 -91.23 -20.86
N THR G 191 -61.50 -90.42 -21.91
CA THR G 191 -60.26 -89.77 -22.30
C THR G 191 -59.91 -88.67 -21.28
N TYR G 192 -58.61 -88.47 -21.05
CA TYR G 192 -58.15 -87.39 -20.18
C TYR G 192 -57.33 -86.39 -20.99
N ILE G 193 -57.74 -85.12 -20.93
CA ILE G 193 -57.06 -84.04 -21.64
C ILE G 193 -56.84 -82.90 -20.66
N CYS G 194 -55.73 -82.19 -20.81
CA CYS G 194 -55.46 -81.00 -20.00
C CYS G 194 -55.49 -79.75 -20.86
N ASN G 195 -56.29 -78.76 -20.44
CA ASN G 195 -56.40 -77.49 -21.13
C ASN G 195 -55.69 -76.41 -20.33
N VAL G 196 -54.64 -75.83 -20.90
CA VAL G 196 -53.82 -74.82 -20.23
C VAL G 196 -53.91 -73.52 -21.02
N ASN G 197 -54.26 -72.42 -20.33
CA ASN G 197 -54.32 -71.11 -20.95
C ASN G 197 -53.42 -70.12 -20.23
N HIS G 198 -52.57 -69.42 -21.00
CA HIS G 198 -51.67 -68.40 -20.46
C HIS G 198 -52.05 -67.05 -21.06
N LYS G 199 -52.42 -66.10 -20.21
CA LYS G 199 -52.89 -64.80 -20.71
C LYS G 199 -51.81 -63.98 -21.43
N PRO G 200 -50.59 -63.83 -20.90
CA PRO G 200 -49.60 -62.98 -21.59
C PRO G 200 -49.20 -63.47 -22.97
N SER G 201 -48.96 -64.78 -23.14
CA SER G 201 -48.53 -65.28 -24.44
C SER G 201 -49.72 -65.60 -25.34
N ASN G 202 -50.94 -65.57 -24.80
CA ASN G 202 -52.15 -65.84 -25.56
C ASN G 202 -52.09 -67.20 -26.25
N THR G 203 -51.51 -68.18 -25.56
CA THR G 203 -51.41 -69.54 -26.08
C THR G 203 -52.14 -70.49 -25.14
N LYS G 204 -53.11 -71.22 -25.69
CA LYS G 204 -53.85 -72.24 -24.94
C LYS G 204 -53.65 -73.58 -25.63
N VAL G 205 -53.18 -74.57 -24.90
CA VAL G 205 -52.85 -75.87 -25.48
C VAL G 205 -53.70 -76.97 -24.85
N ASP G 206 -54.35 -77.78 -25.69
CA ASP G 206 -55.10 -78.95 -25.24
C ASP G 206 -54.30 -80.20 -25.58
N LYS G 207 -53.86 -80.93 -24.56
CA LYS G 207 -53.04 -82.12 -24.76
C LYS G 207 -53.67 -83.31 -24.04
N ARG G 208 -53.81 -84.43 -24.74
CA ARG G 208 -54.40 -85.64 -24.16
C ARG G 208 -53.28 -86.52 -23.59
N VAL G 209 -53.48 -87.00 -22.37
CA VAL G 209 -52.51 -87.89 -21.74
C VAL G 209 -53.04 -89.32 -21.82
N GLU G 210 -52.29 -90.21 -22.46
CA GLU G 210 -52.63 -91.62 -22.55
C GLU G 210 -51.37 -92.45 -22.28
N PRO G 211 -51.52 -93.63 -21.67
CA PRO G 211 -50.33 -94.42 -21.32
C PRO G 211 -49.55 -94.85 -22.56
N LYS G 212 -48.23 -94.79 -22.46
CA LYS G 212 -47.41 -95.22 -23.58
C LYS G 212 -47.60 -96.71 -23.84
N SER G 213 -47.71 -97.08 -25.10
CA SER G 213 -47.95 -98.47 -25.47
C SER G 213 -46.66 -99.28 -25.48
C1 NAG H . 40.33 74.44 2.35
C2 NAG H . 40.81 75.69 1.65
C3 NAG H . 39.60 76.45 1.12
C4 NAG H . 38.75 75.53 0.24
C5 NAG H . 38.47 74.21 0.96
C6 NAG H . 37.81 73.17 0.08
C7 NAG H . 42.86 76.31 2.86
C8 NAG H . 43.47 77.25 3.85
N2 NAG H . 41.56 76.52 2.58
O3 NAG H . 40.05 77.57 0.35
O4 NAG H . 37.52 76.18 -0.06
O5 NAG H . 39.69 73.62 1.43
O6 NAG H . 37.37 72.06 0.83
O7 NAG H . 43.50 75.41 2.35
C1 NAG H . 37.40 76.37 -1.49
C2 NAG H . 35.92 76.63 -1.80
C3 NAG H . 35.73 76.89 -3.30
C4 NAG H . 36.67 77.99 -3.75
C5 NAG H . 38.11 77.63 -3.38
C6 NAG H . 39.10 78.71 -3.75
C7 NAG H . 34.37 75.52 -0.25
C8 NAG H . 33.60 74.28 0.04
N2 NAG H . 35.10 75.50 -1.37
O3 NAG H . 34.38 77.27 -3.55
O4 NAG H . 36.58 78.15 -5.17
O5 NAG H . 38.19 77.46 -1.96
O6 NAG H . 38.89 79.89 -2.98
O7 NAG H . 34.32 76.51 0.48
C1 NAG I . 17.38 75.93 4.96
C2 NAG I . 17.89 77.22 4.42
C3 NAG I . 17.07 77.57 3.19
C4 NAG I . 17.15 76.43 2.17
C5 NAG I . 16.96 75.05 2.82
C6 NAG I . 17.43 73.92 1.96
C7 NAG I . 18.80 78.74 6.12
C8 NAG I . 20.15 78.21 5.74
N2 NAG I . 17.77 78.25 5.44
O3 NAG I . 17.58 78.76 2.61
O4 NAG I . 16.12 76.58 1.20
O5 NAG I . 17.68 74.93 4.08
O6 NAG I . 18.84 73.75 2.08
O7 NAG I . 18.65 79.58 6.99
C1 NAG I . 16.68 76.88 -0.10
C2 NAG I . 15.80 76.24 -1.18
C3 NAG I . 16.33 76.61 -2.57
C4 NAG I . 16.47 78.11 -2.70
C5 NAG I . 17.34 78.64 -1.57
C6 NAG I . 17.47 80.15 -1.58
C7 NAG I . 14.74 74.17 -0.40
C8 NAG I . 14.82 72.67 -0.36
N2 NAG I . 15.74 74.79 -1.04
O3 NAG I . 15.43 76.11 -3.56
O4 NAG I . 17.05 78.44 -3.96
O5 NAG I . 16.77 78.29 -0.31
O6 NAG I . 16.21 80.78 -1.39
O7 NAG I . 13.82 74.78 0.14
C1 NAG J . 55.90 60.85 -0.83
C2 NAG J . 54.67 60.76 -1.71
C3 NAG J . 54.67 59.42 -2.45
C4 NAG J . 55.99 59.21 -3.17
C5 NAG J . 57.18 59.48 -2.24
C6 NAG J . 58.52 59.47 -2.94
C7 NAG J . 52.87 62.08 -0.68
C8 NAG J . 51.64 62.04 0.17
N2 NAG J . 53.46 60.90 -0.92
O3 NAG J . 53.60 59.40 -3.38
O4 NAG J . 56.07 57.87 -3.64
O5 NAG J . 57.04 60.76 -1.62
O6 NAG J . 59.58 59.38 -2.01
O7 NAG J . 53.33 63.12 -1.13
C1 NAG J . 56.24 57.83 -5.08
C2 NAG J . 56.32 56.37 -5.50
C3 NAG J . 56.45 56.26 -7.02
C4 NAG J . 55.35 57.07 -7.71
C5 NAG J . 55.36 58.50 -7.19
C6 NAG J . 54.23 59.33 -7.77
C7 NAG J . 57.30 55.04 -3.68
C8 NAG J . 58.55 54.41 -3.14
N2 NAG J . 57.43 55.70 -4.84
O3 NAG J . 56.37 54.89 -7.41
O4 NAG J . 55.57 57.08 -9.11
O5 NAG J . 55.16 58.49 -5.77
O6 NAG J . 52.96 58.81 -7.43
O7 NAG J . 56.22 54.96 -3.10
C1 NAG K . 61.57 77.96 7.18
C2 NAG K . 61.69 78.76 5.91
C3 NAG K . 62.23 80.14 6.25
C4 NAG K . 61.39 80.79 7.33
C5 NAG K . 61.20 79.84 8.52
C6 NAG K . 60.24 80.35 9.56
C7 NAG K . 62.14 77.07 4.20
C8 NAG K . 63.18 76.43 3.33
N2 NAG K . 62.56 78.06 4.99
O3 NAG K . 62.23 80.95 5.08
O4 NAG K . 62.02 81.99 7.78
O5 NAG K . 60.68 78.59 8.04
O6 NAG K . 58.90 80.22 9.12
O7 NAG K . 60.96 76.73 4.17
C1 NAG K . 61.11 83.09 7.58
C2 NAG K . 61.56 84.24 8.47
C3 NAG K . 60.68 85.47 8.26
C4 NAG K . 60.59 85.81 6.78
C5 NAG K . 60.15 84.59 5.99
C6 NAG K . 60.11 84.83 4.50
C7 NAG K . 62.64 83.39 10.51
C8 NAG K . 62.44 83.00 11.95
N2 NAG K . 61.55 83.84 9.87
O3 NAG K . 61.21 86.57 8.99
O4 NAG K . 59.67 86.86 6.58
O5 NAG K . 61.08 83.52 6.22
O6 NAG K . 61.41 85.00 3.97
O7 NAG K . 63.73 83.32 9.97
C1 NAG L . 74.28 64.59 19.16
C2 NAG L . 75.32 64.64 18.07
C3 NAG L . 76.59 63.98 18.56
C4 NAG L . 77.07 64.67 19.83
C5 NAG L . 75.94 64.70 20.86
C6 NAG L . 76.27 65.51 22.09
C7 NAG L . 74.39 64.65 15.79
C8 NAG L . 73.89 63.81 14.65
N2 NAG L . 74.82 63.98 16.87
O3 NAG L . 77.60 64.07 17.55
O4 NAG L . 78.17 63.97 20.39
O5 NAG L . 74.76 65.31 20.28
O6 NAG L . 76.46 66.88 21.76
O7 NAG L . 74.44 65.88 15.73
C1 NAG L . 79.37 64.77 20.25
C2 NAG L . 80.33 64.45 21.39
C3 NAG L . 81.63 65.23 21.22
C4 NAG L . 82.22 64.98 19.84
C5 NAG L . 81.18 65.29 18.77
C6 NAG L . 81.65 64.97 17.38
C7 NAG L . 79.16 63.82 23.45
C8 NAG L . 78.61 64.29 24.77
N2 NAG L . 79.74 64.74 22.69
O3 NAG L . 82.55 64.85 22.23
O4 NAG L . 83.36 65.80 19.64
O5 NAG L . 80.01 64.49 19.00
O6 NAG L . 81.97 63.59 17.24
O7 NAG L . 79.08 62.64 23.11
C1 NAG M . 63.63 43.37 30.16
C2 NAG M . 64.94 43.50 30.87
C3 NAG M . 66.01 42.75 30.11
C4 NAG M . 65.56 41.32 29.80
C5 NAG M . 64.14 41.30 29.24
C6 NAG M . 63.56 39.91 29.13
C7 NAG M . 65.16 45.62 32.11
C8 NAG M . 65.55 47.06 32.03
N2 NAG M . 65.31 44.91 30.99
O3 NAG M . 67.22 42.71 30.87
O4 NAG M . 66.43 40.75 28.83
O5 NAG M . 63.27 42.04 30.10
O6 NAG M . 63.27 39.37 30.41
O7 NAG M . 64.75 45.12 33.14
C1 NAG M . 67.10 39.60 29.38
C2 NAG M . 67.55 38.72 28.22
C3 NAG M . 68.32 37.51 28.75
C4 NAG M . 69.45 37.97 29.65
C5 NAG M . 68.91 38.88 30.75
C6 NAG M . 69.99 39.44 31.64
C7 NAG M . 65.98 38.96 26.35
C8 NAG M . 64.79 38.37 25.65
N2 NAG M . 66.41 38.29 27.42
O3 NAG M . 68.83 36.76 27.66
O4 NAG M . 70.11 36.85 30.23
O5 NAG M . 68.24 39.99 30.15
O6 NAG M . 70.87 40.29 30.92
O7 NAG M . 66.52 39.99 25.96
C1 NAG N . 64.55 37.29 9.00
C2 NAG N . 66.02 37.41 9.21
C3 NAG N . 66.69 36.16 8.66
C4 NAG N . 66.08 34.92 9.31
C5 NAG N . 64.55 34.98 9.32
C6 NAG N . 63.91 33.96 10.22
C7 NAG N . 66.75 39.77 9.14
C8 NAG N . 66.59 39.78 10.62
N2 NAG N . 66.50 38.61 8.52
O3 NAG N . 68.09 36.22 8.95
O4 NAG N . 66.48 33.75 8.62
O5 NAG N . 64.07 36.26 9.76
O6 NAG N . 63.78 34.45 11.55
O7 NAG N . 67.10 40.75 8.52
C1 NAG N . 67.21 32.88 9.52
C2 NAG N . 66.93 31.42 9.19
C3 NAG N . 67.74 30.50 10.10
C4 NAG N . 69.22 30.87 10.02
C5 NAG N . 69.40 32.36 10.32
C6 NAG N . 70.83 32.81 10.19
C7 NAG N . 64.67 31.07 8.26
C8 NAG N . 63.25 30.72 8.58
N2 NAG N . 65.51 31.11 9.31
O3 NAG N . 67.55 29.15 9.72
O4 NAG N . 69.97 30.09 10.94
O5 NAG N . 68.63 33.13 9.40
O6 NAG N . 70.98 34.17 10.60
O7 NAG N . 65.05 31.30 7.12
C1 NAG O . 52.62 42.52 48.43
C2 NAG O . 52.74 41.28 47.56
C3 NAG O . 51.93 40.15 48.17
C4 NAG O . 52.27 39.96 49.65
C5 NAG O . 52.28 41.29 50.39
C6 NAG O . 52.80 41.20 51.81
C7 NAG O . 53.11 41.91 45.22
C8 NAG O . 52.48 42.17 43.89
N2 NAG O . 52.29 41.56 46.22
O3 NAG O . 52.17 38.94 47.46
O4 NAG O . 51.30 39.10 50.24
O5 NAG O . 53.10 42.25 49.70
O6 NAG O . 52.53 42.38 52.54
O7 NAG O . 54.33 41.99 45.38
C1 NAG O . 51.93 37.91 50.78
C2 NAG O . 50.82 37.12 51.49
C3 NAG O . 51.40 35.86 52.11
C4 NAG O . 52.15 35.06 51.04
C5 NAG O . 53.20 35.94 50.36
C6 NAG O . 53.91 35.24 49.23
C7 NAG O . 49.05 38.61 52.28
C8 NAG O . 48.54 39.43 53.44
N2 NAG O . 50.19 37.94 52.50
O3 NAG O . 50.36 35.06 52.66
O4 NAG O . 52.80 33.94 51.63
O5 NAG O . 52.56 37.10 49.79
O6 NAG O . 53.03 34.99 48.14
O7 NAG O . 48.45 38.55 51.21
C1 NAG P . 65.64 56.84 48.64
C2 NAG P . 66.87 56.08 49.06
C3 NAG P . 68.04 57.03 49.21
C4 NAG P . 68.19 57.86 47.94
C5 NAG P . 66.87 58.50 47.57
C6 NAG P . 66.88 59.27 46.27
C7 NAG P . 65.93 54.24 50.38
C8 NAG P . 65.68 53.70 51.76
N2 NAG P . 66.60 55.40 50.31
O3 NAG P . 69.24 56.29 49.45
O4 NAG P . 69.17 58.88 48.12
O5 NAG P . 65.87 57.48 47.43
O6 NAG P . 66.82 58.40 45.15
O7 NAG P . 65.56 53.65 49.38
C1 NAG P . 70.25 58.66 47.19
C2 NAG P . 71.06 59.95 47.07
C3 NAG P . 72.24 59.75 46.14
C4 NAG P . 73.06 58.55 46.57
C5 NAG P . 72.16 57.32 46.68
C6 NAG P . 72.89 56.10 47.19
C7 NAG P . 69.59 61.88 47.43
C8 NAG P . 68.75 62.94 46.78
N2 NAG P . 70.21 61.04 46.61
O3 NAG P . 73.05 60.93 46.14
O4 NAG P . 74.10 58.30 45.62
O5 NAG P . 71.11 57.59 47.62
O6 NAG P . 73.28 56.25 48.55
O7 NAG P . 69.67 61.78 48.65
C1 NAG Q . 49.36 67.62 58.34
C2 NAG Q . 49.99 66.85 59.47
C3 NAG Q . 49.52 67.46 60.77
C4 NAG Q . 49.88 68.94 60.81
C5 NAG Q . 49.54 69.66 59.48
C6 NAG Q . 50.27 70.97 59.34
C7 NAG Q . 50.42 64.50 58.91
C8 NAG Q . 49.86 63.12 58.84
N2 NAG Q . 49.61 65.45 59.37
O3 NAG Q . 50.16 66.79 61.85
O4 NAG Q . 49.13 69.59 61.84
O5 NAG Q . 49.89 68.88 58.32
O6 NAG Q . 51.68 70.75 59.29
O7 NAG Q . 51.57 64.76 58.56
C1 NAG Q . 50.01 69.99 62.90
C2 NAG Q . 49.49 71.29 63.50
C3 NAG Q . 50.37 71.71 64.68
C4 NAG Q . 50.46 70.57 65.69
C5 NAG Q . 50.94 69.31 64.99
C6 NAG Q . 50.97 68.11 65.90
C7 NAG Q . 48.31 72.70 61.88
C8 NAG Q . 48.42 73.84 60.91
N2 NAG Q . 49.43 72.36 62.51
O3 NAG Q . 49.82 72.86 65.30
O4 NAG Q . 51.36 70.91 66.73
O5 NAG Q . 50.05 68.98 63.91
O6 NAG Q . 49.66 67.77 66.34
O7 NAG Q . 47.25 72.13 62.09
C1 NAG R . 25.17 66.90 47.37
C2 NAG R . 25.05 67.79 48.59
C3 NAG R . 24.87 66.94 49.84
C4 NAG R . 23.73 65.96 49.66
C5 NAG R . 23.91 65.17 48.36
C6 NAG R . 22.76 64.26 48.04
C7 NAG R . 26.41 69.76 48.02
C8 NAG R . 27.69 70.50 48.27
N2 NAG R . 26.23 68.64 48.72
O3 NAG R . 24.62 67.79 50.97
O4 NAG R . 23.69 65.06 50.77
O5 NAG R . 24.02 66.10 47.27
O6 NAG R . 23.06 63.43 46.92
O7 NAG R . 25.57 70.16 47.22
C1 NAG R . 22.44 65.18 51.47
C2 NAG R . 22.25 63.94 52.35
C3 NAG R . 20.94 64.04 53.12
C4 NAG R . 20.88 65.36 53.88
C5 NAG R . 21.11 66.53 52.93
C6 NAG R . 21.15 67.87 53.62
C7 NAG R . 23.35 61.92 51.51
C8 NAG R . 23.23 60.72 50.63
N2 NAG R . 22.29 62.73 51.56
O3 NAG R . 20.84 62.95 54.03
O4 NAG R . 19.61 65.51 54.51
O5 NAG R . 22.38 66.36 52.28
O6 NAG R . 22.30 67.97 54.45
O7 NAG R . 24.37 62.15 52.17
C1 NAG S . 27.43 46.43 55.79
C2 NAG S . 27.40 47.10 57.14
C3 NAG S . 26.60 46.25 58.13
C4 NAG S . 25.22 45.94 57.54
C5 NAG S . 25.34 45.40 56.11
C6 NAG S . 24.01 45.27 55.41
C7 NAG S . 29.67 46.45 57.88
C8 NAG S . 31.00 46.96 58.34
N2 NAG S . 28.74 47.38 57.64
O3 NAG S . 26.46 46.93 59.36
O4 NAG S . 24.51 45.01 58.35
O5 NAG S . 26.14 46.29 55.31
O6 NAG S . 23.45 46.55 55.14
O7 NAG S . 29.46 45.24 57.75
C1 NAG S . 23.32 45.64 58.90
C2 NAG S . 22.25 44.57 59.16
C3 NAG S . 21.01 45.21 59.78
C4 NAG S . 21.40 46.02 61.01
C5 NAG S . 22.49 47.02 60.66
C6 NAG S . 22.98 47.80 61.85
C7 NAG S . 22.49 42.74 57.56
C8 NAG S . 21.99 42.14 56.27
N2 NAG S . 21.90 43.87 57.93
O3 NAG S . 20.07 44.22 60.13
O4 NAG S . 20.26 46.72 61.52
O5 NAG S . 23.62 46.32 60.12
O6 NAG S . 23.52 46.95 62.84
O7 NAG S . 23.38 42.21 58.20
C1 NAG T . 17.24 77.05 31.16
C2 NAG T . 16.30 76.12 31.90
C3 NAG T . 15.06 75.86 31.05
C4 NAG T . 14.43 77.16 30.60
C5 NAG T . 15.49 78.08 29.98
C6 NAG T . 14.98 79.46 29.64
C7 NAG T . 17.58 74.64 33.39
C8 NAG T . 18.24 73.31 33.55
N2 NAG T . 16.98 74.88 32.22
O3 NAG T . 14.13 75.09 31.80
O4 NAG T . 13.42 76.89 29.64
O5 NAG T . 16.58 78.26 30.89
O6 NAG T . 15.87 80.14 28.78
O7 NAG T . 17.58 75.48 34.30
C1 NAG T . 12.15 77.42 30.10
C2 NAG T . 11.13 77.20 28.97
C3 NAG T . 9.77 77.74 29.38
C4 NAG T . 9.36 77.14 30.73
C5 NAG T . 10.45 77.38 31.76
C6 NAG T . 10.15 76.75 33.10
C7 NAG T . 12.15 77.16 26.74
C8 NAG T . 12.58 77.99 25.56
N2 NAG T . 11.58 77.85 27.74
O3 NAG T . 8.80 77.40 28.39
O4 NAG T . 8.15 77.75 31.18
O5 NAG T . 11.67 76.81 31.30
O6 NAG T . 10.13 75.33 33.01
O7 NAG T . 12.30 75.95 26.77
C1 NAG U . 31.17 86.32 40.76
C2 NAG U . 30.28 87.06 41.73
C3 NAG U . 31.11 88.07 42.51
C4 NAG U . 32.32 87.39 43.14
C5 NAG U . 33.07 86.56 42.09
C6 NAG U . 34.19 85.73 42.67
C7 NAG U . 27.99 87.21 40.85
C8 NAG U . 27.03 88.03 40.05
N2 NAG U . 29.21 87.73 41.01
O3 NAG U . 30.31 88.66 43.53
O4 NAG U . 33.19 88.37 43.69
O5 NAG U . 32.16 85.65 41.46
O6 NAG U . 33.69 84.64 43.42
O7 NAG U . 27.68 86.13 41.34
C1 NAG U . 33.29 88.17 45.11
C2 NAG U . 34.51 88.95 45.61
C3 NAG U . 34.65 88.81 47.11
C4 NAG U . 33.34 89.18 47.80
C5 NAG U . 32.21 88.35 47.23
C6 NAG U . 30.86 88.71 47.81
C7 NAG U . 36.22 89.13 43.86
C8 NAG U . 37.46 88.53 43.27
N2 NAG U . 35.71 88.51 44.93
O3 NAG U . 35.70 89.66 47.58
O4 NAG U . 33.44 88.92 49.20
O5 NAG U . 32.12 88.59 45.81
O6 NAG U . 30.51 90.06 47.53
O7 NAG U . 35.71 90.14 43.39
C1 NAG V . 37.62 92.43 20.65
C2 NAG V . 36.55 93.49 20.81
C3 NAG V . 36.64 94.47 19.63
C4 NAG V . 38.04 95.04 19.55
C5 NAG V . 39.08 93.92 19.55
C6 NAG V . 40.50 94.41 19.64
C7 NAG V . 34.51 92.79 21.99
C8 NAG V . 33.21 92.07 21.88
N2 NAG V . 35.24 92.87 20.87
O3 NAG V . 35.69 95.52 19.83
O4 NAG V . 38.19 95.82 18.36
O5 NAG V . 38.88 93.05 20.67
O6 NAG V . 40.77 94.99 20.91
O7 NAG V . 34.90 93.29 23.04
C1 NAG V . 38.42 97.20 18.72
C2 NAG V . 39.26 97.87 17.62
C3 NAG V . 39.47 99.34 17.95
C4 NAG V . 38.13 100.02 18.18
C5 NAG V . 37.36 99.27 19.26
C6 NAG V . 35.97 99.83 19.49
C7 NAG V . 40.79 96.29 16.53
C8 NAG V . 42.18 95.70 16.51
N2 NAG V . 40.55 97.20 17.47
O3 NAG V . 40.15 99.98 16.87
O4 NAG V . 38.33 101.37 18.60
O5 NAG V . 37.18 97.91 18.85
O6 NAG V . 35.19 99.76 18.31
O7 NAG V . 39.93 95.94 15.72
C1 NAG W . 15.14 23.63 -42.53
C2 NAG W . 16.08 24.77 -42.15
C3 NAG W . 16.78 25.32 -43.39
C4 NAG W . 17.45 24.19 -44.16
C5 NAG W . 16.44 23.10 -44.48
C6 NAG W . 17.04 21.91 -45.17
C7 NAG W . 15.31 25.95 -40.13
C8 NAG W . 14.49 27.07 -39.60
N2 NAG W . 15.35 25.82 -41.46
O3 NAG W . 17.74 26.29 -43.00
O4 NAG W . 18.00 24.69 -45.37
O5 NAG W . 15.87 22.62 -43.25
O6 NAG W . 16.03 21.03 -45.65
O7 NAG W . 15.93 25.19 -39.39
C1 NAG X . -25.78 21.80 -45.77
C2 NAG X . -26.75 22.52 -46.70
C3 NAG X . -28.18 22.22 -46.26
C4 NAG X . -28.16 21.30 -45.05
C5 NAG X . -27.33 21.91 -43.94
C6 NAG X . -27.15 21.00 -42.75
C7 NAG X . -25.65 24.55 -47.49
C8 NAG X . -25.48 26.03 -47.29
N2 NAG X . -26.49 23.95 -46.66
O3 NAG X . -28.88 21.59 -47.33
O4 NAG X . -29.49 21.07 -44.58
O5 NAG X . -26.01 22.24 -44.41
O6 NAG X . -26.26 19.92 -43.06
O7 NAG X . -25.05 23.95 -48.37
C1 NAG Y . -21.02 -0.80 -39.43
C2 NAG Y . -20.54 -2.06 -38.69
C3 NAG Y . -20.17 -3.18 -39.65
C4 NAG Y . -21.27 -3.39 -40.69
C5 NAG Y . -21.61 -2.07 -41.36
C6 NAG Y . -22.73 -2.19 -42.36
C7 NAG Y . -19.53 -1.29 -36.56
C8 NAG Y . -18.26 -1.09 -35.81
N2 NAG Y . -19.40 -1.77 -37.81
O3 NAG Y . -19.95 -4.38 -38.93
O4 NAG Y . -20.84 -4.32 -41.69
O5 NAG Y . -22.06 -1.15 -40.36
O6 NAG Y . -22.84 -1.03 -43.18
O7 NAG Y . -20.63 -1.03 -36.08
C1 NAG Z . -0.14 5.54 -31.64
C2 NAG Z . -1.14 4.41 -31.45
C3 NAG Z . -0.40 3.10 -31.20
C4 NAG Z . 0.66 2.85 -32.27
C5 NAG Z . 1.54 4.09 -32.46
C6 NAG Z . 2.49 3.97 -33.63
C7 NAG Z . -3.25 5.22 -30.48
C8 NAG Z . -4.00 5.50 -29.21
N2 NAG Z . -2.02 4.71 -30.33
O3 NAG Z . -1.33 2.01 -31.18
O4 NAG Z . 1.49 1.76 -31.89
O5 NAG Z . 0.72 5.24 -32.71
O6 NAG Z . 3.52 3.02 -33.36
O7 NAG Z . -3.73 5.45 -31.58
C1 NAG AA . -8.90 43.72 -21.81
C2 NAG AA . -7.79 44.54 -22.48
C3 NAG AA . -7.91 46.01 -22.10
C4 NAG AA . -9.30 46.52 -22.44
C5 NAG AA . -10.35 45.66 -21.75
C6 NAG AA . -11.76 46.06 -22.10
C7 NAG AA . -5.81 43.12 -22.85
C8 NAG AA . -4.45 42.75 -22.34
N2 NAG AA . -6.47 44.04 -22.13
O3 NAG AA . -6.92 46.77 -22.79
O4 NAG AA . -9.44 47.87 -22.00
O5 NAG AA . -10.20 44.29 -22.17
O6 NAG AA . -12.60 46.04 -20.95
O7 NAG AA . -6.30 42.61 -23.84
C1 NAG BA . 30.95 -17.10 -22.93
C2 NAG BA . 32.15 -17.53 -22.07
C3 NAG BA . 33.46 -16.94 -22.58
C4 NAG BA . 33.62 -17.17 -24.08
C5 NAG BA . 32.39 -16.66 -24.80
C6 NAG BA . 32.43 -16.88 -26.30
C7 NAG BA . 31.41 -17.97 -19.77
C8 NAG BA . 31.19 -17.40 -18.41
N2 NAG BA . 31.91 -17.14 -20.69
O3 NAG BA . 34.55 -17.51 -21.88
O4 NAG BA . 34.77 -16.49 -24.56
O5 NAG BA . 31.24 -17.37 -24.31
O6 NAG BA . 31.33 -16.26 -26.95
O7 NAG BA . 31.15 -19.14 -20.03
C1 NAG CA . 18.66 -32.47 -32.44
C2 NAG CA . 19.39 -31.25 -31.85
C3 NAG CA . 19.31 -30.06 -32.80
C4 NAG CA . 19.79 -30.46 -34.18
C5 NAG CA . 19.05 -31.70 -34.67
C6 NAG CA . 19.58 -32.19 -36.00
C7 NAG CA . 17.62 -30.54 -30.25
C8 NAG CA . 17.36 -30.12 -28.85
N2 NAG CA . 18.89 -30.87 -30.53
O3 NAG CA . 20.08 -28.98 -32.29
O4 NAG CA . 19.57 -29.39 -35.11
O5 NAG CA . 19.22 -32.77 -33.73
O6 NAG CA . 20.99 -32.02 -36.08
O7 NAG CA . 16.74 -30.58 -31.10
C1 NAG DA . 67.47 55.53 7.87
C2 NAG DA . 68.61 55.89 8.81
C3 NAG DA . 69.93 55.97 8.04
C4 NAG DA . 70.15 54.68 7.27
C5 NAG DA . 68.95 54.39 6.38
C6 NAG DA . 69.05 53.08 5.64
C7 NAG DA . 67.99 57.23 10.78
C8 NAG DA . 67.71 58.59 11.31
N2 NAG DA . 68.33 57.14 9.49
O3 NAG DA . 71.00 56.18 8.95
O4 NAG DA . 71.32 54.79 6.45
O5 NAG DA . 67.76 54.31 7.19
O6 NAG DA . 67.92 52.88 4.80
O7 NAG DA . 67.90 56.22 11.49
C1 NAG EA . 34.06 -21.81 28.05
C2 NAG EA . 34.24 -20.61 28.97
C3 NAG EA . 34.90 -21.04 30.28
C4 NAG EA . 34.15 -22.18 30.93
C5 NAG EA . 33.98 -23.34 29.94
C6 NAG EA . 33.13 -24.46 30.49
C7 NAG EA . 34.51 -18.54 27.68
C8 NAG EA . 35.49 -17.60 27.03
N2 NAG EA . 35.05 -19.60 28.31
O3 NAG EA . 34.96 -19.93 31.16
O4 NAG EA . 34.84 -22.64 32.08
O5 NAG EA . 33.35 -22.88 28.75
O6 NAG EA . 33.31 -25.66 29.76
O7 NAG EA . 33.31 -18.35 27.65
C1 NAG FA . 34.15 -39.31 -6.87
C2 NAG FA . 34.63 -40.52 -7.67
C3 NAG FA . 34.17 -40.40 -9.11
C4 NAG FA . 32.65 -40.22 -9.16
C5 NAG FA . 32.25 -39.03 -8.28
C6 NAG FA . 30.75 -38.84 -8.20
C7 NAG FA . 36.69 -41.58 -6.88
C8 NAG FA . 38.19 -41.55 -6.89
N2 NAG FA . 36.08 -40.64 -7.59
O3 NAG FA . 34.53 -41.58 -9.83
O4 NAG FA . 32.22 -39.99 -10.50
O5 NAG FA . 32.72 -39.23 -6.95
O6 NAG FA . 30.13 -39.96 -7.57
O7 NAG FA . 36.06 -42.42 -6.24
C1 NAG GA . 10.34 -41.13 -1.64
C2 NAG GA . 9.08 -40.75 -2.42
C3 NAG GA . 7.91 -41.65 -2.02
C4 NAG GA . 8.30 -43.12 -2.17
C5 NAG GA . 9.56 -43.39 -1.35
C6 NAG GA . 10.05 -44.80 -1.47
C7 NAG GA . 9.06 -38.38 -3.04
C8 NAG GA . 8.68 -36.99 -2.63
N2 NAG GA . 8.75 -39.35 -2.18
O3 NAG GA . 6.80 -41.37 -2.87
O4 NAG GA . 7.24 -43.95 -1.70
O5 NAG GA . 10.62 -42.54 -1.82
O6 NAG GA . 10.61 -45.05 -2.75
O7 NAG GA . 9.60 -38.61 -4.12
C1 NAG HA . 12.26 -27.24 11.19
C2 NAG HA . 11.24 -26.10 11.25
C3 NAG HA . 11.13 -25.56 12.66
C4 NAG HA . 10.85 -26.68 13.64
C5 NAG HA . 11.90 -27.77 13.49
C6 NAG HA . 11.66 -28.96 14.38
C7 NAG HA . 10.99 -24.88 9.13
C8 NAG HA . 11.49 -23.75 8.28
N2 NAG HA . 11.60 -25.05 10.31
O3 NAG HA . 10.09 -24.59 12.72
O4 NAG HA . 10.87 -26.19 14.98
O5 NAG HA . 11.90 -28.25 12.13
O6 NAG HA . 10.48 -29.66 14.01
O7 NAG HA . 10.06 -25.60 8.77
C1 NAG IA . 46.27 -5.05 -2.96
C2 NAG IA . 47.13 -4.98 -1.70
C3 NAG IA . 48.52 -4.44 -2.03
C4 NAG IA . 49.13 -5.20 -3.21
C5 NAG IA . 48.16 -5.20 -4.37
C6 NAG IA . 48.68 -5.98 -5.57
C7 NAG IA . 46.45 -4.49 0.61
C8 NAG IA . 45.81 -3.50 1.53
N2 NAG IA . 46.51 -4.15 -0.67
O3 NAG IA . 49.36 -4.56 -0.89
O4 NAG IA . 50.35 -4.58 -3.60
O5 NAG IA . 46.94 -5.81 -3.98
O6 NAG IA . 47.89 -5.73 -6.73
O7 NAG IA . 46.89 -5.57 1.02
C1 NAG JA . -11.37 -10.68 46.71
C2 NAG JA . -11.81 -9.65 47.75
C3 NAG JA . -10.78 -9.53 48.86
C4 NAG JA . -10.49 -10.91 49.45
C5 NAG JA . -10.05 -11.84 48.34
C6 NAG JA . -9.77 -13.25 48.82
C7 NAG JA . -13.24 -7.92 46.76
C8 NAG JA . -13.28 -6.57 46.11
N2 NAG JA . -12.03 -8.36 47.13
O3 NAG JA . -11.26 -8.66 49.87
O4 NAG JA . -9.47 -10.82 50.44
O5 NAG JA . -11.10 -11.93 47.36
O6 NAG JA . -9.08 -14.00 47.83
O7 NAG JA . -14.26 -8.58 46.94
C1 NAG KA . -22.47 -30.71 40.11
C2 NAG KA . -21.89 -29.30 40.17
C3 NAG KA . -20.38 -29.37 40.43
C4 NAG KA . -20.12 -30.21 41.68
C5 NAG KA . -20.80 -31.58 41.54
C6 NAG KA . -20.70 -32.41 42.80
C7 NAG KA . -21.84 -28.89 37.72
C8 NAG KA . -22.32 -27.99 36.65
N2 NAG KA . -22.20 -28.55 38.96
O3 NAG KA . -19.86 -28.05 40.61
O4 NAG KA . -18.73 -30.39 41.88
O5 NAG KA . -22.21 -31.38 41.32
O6 NAG KA . -19.34 -32.73 43.10
O7 NAG KA . -21.13 -29.87 37.48
C1 NAG LA . 44.19 51.75 56.05
C2 NAG LA . 43.89 53.09 56.74
C3 NAG LA . 44.94 53.39 57.80
C4 NAG LA . 45.10 52.21 58.74
C5 NAG LA . 45.38 50.95 57.95
C6 NAG LA . 45.49 49.70 58.79
C7 NAG LA . 42.72 54.83 55.45
C8 NAG LA . 42.85 55.88 54.39
N2 NAG LA . 43.84 54.16 55.75
O3 NAG LA . 44.55 54.55 58.54
O4 NAG LA . 46.19 52.44 59.64
O5 NAG LA . 44.30 50.72 57.03
O6 NAG LA . 45.78 48.56 58.00
O7 NAG LA . 41.66 54.61 56.03
C1 NAG MA . -35.51 31.05 29.53
C2 NAG MA . -34.92 32.45 29.62
C3 NAG MA . -36.01 33.48 29.91
C4 NAG MA . -37.12 33.35 28.87
C5 NAG MA . -37.63 31.92 28.81
C6 NAG MA . -38.65 31.70 27.72
C7 NAG MA . -32.57 32.56 30.32
C8 NAG MA . -31.63 32.61 31.49
N2 NAG MA . -33.87 32.52 30.63
O3 NAG MA . -35.45 34.78 29.88
O4 NAG MA . -38.20 34.22 29.21
O5 NAG MA . -36.53 31.03 28.53
O6 NAG MA . -39.18 30.38 27.76
O7 NAG MA . -32.17 32.55 29.16
C1 NAG NA . -38.92 -2.97 46.63
C2 NAG NA . -39.65 -3.78 47.68
C3 NAG NA . -39.10 -5.20 47.68
C4 NAG NA . -39.30 -5.80 46.29
C5 NAG NA . -38.64 -4.91 45.24
C6 NAG NA . -38.93 -5.37 43.83
C7 NAG NA . -40.53 -2.66 49.67
C8 NAG NA . -41.88 -2.79 49.02
N2 NAG NA . -39.50 -3.18 48.99
O3 NAG NA . -39.81 -5.98 48.64
O4 NAG NA . -38.71 -7.10 46.24
O5 NAG NA . -39.13 -3.56 45.34
O6 NAG NA . -40.30 -5.18 43.49
O7 NAG NA . -40.39 -2.12 50.76
C1 NAG OA . -41.02 -10.17 23.81
C2 NAG OA . -40.31 -11.21 22.88
C3 NAG OA . -41.19 -11.59 21.69
C4 NAG OA . -42.60 -11.95 22.13
C5 NAG OA . -43.20 -10.80 22.91
C6 NAG OA . -44.61 -11.07 23.39
C7 NAG OA . -37.87 -11.36 22.78
C8 NAG OA . -36.61 -10.75 22.23
N2 NAG OA . -39.01 -10.74 22.44
O3 NAG OA . -40.60 -12.66 20.96
O4 NAG OA . -43.41 -12.14 20.98
O5 NAG OA . -42.41 -10.56 24.09
O6 NAG OA . -44.68 -12.28 24.11
O7 NAG OA . -37.85 -12.36 23.49
C1 NAG PA . -33.63 5.76 17.98
C2 NAG PA . -32.61 5.81 16.85
C3 NAG PA . -32.80 7.09 16.02
C4 NAG PA . -34.24 7.17 15.53
C5 NAG PA . -35.19 7.07 16.70
C6 NAG PA . -36.65 7.04 16.29
C7 NAG PA . -30.50 4.66 17.32
C8 NAG PA . -29.14 4.76 17.93
N2 NAG PA . -31.26 5.75 17.38
O3 NAG PA . -31.90 7.07 14.91
O4 NAG PA . -34.45 8.40 14.85
O5 NAG PA . -34.95 5.84 17.42
O6 NAG PA . -37.51 6.99 17.42
O7 NAG PA . -30.89 3.62 16.78
C1 NAG QA . -8.00 16.40 51.07
C2 NAG QA . -8.39 17.79 51.57
C3 NAG QA . -7.52 18.14 52.78
C4 NAG QA . -7.63 17.05 53.83
C5 NAG QA . -7.30 15.69 53.22
C6 NAG QA . -7.48 14.56 54.20
C7 NAG QA . -9.25 19.23 49.77
C8 NAG QA . -8.92 20.31 48.80
N2 NAG QA . -8.24 18.80 50.54
O3 NAG QA . -7.94 19.39 53.31
O4 NAG QA . -6.72 17.32 54.89
O5 NAG QA . -8.19 15.44 52.12
O6 NAG QA . -6.99 13.33 53.67
O7 NAG QA . -10.37 18.75 49.86
C1 NAG RA . 23.29 84.76 19.35
C2 NAG RA . 24.08 85.66 18.44
C3 NAG RA . 23.52 87.08 18.51
C4 NAG RA . 22.03 87.07 18.21
C5 NAG RA . 21.32 86.06 19.12
C6 NAG RA . 19.85 85.90 18.80
C7 NAG RA . 26.41 85.01 18.05
C8 NAG RA . 27.82 85.08 18.56
N2 NAG RA . 25.49 85.65 18.78
O3 NAG RA . 24.20 87.92 17.58
O4 NAG RA . 21.47 88.36 18.42
O5 NAG RA . 21.92 84.76 18.96
O6 NAG RA . 19.24 84.96 19.66
O7 NAG RA . 26.12 84.41 17.02
#